data_2XV9
#
_entry.id   2XV9
#
_cell.length_a   1.000
_cell.length_b   1.000
_cell.length_c   1.000
_cell.angle_alpha   90.00
_cell.angle_beta   90.00
_cell.angle_gamma   90.00
#
_symmetry.space_group_name_H-M   'P 1'
#
_entity_poly.entity_id   1
_entity_poly.type   'polypeptide(L)'
_entity_poly.pdbx_seq_one_letter_code
;GSPEFHHFTLESSLDTHLKWLSQEQKDELLKMKKDGKAKKELEAKILHYYDELEGDAKKEATEHLKGGCREILKHVVGEE
KAAELKNLKDSGASKEELKAKVEEALHAVTDEEKKQYIADFGPACKKIYGVHTS
;
_entity_poly.pdbx_strand_id   A
#
# COMPACT_ATOMS: atom_id res chain seq x y z
N GLY A 1 10.47 5.45 15.20
CA GLY A 1 9.84 4.55 14.21
C GLY A 1 10.29 4.85 12.79
N SER A 2 11.52 4.49 12.48
CA SER A 2 12.06 4.72 11.16
C SER A 2 12.46 3.40 10.51
N PRO A 3 11.77 3.01 9.44
CA PRO A 3 12.08 1.79 8.70
C PRO A 3 13.30 1.95 7.80
N GLU A 4 14.48 1.95 8.43
CA GLU A 4 15.74 2.13 7.71
C GLU A 4 16.05 0.93 6.82
N PHE A 5 15.90 1.13 5.52
CA PHE A 5 16.22 0.08 4.54
C PHE A 5 16.11 0.67 3.14
N HIS A 6 15.24 1.67 3.02
CA HIS A 6 15.09 2.47 1.79
C HIS A 6 14.53 1.66 0.63
N HIS A 7 13.78 0.62 0.95
CA HIS A 7 13.14 -0.19 -0.08
C HIS A 7 11.67 0.16 -0.18
N PHE A 8 11.06 0.47 0.95
CA PHE A 8 9.65 0.84 0.97
C PHE A 8 9.47 2.23 1.54
N THR A 9 10.34 3.16 1.14
CA THR A 9 10.26 4.53 1.57
C THR A 9 9.29 5.32 0.70
N LEU A 10 8.84 6.44 1.20
CA LEU A 10 7.94 7.31 0.46
C LEU A 10 8.67 8.00 -0.68
N GLU A 11 9.97 8.21 -0.51
CA GLU A 11 10.83 8.63 -1.62
C GLU A 11 10.78 7.55 -2.69
N SER A 12 10.89 6.28 -2.33
CA SER A 12 10.89 5.22 -3.33
C SER A 12 9.60 5.24 -4.17
N SER A 13 8.57 5.93 -3.70
CA SER A 13 7.32 6.00 -4.43
C SER A 13 7.12 7.30 -5.22
N LEU A 14 7.86 8.36 -4.88
CA LEU A 14 7.51 9.72 -5.28
C LEU A 14 7.37 9.97 -6.78
N ASP A 15 8.08 9.17 -7.56
CA ASP A 15 7.97 9.23 -9.00
C ASP A 15 7.21 8.04 -9.54
N THR A 16 6.71 7.21 -8.64
CA THR A 16 5.96 6.04 -9.04
C THR A 16 4.58 6.00 -8.37
N HIS A 17 4.49 5.24 -7.29
CA HIS A 17 3.22 5.07 -6.58
C HIS A 17 2.67 6.41 -6.08
N LEU A 18 3.54 7.26 -5.56
CA LEU A 18 3.10 8.46 -4.88
C LEU A 18 3.39 9.73 -5.69
N LYS A 19 3.49 9.55 -7.01
CA LYS A 19 3.84 10.63 -7.91
C LYS A 19 2.70 11.62 -8.10
N TRP A 20 1.50 11.22 -7.70
CA TRP A 20 0.32 12.07 -7.82
C TRP A 20 0.31 13.13 -6.72
N LEU A 21 1.26 13.04 -5.80
CA LEU A 21 1.44 14.07 -4.79
C LEU A 21 2.10 15.28 -5.43
N SER A 22 1.72 16.44 -4.92
CA SER A 22 2.33 17.69 -5.37
C SER A 22 3.63 17.91 -4.60
N GLN A 23 4.51 18.74 -5.12
CA GLN A 23 5.84 18.91 -4.52
C GLN A 23 5.72 19.30 -3.04
N GLU A 24 4.88 20.30 -2.77
CA GLU A 24 4.66 20.76 -1.41
C GLU A 24 4.18 19.61 -0.54
N GLN A 25 3.35 18.72 -1.09
CA GLN A 25 2.86 17.57 -0.35
C GLN A 25 4.00 16.59 -0.12
N LYS A 26 4.73 16.27 -1.18
CA LYS A 26 5.86 15.34 -1.09
C LYS A 26 6.84 15.82 -0.02
N ASP A 27 7.22 17.08 -0.15
CA ASP A 27 8.13 17.71 0.79
C ASP A 27 7.53 17.78 2.18
N GLU A 28 6.22 17.81 2.29
CA GLU A 28 5.55 17.66 3.57
C GLU A 28 5.82 16.30 4.18
N LEU A 29 5.60 15.21 3.43
CA LEU A 29 5.88 13.88 3.92
C LEU A 29 7.36 13.74 4.30
N LEU A 30 8.25 14.14 3.39
CA LEU A 30 9.67 14.20 3.66
C LEU A 30 9.98 14.95 4.95
N LYS A 31 9.34 16.09 5.15
CA LYS A 31 9.56 16.89 6.35
C LYS A 31 9.18 16.13 7.60
N MET A 32 8.01 15.51 7.58
CA MET A 32 7.56 14.71 8.71
C MET A 32 8.47 13.52 8.98
N LYS A 33 8.76 12.74 7.94
CA LYS A 33 9.59 11.56 8.08
C LYS A 33 11.00 11.95 8.57
N LYS A 34 11.49 13.06 8.07
CA LYS A 34 12.80 13.58 8.45
C LYS A 34 12.81 14.13 9.87
N ASP A 35 11.67 14.63 10.33
CA ASP A 35 11.60 15.25 11.65
C ASP A 35 11.28 14.21 12.73
N GLY A 36 11.18 12.97 12.27
CA GLY A 36 11.04 11.85 13.19
C GLY A 36 9.60 11.53 13.49
N LYS A 37 8.71 11.96 12.61
CA LYS A 37 7.32 11.61 12.75
C LYS A 37 7.15 10.13 12.45
N ALA A 38 6.15 9.55 13.04
CA ALA A 38 5.86 8.13 12.87
C ALA A 38 5.31 7.88 11.48
N LYS A 39 5.63 6.71 10.92
CA LYS A 39 5.14 6.33 9.60
C LYS A 39 3.62 6.42 9.54
N LYS A 40 2.96 6.15 10.66
CA LYS A 40 1.51 6.22 10.73
C LYS A 40 0.99 7.65 10.53
N GLU A 41 1.89 8.62 10.66
CA GLU A 41 1.53 10.02 10.44
C GLU A 41 1.58 10.35 8.95
N LEU A 42 2.42 9.55 8.29
CA LEU A 42 2.53 9.58 6.85
C LEU A 42 1.36 8.84 6.22
N GLU A 43 1.02 7.69 6.81
CA GLU A 43 -0.15 6.90 6.43
C GLU A 43 -1.41 7.75 6.47
N ALA A 44 -1.39 8.76 7.31
CA ALA A 44 -2.55 9.59 7.57
C ALA A 44 -2.66 10.79 6.66
N LYS A 45 -1.51 11.38 6.34
CA LYS A 45 -1.46 12.44 5.36
C LYS A 45 -1.90 11.92 4.00
N ILE A 46 -1.26 10.84 3.56
CA ILE A 46 -1.53 10.26 2.26
C ILE A 46 -2.98 9.79 2.15
N LEU A 47 -3.49 9.16 3.19
CA LEU A 47 -4.88 8.72 3.19
C LEU A 47 -5.84 9.89 3.14
N HIS A 48 -5.47 10.98 3.82
CA HIS A 48 -6.20 12.24 3.71
C HIS A 48 -6.15 12.77 2.28
N TYR A 49 -4.94 12.86 1.71
CA TYR A 49 -4.77 13.35 0.34
C TYR A 49 -5.59 12.50 -0.61
N TYR A 50 -5.53 11.20 -0.37
CA TYR A 50 -6.23 10.19 -1.15
C TYR A 50 -7.74 10.46 -1.20
N ASP A 51 -8.34 10.63 -0.03
CA ASP A 51 -9.79 10.78 0.04
C ASP A 51 -10.24 12.14 -0.49
N GLU A 52 -9.34 13.11 -0.53
CA GLU A 52 -9.66 14.46 -0.96
C GLU A 52 -9.40 14.64 -2.46
N LEU A 53 -9.09 13.55 -3.15
CA LEU A 53 -8.72 13.60 -4.55
C LEU A 53 -9.90 13.91 -5.48
N GLU A 54 -9.67 13.67 -6.76
CA GLU A 54 -10.59 14.10 -7.81
C GLU A 54 -10.88 12.93 -8.73
N GLY A 55 -11.64 13.19 -9.81
CA GLY A 55 -12.11 12.12 -10.70
C GLY A 55 -11.04 11.10 -11.07
N ASP A 56 -10.20 11.44 -12.03
CA ASP A 56 -9.16 10.52 -12.47
C ASP A 56 -8.01 10.55 -11.47
N ALA A 57 -7.89 11.62 -10.70
CA ALA A 57 -6.81 11.75 -9.73
C ALA A 57 -6.90 10.62 -8.71
N LYS A 58 -8.10 10.44 -8.18
CA LYS A 58 -8.38 9.43 -7.17
C LYS A 58 -8.18 8.05 -7.78
N LYS A 59 -8.81 7.82 -8.92
CA LYS A 59 -8.68 6.56 -9.65
C LYS A 59 -7.21 6.23 -9.91
N GLU A 60 -6.45 7.22 -10.35
CA GLU A 60 -5.03 7.04 -10.62
C GLU A 60 -4.28 6.77 -9.33
N ALA A 61 -4.51 7.57 -8.31
CA ALA A 61 -3.81 7.38 -7.07
C ALA A 61 -4.12 6.00 -6.51
N THR A 62 -5.40 5.67 -6.42
CA THR A 62 -5.84 4.37 -5.95
C THR A 62 -5.08 3.24 -6.64
N GLU A 63 -5.00 3.35 -7.97
CA GLU A 63 -4.27 2.40 -8.79
C GLU A 63 -2.77 2.40 -8.49
N HIS A 64 -2.23 3.54 -8.10
CA HIS A 64 -0.80 3.66 -7.85
C HIS A 64 -0.47 3.12 -6.45
N LEU A 65 -1.27 3.52 -5.46
CA LEU A 65 -1.18 2.96 -4.13
C LEU A 65 -1.39 1.45 -4.15
N LYS A 66 -2.21 0.97 -5.07
CA LYS A 66 -2.37 -0.46 -5.26
C LYS A 66 -1.02 -1.08 -5.57
N GLY A 67 -0.36 -0.59 -6.62
CA GLY A 67 0.97 -1.06 -6.95
C GLY A 67 1.94 -0.93 -5.79
N GLY A 68 1.87 0.18 -5.07
CA GLY A 68 2.70 0.36 -3.89
C GLY A 68 2.48 -0.75 -2.86
N CYS A 69 1.23 -0.98 -2.50
CA CYS A 69 0.90 -2.03 -1.54
C CYS A 69 1.15 -3.40 -2.15
N ARG A 70 1.06 -3.47 -3.47
CA ARG A 70 1.39 -4.69 -4.21
C ARG A 70 2.83 -5.09 -3.97
N GLU A 71 3.71 -4.09 -3.95
CA GLU A 71 5.13 -4.34 -3.69
C GLU A 71 5.34 -4.75 -2.24
N ILE A 72 4.52 -4.19 -1.35
CA ILE A 72 4.52 -4.60 0.04
C ILE A 72 4.03 -6.03 0.17
N LEU A 73 2.97 -6.35 -0.55
CA LEU A 73 2.41 -7.70 -0.59
C LEU A 73 3.42 -8.66 -1.22
N LYS A 74 4.24 -8.11 -2.10
CA LYS A 74 5.34 -8.85 -2.68
C LYS A 74 6.38 -9.20 -1.63
N HIS A 75 6.32 -8.54 -0.50
CA HIS A 75 7.25 -8.75 0.57
C HIS A 75 6.62 -9.67 1.61
N VAL A 76 5.49 -9.20 2.11
CA VAL A 76 4.81 -9.81 3.24
C VAL A 76 4.25 -11.20 2.90
N VAL A 77 3.60 -11.32 1.75
CA VAL A 77 3.01 -12.59 1.37
C VAL A 77 3.88 -13.31 0.34
N GLY A 78 4.80 -12.58 -0.27
CA GLY A 78 5.71 -13.16 -1.24
C GLY A 78 5.14 -13.19 -2.64
N GLU A 79 6.00 -13.49 -3.61
CA GLU A 79 5.57 -13.63 -5.00
C GLU A 79 4.47 -14.68 -5.12
N GLU A 80 4.68 -15.79 -4.41
CA GLU A 80 3.75 -16.92 -4.37
C GLU A 80 2.29 -16.47 -4.24
N LYS A 81 1.97 -15.87 -3.11
CA LYS A 81 0.58 -15.61 -2.78
C LYS A 81 0.07 -14.39 -3.51
N ALA A 82 0.92 -13.40 -3.72
CA ALA A 82 0.56 -12.21 -4.48
C ALA A 82 0.23 -12.60 -5.92
N ALA A 83 0.80 -13.72 -6.35
CA ALA A 83 0.51 -14.27 -7.67
C ALA A 83 -0.86 -14.89 -7.68
N GLU A 84 -1.19 -15.59 -6.59
CA GLU A 84 -2.47 -16.24 -6.44
C GLU A 84 -3.58 -15.22 -6.29
N LEU A 85 -3.26 -14.09 -5.67
CA LEU A 85 -4.18 -12.99 -5.51
C LEU A 85 -4.36 -12.25 -6.83
N LYS A 86 -3.27 -12.06 -7.55
CA LYS A 86 -3.31 -11.39 -8.84
C LYS A 86 -4.05 -12.26 -9.86
N ASN A 87 -3.77 -13.55 -9.85
CA ASN A 87 -4.44 -14.46 -10.77
C ASN A 87 -5.89 -14.61 -10.38
N LEU A 88 -6.20 -14.74 -9.09
CA LEU A 88 -7.57 -14.79 -8.67
C LEU A 88 -8.34 -13.61 -9.26
N LYS A 89 -7.82 -12.41 -9.05
CA LYS A 89 -8.38 -11.19 -9.63
C LYS A 89 -8.66 -11.36 -11.13
N ASP A 90 -7.62 -11.68 -11.88
CA ASP A 90 -7.72 -11.85 -13.33
C ASP A 90 -8.66 -13.00 -13.72
N SER A 91 -8.75 -14.01 -12.88
CA SER A 91 -9.63 -15.14 -13.15
C SER A 91 -11.07 -14.86 -12.75
N GLY A 92 -11.30 -13.72 -12.12
CA GLY A 92 -12.65 -13.29 -11.84
C GLY A 92 -13.04 -13.47 -10.39
N ALA A 93 -12.05 -13.66 -9.52
CA ALA A 93 -12.31 -13.62 -8.10
C ALA A 93 -12.83 -12.23 -7.78
N SER A 94 -13.98 -12.22 -7.11
CA SER A 94 -14.62 -11.00 -6.70
C SER A 94 -13.84 -10.34 -5.58
N LYS A 95 -14.27 -9.15 -5.18
CA LYS A 95 -13.62 -8.44 -4.09
C LYS A 95 -13.63 -9.27 -2.80
N GLU A 96 -14.57 -10.19 -2.71
CA GLU A 96 -14.69 -10.99 -1.50
C GLU A 96 -13.75 -12.18 -1.53
N GLU A 97 -13.65 -12.87 -2.67
CA GLU A 97 -12.73 -13.98 -2.85
C GLU A 97 -11.29 -13.52 -2.64
N LEU A 98 -11.00 -12.32 -3.09
CA LEU A 98 -9.72 -11.69 -2.78
C LEU A 98 -9.71 -11.37 -1.29
N LYS A 99 -10.81 -10.96 -0.71
CA LYS A 99 -10.82 -10.68 0.72
C LYS A 99 -10.58 -11.96 1.50
N ALA A 100 -11.24 -13.03 1.07
CA ALA A 100 -11.21 -14.27 1.80
C ALA A 100 -10.00 -15.13 1.44
N LYS A 101 -9.41 -14.77 0.30
CA LYS A 101 -8.06 -15.23 -0.02
C LYS A 101 -7.03 -14.52 0.86
N VAL A 102 -6.97 -13.20 0.67
CA VAL A 102 -5.97 -12.34 1.30
C VAL A 102 -5.84 -12.56 2.81
N GLU A 103 -6.96 -12.75 3.48
CA GLU A 103 -6.95 -12.90 4.92
C GLU A 103 -6.28 -14.21 5.34
N GLU A 104 -6.44 -15.25 4.53
CA GLU A 104 -5.80 -16.52 4.81
C GLU A 104 -4.33 -16.48 4.39
N ALA A 105 -4.06 -15.83 3.27
CA ALA A 105 -2.70 -15.68 2.77
C ALA A 105 -1.86 -14.86 3.73
N LEU A 106 -2.41 -13.72 4.16
CA LEU A 106 -1.74 -12.87 5.13
C LEU A 106 -1.85 -13.43 6.54
N HIS A 107 -2.55 -14.53 6.70
CA HIS A 107 -2.53 -15.21 7.98
C HIS A 107 -1.37 -16.19 7.95
N ALA A 108 -1.31 -16.97 6.89
CA ALA A 108 -0.37 -18.09 6.78
C ALA A 108 1.10 -17.67 6.75
N VAL A 109 1.39 -16.37 6.79
CA VAL A 109 2.73 -15.89 6.74
C VAL A 109 3.41 -16.00 8.12
N THR A 110 2.98 -15.18 9.08
CA THR A 110 3.40 -15.29 10.48
C THR A 110 4.89 -14.97 10.69
N ASP A 111 5.53 -14.41 9.68
CA ASP A 111 6.87 -13.89 9.86
C ASP A 111 6.82 -12.45 10.34
N GLU A 112 7.63 -12.16 11.35
CA GLU A 112 7.47 -10.96 12.17
C GLU A 112 7.48 -9.66 11.37
N GLU A 113 8.53 -9.46 10.58
CA GLU A 113 8.69 -8.26 9.78
C GLU A 113 7.55 -8.11 8.76
N LYS A 114 7.06 -9.24 8.27
CA LYS A 114 5.98 -9.25 7.31
C LYS A 114 4.65 -8.89 7.98
N LYS A 115 4.42 -9.42 9.17
CA LYS A 115 3.21 -9.10 9.94
C LYS A 115 3.21 -7.65 10.43
N GLN A 116 4.38 -7.04 10.31
CA GLN A 116 4.50 -5.60 10.53
C GLN A 116 3.67 -4.86 9.48
N TYR A 117 3.75 -5.33 8.23
CA TYR A 117 3.04 -4.70 7.12
C TYR A 117 1.57 -5.08 7.15
N ILE A 118 1.27 -6.27 7.64
CA ILE A 118 -0.10 -6.69 7.80
C ILE A 118 -0.82 -5.72 8.74
N ALA A 119 -0.16 -5.40 9.86
CA ALA A 119 -0.66 -4.42 10.80
C ALA A 119 -0.56 -3.01 10.23
N ASP A 120 0.54 -2.75 9.53
CA ASP A 120 0.83 -1.41 9.03
C ASP A 120 -0.11 -1.02 7.90
N PHE A 121 -0.03 -1.77 6.83
CA PHE A 121 -0.73 -1.40 5.60
C PHE A 121 -2.04 -2.16 5.45
N GLY A 122 -2.17 -3.29 6.11
CA GLY A 122 -3.34 -4.16 5.93
C GLY A 122 -4.68 -3.42 5.81
N PRO A 123 -5.17 -2.82 6.92
CA PRO A 123 -6.46 -2.11 6.93
C PRO A 123 -6.59 -1.05 5.84
N ALA A 124 -5.58 -0.19 5.72
CA ALA A 124 -5.61 0.90 4.74
C ALA A 124 -5.52 0.36 3.31
N CYS A 125 -4.78 -0.72 3.14
CA CYS A 125 -4.65 -1.37 1.85
C CYS A 125 -6.00 -1.91 1.38
N LYS A 126 -6.86 -2.25 2.32
CA LYS A 126 -8.20 -2.75 1.98
C LYS A 126 -9.03 -1.71 1.25
N LYS A 127 -8.96 -0.45 1.67
CA LYS A 127 -9.64 0.61 0.93
C LYS A 127 -8.93 0.80 -0.42
N ILE A 128 -7.62 0.62 -0.43
CA ILE A 128 -6.82 0.87 -1.61
C ILE A 128 -7.06 -0.16 -2.71
N TYR A 129 -7.01 -1.41 -2.27
CA TYR A 129 -7.36 -2.61 -3.03
C TYR A 129 -8.87 -2.74 -3.19
N GLY A 130 -9.56 -1.59 -3.07
CA GLY A 130 -10.91 -1.39 -2.47
C GLY A 130 -11.83 -2.61 -2.30
N VAL A 131 -11.23 -3.78 -2.09
CA VAL A 131 -11.94 -5.02 -1.78
C VAL A 131 -12.82 -4.91 -0.54
N HIS A 132 -12.67 -3.80 0.20
CA HIS A 132 -13.40 -3.58 1.46
C HIS A 132 -14.89 -3.94 1.31
N THR A 133 -15.61 -3.15 0.51
CA THR A 133 -17.02 -3.39 0.24
C THR A 133 -17.89 -3.19 1.49
N SER A 134 -18.78 -2.21 1.43
CA SER A 134 -19.71 -1.91 2.51
C SER A 134 -18.97 -1.53 3.78
N GLY A 1 27.68 6.64 10.42
CA GLY A 1 27.48 8.07 10.11
C GLY A 1 26.25 8.31 9.26
N SER A 2 26.03 7.44 8.30
CA SER A 2 24.87 7.54 7.42
C SER A 2 24.25 6.16 7.19
N PRO A 3 23.32 5.75 8.07
CA PRO A 3 22.63 4.46 7.94
C PRO A 3 21.75 4.42 6.69
N GLU A 4 22.33 4.02 5.58
CA GLU A 4 21.64 4.05 4.31
C GLU A 4 21.16 2.66 3.90
N PHE A 5 20.13 2.17 4.57
CA PHE A 5 19.47 0.94 4.15
C PHE A 5 18.61 1.25 2.92
N HIS A 6 17.83 2.32 3.04
CA HIS A 6 17.11 2.91 1.92
C HIS A 6 16.26 1.87 1.18
N HIS A 7 15.34 1.25 1.90
CA HIS A 7 14.43 0.28 1.31
C HIS A 7 13.00 0.71 1.56
N PHE A 8 12.23 0.89 0.49
CA PHE A 8 10.86 1.40 0.57
C PHE A 8 10.82 2.75 1.25
N THR A 9 11.81 3.61 0.99
CA THR A 9 11.84 4.94 1.58
C THR A 9 10.89 5.88 0.85
N LEU A 10 10.44 6.93 1.51
CA LEU A 10 9.48 7.84 0.93
C LEU A 10 10.00 8.49 -0.34
N GLU A 11 11.28 8.92 -0.34
CA GLU A 11 11.94 9.44 -1.54
C GLU A 11 11.65 8.50 -2.70
N SER A 12 11.69 7.20 -2.49
CA SER A 12 11.66 6.27 -3.60
C SER A 12 10.45 6.47 -4.50
N SER A 13 9.29 6.07 -4.02
CA SER A 13 8.08 5.96 -4.83
C SER A 13 7.36 7.28 -5.10
N LEU A 14 7.88 8.40 -4.60
CA LEU A 14 7.29 9.70 -4.90
C LEU A 14 7.26 10.05 -6.39
N ASP A 15 8.04 9.26 -7.12
CA ASP A 15 8.07 9.33 -8.58
C ASP A 15 7.36 8.15 -9.20
N THR A 16 6.78 7.29 -8.37
CA THR A 16 6.05 6.15 -8.89
C THR A 16 4.67 5.97 -8.23
N HIS A 17 4.61 5.22 -7.14
CA HIS A 17 3.35 5.02 -6.44
C HIS A 17 2.81 6.36 -5.92
N LEU A 18 3.70 7.17 -5.39
CA LEU A 18 3.29 8.39 -4.69
C LEU A 18 3.52 9.64 -5.54
N LYS A 19 3.62 9.41 -6.85
CA LYS A 19 3.97 10.45 -7.80
C LYS A 19 2.86 11.48 -7.94
N TRP A 20 1.65 11.11 -7.55
CA TRP A 20 0.50 11.98 -7.66
C TRP A 20 0.49 13.05 -6.57
N LEU A 21 1.42 12.94 -5.61
CA LEU A 21 1.60 13.97 -4.61
C LEU A 21 2.30 15.16 -5.24
N SER A 22 1.97 16.33 -4.74
CA SER A 22 2.62 17.55 -5.20
C SER A 22 3.95 17.71 -4.50
N GLN A 23 4.86 18.51 -5.04
CA GLN A 23 6.20 18.65 -4.47
C GLN A 23 6.09 19.08 -3.00
N GLU A 24 5.25 20.08 -2.76
CA GLU A 24 5.02 20.58 -1.40
C GLU A 24 4.56 19.44 -0.49
N GLN A 25 3.76 18.53 -1.04
CA GLN A 25 3.28 17.39 -0.26
C GLN A 25 4.42 16.41 -0.05
N LYS A 26 5.17 16.10 -1.10
CA LYS A 26 6.31 15.19 -0.98
C LYS A 26 7.29 15.70 0.07
N ASP A 27 7.61 16.98 -0.01
CA ASP A 27 8.50 17.63 0.96
C ASP A 27 7.84 17.69 2.34
N GLU A 28 6.53 17.80 2.39
CA GLU A 28 5.79 17.68 3.63
C GLU A 28 5.94 16.30 4.23
N LEU A 29 5.63 15.27 3.45
CA LEU A 29 5.69 13.88 3.88
C LEU A 29 7.11 13.51 4.30
N LEU A 30 8.09 13.94 3.50
CA LEU A 30 9.50 13.71 3.81
C LEU A 30 9.90 14.37 5.12
N LYS A 31 9.34 15.55 5.35
CA LYS A 31 9.63 16.32 6.56
C LYS A 31 9.14 15.57 7.79
N MET A 32 7.97 14.97 7.68
CA MET A 32 7.42 14.16 8.76
C MET A 32 8.33 12.98 9.13
N LYS A 33 8.73 12.18 8.14
CA LYS A 33 9.58 11.03 8.40
C LYS A 33 10.94 11.45 8.97
N LYS A 34 11.46 12.56 8.46
CA LYS A 34 12.76 13.06 8.89
C LYS A 34 12.73 13.63 10.30
N ASP A 35 11.59 14.17 10.71
CA ASP A 35 11.48 14.79 12.02
C ASP A 35 11.05 13.75 13.06
N GLY A 36 10.79 12.54 12.58
CA GLY A 36 10.54 11.42 13.46
C GLY A 36 9.07 11.15 13.68
N LYS A 37 8.24 11.58 12.74
CA LYS A 37 6.84 11.23 12.78
C LYS A 37 6.67 9.76 12.49
N ALA A 38 5.61 9.20 13.02
CA ALA A 38 5.30 7.78 12.83
C ALA A 38 4.78 7.55 11.42
N LYS A 39 5.01 6.35 10.89
CA LYS A 39 4.49 5.99 9.57
C LYS A 39 2.98 6.18 9.54
N LYS A 40 2.34 5.94 10.68
CA LYS A 40 0.90 6.13 10.80
C LYS A 40 0.47 7.56 10.49
N GLU A 41 1.41 8.49 10.56
CA GLU A 41 1.13 9.90 10.29
C GLU A 41 1.25 10.20 8.80
N LEU A 42 2.10 9.37 8.19
CA LEU A 42 2.23 9.34 6.75
C LEU A 42 1.02 8.68 6.13
N GLU A 43 0.62 7.55 6.71
CA GLU A 43 -0.58 6.82 6.31
C GLU A 43 -1.79 7.74 6.30
N ALA A 44 -1.75 8.73 7.15
CA ALA A 44 -2.90 9.60 7.36
C ALA A 44 -2.91 10.79 6.44
N LYS A 45 -1.73 11.34 6.18
CA LYS A 45 -1.57 12.39 5.20
C LYS A 45 -2.01 11.89 3.82
N ILE A 46 -1.37 10.80 3.38
CA ILE A 46 -1.61 10.26 2.05
C ILE A 46 -3.05 9.81 1.90
N LEU A 47 -3.56 9.09 2.89
CA LEU A 47 -4.94 8.63 2.85
C LEU A 47 -5.92 9.79 2.87
N HIS A 48 -5.54 10.87 3.55
CA HIS A 48 -6.32 12.10 3.52
C HIS A 48 -6.31 12.69 2.11
N TYR A 49 -5.12 12.81 1.51
CA TYR A 49 -4.98 13.33 0.15
C TYR A 49 -5.71 12.44 -0.84
N TYR A 50 -5.72 11.15 -0.54
CA TYR A 50 -6.37 10.15 -1.35
C TYR A 50 -7.89 10.35 -1.32
N ASP A 51 -8.43 10.55 -0.13
CA ASP A 51 -9.88 10.64 0.05
C ASP A 51 -10.43 11.98 -0.43
N GLU A 52 -9.57 12.98 -0.55
CA GLU A 52 -10.00 14.29 -1.01
C GLU A 52 -9.83 14.39 -2.52
N LEU A 53 -9.38 13.30 -3.15
CA LEU A 53 -9.21 13.28 -4.57
C LEU A 53 -10.54 13.21 -5.27
N GLU A 54 -10.60 13.93 -6.35
CA GLU A 54 -11.85 14.08 -7.11
C GLU A 54 -12.41 12.75 -7.64
N GLY A 55 -11.90 12.26 -8.77
CA GLY A 55 -12.43 11.03 -9.34
C GLY A 55 -11.40 10.27 -10.15
N ASP A 56 -10.99 10.84 -11.27
CA ASP A 56 -10.00 10.22 -12.14
C ASP A 56 -8.62 10.29 -11.52
N ALA A 57 -8.36 11.41 -10.82
CA ALA A 57 -7.16 11.53 -10.01
C ALA A 57 -7.19 10.46 -8.94
N LYS A 58 -8.35 10.36 -8.29
CA LYS A 58 -8.58 9.40 -7.23
C LYS A 58 -8.30 8.00 -7.76
N LYS A 59 -8.94 7.67 -8.88
CA LYS A 59 -8.74 6.38 -9.53
C LYS A 59 -7.25 6.13 -9.81
N GLU A 60 -6.55 7.14 -10.32
CA GLU A 60 -5.20 7.00 -10.72
C GLU A 60 -4.31 6.83 -9.49
N ALA A 61 -4.54 7.63 -8.48
CA ALA A 61 -3.83 7.45 -7.23
C ALA A 61 -4.13 6.08 -6.66
N THR A 62 -5.41 5.74 -6.60
CA THR A 62 -5.86 4.44 -6.14
C THR A 62 -5.07 3.29 -6.77
N GLU A 63 -4.94 3.39 -8.09
CA GLU A 63 -4.20 2.43 -8.89
C GLU A 63 -2.71 2.41 -8.53
N HIS A 64 -2.17 3.55 -8.10
CA HIS A 64 -0.77 3.64 -7.72
C HIS A 64 -0.58 3.04 -6.34
N LEU A 65 -1.41 3.49 -5.40
CA LEU A 65 -1.43 2.95 -4.06
C LEU A 65 -1.70 1.44 -4.06
N LYS A 66 -2.54 0.97 -4.98
CA LYS A 66 -2.77 -0.46 -5.14
C LYS A 66 -1.45 -1.15 -5.39
N GLY A 67 -0.74 -0.70 -6.42
CA GLY A 67 0.57 -1.23 -6.72
C GLY A 67 1.52 -1.11 -5.56
N GLY A 68 1.43 0.01 -4.83
CA GLY A 68 2.25 0.21 -3.65
C GLY A 68 2.13 -0.92 -2.64
N CYS A 69 0.91 -1.18 -2.18
CA CYS A 69 0.72 -2.23 -1.19
C CYS A 69 0.78 -3.61 -1.84
N ARG A 70 0.52 -3.67 -3.13
CA ARG A 70 0.68 -4.89 -3.90
C ARG A 70 2.15 -5.26 -4.00
N GLU A 71 3.00 -4.23 -4.09
CA GLU A 71 4.43 -4.39 -4.09
C GLU A 71 4.88 -4.87 -2.71
N ILE A 72 4.18 -4.40 -1.69
CA ILE A 72 4.37 -4.91 -0.34
C ILE A 72 3.95 -6.36 -0.26
N LEU A 73 2.81 -6.68 -0.84
CA LEU A 73 2.31 -8.04 -0.93
C LEU A 73 3.34 -8.92 -1.64
N LYS A 74 3.99 -8.33 -2.63
CA LYS A 74 5.04 -9.01 -3.38
C LYS A 74 6.25 -9.34 -2.51
N HIS A 75 6.33 -8.68 -1.36
CA HIS A 75 7.41 -8.93 -0.41
C HIS A 75 6.90 -9.81 0.71
N VAL A 76 5.73 -9.41 1.20
CA VAL A 76 5.16 -9.87 2.43
C VAL A 76 4.52 -11.23 2.28
N VAL A 77 3.73 -11.41 1.24
CA VAL A 77 3.19 -12.72 0.98
C VAL A 77 4.08 -13.47 -0.02
N GLY A 78 4.87 -12.69 -0.77
CA GLY A 78 5.80 -13.25 -1.72
C GLY A 78 5.19 -13.43 -3.09
N GLU A 79 6.02 -13.73 -4.08
CA GLU A 79 5.55 -13.99 -5.44
C GLU A 79 4.58 -15.17 -5.46
N GLU A 80 4.71 -16.04 -4.46
CA GLU A 80 3.85 -17.22 -4.35
C GLU A 80 2.37 -16.86 -4.31
N LYS A 81 1.94 -16.22 -3.24
CA LYS A 81 0.53 -16.00 -3.02
C LYS A 81 0.01 -14.86 -3.87
N ALA A 82 0.83 -13.86 -4.11
CA ALA A 82 0.45 -12.75 -4.97
C ALA A 82 0.16 -13.24 -6.38
N ALA A 83 0.84 -14.33 -6.77
CA ALA A 83 0.61 -14.96 -8.05
C ALA A 83 -0.78 -15.57 -8.10
N GLU A 84 -1.18 -16.16 -6.98
CA GLU A 84 -2.48 -16.82 -6.88
C GLU A 84 -3.59 -15.80 -6.73
N LEU A 85 -3.27 -14.67 -6.11
CA LEU A 85 -4.21 -13.60 -5.93
C LEU A 85 -4.38 -12.80 -7.22
N LYS A 86 -3.30 -12.70 -7.98
CA LYS A 86 -3.36 -12.08 -9.30
C LYS A 86 -4.32 -12.88 -10.17
N ASN A 87 -4.07 -14.19 -10.24
CA ASN A 87 -4.89 -15.06 -11.06
C ASN A 87 -6.31 -15.10 -10.53
N LEU A 88 -6.47 -15.02 -9.21
CA LEU A 88 -7.78 -15.00 -8.61
C LEU A 88 -8.56 -13.80 -9.13
N LYS A 89 -7.90 -12.65 -9.14
CA LYS A 89 -8.50 -11.41 -9.63
C LYS A 89 -8.99 -11.57 -11.06
N ASP A 90 -8.10 -11.97 -11.96
CA ASP A 90 -8.40 -12.10 -13.37
C ASP A 90 -9.32 -13.29 -13.67
N SER A 91 -9.38 -14.27 -12.77
CA SER A 91 -10.30 -15.39 -12.95
C SER A 91 -11.70 -15.02 -12.50
N GLY A 92 -11.83 -13.87 -11.85
CA GLY A 92 -13.14 -13.37 -11.50
C GLY A 92 -13.43 -13.43 -10.02
N ALA A 93 -12.40 -13.57 -9.20
CA ALA A 93 -12.57 -13.47 -7.76
C ALA A 93 -13.08 -12.08 -7.45
N SER A 94 -14.18 -12.05 -6.72
CA SER A 94 -14.80 -10.83 -6.27
C SER A 94 -13.95 -10.19 -5.18
N LYS A 95 -14.31 -8.98 -4.76
CA LYS A 95 -13.50 -8.26 -3.79
C LYS A 95 -13.40 -9.03 -2.47
N GLU A 96 -14.38 -9.87 -2.19
CA GLU A 96 -14.42 -10.63 -0.95
C GLU A 96 -13.49 -11.85 -0.98
N GLU A 97 -13.46 -12.55 -2.12
CA GLU A 97 -12.57 -13.69 -2.30
C GLU A 97 -11.13 -13.24 -2.20
N LEU A 98 -10.86 -12.05 -2.69
CA LEU A 98 -9.57 -11.43 -2.43
C LEU A 98 -9.56 -11.02 -0.98
N LYS A 99 -10.61 -10.43 -0.45
CA LYS A 99 -10.56 -9.86 0.89
C LYS A 99 -10.27 -10.93 1.92
N ALA A 100 -10.93 -12.05 1.75
CA ALA A 100 -10.87 -13.11 2.72
C ALA A 100 -9.69 -14.02 2.48
N LYS A 101 -9.54 -14.51 1.24
CA LYS A 101 -8.46 -15.43 0.93
C LYS A 101 -7.08 -14.80 1.17
N VAL A 102 -7.04 -13.46 1.11
CA VAL A 102 -5.83 -12.70 1.41
C VAL A 102 -5.51 -12.81 2.90
N GLU A 103 -6.54 -12.67 3.74
CA GLU A 103 -6.35 -12.72 5.18
C GLU A 103 -5.75 -14.06 5.61
N GLU A 104 -5.96 -15.10 4.81
CA GLU A 104 -5.38 -16.40 5.08
C GLU A 104 -3.89 -16.40 4.72
N ALA A 105 -3.56 -15.86 3.55
CA ALA A 105 -2.19 -15.79 3.12
C ALA A 105 -1.40 -14.84 4.01
N LEU A 106 -2.01 -13.71 4.33
CA LEU A 106 -1.42 -12.71 5.20
C LEU A 106 -1.46 -13.16 6.66
N HIS A 107 -2.16 -14.24 6.93
CA HIS A 107 -2.10 -14.86 8.25
C HIS A 107 -0.89 -15.76 8.29
N ALA A 108 -0.77 -16.57 7.25
CA ALA A 108 0.22 -17.64 7.18
C ALA A 108 1.67 -17.13 7.13
N VAL A 109 1.87 -15.86 6.84
CA VAL A 109 3.20 -15.32 6.72
C VAL A 109 3.96 -15.35 8.06
N THR A 110 3.51 -14.53 9.01
CA THR A 110 3.96 -14.60 10.41
C THR A 110 5.42 -14.18 10.57
N ASP A 111 6.01 -13.64 9.53
CA ASP A 111 7.32 -13.03 9.64
C ASP A 111 7.17 -11.60 10.12
N GLU A 112 7.87 -11.28 11.20
CA GLU A 112 7.61 -10.09 12.00
C GLU A 112 7.59 -8.80 11.19
N GLU A 113 8.62 -8.59 10.39
CA GLU A 113 8.73 -7.37 9.62
C GLU A 113 7.69 -7.34 8.49
N LYS A 114 7.32 -8.51 7.97
CA LYS A 114 6.24 -8.61 7.01
C LYS A 114 4.89 -8.31 7.68
N LYS A 115 4.71 -8.80 8.90
CA LYS A 115 3.50 -8.50 9.68
C LYS A 115 3.49 -7.05 10.16
N GLN A 116 4.66 -6.44 10.06
CA GLN A 116 4.77 -5.00 10.27
C GLN A 116 4.01 -4.27 9.18
N TYR A 117 4.13 -4.77 7.96
CA TYR A 117 3.43 -4.22 6.81
C TYR A 117 1.94 -4.54 6.90
N ILE A 118 1.65 -5.71 7.43
CA ILE A 118 0.27 -6.14 7.60
C ILE A 118 -0.48 -5.18 8.53
N ALA A 119 0.19 -4.77 9.61
CA ALA A 119 -0.37 -3.80 10.56
C ALA A 119 -0.35 -2.39 9.97
N ASP A 120 0.73 -2.06 9.29
CA ASP A 120 0.93 -0.71 8.77
C ASP A 120 0.06 -0.44 7.56
N PHE A 121 0.22 -1.25 6.53
CA PHE A 121 -0.43 -0.99 5.26
C PHE A 121 -1.71 -1.79 5.09
N GLY A 122 -1.82 -2.92 5.79
CA GLY A 122 -2.97 -3.81 5.61
C GLY A 122 -4.34 -3.10 5.56
N PRO A 123 -4.83 -2.55 6.68
CA PRO A 123 -6.17 -1.93 6.74
C PRO A 123 -6.32 -0.72 5.81
N ALA A 124 -5.21 -0.05 5.55
CA ALA A 124 -5.20 1.08 4.63
C ALA A 124 -5.26 0.62 3.19
N CYS A 125 -4.64 -0.52 2.92
CA CYS A 125 -4.73 -1.17 1.62
C CYS A 125 -6.17 -1.57 1.35
N LYS A 126 -6.94 -1.80 2.42
CA LYS A 126 -8.36 -2.14 2.31
C LYS A 126 -9.14 -1.04 1.57
N LYS A 127 -9.04 0.21 2.04
CA LYS A 127 -9.68 1.32 1.33
C LYS A 127 -9.01 1.52 -0.04
N ILE A 128 -7.73 1.21 -0.12
CA ILE A 128 -7.02 1.36 -1.38
C ILE A 128 -7.56 0.46 -2.49
N TYR A 129 -7.74 -0.79 -2.10
CA TYR A 129 -8.40 -1.83 -2.87
C TYR A 129 -9.92 -1.71 -2.73
N GLY A 130 -10.37 -0.48 -2.42
CA GLY A 130 -11.56 -0.12 -1.63
C GLY A 130 -12.61 -1.19 -1.33
N VAL A 131 -12.17 -2.42 -1.17
CA VAL A 131 -12.99 -3.52 -0.64
C VAL A 131 -13.88 -3.01 0.48
N HIS A 132 -13.25 -2.36 1.45
CA HIS A 132 -13.96 -1.74 2.55
C HIS A 132 -14.53 -0.41 2.08
N THR A 133 -15.65 -0.48 1.38
CA THR A 133 -16.24 0.69 0.76
C THR A 133 -16.93 1.58 1.79
N SER A 134 -17.33 0.99 2.91
CA SER A 134 -17.99 1.74 3.97
C SER A 134 -17.22 1.61 5.28
N GLY A 1 30.08 1.70 -6.06
CA GLY A 1 29.03 2.76 -6.11
C GLY A 1 28.39 2.98 -4.76
N SER A 2 27.09 2.78 -4.68
CA SER A 2 26.36 2.97 -3.43
C SER A 2 25.60 1.70 -3.07
N PRO A 3 25.99 1.05 -1.96
CA PRO A 3 25.32 -0.17 -1.50
C PRO A 3 24.01 0.13 -0.78
N GLU A 4 23.18 0.95 -1.41
CA GLU A 4 21.95 1.41 -0.81
C GLU A 4 20.74 0.65 -1.35
N PHE A 5 20.42 -0.46 -0.71
CA PHE A 5 19.20 -1.18 -1.04
C PHE A 5 18.12 -0.76 -0.06
N HIS A 6 17.42 0.31 -0.40
CA HIS A 6 16.38 0.84 0.47
C HIS A 6 15.09 0.06 0.28
N HIS A 7 14.33 -0.09 1.36
CA HIS A 7 13.05 -0.78 1.31
C HIS A 7 11.96 0.19 0.89
N PHE A 8 10.70 -0.21 1.07
CA PHE A 8 9.55 0.65 0.72
C PHE A 8 9.47 1.86 1.64
N THR A 9 10.37 2.81 1.45
CA THR A 9 10.30 4.07 2.14
C THR A 9 9.34 5.02 1.43
N LEU A 10 8.95 6.08 2.10
CA LEU A 10 8.09 7.08 1.49
C LEU A 10 8.80 7.77 0.31
N GLU A 11 10.10 7.98 0.45
CA GLU A 11 10.94 8.40 -0.68
C GLU A 11 10.86 7.32 -1.77
N SER A 12 11.00 6.05 -1.44
CA SER A 12 11.06 4.99 -2.44
C SER A 12 9.86 4.99 -3.41
N SER A 13 8.75 5.62 -3.05
CA SER A 13 7.58 5.62 -3.92
C SER A 13 7.42 6.90 -4.75
N LEU A 14 8.11 7.98 -4.38
CA LEU A 14 7.78 9.33 -4.84
C LEU A 14 7.66 9.55 -6.34
N ASP A 15 8.45 8.79 -7.08
CA ASP A 15 8.43 8.87 -8.54
C ASP A 15 7.68 7.69 -9.12
N THR A 16 7.13 6.85 -8.27
CA THR A 16 6.38 5.70 -8.72
C THR A 16 4.98 5.64 -8.10
N HIS A 17 4.88 4.87 -7.01
CA HIS A 17 3.59 4.69 -6.33
C HIS A 17 3.01 6.03 -5.85
N LEU A 18 3.85 6.90 -5.30
CA LEU A 18 3.34 8.11 -4.65
C LEU A 18 3.61 9.37 -5.47
N LYS A 19 3.78 9.19 -6.77
CA LYS A 19 4.13 10.27 -7.67
C LYS A 19 2.97 11.24 -7.88
N TRP A 20 1.77 10.80 -7.52
CA TRP A 20 0.57 11.62 -7.67
C TRP A 20 0.52 12.70 -6.58
N LEU A 21 1.46 12.65 -5.64
CA LEU A 21 1.60 13.71 -4.67
C LEU A 21 2.27 14.91 -5.32
N SER A 22 1.88 16.09 -4.86
CA SER A 22 2.46 17.31 -5.39
C SER A 22 3.78 17.59 -4.68
N GLN A 23 4.64 18.44 -5.24
CA GLN A 23 5.97 18.67 -4.67
C GLN A 23 5.85 19.10 -3.22
N GLU A 24 4.98 20.07 -2.96
CA GLU A 24 4.77 20.57 -1.62
C GLU A 24 4.34 19.43 -0.69
N GLN A 25 3.55 18.50 -1.21
CA GLN A 25 3.09 17.37 -0.41
C GLN A 25 4.26 16.41 -0.18
N LYS A 26 4.99 16.10 -1.24
CA LYS A 26 6.15 15.22 -1.13
C LYS A 26 7.11 15.76 -0.08
N ASP A 27 7.40 17.05 -0.17
CA ASP A 27 8.28 17.72 0.79
C ASP A 27 7.63 17.78 2.17
N GLU A 28 6.30 17.84 2.23
CA GLU A 28 5.59 17.70 3.47
C GLU A 28 5.83 16.33 4.09
N LEU A 29 5.60 15.28 3.30
CA LEU A 29 5.81 13.90 3.76
C LEU A 29 7.27 13.68 4.15
N LEU A 30 8.18 14.23 3.34
CA LEU A 30 9.60 14.14 3.61
C LEU A 30 9.94 14.82 4.93
N LYS A 31 9.33 15.98 5.17
CA LYS A 31 9.53 16.74 6.39
C LYS A 31 9.03 15.95 7.58
N MET A 32 7.88 15.33 7.43
CA MET A 32 7.34 14.47 8.47
C MET A 32 8.28 13.34 8.81
N LYS A 33 8.67 12.55 7.81
CA LYS A 33 9.58 11.44 8.00
C LYS A 33 10.91 11.91 8.60
N LYS A 34 11.39 13.04 8.11
CA LYS A 34 12.64 13.63 8.58
C LYS A 34 12.53 14.02 10.05
N ASP A 35 11.43 14.66 10.41
CA ASP A 35 11.28 15.23 11.75
C ASP A 35 10.86 14.17 12.77
N GLY A 36 10.71 12.95 12.27
CA GLY A 36 10.47 11.83 13.15
C GLY A 36 9.01 11.52 13.34
N LYS A 37 8.20 11.93 12.39
CA LYS A 37 6.81 11.52 12.37
C LYS A 37 6.74 10.03 12.08
N ALA A 38 5.90 9.34 12.81
CA ALA A 38 5.82 7.89 12.74
C ALA A 38 5.24 7.45 11.41
N LYS A 39 5.57 6.26 10.95
CA LYS A 39 5.07 5.78 9.67
C LYS A 39 3.54 5.86 9.61
N LYS A 40 2.89 5.57 10.72
CA LYS A 40 1.43 5.66 10.79
C LYS A 40 0.94 7.10 10.62
N GLU A 41 1.83 8.08 10.72
CA GLU A 41 1.48 9.47 10.52
C GLU A 41 1.62 9.87 9.05
N LEU A 42 2.50 9.10 8.40
CA LEU A 42 2.63 9.15 6.95
C LEU A 42 1.43 8.46 6.32
N GLU A 43 1.07 7.31 6.88
CA GLU A 43 -0.10 6.54 6.45
C GLU A 43 -1.37 7.38 6.57
N ALA A 44 -1.31 8.39 7.42
CA ALA A 44 -2.46 9.22 7.70
C ALA A 44 -2.56 10.44 6.79
N LYS A 45 -1.41 11.05 6.54
CA LYS A 45 -1.33 12.20 5.66
C LYS A 45 -1.76 11.83 4.23
N ILE A 46 -1.23 10.72 3.74
CA ILE A 46 -1.54 10.26 2.40
C ILE A 46 -3.01 9.90 2.26
N LEU A 47 -3.55 9.21 3.27
CA LEU A 47 -4.95 8.82 3.26
C LEU A 47 -5.88 10.02 3.26
N HIS A 48 -5.46 11.08 3.94
CA HIS A 48 -6.21 12.32 3.91
C HIS A 48 -6.21 12.91 2.49
N TYR A 49 -5.03 12.92 1.86
CA TYR A 49 -4.90 13.37 0.47
C TYR A 49 -5.79 12.52 -0.43
N TYR A 50 -5.71 11.22 -0.21
CA TYR A 50 -6.44 10.25 -0.97
C TYR A 50 -7.94 10.51 -0.93
N ASP A 51 -8.46 10.77 0.26
CA ASP A 51 -9.90 10.89 0.43
C ASP A 51 -10.42 12.22 -0.11
N GLU A 52 -9.55 13.22 -0.25
CA GLU A 52 -9.97 14.51 -0.77
C GLU A 52 -9.76 14.60 -2.28
N LEU A 53 -9.46 13.46 -2.90
CA LEU A 53 -9.23 13.39 -4.34
C LEU A 53 -10.53 13.58 -5.14
N GLU A 54 -10.50 13.16 -6.38
CA GLU A 54 -11.57 13.46 -7.32
C GLU A 54 -11.46 12.64 -8.61
N GLY A 55 -12.60 12.13 -9.07
CA GLY A 55 -12.70 11.52 -10.39
C GLY A 55 -11.57 10.56 -10.74
N ASP A 56 -10.86 10.88 -11.81
CA ASP A 56 -9.78 10.03 -12.31
C ASP A 56 -8.52 10.18 -11.46
N ALA A 57 -8.40 11.29 -10.76
CA ALA A 57 -7.30 11.46 -9.81
C ALA A 57 -7.39 10.37 -8.78
N LYS A 58 -8.63 10.17 -8.30
CA LYS A 58 -8.94 9.16 -7.32
C LYS A 58 -8.56 7.79 -7.86
N LYS A 59 -9.11 7.44 -9.02
CA LYS A 59 -8.84 6.16 -9.66
C LYS A 59 -7.34 5.95 -9.84
N GLU A 60 -6.63 6.98 -10.31
CA GLU A 60 -5.21 6.88 -10.55
C GLU A 60 -4.45 6.70 -9.25
N ALA A 61 -4.75 7.51 -8.25
CA ALA A 61 -4.08 7.36 -6.98
C ALA A 61 -4.36 5.98 -6.42
N THR A 62 -5.64 5.62 -6.36
CA THR A 62 -6.06 4.32 -5.85
C THR A 62 -5.31 3.17 -6.51
N GLU A 63 -5.20 3.26 -7.84
CA GLU A 63 -4.48 2.26 -8.62
C GLU A 63 -2.98 2.27 -8.31
N HIS A 64 -2.44 3.42 -7.90
CA HIS A 64 -1.03 3.51 -7.55
C HIS A 64 -0.81 2.96 -6.15
N LEU A 65 -1.67 3.37 -5.23
CA LEU A 65 -1.70 2.80 -3.91
C LEU A 65 -1.99 1.29 -3.95
N LYS A 66 -2.80 0.86 -4.91
CA LYS A 66 -3.07 -0.57 -5.10
C LYS A 66 -1.79 -1.28 -5.49
N GLY A 67 -1.12 -0.77 -6.52
CA GLY A 67 0.18 -1.29 -6.89
C GLY A 67 1.15 -1.25 -5.71
N GLY A 68 1.09 -0.17 -4.95
CA GLY A 68 1.89 -0.06 -3.74
C GLY A 68 1.60 -1.19 -2.77
N CYS A 69 0.30 -1.44 -2.56
CA CYS A 69 -0.13 -2.54 -1.72
C CYS A 69 0.34 -3.86 -2.32
N ARG A 70 0.23 -3.97 -3.63
CA ARG A 70 0.66 -5.15 -4.36
C ARG A 70 2.16 -5.37 -4.17
N GLU A 71 2.94 -4.31 -4.29
CA GLU A 71 4.39 -4.38 -4.10
C GLU A 71 4.75 -4.70 -2.65
N ILE A 72 3.99 -4.15 -1.71
CA ILE A 72 4.18 -4.49 -0.30
C ILE A 72 3.78 -5.93 -0.04
N LEU A 73 2.70 -6.36 -0.68
CA LEU A 73 2.24 -7.74 -0.59
C LEU A 73 3.26 -8.66 -1.25
N LYS A 74 3.99 -8.09 -2.18
CA LYS A 74 5.11 -8.79 -2.80
C LYS A 74 6.23 -9.03 -1.80
N HIS A 75 6.14 -8.34 -0.68
CA HIS A 75 7.10 -8.50 0.39
C HIS A 75 6.51 -9.37 1.49
N VAL A 76 5.39 -8.89 2.02
CA VAL A 76 4.77 -9.46 3.19
C VAL A 76 4.22 -10.87 2.94
N VAL A 77 3.49 -11.05 1.85
CA VAL A 77 3.02 -12.37 1.50
C VAL A 77 4.00 -13.05 0.54
N GLY A 78 4.91 -12.25 0.02
CA GLY A 78 5.91 -12.75 -0.90
C GLY A 78 5.41 -12.77 -2.33
N GLU A 79 6.34 -12.89 -3.28
CA GLU A 79 5.98 -12.98 -4.68
C GLU A 79 5.18 -14.26 -4.94
N GLU A 80 5.36 -15.22 -4.05
CA GLU A 80 4.60 -16.48 -4.04
C GLU A 80 3.10 -16.22 -4.12
N LYS A 81 2.56 -15.62 -3.08
CA LYS A 81 1.13 -15.50 -2.94
C LYS A 81 0.61 -14.36 -3.78
N ALA A 82 1.42 -13.31 -3.93
CA ALA A 82 1.06 -12.18 -4.76
C ALA A 82 0.93 -12.62 -6.22
N ALA A 83 1.71 -13.64 -6.59
CA ALA A 83 1.63 -14.22 -7.91
C ALA A 83 0.29 -14.91 -8.11
N GLU A 84 -0.19 -15.53 -7.04
CA GLU A 84 -1.45 -16.26 -7.08
C GLU A 84 -2.63 -15.32 -7.01
N LEU A 85 -2.44 -14.18 -6.38
CA LEU A 85 -3.47 -13.16 -6.31
C LEU A 85 -3.59 -12.41 -7.64
N LYS A 86 -2.46 -12.25 -8.31
CA LYS A 86 -2.44 -11.63 -9.63
C LYS A 86 -3.16 -12.52 -10.65
N ASN A 87 -2.80 -13.81 -10.65
CA ASN A 87 -3.43 -14.75 -11.57
C ASN A 87 -4.88 -14.96 -11.16
N LEU A 88 -5.16 -14.92 -9.86
CA LEU A 88 -6.52 -14.99 -9.38
C LEU A 88 -7.35 -13.92 -10.08
N LYS A 89 -6.91 -12.68 -9.93
CA LYS A 89 -7.54 -11.52 -10.58
C LYS A 89 -7.72 -11.76 -12.08
N ASP A 90 -6.63 -12.08 -12.76
CA ASP A 90 -6.64 -12.29 -14.22
C ASP A 90 -7.53 -13.46 -14.64
N SER A 91 -7.61 -14.48 -13.81
CA SER A 91 -8.40 -15.65 -14.15
C SER A 91 -9.87 -15.43 -13.80
N GLY A 92 -10.16 -14.29 -13.20
CA GLY A 92 -11.54 -13.92 -12.96
C GLY A 92 -11.89 -13.98 -11.50
N ALA A 93 -11.00 -13.48 -10.66
CA ALA A 93 -11.35 -13.28 -9.27
C ALA A 93 -12.03 -11.93 -9.11
N SER A 94 -13.24 -11.98 -8.63
CA SER A 94 -14.02 -10.79 -8.39
C SER A 94 -13.46 -10.09 -7.15
N LYS A 95 -14.01 -8.93 -6.82
CA LYS A 95 -13.52 -8.13 -5.70
C LYS A 95 -13.48 -8.96 -4.41
N GLU A 96 -14.49 -9.79 -4.23
CA GLU A 96 -14.63 -10.56 -3.01
C GLU A 96 -13.62 -11.71 -2.95
N GLU A 97 -13.42 -12.41 -4.06
CA GLU A 97 -12.42 -13.46 -4.20
C GLU A 97 -11.06 -12.96 -3.79
N LEU A 98 -10.75 -11.75 -4.22
CA LEU A 98 -9.51 -11.12 -3.78
C LEU A 98 -9.64 -10.75 -2.32
N LYS A 99 -10.80 -10.36 -1.86
CA LYS A 99 -10.95 -9.97 -0.47
C LYS A 99 -10.75 -11.18 0.42
N ALA A 100 -11.29 -12.30 -0.01
CA ALA A 100 -11.26 -13.51 0.77
C ALA A 100 -10.00 -14.31 0.53
N LYS A 101 -9.31 -13.95 -0.55
CA LYS A 101 -7.93 -14.40 -0.74
C LYS A 101 -6.99 -13.69 0.23
N VAL A 102 -6.89 -12.37 0.03
CA VAL A 102 -5.94 -11.52 0.75
C VAL A 102 -5.98 -11.73 2.27
N GLU A 103 -7.16 -11.89 2.85
CA GLU A 103 -7.26 -12.09 4.29
C GLU A 103 -6.49 -13.32 4.72
N GLU A 104 -6.60 -14.39 3.94
CA GLU A 104 -5.93 -15.63 4.26
C GLU A 104 -4.43 -15.50 3.98
N ALA A 105 -4.10 -14.75 2.94
CA ALA A 105 -2.72 -14.51 2.58
C ALA A 105 -2.03 -13.70 3.68
N LEU A 106 -2.72 -12.70 4.19
CA LEU A 106 -2.20 -11.85 5.26
C LEU A 106 -2.18 -12.56 6.60
N HIS A 107 -2.93 -13.64 6.73
CA HIS A 107 -2.87 -14.41 7.96
C HIS A 107 -1.73 -15.42 7.86
N ALA A 108 -1.68 -16.16 6.76
CA ALA A 108 -0.73 -17.27 6.60
C ALA A 108 0.74 -16.82 6.60
N VAL A 109 1.00 -15.55 6.79
CA VAL A 109 2.34 -15.05 6.93
C VAL A 109 2.72 -14.94 8.42
N THR A 110 3.99 -15.13 8.71
CA THR A 110 4.43 -15.13 10.09
C THR A 110 5.84 -14.56 10.28
N ASP A 111 6.41 -13.98 9.24
CA ASP A 111 7.67 -13.27 9.42
C ASP A 111 7.41 -11.87 9.92
N GLU A 112 8.02 -11.55 11.05
CA GLU A 112 7.63 -10.40 11.86
C GLU A 112 7.65 -9.08 11.10
N GLU A 113 8.71 -8.84 10.35
CA GLU A 113 8.85 -7.60 9.61
C GLU A 113 7.79 -7.48 8.52
N LYS A 114 7.25 -8.61 8.08
CA LYS A 114 6.15 -8.65 7.14
C LYS A 114 4.84 -8.32 7.85
N LYS A 115 4.66 -8.90 9.03
CA LYS A 115 3.45 -8.66 9.83
C LYS A 115 3.40 -7.23 10.37
N GLN A 116 4.54 -6.56 10.26
CA GLN A 116 4.60 -5.12 10.51
C GLN A 116 3.80 -4.38 9.43
N TYR A 117 3.90 -4.84 8.19
CA TYR A 117 3.14 -4.24 7.09
C TYR A 117 1.68 -4.54 7.25
N ILE A 118 1.39 -5.71 7.80
CA ILE A 118 0.01 -6.09 8.07
C ILE A 118 -0.65 -5.13 9.07
N ALA A 119 0.05 -4.85 10.16
CA ALA A 119 -0.47 -3.98 11.22
C ALA A 119 -0.41 -2.51 10.79
N ASP A 120 0.69 -2.13 10.17
CA ASP A 120 0.90 -0.74 9.82
C ASP A 120 0.11 -0.33 8.59
N PHE A 121 0.29 -1.08 7.53
CA PHE A 121 -0.26 -0.70 6.24
C PHE A 121 -1.55 -1.47 5.90
N GLY A 122 -1.75 -2.63 6.54
CA GLY A 122 -2.86 -3.50 6.22
C GLY A 122 -4.24 -2.81 6.24
N PRO A 123 -4.64 -2.21 7.38
CA PRO A 123 -5.96 -1.57 7.51
C PRO A 123 -6.29 -0.59 6.39
N ALA A 124 -5.30 0.21 6.01
CA ALA A 124 -5.49 1.21 4.99
C ALA A 124 -5.38 0.62 3.59
N CYS A 125 -4.60 -0.45 3.46
CA CYS A 125 -4.59 -1.23 2.24
C CYS A 125 -5.99 -1.73 1.90
N LYS A 126 -6.80 -1.96 2.93
CA LYS A 126 -8.17 -2.44 2.76
C LYS A 126 -9.00 -1.43 1.96
N LYS A 127 -9.02 -0.16 2.40
CA LYS A 127 -9.71 0.89 1.65
C LYS A 127 -9.05 1.08 0.29
N ILE A 128 -7.75 0.82 0.22
CA ILE A 128 -7.01 1.02 -1.02
C ILE A 128 -7.44 0.06 -2.13
N TYR A 129 -7.53 -1.20 -1.72
CA TYR A 129 -8.08 -2.30 -2.51
C TYR A 129 -9.60 -2.30 -2.46
N GLY A 130 -10.15 -1.13 -2.16
CA GLY A 130 -11.39 -0.86 -1.39
C GLY A 130 -12.39 -2.00 -1.17
N VAL A 131 -11.90 -3.23 -1.13
CA VAL A 131 -12.68 -4.40 -0.72
C VAL A 131 -13.34 -4.17 0.65
N HIS A 132 -12.79 -3.25 1.42
CA HIS A 132 -13.32 -2.91 2.74
C HIS A 132 -14.72 -2.29 2.62
N THR A 133 -15.06 -1.86 1.41
CA THR A 133 -16.34 -1.23 1.13
C THR A 133 -16.45 0.09 1.89
N SER A 134 -15.40 0.89 1.80
CA SER A 134 -15.34 2.16 2.49
C SER A 134 -16.16 3.21 1.75
N GLY A 1 26.83 4.80 -4.76
CA GLY A 1 26.28 5.85 -3.88
C GLY A 1 24.94 5.45 -3.30
N SER A 2 24.66 5.91 -2.07
CA SER A 2 23.43 5.56 -1.37
C SER A 2 23.32 4.05 -1.19
N PRO A 3 24.10 3.48 -0.26
CA PRO A 3 24.15 2.04 -0.03
C PRO A 3 22.94 1.53 0.75
N GLU A 4 22.68 0.23 0.62
CA GLU A 4 21.56 -0.42 1.30
C GLU A 4 20.24 0.28 1.01
N PHE A 5 19.75 0.09 -0.21
CA PHE A 5 18.46 0.62 -0.61
C PHE A 5 17.35 -0.13 0.10
N HIS A 6 16.76 0.50 1.10
CA HIS A 6 15.66 -0.09 1.83
C HIS A 6 14.40 -0.03 1.00
N HIS A 7 13.63 -1.10 1.01
CA HIS A 7 12.45 -1.18 0.18
C HIS A 7 11.25 -0.60 0.89
N PHE A 8 10.25 -0.16 0.10
CA PHE A 8 9.00 0.37 0.62
C PHE A 8 9.26 1.56 1.54
N THR A 9 9.82 2.62 0.99
CA THR A 9 10.15 3.79 1.78
C THR A 9 9.34 5.00 1.31
N LEU A 10 9.91 6.18 1.46
CA LEU A 10 9.13 7.38 1.21
C LEU A 10 9.44 7.98 -0.16
N GLU A 11 10.68 8.48 -0.25
CA GLU A 11 11.26 8.94 -1.50
C GLU A 11 11.12 7.87 -2.58
N SER A 12 11.26 6.60 -2.24
CA SER A 12 11.20 5.53 -3.22
C SER A 12 9.89 5.55 -4.03
N SER A 13 8.88 6.26 -3.53
CA SER A 13 7.60 6.33 -4.22
C SER A 13 7.40 7.60 -5.04
N LEU A 14 8.15 8.67 -4.74
CA LEU A 14 7.76 10.02 -5.17
C LEU A 14 7.63 10.23 -6.68
N ASP A 15 8.40 9.45 -7.42
CA ASP A 15 8.31 9.47 -8.87
C ASP A 15 7.50 8.30 -9.37
N THR A 16 7.09 7.46 -8.44
CA THR A 16 6.45 6.22 -8.81
C THR A 16 5.07 6.07 -8.17
N HIS A 17 5.01 5.33 -7.06
CA HIS A 17 3.74 5.09 -6.37
C HIS A 17 3.10 6.41 -5.90
N LEU A 18 3.90 7.31 -5.34
CA LEU A 18 3.34 8.50 -4.71
C LEU A 18 3.57 9.77 -5.53
N LYS A 19 3.75 9.55 -6.83
CA LYS A 19 4.08 10.63 -7.76
C LYS A 19 2.95 11.65 -7.89
N TRP A 20 1.73 11.22 -7.59
CA TRP A 20 0.56 12.08 -7.72
C TRP A 20 0.53 13.12 -6.60
N LEU A 21 1.47 13.04 -5.67
CA LEU A 21 1.62 14.05 -4.64
C LEU A 21 2.29 15.29 -5.26
N SER A 22 1.83 16.44 -4.80
CA SER A 22 2.40 17.69 -5.27
C SER A 22 3.80 17.88 -4.67
N GLN A 23 4.61 18.78 -5.23
CA GLN A 23 5.95 19.00 -4.67
C GLN A 23 5.82 19.43 -3.21
N GLU A 24 4.93 20.38 -2.97
CA GLU A 24 4.66 20.85 -1.64
C GLU A 24 4.23 19.69 -0.74
N GLN A 25 3.53 18.71 -1.32
CA GLN A 25 3.13 17.53 -0.57
C GLN A 25 4.34 16.63 -0.33
N LYS A 26 5.15 16.40 -1.35
CA LYS A 26 6.36 15.60 -1.18
C LYS A 26 7.23 16.20 -0.08
N ASP A 27 7.44 17.50 -0.16
CA ASP A 27 8.20 18.24 0.84
C ASP A 27 7.47 18.24 2.19
N GLU A 28 6.15 18.16 2.19
CA GLU A 28 5.39 17.97 3.40
C GLU A 28 5.69 16.59 4.01
N LEU A 29 5.53 15.54 3.22
CA LEU A 29 5.70 14.17 3.67
C LEU A 29 7.14 13.90 4.10
N LEU A 30 8.10 14.39 3.32
CA LEU A 30 9.52 14.23 3.65
C LEU A 30 9.84 14.96 4.95
N LYS A 31 9.18 16.09 5.16
CA LYS A 31 9.35 16.90 6.35
C LYS A 31 8.92 16.11 7.58
N MET A 32 7.80 15.42 7.43
CA MET A 32 7.26 14.56 8.46
C MET A 32 8.30 13.54 8.95
N LYS A 33 8.86 12.78 8.01
CA LYS A 33 9.85 11.75 8.33
C LYS A 33 11.09 12.35 8.98
N LYS A 34 11.53 13.50 8.48
CA LYS A 34 12.75 14.13 8.96
C LYS A 34 12.54 14.79 10.32
N ASP A 35 11.30 15.07 10.67
CA ASP A 35 11.00 15.68 11.97
C ASP A 35 10.66 14.61 13.01
N GLY A 36 10.55 13.39 12.52
CA GLY A 36 10.37 12.26 13.41
C GLY A 36 8.91 11.91 13.61
N LYS A 37 8.08 12.29 12.66
CA LYS A 37 6.70 11.83 12.65
C LYS A 37 6.69 10.34 12.41
N ALA A 38 5.75 9.66 13.03
CA ALA A 38 5.64 8.21 12.93
C ALA A 38 5.10 7.82 11.57
N LYS A 39 5.40 6.60 11.12
CA LYS A 39 4.90 6.13 9.82
C LYS A 39 3.38 6.23 9.80
N LYS A 40 2.77 5.96 10.95
CA LYS A 40 1.32 6.06 11.12
C LYS A 40 0.81 7.46 10.73
N GLU A 41 1.69 8.46 10.81
CA GLU A 41 1.31 9.84 10.54
C GLU A 41 1.48 10.17 9.06
N LEU A 42 2.41 9.44 8.46
CA LEU A 42 2.60 9.46 7.03
C LEU A 42 1.45 8.73 6.35
N GLU A 43 1.12 7.57 6.90
CA GLU A 43 0.01 6.74 6.44
C GLU A 43 -1.30 7.53 6.51
N ALA A 44 -1.32 8.53 7.37
CA ALA A 44 -2.51 9.33 7.60
C ALA A 44 -2.58 10.55 6.69
N LYS A 45 -1.42 11.19 6.53
CA LYS A 45 -1.28 12.34 5.64
C LYS A 45 -1.68 11.98 4.21
N ILE A 46 -1.12 10.89 3.68
CA ILE A 46 -1.41 10.47 2.32
C ILE A 46 -2.87 10.06 2.19
N LEU A 47 -3.36 9.29 3.14
CA LEU A 47 -4.75 8.87 3.15
C LEU A 47 -5.71 10.06 3.20
N HIS A 48 -5.29 11.10 3.90
CA HIS A 48 -6.03 12.35 3.94
C HIS A 48 -6.10 12.97 2.54
N TYR A 49 -4.93 13.15 1.92
CA TYR A 49 -4.85 13.68 0.55
C TYR A 49 -5.67 12.83 -0.41
N TYR A 50 -5.51 11.53 -0.26
CA TYR A 50 -6.18 10.53 -1.06
C TYR A 50 -7.69 10.73 -1.07
N ASP A 51 -8.27 10.93 0.10
CA ASP A 51 -9.72 11.03 0.20
C ASP A 51 -10.21 12.37 -0.34
N GLU A 52 -9.33 13.37 -0.39
CA GLU A 52 -9.71 14.69 -0.87
C GLU A 52 -9.49 14.79 -2.39
N LEU A 53 -9.30 13.66 -3.05
CA LEU A 53 -9.07 13.65 -4.49
C LEU A 53 -10.34 13.89 -5.30
N GLU A 54 -10.26 13.54 -6.57
CA GLU A 54 -11.28 13.88 -7.56
C GLU A 54 -11.67 12.66 -8.39
N GLY A 55 -12.17 12.87 -9.59
CA GLY A 55 -12.61 11.76 -10.43
C GLY A 55 -11.47 10.84 -10.86
N ASP A 56 -10.79 11.19 -11.93
CA ASP A 56 -9.67 10.41 -12.43
C ASP A 56 -8.51 10.48 -11.46
N ALA A 57 -8.40 11.58 -10.73
CA ALA A 57 -7.31 11.76 -9.77
C ALA A 57 -7.32 10.64 -8.73
N LYS A 58 -8.51 10.37 -8.21
CA LYS A 58 -8.68 9.35 -7.19
C LYS A 58 -8.38 7.99 -7.79
N LYS A 59 -8.96 7.72 -8.96
CA LYS A 59 -8.72 6.47 -9.68
C LYS A 59 -7.23 6.26 -9.91
N GLU A 60 -6.55 7.30 -10.38
CA GLU A 60 -5.13 7.22 -10.68
C GLU A 60 -4.33 7.04 -9.42
N ALA A 61 -4.63 7.82 -8.38
CA ALA A 61 -3.92 7.67 -7.14
C ALA A 61 -4.15 6.27 -6.58
N THR A 62 -5.40 5.85 -6.52
CA THR A 62 -5.76 4.56 -6.00
C THR A 62 -5.00 3.43 -6.68
N GLU A 63 -4.91 3.51 -8.00
CA GLU A 63 -4.16 2.56 -8.81
C GLU A 63 -2.65 2.67 -8.56
N HIS A 64 -2.19 3.84 -8.15
CA HIS A 64 -0.77 4.00 -7.83
C HIS A 64 -0.49 3.39 -6.47
N LEU A 65 -1.32 3.72 -5.50
CA LEU A 65 -1.29 3.10 -4.20
C LEU A 65 -1.48 1.59 -4.30
N LYS A 66 -2.27 1.14 -5.28
CA LYS A 66 -2.43 -0.29 -5.52
C LYS A 66 -1.10 -0.91 -5.88
N GLY A 67 -0.46 -0.38 -6.92
CA GLY A 67 0.86 -0.85 -7.30
C GLY A 67 1.83 -0.77 -6.14
N GLY A 68 1.71 0.28 -5.33
CA GLY A 68 2.51 0.41 -4.12
C GLY A 68 2.32 -0.76 -3.18
N CYS A 69 1.06 -1.04 -2.86
CA CYS A 69 0.74 -2.15 -1.97
C CYS A 69 1.02 -3.48 -2.67
N ARG A 70 0.92 -3.47 -3.99
CA ARG A 70 1.20 -4.66 -4.78
C ARG A 70 2.70 -5.00 -4.72
N GLU A 71 3.51 -4.06 -4.30
CA GLU A 71 4.91 -4.33 -4.07
C GLU A 71 5.14 -4.76 -2.62
N ILE A 72 4.44 -4.11 -1.70
CA ILE A 72 4.56 -4.44 -0.28
C ILE A 72 3.87 -5.75 0.03
N LEU A 73 2.55 -5.73 0.00
CA LEU A 73 1.74 -6.84 0.48
C LEU A 73 2.02 -8.09 -0.33
N LYS A 74 2.07 -7.91 -1.64
CA LYS A 74 2.32 -9.05 -2.51
C LYS A 74 3.54 -9.82 -2.01
N HIS A 75 4.74 -9.34 -2.33
CA HIS A 75 5.99 -9.79 -1.69
C HIS A 75 5.87 -10.14 -0.20
N VAL A 76 5.03 -9.43 0.55
CA VAL A 76 4.98 -9.61 2.00
C VAL A 76 4.35 -10.96 2.38
N VAL A 77 3.28 -11.36 1.72
CA VAL A 77 2.83 -12.76 1.80
C VAL A 77 3.71 -13.59 0.87
N GLY A 78 4.28 -12.97 -0.14
CA GLY A 78 5.19 -13.67 -1.03
C GLY A 78 4.66 -13.75 -2.43
N GLU A 79 5.56 -13.88 -3.40
CA GLU A 79 5.18 -14.00 -4.79
C GLU A 79 4.26 -15.21 -4.98
N GLU A 80 4.62 -16.31 -4.33
CA GLU A 80 3.81 -17.52 -4.30
C GLU A 80 2.33 -17.20 -4.15
N LYS A 81 2.00 -16.65 -2.98
CA LYS A 81 0.62 -16.42 -2.58
C LYS A 81 -0.03 -15.33 -3.42
N ALA A 82 0.68 -14.25 -3.65
CA ALA A 82 0.13 -13.13 -4.39
C ALA A 82 -0.08 -13.49 -5.85
N ALA A 83 0.67 -14.48 -6.33
CA ALA A 83 0.50 -15.00 -7.67
C ALA A 83 -0.78 -15.81 -7.74
N GLU A 84 -1.10 -16.49 -6.65
CA GLU A 84 -2.31 -17.28 -6.55
C GLU A 84 -3.52 -16.38 -6.54
N LEU A 85 -3.37 -15.22 -5.91
CA LEU A 85 -4.42 -14.22 -5.85
C LEU A 85 -4.52 -13.48 -7.19
N LYS A 86 -3.38 -13.34 -7.85
CA LYS A 86 -3.35 -12.74 -9.18
C LYS A 86 -4.12 -13.60 -10.17
N ASN A 87 -3.77 -14.88 -10.22
CA ASN A 87 -4.44 -15.81 -11.11
C ASN A 87 -5.88 -15.99 -10.66
N LEU A 88 -6.11 -15.97 -9.35
CA LEU A 88 -7.45 -16.12 -8.82
C LEU A 88 -8.34 -15.01 -9.36
N LYS A 89 -7.80 -13.79 -9.34
CA LYS A 89 -8.53 -12.62 -9.83
C LYS A 89 -9.00 -12.83 -11.27
N ASP A 90 -8.06 -13.15 -12.16
CA ASP A 90 -8.36 -13.32 -13.57
C ASP A 90 -9.15 -14.61 -13.84
N SER A 91 -9.05 -15.55 -12.91
CA SER A 91 -9.80 -16.80 -13.01
C SER A 91 -11.24 -16.57 -12.60
N GLY A 92 -11.49 -15.45 -11.96
CA GLY A 92 -12.83 -15.07 -11.60
C GLY A 92 -13.03 -14.98 -10.10
N ALA A 93 -12.04 -14.45 -9.40
CA ALA A 93 -12.20 -14.24 -7.97
C ALA A 93 -12.91 -12.92 -7.76
N SER A 94 -13.99 -13.00 -7.00
CA SER A 94 -14.77 -11.85 -6.66
C SER A 94 -14.04 -10.99 -5.65
N LYS A 95 -14.65 -9.90 -5.24
CA LYS A 95 -14.08 -9.05 -4.21
C LYS A 95 -13.92 -9.86 -2.92
N GLU A 96 -14.74 -10.90 -2.78
CA GLU A 96 -14.78 -11.69 -1.56
C GLU A 96 -13.77 -12.83 -1.57
N GLU A 97 -13.61 -13.53 -2.70
CA GLU A 97 -12.63 -14.59 -2.84
C GLU A 97 -11.24 -14.04 -2.65
N LEU A 98 -11.03 -12.83 -3.12
CA LEU A 98 -9.80 -12.14 -2.81
C LEU A 98 -9.88 -11.72 -1.35
N LYS A 99 -10.97 -11.19 -0.87
CA LYS A 99 -10.97 -10.58 0.45
C LYS A 99 -10.75 -11.64 1.51
N ALA A 100 -11.44 -12.73 1.35
CA ALA A 100 -11.40 -13.79 2.31
C ALA A 100 -10.12 -14.60 2.21
N LYS A 101 -9.83 -15.09 1.00
CA LYS A 101 -8.64 -15.91 0.80
C LYS A 101 -7.34 -15.17 1.14
N VAL A 102 -7.40 -13.84 1.11
CA VAL A 102 -6.27 -12.99 1.47
C VAL A 102 -6.05 -13.02 2.99
N GLU A 103 -7.13 -13.09 3.75
CA GLU A 103 -7.04 -13.10 5.20
C GLU A 103 -6.40 -14.39 5.69
N GLU A 104 -6.49 -15.44 4.90
CA GLU A 104 -5.82 -16.70 5.20
C GLU A 104 -4.37 -16.60 4.75
N ALA A 105 -4.17 -15.91 3.65
CA ALA A 105 -2.85 -15.66 3.10
C ALA A 105 -2.01 -14.85 4.08
N LEU A 106 -2.53 -13.69 4.45
CA LEU A 106 -1.85 -12.79 5.37
C LEU A 106 -1.86 -13.34 6.79
N HIS A 107 -2.55 -14.44 6.99
CA HIS A 107 -2.49 -15.13 8.26
C HIS A 107 -1.29 -16.07 8.23
N ALA A 108 -1.18 -16.82 7.15
CA ALA A 108 -0.23 -17.92 7.03
C ALA A 108 1.23 -17.45 7.00
N VAL A 109 1.46 -16.14 6.88
CA VAL A 109 2.80 -15.64 6.73
C VAL A 109 3.59 -15.78 8.05
N THR A 110 3.22 -15.01 9.06
CA THR A 110 3.73 -15.14 10.43
C THR A 110 5.20 -14.73 10.55
N ASP A 111 5.76 -14.15 9.50
CA ASP A 111 7.06 -13.52 9.60
C ASP A 111 6.89 -12.09 10.09
N GLU A 112 7.64 -11.76 11.12
CA GLU A 112 7.38 -10.57 11.94
C GLU A 112 7.36 -9.28 11.12
N GLU A 113 8.44 -9.03 10.39
CA GLU A 113 8.57 -7.82 9.59
C GLU A 113 7.44 -7.75 8.56
N LYS A 114 7.11 -8.89 7.98
CA LYS A 114 6.03 -9.00 7.01
C LYS A 114 4.69 -8.59 7.62
N LYS A 115 4.42 -9.08 8.82
CA LYS A 115 3.16 -8.78 9.49
C LYS A 115 3.15 -7.37 10.07
N GLN A 116 4.33 -6.76 10.10
CA GLN A 116 4.43 -5.33 10.40
C GLN A 116 3.77 -4.54 9.29
N TYR A 117 3.96 -4.97 8.06
CA TYR A 117 3.32 -4.33 6.91
C TYR A 117 1.86 -4.72 6.85
N ILE A 118 1.54 -5.90 7.36
CA ILE A 118 0.16 -6.35 7.42
C ILE A 118 -0.64 -5.50 8.42
N ALA A 119 -0.03 -5.18 9.56
CA ALA A 119 -0.66 -4.30 10.55
C ALA A 119 -0.63 -2.86 10.06
N ASP A 120 0.48 -2.46 9.48
CA ASP A 120 0.63 -1.07 9.03
C ASP A 120 -0.14 -0.79 7.76
N PHE A 121 0.15 -1.55 6.72
CA PHE A 121 -0.37 -1.25 5.41
C PHE A 121 -1.63 -2.05 5.11
N GLY A 122 -1.78 -3.20 5.77
CA GLY A 122 -2.90 -4.09 5.48
C GLY A 122 -4.27 -3.41 5.45
N PRO A 123 -4.75 -2.87 6.59
CA PRO A 123 -6.07 -2.24 6.68
C PRO A 123 -6.28 -1.12 5.65
N ALA A 124 -5.31 -0.22 5.58
CA ALA A 124 -5.38 0.89 4.63
C ALA A 124 -5.28 0.41 3.19
N CYS A 125 -4.55 -0.67 2.99
CA CYS A 125 -4.47 -1.34 1.69
C CYS A 125 -5.84 -1.84 1.27
N LYS A 126 -6.68 -2.17 2.24
CA LYS A 126 -8.02 -2.66 1.95
C LYS A 126 -8.87 -1.62 1.21
N LYS A 127 -8.82 -0.35 1.67
CA LYS A 127 -9.49 0.72 0.92
C LYS A 127 -8.74 0.96 -0.38
N ILE A 128 -7.44 0.74 -0.38
CA ILE A 128 -6.63 0.94 -1.58
C ILE A 128 -7.02 -0.02 -2.70
N TYR A 129 -7.15 -1.27 -2.27
CA TYR A 129 -7.65 -2.41 -3.04
C TYR A 129 -9.17 -2.38 -3.10
N GLY A 130 -9.74 -1.19 -2.91
CA GLY A 130 -11.04 -0.91 -2.27
C GLY A 130 -12.03 -2.05 -2.02
N VAL A 131 -11.51 -3.24 -1.78
CA VAL A 131 -12.29 -4.36 -1.26
C VAL A 131 -12.98 -3.98 0.05
N HIS A 132 -12.43 -2.98 0.73
CA HIS A 132 -13.04 -2.46 1.95
C HIS A 132 -14.41 -1.89 1.65
N THR A 133 -15.43 -2.39 2.33
CA THR A 133 -16.78 -1.94 2.10
C THR A 133 -17.00 -0.53 2.68
N SER A 134 -16.81 0.47 1.83
CA SER A 134 -17.00 1.84 2.22
C SER A 134 -18.49 2.19 2.20
N GLY A 1 7.45 -0.16 12.85
CA GLY A 1 8.92 -0.11 12.71
C GLY A 1 9.37 1.04 11.84
N SER A 2 10.67 1.27 11.78
CA SER A 2 11.23 2.35 10.98
C SER A 2 11.88 1.78 9.72
N PRO A 3 11.70 2.45 8.56
CA PRO A 3 12.27 2.01 7.29
C PRO A 3 13.77 2.29 7.20
N GLU A 4 14.51 1.84 8.21
CA GLU A 4 15.96 2.02 8.26
C GLU A 4 16.62 1.34 7.06
N PHE A 5 16.16 0.15 6.75
CA PHE A 5 16.70 -0.63 5.65
C PHE A 5 16.09 -0.22 4.32
N HIS A 6 15.43 0.94 4.31
CA HIS A 6 14.79 1.49 3.11
C HIS A 6 13.85 0.47 2.47
N HIS A 7 14.07 0.16 1.19
CA HIS A 7 13.20 -0.74 0.42
C HIS A 7 11.85 -0.08 0.14
N PHE A 8 11.17 0.34 1.19
CA PHE A 8 9.92 1.05 1.06
C PHE A 8 10.01 2.41 1.77
N THR A 9 10.26 3.44 1.01
CA THR A 9 10.36 4.80 1.54
C THR A 9 9.56 5.76 0.69
N LEU A 10 9.15 6.87 1.29
CA LEU A 10 8.34 7.86 0.57
C LEU A 10 9.15 8.61 -0.47
N GLU A 11 10.45 8.78 -0.23
CA GLU A 11 11.35 9.22 -1.29
C GLU A 11 11.32 8.17 -2.39
N SER A 12 11.47 6.90 -2.08
CA SER A 12 11.47 5.86 -3.11
C SER A 12 10.19 5.89 -3.97
N SER A 13 9.14 6.54 -3.48
CA SER A 13 7.89 6.61 -4.22
C SER A 13 7.69 7.92 -5.00
N LEU A 14 8.38 9.00 -4.62
CA LEU A 14 8.04 10.35 -5.08
C LEU A 14 7.90 10.52 -6.60
N ASP A 15 8.78 9.80 -7.29
CA ASP A 15 8.79 9.79 -8.75
C ASP A 15 7.91 8.70 -9.27
N THR A 16 7.46 7.83 -8.41
CA THR A 16 6.75 6.66 -8.83
C THR A 16 5.36 6.55 -8.18
N HIS A 17 5.27 5.76 -7.13
CA HIS A 17 3.99 5.52 -6.46
C HIS A 17 3.35 6.82 -5.97
N LEU A 18 4.15 7.73 -5.43
CA LEU A 18 3.60 8.90 -4.76
C LEU A 18 3.77 10.18 -5.58
N LYS A 19 3.95 9.98 -6.89
CA LYS A 19 4.25 11.07 -7.80
C LYS A 19 3.06 12.01 -7.99
N TRP A 20 1.87 11.53 -7.64
CA TRP A 20 0.65 12.31 -7.75
C TRP A 20 0.55 13.34 -6.62
N LEU A 21 1.48 13.28 -5.67
CA LEU A 21 1.57 14.30 -4.63
C LEU A 21 2.17 15.55 -5.25
N SER A 22 1.62 16.69 -4.82
CA SER A 22 2.14 17.97 -5.30
C SER A 22 3.49 18.27 -4.63
N GLN A 23 4.30 19.14 -5.21
CA GLN A 23 5.63 19.41 -4.64
C GLN A 23 5.51 19.81 -3.17
N GLU A 24 4.60 20.74 -2.88
CA GLU A 24 4.38 21.20 -1.54
C GLU A 24 3.98 20.02 -0.64
N GLN A 25 3.27 19.05 -1.20
CA GLN A 25 2.85 17.87 -0.45
C GLN A 25 4.06 16.97 -0.21
N LYS A 26 4.86 16.74 -1.24
CA LYS A 26 6.07 15.94 -1.10
C LYS A 26 6.95 16.50 0.00
N ASP A 27 7.15 17.81 -0.05
CA ASP A 27 7.95 18.54 0.94
C ASP A 27 7.28 18.51 2.31
N GLU A 28 5.96 18.46 2.35
CA GLU A 28 5.23 18.23 3.58
C GLU A 28 5.57 16.85 4.16
N LEU A 29 5.41 15.81 3.34
CA LEU A 29 5.64 14.44 3.79
C LEU A 29 7.09 14.23 4.22
N LEU A 30 8.02 14.76 3.43
CA LEU A 30 9.44 14.65 3.73
C LEU A 30 9.79 15.33 5.05
N LYS A 31 9.13 16.46 5.32
CA LYS A 31 9.36 17.21 6.55
C LYS A 31 8.94 16.39 7.75
N MET A 32 7.81 15.72 7.63
CA MET A 32 7.34 14.85 8.70
C MET A 32 8.30 13.71 8.98
N LYS A 33 8.71 12.98 7.94
CA LYS A 33 9.63 11.86 8.10
C LYS A 33 10.94 12.32 8.74
N LYS A 34 11.43 13.48 8.31
CA LYS A 34 12.69 14.01 8.82
C LYS A 34 12.56 14.57 10.23
N ASP A 35 11.39 15.10 10.56
CA ASP A 35 11.19 15.72 11.88
C ASP A 35 10.92 14.65 12.94
N GLY A 36 10.95 13.41 12.47
CA GLY A 36 10.85 12.29 13.37
C GLY A 36 9.42 11.86 13.61
N LYS A 37 8.55 12.28 12.71
CA LYS A 37 7.17 11.85 12.76
C LYS A 37 7.12 10.37 12.42
N ALA A 38 6.15 9.70 12.97
CA ALA A 38 6.00 8.26 12.76
C ALA A 38 5.57 7.99 11.32
N LYS A 39 5.93 6.82 10.82
CA LYS A 39 5.50 6.41 9.50
C LYS A 39 3.97 6.39 9.45
N LYS A 40 3.35 6.05 10.59
CA LYS A 40 1.90 6.06 10.73
C LYS A 40 1.33 7.44 10.40
N GLU A 41 2.15 8.47 10.49
CA GLU A 41 1.70 9.83 10.22
C GLU A 41 1.75 10.12 8.73
N LEU A 42 2.62 9.36 8.09
CA LEU A 42 2.77 9.42 6.64
C LEU A 42 1.66 8.65 5.93
N GLU A 43 1.34 7.46 6.45
CA GLU A 43 0.21 6.68 5.93
C GLU A 43 -1.10 7.40 6.19
N ALA A 44 -1.07 8.36 7.11
CA ALA A 44 -2.27 9.09 7.47
C ALA A 44 -2.46 10.32 6.60
N LYS A 45 -1.35 11.00 6.35
CA LYS A 45 -1.34 12.16 5.49
C LYS A 45 -1.69 11.77 4.05
N ILE A 46 -1.06 10.70 3.56
CA ILE A 46 -1.28 10.24 2.19
C ILE A 46 -2.68 9.68 2.04
N LEU A 47 -3.11 8.88 3.00
CA LEU A 47 -4.45 8.32 2.98
C LEU A 47 -5.50 9.41 3.00
N HIS A 48 -5.23 10.48 3.73
CA HIS A 48 -6.12 11.64 3.74
C HIS A 48 -6.15 12.29 2.36
N TYR A 49 -4.96 12.56 1.80
CA TYR A 49 -4.86 13.13 0.45
C TYR A 49 -5.57 12.26 -0.56
N TYR A 50 -5.39 10.96 -0.39
CA TYR A 50 -6.01 9.96 -1.24
C TYR A 50 -7.53 10.05 -1.19
N ASP A 51 -8.07 10.15 0.00
CA ASP A 51 -9.52 10.09 0.19
C ASP A 51 -10.19 11.41 -0.21
N GLU A 52 -9.40 12.48 -0.31
CA GLU A 52 -9.92 13.77 -0.71
C GLU A 52 -9.65 14.05 -2.20
N LEU A 53 -9.23 13.03 -2.94
CA LEU A 53 -8.87 13.19 -4.33
C LEU A 53 -10.08 13.51 -5.22
N GLU A 54 -9.89 13.32 -6.51
CA GLU A 54 -10.84 13.77 -7.52
C GLU A 54 -11.39 12.57 -8.27
N GLY A 55 -11.68 12.74 -9.55
CA GLY A 55 -12.17 11.64 -10.36
C GLY A 55 -11.06 10.73 -10.82
N ASP A 56 -10.42 11.09 -11.93
CA ASP A 56 -9.35 10.25 -12.49
C ASP A 56 -8.09 10.38 -11.65
N ALA A 57 -7.96 11.47 -10.90
CA ALA A 57 -6.84 11.64 -9.98
C ALA A 57 -6.85 10.51 -8.97
N LYS A 58 -8.04 10.25 -8.44
CA LYS A 58 -8.23 9.20 -7.45
C LYS A 58 -7.91 7.86 -8.07
N LYS A 59 -8.48 7.60 -9.25
CA LYS A 59 -8.22 6.37 -9.98
C LYS A 59 -6.71 6.18 -10.20
N GLU A 60 -6.02 7.24 -10.60
CA GLU A 60 -4.60 7.20 -10.87
C GLU A 60 -3.82 6.99 -9.58
N ALA A 61 -4.13 7.75 -8.56
CA ALA A 61 -3.44 7.58 -7.29
C ALA A 61 -3.67 6.18 -6.77
N THR A 62 -4.94 5.76 -6.76
CA THR A 62 -5.30 4.42 -6.32
C THR A 62 -4.44 3.35 -6.98
N GLU A 63 -4.30 3.47 -8.31
CA GLU A 63 -3.48 2.57 -9.09
C GLU A 63 -2.00 2.70 -8.77
N HIS A 64 -1.58 3.87 -8.29
CA HIS A 64 -0.19 4.07 -7.93
C HIS A 64 0.09 3.49 -6.55
N LEU A 65 -0.78 3.79 -5.60
CA LEU A 65 -0.75 3.16 -4.30
C LEU A 65 -0.91 1.65 -4.42
N LYS A 66 -1.69 1.22 -5.41
CA LYS A 66 -1.82 -0.20 -5.71
C LYS A 66 -0.46 -0.77 -6.06
N GLY A 67 0.19 -0.19 -7.07
CA GLY A 67 1.54 -0.61 -7.43
C GLY A 67 2.50 -0.55 -6.26
N GLY A 68 2.38 0.49 -5.44
CA GLY A 68 3.17 0.58 -4.23
C GLY A 68 2.94 -0.58 -3.29
N CYS A 69 1.67 -0.84 -3.00
CA CYS A 69 1.29 -1.94 -2.13
C CYS A 69 1.53 -3.28 -2.82
N ARG A 70 1.57 -3.25 -4.14
CA ARG A 70 1.90 -4.42 -4.96
C ARG A 70 3.32 -4.86 -4.68
N GLU A 71 4.16 -3.93 -4.26
CA GLU A 71 5.52 -4.24 -3.90
C GLU A 71 5.61 -4.55 -2.42
N ILE A 72 4.72 -3.95 -1.63
CA ILE A 72 4.73 -4.19 -0.20
C ILE A 72 3.93 -5.43 0.17
N LEU A 73 2.61 -5.32 0.11
CA LEU A 73 1.72 -6.34 0.65
C LEU A 73 1.76 -7.58 -0.21
N LYS A 74 1.63 -7.38 -1.52
CA LYS A 74 1.67 -8.50 -2.43
C LYS A 74 2.88 -9.38 -2.10
N HIS A 75 4.07 -8.94 -2.51
CA HIS A 75 5.34 -9.51 -2.02
C HIS A 75 5.35 -9.95 -0.54
N VAL A 76 4.65 -9.25 0.34
CA VAL A 76 4.78 -9.51 1.76
C VAL A 76 4.05 -10.79 2.21
N VAL A 77 2.90 -11.09 1.61
CA VAL A 77 2.35 -12.46 1.70
C VAL A 77 3.08 -13.30 0.66
N GLY A 78 3.69 -12.65 -0.30
CA GLY A 78 4.48 -13.34 -1.27
C GLY A 78 3.76 -13.45 -2.59
N GLU A 79 4.53 -13.69 -3.64
CA GLU A 79 3.98 -13.83 -4.97
C GLU A 79 3.21 -15.16 -5.08
N GLU A 80 3.28 -15.96 -4.04
CA GLU A 80 2.46 -17.17 -3.94
C GLU A 80 0.99 -16.81 -3.78
N LYS A 81 0.67 -16.27 -2.61
CA LYS A 81 -0.71 -16.08 -2.22
C LYS A 81 -1.39 -15.01 -3.04
N ALA A 82 -0.67 -13.92 -3.28
CA ALA A 82 -1.21 -12.82 -4.07
C ALA A 82 -1.54 -13.28 -5.48
N ALA A 83 -0.77 -14.24 -5.97
CA ALA A 83 -1.01 -14.81 -7.28
C ALA A 83 -2.35 -15.55 -7.29
N GLU A 84 -2.59 -16.29 -6.22
CA GLU A 84 -3.81 -17.07 -6.09
C GLU A 84 -5.02 -16.15 -5.93
N LEU A 85 -4.80 -15.00 -5.28
CA LEU A 85 -5.84 -14.02 -5.07
C LEU A 85 -6.13 -13.25 -6.35
N LYS A 86 -5.09 -12.93 -7.10
CA LYS A 86 -5.24 -12.23 -8.36
C LYS A 86 -5.93 -13.14 -9.37
N ASN A 87 -5.53 -14.42 -9.38
CA ASN A 87 -6.16 -15.40 -10.25
C ASN A 87 -7.57 -15.68 -9.76
N LEU A 88 -7.79 -15.57 -8.46
CA LEU A 88 -9.12 -15.74 -7.91
C LEU A 88 -10.03 -14.66 -8.47
N LYS A 89 -9.59 -13.42 -8.34
CA LYS A 89 -10.33 -12.27 -8.85
C LYS A 89 -10.64 -12.46 -10.35
N ASP A 90 -9.62 -12.76 -11.14
CA ASP A 90 -9.76 -12.92 -12.58
C ASP A 90 -10.62 -14.13 -12.95
N SER A 91 -10.65 -15.16 -12.11
CA SER A 91 -11.47 -16.33 -12.40
C SER A 91 -12.92 -16.10 -11.95
N GLY A 92 -13.15 -15.00 -11.28
CA GLY A 92 -14.49 -14.63 -10.88
C GLY A 92 -14.72 -14.77 -9.39
N ALA A 93 -13.75 -14.34 -8.60
CA ALA A 93 -13.94 -14.28 -7.17
C ALA A 93 -14.55 -12.95 -6.80
N SER A 94 -15.48 -13.04 -5.89
CA SER A 94 -16.11 -11.88 -5.29
C SER A 94 -15.12 -11.24 -4.32
N LYS A 95 -15.31 -9.97 -4.04
CA LYS A 95 -14.44 -9.27 -3.10
C LYS A 95 -14.57 -9.86 -1.70
N GLU A 96 -15.54 -10.75 -1.53
CA GLU A 96 -15.71 -11.49 -0.28
C GLU A 96 -14.71 -12.64 -0.22
N GLU A 97 -14.54 -13.32 -1.34
CA GLU A 97 -13.59 -14.42 -1.48
C GLU A 97 -12.19 -13.87 -1.39
N LEU A 98 -12.04 -12.65 -1.86
CA LEU A 98 -10.82 -11.91 -1.59
C LEU A 98 -10.86 -11.54 -0.12
N LYS A 99 -11.94 -11.04 0.41
CA LYS A 99 -11.90 -10.47 1.76
C LYS A 99 -11.59 -11.54 2.79
N ALA A 100 -12.12 -12.71 2.54
CA ALA A 100 -11.98 -13.81 3.46
C ALA A 100 -10.73 -14.63 3.20
N LYS A 101 -10.57 -15.09 1.95
CA LYS A 101 -9.45 -15.96 1.61
C LYS A 101 -8.09 -15.25 1.76
N VAL A 102 -8.13 -13.92 1.75
CA VAL A 102 -6.95 -13.11 1.98
C VAL A 102 -6.44 -13.32 3.41
N GLU A 103 -7.36 -13.33 4.36
CA GLU A 103 -6.98 -13.47 5.76
C GLU A 103 -6.33 -14.82 6.02
N GLU A 104 -6.64 -15.81 5.18
CA GLU A 104 -5.99 -17.11 5.27
C GLU A 104 -4.53 -16.98 4.89
N ALA A 105 -4.28 -16.19 3.85
CA ALA A 105 -2.93 -15.98 3.37
C ALA A 105 -2.14 -15.10 4.34
N LEU A 106 -2.74 -13.98 4.73
CA LEU A 106 -2.12 -13.03 5.62
C LEU A 106 -2.06 -13.52 7.06
N HIS A 107 -2.68 -14.67 7.32
CA HIS A 107 -2.49 -15.37 8.59
C HIS A 107 -1.33 -16.36 8.45
N ALA A 108 -1.29 -17.07 7.33
CA ALA A 108 -0.32 -18.15 7.14
C ALA A 108 1.12 -17.65 7.16
N VAL A 109 1.30 -16.35 7.04
CA VAL A 109 2.61 -15.75 7.02
C VAL A 109 3.19 -15.70 8.43
N THR A 110 4.49 -15.90 8.54
CA THR A 110 5.12 -15.93 9.85
C THR A 110 6.48 -15.25 9.87
N ASP A 111 6.88 -14.64 8.78
CA ASP A 111 8.07 -13.81 8.79
C ASP A 111 7.73 -12.43 9.32
N GLU A 112 8.37 -12.09 10.43
CA GLU A 112 7.97 -10.98 11.27
C GLU A 112 7.91 -9.66 10.54
N GLU A 113 8.94 -9.37 9.76
CA GLU A 113 8.98 -8.15 8.96
C GLU A 113 7.76 -8.07 8.05
N LYS A 114 7.38 -9.21 7.48
CA LYS A 114 6.22 -9.29 6.60
C LYS A 114 4.93 -8.95 7.34
N LYS A 115 4.76 -9.50 8.53
CA LYS A 115 3.53 -9.29 9.29
C LYS A 115 3.46 -7.88 9.88
N GLN A 116 4.62 -7.24 9.92
CA GLN A 116 4.71 -5.84 10.31
C GLN A 116 4.03 -4.97 9.24
N TYR A 117 4.18 -5.33 7.97
CA TYR A 117 3.55 -4.57 6.89
C TYR A 117 2.08 -4.98 6.76
N ILE A 118 1.78 -6.19 7.19
CA ILE A 118 0.40 -6.66 7.20
C ILE A 118 -0.44 -5.86 8.19
N ALA A 119 0.13 -5.59 9.34
CA ALA A 119 -0.49 -4.72 10.33
C ALA A 119 -0.44 -3.27 9.86
N ASP A 120 0.68 -2.91 9.24
CA ASP A 120 0.92 -1.53 8.86
C ASP A 120 0.08 -1.12 7.65
N PHE A 121 0.28 -1.82 6.56
CA PHE A 121 -0.32 -1.45 5.28
C PHE A 121 -1.59 -2.26 5.01
N GLY A 122 -1.69 -3.43 5.61
CA GLY A 122 -2.81 -4.35 5.31
C GLY A 122 -4.19 -3.68 5.23
N PRO A 123 -4.71 -3.16 6.35
CA PRO A 123 -6.05 -2.56 6.41
C PRO A 123 -6.21 -1.37 5.46
N ALA A 124 -5.11 -0.68 5.18
CA ALA A 124 -5.15 0.48 4.31
C ALA A 124 -5.07 0.06 2.85
N CYS A 125 -4.34 -1.01 2.59
CA CYS A 125 -4.35 -1.65 1.28
C CYS A 125 -5.77 -2.04 0.88
N LYS A 126 -6.60 -2.36 1.86
CA LYS A 126 -7.99 -2.70 1.59
C LYS A 126 -8.71 -1.61 0.79
N LYS A 127 -8.64 -0.36 1.26
CA LYS A 127 -9.25 0.75 0.52
C LYS A 127 -8.47 0.98 -0.78
N ILE A 128 -7.18 0.68 -0.76
CA ILE A 128 -6.35 0.87 -1.95
C ILE A 128 -6.77 -0.04 -3.10
N TYR A 129 -7.01 -1.29 -2.71
CA TYR A 129 -7.54 -2.35 -3.55
C TYR A 129 -9.07 -2.29 -3.57
N GLY A 130 -9.59 -1.08 -3.28
CA GLY A 130 -10.86 -0.78 -2.61
C GLY A 130 -11.95 -1.86 -2.49
N VAL A 131 -11.55 -3.10 -2.39
CA VAL A 131 -12.43 -4.19 -1.99
C VAL A 131 -12.88 -4.04 -0.53
N HIS A 132 -13.59 -2.96 -0.22
CA HIS A 132 -14.01 -2.68 1.14
C HIS A 132 -15.45 -2.19 1.19
N THR A 133 -15.90 -1.83 2.39
CA THR A 133 -17.26 -1.34 2.60
C THR A 133 -18.27 -2.47 2.37
N SER A 134 -17.95 -3.62 2.93
CA SER A 134 -18.84 -4.78 2.90
C SER A 134 -18.46 -5.74 4.03
N GLY A 1 21.80 7.93 11.18
CA GLY A 1 21.46 8.82 10.05
C GLY A 1 20.00 8.69 9.65
N SER A 2 19.58 9.49 8.70
CA SER A 2 18.20 9.48 8.24
C SER A 2 17.98 8.31 7.29
N PRO A 3 16.98 7.46 7.55
CA PRO A 3 16.63 6.32 6.69
C PRO A 3 15.90 6.77 5.43
N GLU A 4 16.62 7.40 4.52
CA GLU A 4 16.03 7.90 3.28
C GLU A 4 15.64 6.74 2.38
N PHE A 5 16.34 5.62 2.51
CA PHE A 5 15.99 4.41 1.78
C PHE A 5 16.34 3.18 2.60
N HIS A 6 15.45 2.82 3.51
CA HIS A 6 15.64 1.61 4.31
C HIS A 6 15.25 0.39 3.48
N HIS A 7 14.08 0.46 2.85
CA HIS A 7 13.65 -0.55 1.90
C HIS A 7 12.40 -0.07 1.17
N PHE A 8 11.35 0.17 1.94
CA PHE A 8 10.09 0.66 1.38
C PHE A 8 9.80 2.05 1.92
N THR A 9 10.66 3.00 1.62
CA THR A 9 10.48 4.37 2.08
C THR A 9 9.57 5.16 1.14
N LEU A 10 9.07 6.29 1.62
CA LEU A 10 8.15 7.11 0.84
C LEU A 10 8.85 7.81 -0.32
N GLU A 11 10.15 8.05 -0.16
CA GLU A 11 10.99 8.47 -1.27
C GLU A 11 10.92 7.40 -2.34
N SER A 12 11.05 6.13 -1.99
CA SER A 12 11.05 5.07 -2.99
C SER A 12 9.79 5.08 -3.88
N SER A 13 8.73 5.76 -3.46
CA SER A 13 7.51 5.82 -4.25
C SER A 13 7.33 7.10 -5.07
N LEU A 14 8.05 8.17 -4.72
CA LEU A 14 7.67 9.54 -5.14
C LEU A 14 7.54 9.79 -6.64
N ASP A 15 8.28 9.01 -7.41
CA ASP A 15 8.19 9.09 -8.86
C ASP A 15 7.46 7.90 -9.43
N THR A 16 6.94 7.06 -8.57
CA THR A 16 6.20 5.90 -9.00
C THR A 16 4.81 5.84 -8.36
N HIS A 17 4.71 5.10 -7.28
CA HIS A 17 3.43 4.91 -6.59
C HIS A 17 2.87 6.23 -6.08
N LEU A 18 3.72 7.10 -5.55
CA LEU A 18 3.24 8.30 -4.88
C LEU A 18 3.50 9.57 -5.69
N LYS A 19 3.64 9.38 -7.00
CA LYS A 19 3.98 10.47 -7.91
C LYS A 19 2.81 11.41 -8.12
N TRP A 20 1.62 10.96 -7.74
CA TRP A 20 0.40 11.76 -7.87
C TRP A 20 0.35 12.83 -6.77
N LEU A 21 1.26 12.74 -5.81
CA LEU A 21 1.39 13.77 -4.80
C LEU A 21 2.04 15.00 -5.42
N SER A 22 1.62 16.15 -4.93
CA SER A 22 2.21 17.40 -5.37
C SER A 22 3.54 17.61 -4.64
N GLN A 23 4.43 18.43 -5.19
CA GLN A 23 5.75 18.63 -4.59
C GLN A 23 5.59 19.04 -3.13
N GLU A 24 4.71 20.01 -2.87
CA GLU A 24 4.45 20.47 -1.54
C GLU A 24 4.02 19.31 -0.64
N GLN A 25 3.21 18.39 -1.18
CA GLN A 25 2.73 17.25 -0.41
C GLN A 25 3.87 16.27 -0.15
N LYS A 26 4.72 16.06 -1.14
CA LYS A 26 5.87 15.19 -0.98
C LYS A 26 6.79 15.74 0.10
N ASP A 27 7.05 17.04 0.02
CA ASP A 27 7.89 17.74 0.98
C ASP A 27 7.24 17.78 2.36
N GLU A 28 5.91 17.72 2.44
CA GLU A 28 5.23 17.51 3.69
C GLU A 28 5.60 16.16 4.29
N LEU A 29 5.40 15.09 3.53
CA LEU A 29 5.70 13.75 4.01
C LEU A 29 7.17 13.59 4.34
N LEU A 30 8.03 14.11 3.49
CA LEU A 30 9.47 14.05 3.73
C LEU A 30 9.81 14.79 5.02
N LYS A 31 9.16 15.93 5.22
CA LYS A 31 9.32 16.71 6.44
C LYS A 31 8.89 15.91 7.67
N MET A 32 7.72 15.30 7.57
CA MET A 32 7.19 14.46 8.64
C MET A 32 8.11 13.28 8.93
N LYS A 33 8.44 12.53 7.90
CA LYS A 33 9.28 11.35 8.02
C LYS A 33 10.65 11.69 8.62
N LYS A 34 11.22 12.81 8.18
CA LYS A 34 12.55 13.22 8.66
C LYS A 34 12.51 13.84 10.06
N ASP A 35 11.37 14.41 10.45
CA ASP A 35 11.27 15.00 11.79
C ASP A 35 10.88 13.96 12.83
N GLY A 36 10.95 12.70 12.41
CA GLY A 36 10.83 11.61 13.34
C GLY A 36 9.39 11.28 13.64
N LYS A 37 8.50 11.71 12.77
CA LYS A 37 7.11 11.36 12.90
C LYS A 37 6.96 9.89 12.59
N ALA A 38 6.01 9.26 13.24
CA ALA A 38 5.79 7.83 13.11
C ALA A 38 5.22 7.51 11.74
N LYS A 39 5.51 6.32 11.24
CA LYS A 39 4.97 5.89 9.95
C LYS A 39 3.44 5.99 9.96
N LYS A 40 2.87 5.75 11.14
CA LYS A 40 1.43 5.86 11.35
C LYS A 40 0.91 7.26 10.97
N GLU A 41 1.80 8.25 10.99
CA GLU A 41 1.42 9.62 10.71
C GLU A 41 1.56 9.93 9.21
N LEU A 42 2.46 9.17 8.59
CA LEU A 42 2.68 9.25 7.16
C LEU A 42 1.60 8.51 6.38
N GLU A 43 1.20 7.34 6.89
CA GLU A 43 0.10 6.59 6.29
C GLU A 43 -1.18 7.41 6.37
N ALA A 44 -1.15 8.40 7.25
CA ALA A 44 -2.31 9.22 7.53
C ALA A 44 -2.39 10.45 6.63
N LYS A 45 -1.23 11.04 6.37
CA LYS A 45 -1.15 12.20 5.51
C LYS A 45 -1.59 11.82 4.10
N ILE A 46 -1.05 10.70 3.59
CA ILE A 46 -1.42 10.20 2.29
C ILE A 46 -2.90 9.88 2.20
N LEU A 47 -3.41 9.16 3.19
CA LEU A 47 -4.82 8.77 3.20
C LEU A 47 -5.74 9.98 3.26
N HIS A 48 -5.26 11.03 3.92
CA HIS A 48 -5.96 12.32 3.93
C HIS A 48 -5.97 12.91 2.52
N TYR A 49 -4.80 12.99 1.88
CA TYR A 49 -4.71 13.50 0.50
C TYR A 49 -5.59 12.66 -0.42
N TYR A 50 -5.52 11.36 -0.20
CA TYR A 50 -6.21 10.36 -0.99
C TYR A 50 -7.72 10.54 -0.95
N ASP A 51 -8.27 10.76 0.23
CA ASP A 51 -9.72 10.82 0.37
C ASP A 51 -10.28 12.16 -0.14
N GLU A 52 -9.40 13.16 -0.29
CA GLU A 52 -9.81 14.47 -0.79
C GLU A 52 -9.59 14.59 -2.29
N LEU A 53 -9.21 13.48 -2.94
CA LEU A 53 -8.86 13.47 -4.36
C LEU A 53 -10.05 13.79 -5.27
N GLU A 54 -9.85 13.51 -6.54
CA GLU A 54 -10.78 13.90 -7.60
C GLU A 54 -11.17 12.67 -8.42
N GLY A 55 -11.88 12.87 -9.52
CA GLY A 55 -12.38 11.76 -10.32
C GLY A 55 -11.28 10.80 -10.76
N ASP A 56 -10.57 11.16 -11.83
CA ASP A 56 -9.48 10.34 -12.34
C ASP A 56 -8.33 10.32 -11.35
N ALA A 57 -8.18 11.38 -10.57
CA ALA A 57 -7.09 11.45 -9.59
C ALA A 57 -7.20 10.32 -8.59
N LYS A 58 -8.43 10.10 -8.11
CA LYS A 58 -8.70 9.03 -7.17
C LYS A 58 -8.37 7.70 -7.82
N LYS A 59 -8.99 7.46 -8.97
CA LYS A 59 -8.79 6.24 -9.73
C LYS A 59 -7.30 5.97 -9.93
N GLU A 60 -6.56 7.00 -10.36
CA GLU A 60 -5.14 6.88 -10.61
C GLU A 60 -4.38 6.65 -9.33
N ALA A 61 -4.65 7.45 -8.30
CA ALA A 61 -3.94 7.28 -7.05
C ALA A 61 -4.21 5.89 -6.49
N THR A 62 -5.48 5.54 -6.40
CA THR A 62 -5.89 4.24 -5.89
C THR A 62 -5.15 3.09 -6.58
N GLU A 63 -5.07 3.20 -7.91
CA GLU A 63 -4.36 2.21 -8.72
C GLU A 63 -2.85 2.28 -8.55
N HIS A 64 -2.32 3.45 -8.19
CA HIS A 64 -0.88 3.57 -7.97
C HIS A 64 -0.54 2.98 -6.60
N LEU A 65 -1.33 3.33 -5.61
CA LEU A 65 -1.27 2.73 -4.30
C LEU A 65 -1.50 1.23 -4.39
N LYS A 66 -2.29 0.77 -5.36
CA LYS A 66 -2.51 -0.66 -5.56
C LYS A 66 -1.19 -1.35 -5.88
N GLY A 67 -0.49 -0.84 -6.89
CA GLY A 67 0.83 -1.34 -7.22
C GLY A 67 1.77 -1.25 -6.04
N GLY A 68 1.68 -0.16 -5.29
CA GLY A 68 2.47 0.00 -4.09
C GLY A 68 2.15 -1.08 -3.07
N CYS A 69 0.87 -1.36 -2.90
CA CYS A 69 0.42 -2.43 -2.04
C CYS A 69 0.94 -3.75 -2.56
N ARG A 70 0.90 -3.92 -3.87
CA ARG A 70 1.38 -5.12 -4.53
C ARG A 70 2.87 -5.33 -4.22
N GLU A 71 3.64 -4.24 -4.23
CA GLU A 71 5.06 -4.30 -3.92
C GLU A 71 5.29 -4.73 -2.47
N ILE A 72 4.48 -4.20 -1.56
CA ILE A 72 4.57 -4.58 -0.15
C ILE A 72 4.07 -6.00 0.04
N LEU A 73 3.00 -6.37 -0.66
CA LEU A 73 2.46 -7.72 -0.60
C LEU A 73 3.45 -8.70 -1.21
N LYS A 74 4.27 -8.15 -2.09
CA LYS A 74 5.37 -8.90 -2.67
C LYS A 74 6.46 -9.16 -1.64
N HIS A 75 6.36 -8.48 -0.51
CA HIS A 75 7.29 -8.67 0.59
C HIS A 75 6.63 -9.54 1.66
N VAL A 76 5.48 -9.05 2.13
CA VAL A 76 4.81 -9.59 3.28
C VAL A 76 4.24 -10.99 3.01
N VAL A 77 3.54 -11.17 1.92
CA VAL A 77 3.05 -12.49 1.60
C VAL A 77 4.00 -13.21 0.65
N GLY A 78 4.71 -12.43 -0.16
CA GLY A 78 5.67 -12.99 -1.07
C GLY A 78 5.16 -13.02 -2.49
N GLU A 79 6.06 -13.25 -3.44
CA GLU A 79 5.70 -13.28 -4.85
C GLU A 79 4.72 -14.43 -5.13
N GLU A 80 4.91 -15.53 -4.41
CA GLU A 80 4.01 -16.69 -4.47
C GLU A 80 2.54 -16.29 -4.41
N LYS A 81 2.15 -15.70 -3.30
CA LYS A 81 0.74 -15.46 -3.02
C LYS A 81 0.23 -14.25 -3.79
N ALA A 82 1.08 -13.23 -3.91
CA ALA A 82 0.71 -12.04 -4.67
C ALA A 82 0.47 -12.40 -6.13
N ALA A 83 1.16 -13.44 -6.59
CA ALA A 83 0.97 -13.95 -7.94
C ALA A 83 -0.42 -14.53 -8.08
N GLU A 84 -0.89 -15.18 -7.02
CA GLU A 84 -2.19 -15.83 -7.03
C GLU A 84 -3.30 -14.83 -6.84
N LEU A 85 -2.99 -13.73 -6.17
CA LEU A 85 -3.95 -12.65 -5.98
C LEU A 85 -4.12 -11.83 -7.25
N LYS A 86 -3.07 -11.76 -8.05
CA LYS A 86 -3.16 -11.10 -9.35
C LYS A 86 -4.06 -11.89 -10.28
N ASN A 87 -3.75 -13.17 -10.45
CA ASN A 87 -4.54 -14.06 -11.30
C ASN A 87 -5.97 -14.16 -10.77
N LEU A 88 -6.11 -14.22 -9.44
CA LEU A 88 -7.39 -14.27 -8.80
C LEU A 88 -8.35 -13.24 -9.38
N LYS A 89 -7.97 -11.98 -9.24
CA LYS A 89 -8.86 -10.88 -9.55
C LYS A 89 -9.03 -10.71 -11.06
N ASP A 90 -7.93 -10.78 -11.80
CA ASP A 90 -7.96 -10.59 -13.24
C ASP A 90 -8.76 -11.68 -13.95
N SER A 91 -9.08 -12.81 -13.33
CA SER A 91 -9.99 -13.68 -14.07
C SER A 91 -11.28 -14.08 -13.36
N GLY A 92 -11.15 -14.81 -12.26
CA GLY A 92 -12.34 -15.45 -11.71
C GLY A 92 -12.81 -14.86 -10.40
N ALA A 93 -11.91 -14.26 -9.64
CA ALA A 93 -12.24 -13.89 -8.29
C ALA A 93 -12.92 -12.53 -8.20
N SER A 94 -14.07 -12.52 -7.55
CA SER A 94 -14.75 -11.29 -7.20
C SER A 94 -13.95 -10.57 -6.12
N LYS A 95 -14.22 -9.28 -5.88
CA LYS A 95 -13.46 -8.52 -4.88
C LYS A 95 -13.59 -9.18 -3.50
N GLU A 96 -14.66 -9.93 -3.30
CA GLU A 96 -14.86 -10.65 -2.05
C GLU A 96 -13.83 -11.76 -1.89
N GLU A 97 -13.52 -12.44 -2.98
CA GLU A 97 -12.60 -13.56 -3.00
C GLU A 97 -11.20 -13.04 -2.81
N LEU A 98 -11.00 -11.82 -3.28
CA LEU A 98 -9.81 -11.05 -2.93
C LEU A 98 -9.86 -10.78 -1.46
N LYS A 99 -10.97 -10.32 -0.91
CA LYS A 99 -11.03 -9.99 0.50
C LYS A 99 -10.77 -11.23 1.34
N ALA A 100 -11.35 -12.34 0.93
CA ALA A 100 -11.29 -13.55 1.72
C ALA A 100 -10.03 -14.36 1.44
N LYS A 101 -9.40 -14.02 0.32
CA LYS A 101 -8.05 -14.51 0.06
C LYS A 101 -7.03 -13.74 0.88
N VAL A 102 -7.08 -12.42 0.74
CA VAL A 102 -6.18 -11.53 1.44
C VAL A 102 -6.16 -11.82 2.93
N GLU A 103 -7.31 -12.13 3.49
CA GLU A 103 -7.39 -12.51 4.90
C GLU A 103 -6.60 -13.80 5.16
N GLU A 104 -6.82 -14.82 4.33
CA GLU A 104 -6.13 -16.09 4.50
C GLU A 104 -4.64 -15.93 4.25
N ALA A 105 -4.31 -15.08 3.29
CA ALA A 105 -2.94 -14.83 2.92
C ALA A 105 -2.21 -14.02 4.00
N LEU A 106 -2.79 -12.88 4.38
CA LEU A 106 -2.21 -12.00 5.38
C LEU A 106 -2.26 -12.61 6.78
N HIS A 107 -2.98 -13.72 6.93
CA HIS A 107 -2.92 -14.46 8.18
C HIS A 107 -1.76 -15.44 8.12
N ALA A 108 -1.68 -16.20 7.02
CA ALA A 108 -0.72 -17.30 6.88
C ALA A 108 0.75 -16.83 6.87
N VAL A 109 0.97 -15.53 7.03
CA VAL A 109 2.30 -14.99 7.16
C VAL A 109 2.65 -14.80 8.63
N THR A 110 3.93 -14.96 8.95
CA THR A 110 4.35 -14.93 10.35
C THR A 110 5.74 -14.35 10.54
N ASP A 111 6.31 -13.73 9.51
CA ASP A 111 7.58 -13.02 9.67
C ASP A 111 7.34 -11.61 10.18
N GLU A 112 8.07 -11.26 11.24
CA GLU A 112 7.81 -10.06 12.04
C GLU A 112 7.69 -8.79 11.19
N GLU A 113 8.71 -8.55 10.38
CA GLU A 113 8.73 -7.39 9.50
C GLU A 113 7.53 -7.39 8.57
N LYS A 114 7.22 -8.55 8.00
CA LYS A 114 6.06 -8.68 7.13
C LYS A 114 4.77 -8.30 7.87
N LYS A 115 4.65 -8.78 9.09
CA LYS A 115 3.45 -8.53 9.89
C LYS A 115 3.37 -7.08 10.37
N GLN A 116 4.49 -6.41 10.26
CA GLN A 116 4.53 -4.97 10.48
C GLN A 116 3.74 -4.25 9.39
N TYR A 117 3.87 -4.75 8.16
CA TYR A 117 3.13 -4.20 7.02
C TYR A 117 1.67 -4.58 7.13
N ILE A 118 1.40 -5.72 7.73
CA ILE A 118 0.03 -6.16 7.96
C ILE A 118 -0.71 -5.18 8.88
N ALA A 119 -0.09 -4.89 10.02
CA ALA A 119 -0.66 -3.96 11.02
C ALA A 119 -0.68 -2.54 10.51
N ASP A 120 0.40 -2.13 9.87
CA ASP A 120 0.53 -0.74 9.46
C ASP A 120 -0.20 -0.47 8.16
N PHE A 121 0.14 -1.25 7.17
CA PHE A 121 -0.30 -0.96 5.82
C PHE A 121 -1.53 -1.80 5.43
N GLY A 122 -1.70 -2.95 6.06
CA GLY A 122 -2.76 -3.89 5.69
C GLY A 122 -4.15 -3.26 5.56
N PRO A 123 -4.73 -2.72 6.64
CA PRO A 123 -6.10 -2.19 6.61
C PRO A 123 -6.24 -1.02 5.63
N ALA A 124 -5.18 -0.25 5.46
CA ALA A 124 -5.19 0.84 4.52
C ALA A 124 -5.11 0.32 3.08
N CYS A 125 -4.37 -0.76 2.90
CA CYS A 125 -4.35 -1.49 1.64
C CYS A 125 -5.75 -1.97 1.26
N LYS A 126 -6.59 -2.23 2.27
CA LYS A 126 -7.96 -2.67 2.02
C LYS A 126 -8.75 -1.64 1.21
N LYS A 127 -8.72 -0.37 1.64
CA LYS A 127 -9.37 0.69 0.87
C LYS A 127 -8.65 0.82 -0.48
N ILE A 128 -7.36 0.54 -0.49
CA ILE A 128 -6.57 0.70 -1.69
C ILE A 128 -6.96 -0.28 -2.80
N TYR A 129 -7.04 -1.54 -2.39
CA TYR A 129 -7.53 -2.67 -3.18
C TYR A 129 -9.05 -2.69 -3.25
N GLY A 130 -9.64 -1.50 -3.04
CA GLY A 130 -10.95 -1.23 -2.40
C GLY A 130 -11.92 -2.40 -2.21
N VAL A 131 -11.37 -3.57 -1.97
CA VAL A 131 -12.11 -4.79 -1.60
C VAL A 131 -13.28 -4.53 -0.65
N HIS A 132 -13.13 -3.53 0.22
CA HIS A 132 -14.16 -3.21 1.22
C HIS A 132 -15.52 -2.96 0.56
N THR A 133 -15.50 -2.48 -0.69
CA THR A 133 -16.72 -2.27 -1.46
C THR A 133 -17.73 -1.45 -0.66
N SER A 134 -17.42 -0.17 -0.49
CA SER A 134 -18.21 0.73 0.34
C SER A 134 -18.28 0.21 1.78
N GLY A 1 30.59 5.90 -1.10
CA GLY A 1 29.77 4.68 -0.88
C GLY A 1 28.43 5.01 -0.28
N SER A 2 27.43 4.19 -0.59
CA SER A 2 26.08 4.41 -0.09
C SER A 2 25.57 3.19 0.67
N PRO A 3 25.74 3.17 1.99
CA PRO A 3 25.27 2.09 2.84
C PRO A 3 23.82 2.29 3.29
N GLU A 4 23.38 1.45 4.22
CA GLU A 4 22.05 1.56 4.82
C GLU A 4 20.96 1.55 3.75
N PHE A 5 20.77 0.38 3.14
CA PHE A 5 19.77 0.23 2.09
C PHE A 5 18.36 0.41 2.64
N HIS A 6 17.44 0.80 1.78
CA HIS A 6 16.08 1.09 2.20
C HIS A 6 15.12 0.05 1.60
N HIS A 7 13.99 -0.14 2.25
CA HIS A 7 13.04 -1.17 1.81
C HIS A 7 11.84 -0.54 1.11
N PHE A 8 10.96 0.10 1.88
CA PHE A 8 9.78 0.73 1.33
C PHE A 8 9.60 2.12 1.92
N THR A 9 10.46 3.04 1.55
CA THR A 9 10.39 4.41 2.00
C THR A 9 9.43 5.22 1.14
N LEU A 10 9.04 6.39 1.64
CA LEU A 10 8.17 7.29 0.88
C LEU A 10 8.91 7.93 -0.27
N GLU A 11 10.23 8.11 -0.12
CA GLU A 11 11.08 8.46 -1.26
C GLU A 11 10.96 7.35 -2.28
N SER A 12 11.06 6.08 -1.90
CA SER A 12 11.00 4.99 -2.86
C SER A 12 9.71 5.01 -3.71
N SER A 13 8.70 5.75 -3.27
CA SER A 13 7.44 5.81 -4.00
C SER A 13 7.25 7.07 -4.86
N LEU A 14 8.00 8.14 -4.59
CA LEU A 14 7.64 9.48 -5.06
C LEU A 14 7.46 9.67 -6.57
N ASP A 15 8.18 8.84 -7.31
CA ASP A 15 8.06 8.82 -8.77
C ASP A 15 7.23 7.65 -9.23
N THR A 16 6.76 6.86 -8.29
CA THR A 16 5.98 5.69 -8.63
C THR A 16 4.63 5.68 -7.93
N HIS A 17 4.56 4.96 -6.81
CA HIS A 17 3.31 4.80 -6.07
C HIS A 17 2.75 6.16 -5.64
N LEU A 18 3.62 7.03 -5.15
CA LEU A 18 3.16 8.27 -4.54
C LEU A 18 3.40 9.49 -5.44
N LYS A 19 3.48 9.22 -6.74
CA LYS A 19 3.81 10.22 -7.74
C LYS A 19 2.70 11.26 -7.91
N TRP A 20 1.49 10.89 -7.51
CA TRP A 20 0.33 11.76 -7.65
C TRP A 20 0.33 12.86 -6.59
N LEU A 21 1.25 12.77 -5.65
CA LEU A 21 1.42 13.81 -4.66
C LEU A 21 2.11 14.99 -5.31
N SER A 22 1.79 16.17 -4.82
CA SER A 22 2.41 17.39 -5.31
C SER A 22 3.73 17.62 -4.58
N GLN A 23 4.61 18.44 -5.15
CA GLN A 23 5.92 18.66 -4.53
C GLN A 23 5.77 19.12 -3.08
N GLU A 24 4.90 20.11 -2.86
CA GLU A 24 4.65 20.61 -1.53
C GLU A 24 4.17 19.49 -0.60
N GLN A 25 3.40 18.55 -1.13
CA GLN A 25 2.93 17.42 -0.33
C GLN A 25 4.06 16.44 -0.08
N LYS A 26 4.84 16.16 -1.12
CA LYS A 26 5.99 15.26 -1.00
C LYS A 26 6.99 15.82 0.01
N ASP A 27 7.30 17.09 -0.15
CA ASP A 27 8.21 17.80 0.75
C ASP A 27 7.61 17.91 2.15
N GLU A 28 6.29 17.99 2.24
CA GLU A 28 5.63 17.88 3.54
C GLU A 28 5.91 16.53 4.18
N LEU A 29 5.61 15.45 3.48
CA LEU A 29 5.79 14.11 4.01
C LEU A 29 7.27 13.78 4.22
N LEU A 30 8.13 14.26 3.33
CA LEU A 30 9.57 14.08 3.48
C LEU A 30 10.05 14.78 4.75
N LYS A 31 9.51 15.97 5.00
CA LYS A 31 9.87 16.74 6.17
C LYS A 31 9.37 16.02 7.42
N MET A 32 8.16 15.47 7.31
CA MET A 32 7.60 14.67 8.39
C MET A 32 8.49 13.49 8.74
N LYS A 33 8.82 12.67 7.76
CA LYS A 33 9.69 11.52 7.97
C LYS A 33 11.05 11.97 8.51
N LYS A 34 11.53 13.08 7.96
CA LYS A 34 12.80 13.67 8.39
C LYS A 34 12.78 14.05 9.87
N ASP A 35 11.73 14.78 10.26
CA ASP A 35 11.66 15.33 11.62
C ASP A 35 11.19 14.31 12.64
N GLY A 36 11.00 13.08 12.17
CA GLY A 36 10.74 11.98 13.07
C GLY A 36 9.28 11.74 13.32
N LYS A 37 8.45 12.14 12.37
CA LYS A 37 7.04 11.79 12.42
C LYS A 37 6.90 10.30 12.19
N ALA A 38 5.98 9.69 12.89
CA ALA A 38 5.76 8.25 12.83
C ALA A 38 5.08 7.87 11.53
N LYS A 39 5.33 6.66 11.04
CA LYS A 39 4.70 6.22 9.79
C LYS A 39 3.19 6.38 9.83
N LYS A 40 2.59 6.15 11.00
CA LYS A 40 1.15 6.30 11.18
C LYS A 40 0.69 7.75 10.92
N GLU A 41 1.63 8.70 10.98
CA GLU A 41 1.31 10.10 10.75
C GLU A 41 1.44 10.46 9.26
N LEU A 42 2.28 9.65 8.61
CA LEU A 42 2.39 9.69 7.16
C LEU A 42 1.20 8.97 6.52
N GLU A 43 0.82 7.85 7.13
CA GLU A 43 -0.36 7.10 6.77
C GLU A 43 -1.60 8.00 6.76
N ALA A 44 -1.54 9.04 7.55
CA ALA A 44 -2.67 9.92 7.75
C ALA A 44 -2.73 11.08 6.77
N LYS A 45 -1.57 11.62 6.42
CA LYS A 45 -1.49 12.62 5.38
C LYS A 45 -1.94 12.03 4.05
N ILE A 46 -1.32 10.92 3.66
CA ILE A 46 -1.59 10.31 2.36
C ILE A 46 -3.04 9.90 2.26
N LEU A 47 -3.55 9.26 3.30
CA LEU A 47 -4.94 8.83 3.32
C LEU A 47 -5.89 10.03 3.33
N HIS A 48 -5.45 11.12 3.97
CA HIS A 48 -6.20 12.37 3.91
C HIS A 48 -6.19 12.91 2.48
N TYR A 49 -5.00 13.01 1.87
CA TYR A 49 -4.87 13.50 0.50
C TYR A 49 -5.70 12.65 -0.44
N TYR A 50 -5.59 11.35 -0.25
CA TYR A 50 -6.28 10.35 -1.04
C TYR A 50 -7.78 10.54 -1.01
N ASP A 51 -8.33 10.81 0.17
CA ASP A 51 -9.78 10.92 0.33
C ASP A 51 -10.30 12.25 -0.22
N GLU A 52 -9.40 13.22 -0.39
CA GLU A 52 -9.78 14.50 -0.97
C GLU A 52 -9.74 14.43 -2.49
N LEU A 53 -9.26 13.31 -3.02
CA LEU A 53 -9.15 13.11 -4.44
C LEU A 53 -10.47 12.72 -5.05
N GLU A 54 -10.59 13.08 -6.29
CA GLU A 54 -11.78 12.81 -7.08
C GLU A 54 -11.44 12.49 -8.52
N GLY A 55 -12.45 12.06 -9.28
CA GLY A 55 -12.30 11.85 -10.71
C GLY A 55 -11.20 10.87 -11.08
N ASP A 56 -10.54 11.16 -12.19
CA ASP A 56 -9.44 10.34 -12.67
C ASP A 56 -8.26 10.39 -11.72
N ALA A 57 -8.10 11.52 -11.02
CA ALA A 57 -7.00 11.66 -10.07
C ALA A 57 -7.11 10.59 -9.02
N LYS A 58 -8.31 10.45 -8.48
CA LYS A 58 -8.61 9.43 -7.48
C LYS A 58 -8.30 8.06 -8.06
N LYS A 59 -8.92 7.76 -9.19
CA LYS A 59 -8.73 6.48 -9.88
C LYS A 59 -7.23 6.18 -10.05
N GLU A 60 -6.49 7.16 -10.55
CA GLU A 60 -5.07 7.01 -10.75
C GLU A 60 -4.36 6.82 -9.44
N ALA A 61 -4.61 7.68 -8.46
CA ALA A 61 -3.93 7.57 -7.19
C ALA A 61 -4.20 6.22 -6.57
N THR A 62 -5.48 5.88 -6.46
CA THR A 62 -5.89 4.59 -5.93
C THR A 62 -5.11 3.43 -6.55
N GLU A 63 -4.98 3.47 -7.88
CA GLU A 63 -4.26 2.46 -8.62
C GLU A 63 -2.76 2.50 -8.33
N HIS A 64 -2.25 3.67 -7.94
CA HIS A 64 -0.84 3.81 -7.62
C HIS A 64 -0.59 3.29 -6.22
N LEU A 65 -1.48 3.63 -5.29
CA LEU A 65 -1.47 3.02 -3.98
C LEU A 65 -1.65 1.51 -4.09
N LYS A 66 -2.50 1.07 -5.02
CA LYS A 66 -2.65 -0.36 -5.30
C LYS A 66 -1.31 -0.97 -5.62
N GLY A 67 -0.69 -0.52 -6.71
CA GLY A 67 0.64 -0.98 -7.09
C GLY A 67 1.62 -0.89 -5.94
N GLY A 68 1.56 0.21 -5.20
CA GLY A 68 2.38 0.38 -4.01
C GLY A 68 2.19 -0.74 -3.01
N CYS A 69 0.95 -0.95 -2.60
CA CYS A 69 0.63 -1.99 -1.62
C CYS A 69 0.82 -3.37 -2.23
N ARG A 70 0.64 -3.47 -3.54
CA ARG A 70 0.84 -4.72 -4.26
C ARG A 70 2.32 -5.06 -4.33
N GLU A 71 3.15 -4.03 -4.30
CA GLU A 71 4.60 -4.23 -4.25
C GLU A 71 4.99 -4.66 -2.84
N ILE A 72 4.25 -4.15 -1.86
CA ILE A 72 4.42 -4.58 -0.48
C ILE A 72 3.89 -6.00 -0.30
N LEU A 73 2.72 -6.28 -0.89
CA LEU A 73 2.16 -7.62 -0.87
C LEU A 73 3.09 -8.58 -1.60
N LYS A 74 3.77 -8.03 -2.60
CA LYS A 74 4.77 -8.77 -3.32
C LYS A 74 5.93 -9.16 -2.41
N HIS A 75 6.01 -8.48 -1.27
CA HIS A 75 7.05 -8.72 -0.30
C HIS A 75 6.50 -9.59 0.83
N VAL A 76 5.47 -9.07 1.49
CA VAL A 76 4.93 -9.63 2.69
C VAL A 76 4.34 -11.03 2.47
N VAL A 77 3.57 -11.18 1.42
CA VAL A 77 2.97 -12.45 1.11
C VAL A 77 3.86 -13.22 0.14
N GLY A 78 4.86 -12.52 -0.38
CA GLY A 78 5.80 -13.11 -1.29
C GLY A 78 5.26 -13.18 -2.71
N GLU A 79 6.15 -13.43 -3.65
CA GLU A 79 5.76 -13.59 -5.04
C GLU A 79 4.93 -14.85 -5.21
N GLU A 80 5.09 -15.76 -4.25
CA GLU A 80 4.30 -16.98 -4.14
C GLU A 80 2.80 -16.66 -4.09
N LYS A 81 2.38 -16.00 -3.02
CA LYS A 81 0.97 -15.80 -2.77
C LYS A 81 0.40 -14.69 -3.64
N ALA A 82 1.22 -13.67 -3.91
CA ALA A 82 0.82 -12.58 -4.79
C ALA A 82 0.54 -13.11 -6.19
N ALA A 83 1.16 -14.24 -6.51
CA ALA A 83 0.93 -14.92 -7.78
C ALA A 83 -0.46 -15.53 -7.80
N GLU A 84 -0.92 -15.94 -6.62
CA GLU A 84 -2.22 -16.58 -6.50
C GLU A 84 -3.34 -15.55 -6.48
N LEU A 85 -3.05 -14.38 -5.90
CA LEU A 85 -3.90 -13.22 -6.03
C LEU A 85 -4.02 -12.80 -7.49
N LYS A 86 -2.88 -12.77 -8.18
CA LYS A 86 -2.81 -12.37 -9.57
C LYS A 86 -3.64 -13.30 -10.45
N ASN A 87 -3.36 -14.60 -10.38
CA ASN A 87 -4.06 -15.57 -11.20
C ASN A 87 -5.47 -15.78 -10.69
N LEU A 88 -5.80 -15.24 -9.54
CA LEU A 88 -7.17 -15.26 -9.10
C LEU A 88 -7.97 -14.27 -9.91
N LYS A 89 -7.56 -13.00 -9.84
CA LYS A 89 -8.25 -11.93 -10.54
C LYS A 89 -8.38 -12.25 -12.03
N ASP A 90 -7.29 -12.69 -12.63
CA ASP A 90 -7.26 -13.04 -14.05
C ASP A 90 -8.22 -14.18 -14.37
N SER A 91 -8.30 -15.16 -13.48
CA SER A 91 -9.17 -16.30 -13.72
C SER A 91 -10.63 -16.00 -13.32
N GLY A 92 -10.84 -14.83 -12.75
CA GLY A 92 -12.20 -14.40 -12.45
C GLY A 92 -12.48 -14.36 -10.97
N ALA A 93 -11.53 -13.86 -10.20
CA ALA A 93 -11.78 -13.58 -8.80
C ALA A 93 -12.42 -12.22 -8.68
N SER A 94 -13.55 -12.20 -7.99
CA SER A 94 -14.24 -10.99 -7.68
C SER A 94 -13.50 -10.26 -6.55
N LYS A 95 -14.01 -9.11 -6.15
CA LYS A 95 -13.38 -8.36 -5.09
C LYS A 95 -13.36 -9.18 -3.79
N GLU A 96 -14.35 -10.06 -3.63
CA GLU A 96 -14.47 -10.82 -2.40
C GLU A 96 -13.48 -11.99 -2.36
N GLU A 97 -13.35 -12.72 -3.46
CA GLU A 97 -12.39 -13.79 -3.61
C GLU A 97 -10.99 -13.28 -3.30
N LEU A 98 -10.69 -12.08 -3.77
CA LEU A 98 -9.42 -11.42 -3.41
C LEU A 98 -9.51 -11.01 -1.95
N LYS A 99 -10.63 -10.55 -1.47
CA LYS A 99 -10.75 -10.09 -0.09
C LYS A 99 -10.53 -11.24 0.87
N ALA A 100 -11.11 -12.37 0.50
CA ALA A 100 -11.09 -13.54 1.34
C ALA A 100 -9.86 -14.39 1.08
N LYS A 101 -9.23 -14.11 -0.06
CA LYS A 101 -7.88 -14.64 -0.31
C LYS A 101 -6.87 -13.96 0.62
N VAL A 102 -6.74 -12.65 0.43
CA VAL A 102 -5.80 -11.82 1.16
C VAL A 102 -5.82 -12.10 2.66
N GLU A 103 -7.02 -12.20 3.23
CA GLU A 103 -7.15 -12.50 4.65
C GLU A 103 -6.47 -13.81 5.00
N GLU A 104 -6.74 -14.85 4.24
CA GLU A 104 -6.14 -16.15 4.48
C GLU A 104 -4.62 -16.03 4.43
N ALA A 105 -4.12 -15.27 3.47
CA ALA A 105 -2.68 -15.08 3.33
C ALA A 105 -2.11 -14.31 4.53
N LEU A 106 -2.65 -13.12 4.76
CA LEU A 106 -2.25 -12.27 5.87
C LEU A 106 -2.59 -12.88 7.24
N HIS A 107 -3.32 -13.98 7.28
CA HIS A 107 -3.45 -14.70 8.53
C HIS A 107 -2.34 -15.73 8.58
N ALA A 108 -2.26 -16.57 7.55
CA ALA A 108 -1.32 -17.68 7.48
C ALA A 108 0.14 -17.23 7.44
N VAL A 109 0.38 -15.93 7.50
CA VAL A 109 1.71 -15.40 7.53
C VAL A 109 2.28 -15.45 8.95
N THR A 110 3.56 -15.70 9.06
CA THR A 110 4.17 -15.78 10.37
C THR A 110 5.59 -15.25 10.41
N ASP A 111 6.09 -14.71 9.31
CA ASP A 111 7.40 -14.08 9.34
C ASP A 111 7.27 -12.62 9.77
N GLU A 112 8.04 -12.27 10.80
CA GLU A 112 7.86 -11.05 11.59
C GLU A 112 7.81 -9.78 10.76
N GLU A 113 8.84 -9.60 9.94
CA GLU A 113 8.98 -8.44 9.08
C GLU A 113 7.73 -8.25 8.22
N LYS A 114 7.20 -9.36 7.74
CA LYS A 114 6.06 -9.37 6.86
C LYS A 114 4.80 -8.87 7.59
N LYS A 115 4.62 -9.32 8.82
CA LYS A 115 3.44 -8.97 9.59
C LYS A 115 3.51 -7.53 10.09
N GLN A 116 4.71 -6.97 10.00
CA GLN A 116 4.89 -5.54 10.26
C GLN A 116 4.19 -4.72 9.16
N TYR A 117 4.23 -5.20 7.92
CA TYR A 117 3.54 -4.53 6.82
C TYR A 117 2.04 -4.76 6.93
N ILE A 118 1.67 -5.93 7.43
CA ILE A 118 0.27 -6.25 7.62
C ILE A 118 -0.38 -5.33 8.67
N ALA A 119 0.37 -5.02 9.72
CA ALA A 119 -0.09 -4.06 10.72
C ALA A 119 0.01 -2.64 10.14
N ASP A 120 1.09 -2.37 9.44
CA ASP A 120 1.36 -1.02 8.93
C ASP A 120 0.41 -0.66 7.79
N PHE A 121 0.44 -1.45 6.72
CA PHE A 121 -0.30 -1.13 5.51
C PHE A 121 -1.61 -1.90 5.42
N GLY A 122 -1.70 -3.02 6.13
CA GLY A 122 -2.86 -3.92 6.02
C GLY A 122 -4.23 -3.21 5.99
N PRO A 123 -4.65 -2.57 7.09
CA PRO A 123 -5.97 -1.91 7.16
C PRO A 123 -6.22 -0.91 6.04
N ALA A 124 -5.26 -0.04 5.80
CA ALA A 124 -5.38 0.98 4.76
C ALA A 124 -5.33 0.37 3.37
N CYS A 125 -4.59 -0.73 3.24
CA CYS A 125 -4.56 -1.50 2.01
C CYS A 125 -5.96 -2.01 1.64
N LYS A 126 -6.77 -2.29 2.66
CA LYS A 126 -8.14 -2.75 2.43
C LYS A 126 -8.95 -1.73 1.61
N LYS A 127 -8.88 -0.45 2.00
CA LYS A 127 -9.57 0.60 1.23
C LYS A 127 -8.89 0.75 -0.13
N ILE A 128 -7.59 0.52 -0.18
CA ILE A 128 -6.83 0.70 -1.40
C ILE A 128 -7.19 -0.32 -2.48
N TYR A 129 -7.26 -1.56 -2.01
CA TYR A 129 -7.75 -2.73 -2.74
C TYR A 129 -9.27 -2.70 -2.82
N GLY A 130 -9.84 -1.49 -2.67
CA GLY A 130 -11.13 -1.16 -2.05
C GLY A 130 -12.16 -2.27 -1.82
N VAL A 131 -11.70 -3.48 -1.62
CA VAL A 131 -12.52 -4.59 -1.15
C VAL A 131 -13.19 -4.26 0.18
N HIS A 132 -12.67 -3.22 0.85
CA HIS A 132 -13.23 -2.73 2.11
C HIS A 132 -14.71 -2.41 1.93
N THR A 133 -15.05 -1.85 0.77
CA THR A 133 -16.45 -1.65 0.42
C THR A 133 -16.99 -2.95 -0.17
N SER A 134 -17.51 -3.80 0.71
CA SER A 134 -17.98 -5.12 0.31
C SER A 134 -19.46 -5.07 -0.08
N GLY A 1 17.02 -7.92 8.82
CA GLY A 1 17.98 -6.83 9.15
C GLY A 1 17.52 -5.49 8.61
N SER A 2 18.29 -4.45 8.89
CA SER A 2 17.94 -3.10 8.46
C SER A 2 19.20 -2.33 8.09
N PRO A 3 19.46 -2.17 6.77
CA PRO A 3 20.63 -1.43 6.29
C PRO A 3 20.38 0.09 6.27
N GLU A 4 19.88 0.61 7.39
CA GLU A 4 19.53 2.03 7.53
C GLU A 4 18.32 2.40 6.67
N PHE A 5 18.51 2.34 5.37
CA PHE A 5 17.46 2.70 4.42
C PHE A 5 16.34 1.66 4.45
N HIS A 6 15.15 2.09 4.86
CA HIS A 6 13.99 1.22 4.88
C HIS A 6 13.41 1.09 3.49
N HIS A 7 12.98 -0.10 3.15
CA HIS A 7 12.43 -0.37 1.83
C HIS A 7 10.96 0.00 1.79
N PHE A 8 10.45 0.25 0.59
CA PHE A 8 9.07 0.64 0.37
C PHE A 8 8.77 1.95 1.09
N THR A 9 9.68 2.90 0.96
CA THR A 9 9.51 4.20 1.58
C THR A 9 8.83 5.19 0.63
N LEU A 10 8.53 6.37 1.13
CA LEU A 10 7.80 7.35 0.35
C LEU A 10 8.70 8.04 -0.67
N GLU A 11 9.98 8.19 -0.34
CA GLU A 11 10.96 8.61 -1.34
C GLU A 11 11.03 7.53 -2.40
N SER A 12 11.11 6.25 -2.05
CA SER A 12 11.09 5.20 -3.07
C SER A 12 9.85 5.29 -3.97
N SER A 13 8.81 5.99 -3.52
CA SER A 13 7.57 6.06 -4.28
C SER A 13 7.41 7.35 -5.10
N LEU A 14 8.15 8.42 -4.78
CA LEU A 14 7.84 9.77 -5.25
C LEU A 14 7.69 9.97 -6.75
N ASP A 15 8.46 9.19 -7.49
CA ASP A 15 8.37 9.21 -8.95
C ASP A 15 7.58 8.02 -9.46
N THR A 16 7.10 7.19 -8.55
CA THR A 16 6.35 6.01 -8.93
C THR A 16 4.96 6.00 -8.29
N HIS A 17 4.83 5.23 -7.21
CA HIS A 17 3.55 5.05 -6.54
C HIS A 17 2.97 6.38 -6.03
N LEU A 18 3.80 7.23 -5.45
CA LEU A 18 3.29 8.41 -4.75
C LEU A 18 3.54 9.69 -5.55
N LYS A 19 3.68 9.52 -6.86
CA LYS A 19 4.00 10.63 -7.74
C LYS A 19 2.81 11.55 -7.97
N TRP A 20 1.63 11.08 -7.57
CA TRP A 20 0.41 11.86 -7.68
C TRP A 20 0.34 12.93 -6.59
N LEU A 21 1.27 12.86 -5.65
CA LEU A 21 1.39 13.90 -4.63
C LEU A 21 2.03 15.13 -5.27
N SER A 22 1.67 16.28 -4.73
CA SER A 22 2.25 17.54 -5.16
C SER A 22 3.63 17.70 -4.55
N GLN A 23 4.48 18.55 -5.12
CA GLN A 23 5.83 18.75 -4.57
C GLN A 23 5.73 19.16 -3.11
N GLU A 24 4.87 20.13 -2.82
CA GLU A 24 4.68 20.60 -1.48
C GLU A 24 4.25 19.45 -0.56
N GLN A 25 3.50 18.50 -1.09
CA GLN A 25 3.07 17.34 -0.30
C GLN A 25 4.24 16.40 -0.10
N LYS A 26 5.03 16.19 -1.16
CA LYS A 26 6.22 15.35 -1.07
C LYS A 26 7.18 15.91 -0.03
N ASP A 27 7.53 17.18 -0.19
CA ASP A 27 8.45 17.86 0.73
C ASP A 27 7.85 17.92 2.12
N GLU A 28 6.54 17.93 2.23
CA GLU A 28 5.90 17.87 3.51
C GLU A 28 6.03 16.48 4.13
N LEU A 29 5.85 15.42 3.35
CA LEU A 29 5.99 14.06 3.86
C LEU A 29 7.46 13.79 4.22
N LEU A 30 8.37 14.18 3.32
CA LEU A 30 9.79 14.19 3.62
C LEU A 30 10.09 14.95 4.90
N LYS A 31 9.44 16.09 5.08
CA LYS A 31 9.62 16.89 6.28
C LYS A 31 9.14 16.13 7.50
N MET A 32 7.98 15.51 7.37
CA MET A 32 7.43 14.66 8.40
C MET A 32 8.40 13.56 8.80
N LYS A 33 8.86 12.80 7.80
CA LYS A 33 9.79 11.70 8.01
C LYS A 33 11.08 12.17 8.66
N LYS A 34 11.59 13.31 8.21
CA LYS A 34 12.84 13.85 8.74
C LYS A 34 12.67 14.43 10.14
N ASP A 35 11.48 14.93 10.45
CA ASP A 35 11.24 15.54 11.76
C ASP A 35 10.88 14.47 12.80
N GLY A 36 10.81 13.25 12.33
CA GLY A 36 10.62 12.13 13.23
C GLY A 36 9.18 11.79 13.45
N LYS A 37 8.34 12.21 12.52
CA LYS A 37 6.95 11.81 12.53
C LYS A 37 6.88 10.33 12.26
N ALA A 38 5.97 9.65 12.91
CA ALA A 38 5.83 8.22 12.77
C ALA A 38 5.27 7.89 11.40
N LYS A 39 5.63 6.74 10.83
CA LYS A 39 5.13 6.34 9.52
C LYS A 39 3.60 6.44 9.48
N LYS A 40 2.96 6.13 10.59
CA LYS A 40 1.51 6.20 10.71
C LYS A 40 1.01 7.62 10.42
N GLU A 41 1.86 8.62 10.64
CA GLU A 41 1.48 10.02 10.47
C GLU A 41 1.66 10.43 9.00
N LEU A 42 2.57 9.69 8.37
CA LEU A 42 2.75 9.78 6.94
C LEU A 42 1.60 9.11 6.21
N GLU A 43 1.23 7.94 6.71
CA GLU A 43 0.10 7.17 6.19
C GLU A 43 -1.20 7.92 6.44
N ALA A 44 -1.12 8.88 7.33
CA ALA A 44 -2.29 9.67 7.68
C ALA A 44 -2.45 10.88 6.79
N LYS A 45 -1.33 11.53 6.49
CA LYS A 45 -1.30 12.58 5.50
C LYS A 45 -1.78 12.05 4.17
N ILE A 46 -1.14 10.97 3.71
CA ILE A 46 -1.43 10.37 2.42
C ILE A 46 -2.89 9.96 2.32
N LEU A 47 -3.38 9.22 3.31
CA LEU A 47 -4.77 8.78 3.32
C LEU A 47 -5.74 9.97 3.32
N HIS A 48 -5.34 11.03 4.01
CA HIS A 48 -6.11 12.26 4.01
C HIS A 48 -6.14 12.87 2.61
N TYR A 49 -4.99 12.91 1.94
CA TYR A 49 -4.89 13.45 0.58
C TYR A 49 -5.64 12.55 -0.40
N TYR A 50 -5.48 11.25 -0.19
CA TYR A 50 -6.10 10.23 -1.00
C TYR A 50 -7.62 10.34 -0.94
N ASP A 51 -8.15 10.54 0.25
CA ASP A 51 -9.59 10.49 0.45
C ASP A 51 -10.24 11.83 0.05
N GLU A 52 -9.42 12.85 -0.17
CA GLU A 52 -9.91 14.13 -0.66
C GLU A 52 -9.72 14.24 -2.17
N LEU A 53 -9.37 13.13 -2.81
CA LEU A 53 -9.14 13.10 -4.24
C LEU A 53 -10.44 13.26 -5.03
N GLU A 54 -10.37 12.92 -6.31
CA GLU A 54 -11.41 13.30 -7.25
C GLU A 54 -11.28 12.57 -8.57
N GLY A 55 -12.29 11.76 -8.89
CA GLY A 55 -12.41 11.13 -10.20
C GLY A 55 -11.16 10.41 -10.67
N ASP A 56 -10.55 10.93 -11.73
CA ASP A 56 -9.37 10.33 -12.33
C ASP A 56 -8.17 10.44 -11.40
N ALA A 57 -8.09 11.53 -10.65
CA ALA A 57 -7.01 11.69 -9.67
C ALA A 57 -7.10 10.56 -8.66
N LYS A 58 -8.33 10.31 -8.22
CA LYS A 58 -8.61 9.29 -7.23
C LYS A 58 -8.30 7.92 -7.83
N LYS A 59 -8.89 7.65 -8.99
CA LYS A 59 -8.65 6.41 -9.73
C LYS A 59 -7.16 6.16 -9.92
N GLU A 60 -6.42 7.18 -10.35
CA GLU A 60 -4.99 7.05 -10.57
C GLU A 60 -4.28 6.78 -9.26
N ALA A 61 -4.53 7.57 -8.24
CA ALA A 61 -3.85 7.35 -6.99
C ALA A 61 -4.15 5.95 -6.47
N THR A 62 -5.44 5.63 -6.43
CA THR A 62 -5.89 4.32 -5.99
C THR A 62 -5.14 3.18 -6.69
N GLU A 63 -5.03 3.30 -8.01
CA GLU A 63 -4.31 2.34 -8.82
C GLU A 63 -2.81 2.33 -8.52
N HIS A 64 -2.26 3.48 -8.14
CA HIS A 64 -0.83 3.57 -7.87
C HIS A 64 -0.54 2.98 -6.50
N LEU A 65 -1.35 3.34 -5.52
CA LEU A 65 -1.30 2.74 -4.21
C LEU A 65 -1.58 1.24 -4.28
N LYS A 66 -2.40 0.82 -5.24
CA LYS A 66 -2.64 -0.61 -5.47
C LYS A 66 -1.32 -1.30 -5.79
N GLY A 67 -0.64 -0.80 -6.82
CA GLY A 67 0.65 -1.32 -7.18
C GLY A 67 1.67 -1.20 -6.06
N GLY A 68 1.62 -0.09 -5.33
CA GLY A 68 2.49 0.09 -4.19
C GLY A 68 2.33 -1.02 -3.17
N CYS A 69 1.11 -1.24 -2.72
CA CYS A 69 0.82 -2.29 -1.75
C CYS A 69 0.99 -3.67 -2.40
N ARG A 70 0.84 -3.71 -3.72
CA ARG A 70 1.07 -4.93 -4.49
C ARG A 70 2.53 -5.37 -4.34
N GLU A 71 3.43 -4.40 -4.32
CA GLU A 71 4.85 -4.70 -4.11
C GLU A 71 5.09 -5.00 -2.63
N ILE A 72 4.27 -4.43 -1.76
CA ILE A 72 4.34 -4.75 -0.34
C ILE A 72 3.91 -6.20 -0.12
N LEU A 73 2.87 -6.63 -0.81
CA LEU A 73 2.42 -8.01 -0.74
C LEU A 73 3.50 -8.96 -1.27
N LYS A 74 4.35 -8.39 -2.12
CA LYS A 74 5.52 -9.11 -2.61
C LYS A 74 6.55 -9.27 -1.50
N HIS A 75 6.34 -8.54 -0.41
CA HIS A 75 7.23 -8.58 0.74
C HIS A 75 6.61 -9.46 1.81
N VAL A 76 5.37 -9.13 2.17
CA VAL A 76 4.65 -9.82 3.23
C VAL A 76 4.45 -11.29 2.91
N VAL A 77 3.75 -11.54 1.81
CA VAL A 77 3.38 -12.89 1.46
C VAL A 77 4.40 -13.52 0.51
N GLY A 78 5.21 -12.67 -0.11
CA GLY A 78 6.21 -13.13 -1.01
C GLY A 78 5.71 -13.13 -2.44
N GLU A 79 6.25 -14.04 -3.22
CA GLU A 79 5.87 -14.17 -4.62
C GLU A 79 4.71 -15.14 -4.78
N GLU A 80 4.84 -16.29 -4.10
CA GLU A 80 3.87 -17.39 -4.14
C GLU A 80 2.42 -16.92 -4.14
N LYS A 81 1.99 -16.32 -3.04
CA LYS A 81 0.60 -16.04 -2.84
C LYS A 81 0.14 -14.85 -3.66
N ALA A 82 0.99 -13.83 -3.75
CA ALA A 82 0.69 -12.66 -4.55
C ALA A 82 0.51 -13.06 -6.00
N ALA A 83 1.25 -14.08 -6.42
CA ALA A 83 1.18 -14.61 -7.77
C ALA A 83 -0.16 -15.30 -8.01
N GLU A 84 -0.59 -16.10 -7.05
CA GLU A 84 -1.83 -16.86 -7.19
C GLU A 84 -3.04 -15.94 -7.04
N LEU A 85 -2.84 -14.80 -6.40
CA LEU A 85 -3.89 -13.80 -6.28
C LEU A 85 -4.04 -13.00 -7.57
N LYS A 86 -2.95 -12.89 -8.32
CA LYS A 86 -3.01 -12.25 -9.62
C LYS A 86 -3.84 -13.10 -10.57
N ASN A 87 -3.57 -14.39 -10.58
CA ASN A 87 -4.32 -15.32 -11.42
C ASN A 87 -5.73 -15.51 -10.85
N LEU A 88 -5.86 -15.40 -9.54
CA LEU A 88 -7.15 -15.55 -8.89
C LEU A 88 -8.13 -14.55 -9.47
N LYS A 89 -7.67 -13.31 -9.62
CA LYS A 89 -8.49 -12.23 -10.13
C LYS A 89 -8.80 -12.47 -11.59
N ASP A 90 -7.74 -12.71 -12.36
CA ASP A 90 -7.84 -12.93 -13.81
C ASP A 90 -8.74 -14.11 -14.15
N SER A 91 -8.79 -15.12 -13.30
CA SER A 91 -9.64 -16.26 -13.55
C SER A 91 -11.09 -15.97 -13.13
N GLY A 92 -11.28 -14.84 -12.47
CA GLY A 92 -12.62 -14.40 -12.14
C GLY A 92 -12.85 -14.26 -10.65
N ALA A 93 -11.88 -13.72 -9.93
CA ALA A 93 -12.10 -13.47 -8.52
C ALA A 93 -12.81 -12.15 -8.34
N SER A 94 -13.91 -12.21 -7.65
CA SER A 94 -14.68 -11.04 -7.31
C SER A 94 -14.12 -10.42 -6.04
N LYS A 95 -14.74 -9.33 -5.61
CA LYS A 95 -14.29 -8.56 -4.46
C LYS A 95 -14.01 -9.46 -3.25
N GLU A 96 -14.93 -10.36 -2.94
CA GLU A 96 -14.85 -11.14 -1.73
C GLU A 96 -13.79 -12.25 -1.78
N GLU A 97 -13.69 -12.92 -2.92
CA GLU A 97 -12.67 -13.92 -3.17
C GLU A 97 -11.28 -13.36 -2.91
N LEU A 98 -11.03 -12.14 -3.37
CA LEU A 98 -9.77 -11.48 -3.03
C LEU A 98 -9.86 -10.99 -1.60
N LYS A 99 -11.02 -10.58 -1.12
CA LYS A 99 -11.10 -9.96 0.19
C LYS A 99 -10.80 -10.97 1.27
N ALA A 100 -11.33 -12.16 1.10
CA ALA A 100 -11.21 -13.18 2.11
C ALA A 100 -9.97 -14.02 1.90
N LYS A 101 -9.81 -14.53 0.68
CA LYS A 101 -8.67 -15.40 0.38
C LYS A 101 -7.32 -14.66 0.51
N VAL A 102 -7.36 -13.33 0.44
CA VAL A 102 -6.18 -12.52 0.68
C VAL A 102 -5.74 -12.64 2.14
N GLU A 103 -6.72 -12.70 3.04
CA GLU A 103 -6.45 -12.65 4.46
C GLU A 103 -5.98 -14.00 4.97
N GLU A 104 -6.19 -15.03 4.17
CA GLU A 104 -5.62 -16.34 4.44
C GLU A 104 -4.13 -16.29 4.16
N ALA A 105 -3.78 -15.73 3.01
CA ALA A 105 -2.39 -15.55 2.63
C ALA A 105 -1.69 -14.63 3.62
N LEU A 106 -2.34 -13.52 3.94
CA LEU A 106 -1.83 -12.57 4.92
C LEU A 106 -1.92 -13.14 6.34
N HIS A 107 -2.51 -14.30 6.49
CA HIS A 107 -2.51 -14.98 7.77
C HIS A 107 -1.29 -15.87 7.83
N ALA A 108 -1.15 -16.67 6.78
CA ALA A 108 -0.15 -17.74 6.70
C ALA A 108 1.30 -17.24 6.71
N VAL A 109 1.51 -15.94 6.81
CA VAL A 109 2.84 -15.38 6.84
C VAL A 109 3.47 -15.49 8.24
N THR A 110 2.97 -14.69 9.18
CA THR A 110 3.33 -14.79 10.61
C THR A 110 4.79 -14.41 10.90
N ASP A 111 5.46 -13.82 9.92
CA ASP A 111 6.78 -13.24 10.16
C ASP A 111 6.63 -11.79 10.62
N GLU A 112 7.39 -11.42 11.64
CA GLU A 112 7.11 -10.22 12.41
C GLU A 112 7.11 -8.92 11.61
N GLU A 113 8.19 -8.66 10.87
CA GLU A 113 8.30 -7.43 10.09
C GLU A 113 7.28 -7.42 8.96
N LYS A 114 6.98 -8.58 8.40
CA LYS A 114 5.95 -8.69 7.39
C LYS A 114 4.57 -8.37 8.00
N LYS A 115 4.32 -8.83 9.21
CA LYS A 115 3.08 -8.53 9.92
C LYS A 115 3.04 -7.08 10.42
N GLN A 116 4.21 -6.45 10.37
CA GLN A 116 4.29 -5.02 10.61
C GLN A 116 3.54 -4.30 9.49
N TYR A 117 3.73 -4.78 8.28
CA TYR A 117 3.05 -4.22 7.10
C TYR A 117 1.58 -4.61 7.11
N ILE A 118 1.28 -5.79 7.63
CA ILE A 118 -0.10 -6.21 7.78
C ILE A 118 -0.88 -5.24 8.67
N ALA A 119 -0.29 -4.92 9.82
CA ALA A 119 -0.87 -3.95 10.74
C ALA A 119 -0.82 -2.54 10.17
N ASP A 120 0.30 -2.22 9.53
CA ASP A 120 0.54 -0.86 9.05
C ASP A 120 -0.29 -0.54 7.81
N PHE A 121 -0.09 -1.31 6.77
CA PHE A 121 -0.69 -1.01 5.48
C PHE A 121 -1.98 -1.80 5.25
N GLY A 122 -2.10 -2.96 5.90
CA GLY A 122 -3.21 -3.86 5.66
C GLY A 122 -4.59 -3.18 5.60
N PRO A 123 -5.03 -2.52 6.69
CA PRO A 123 -6.36 -1.91 6.76
C PRO A 123 -6.56 -0.83 5.69
N ALA A 124 -5.49 -0.10 5.39
CA ALA A 124 -5.54 0.98 4.43
C ALA A 124 -5.51 0.44 3.01
N CYS A 125 -4.78 -0.65 2.80
CA CYS A 125 -4.82 -1.40 1.55
C CYS A 125 -6.26 -1.79 1.21
N LYS A 126 -7.08 -2.03 2.23
CA LYS A 126 -8.49 -2.37 2.03
C LYS A 126 -9.21 -1.30 1.19
N LYS A 127 -9.17 -0.04 1.63
CA LYS A 127 -9.80 1.04 0.86
C LYS A 127 -9.04 1.22 -0.47
N ILE A 128 -7.77 0.89 -0.48
CA ILE A 128 -6.94 1.04 -1.68
C ILE A 128 -7.37 0.07 -2.79
N TYR A 129 -7.52 -1.17 -2.36
CA TYR A 129 -8.05 -2.27 -3.14
C TYR A 129 -9.58 -2.22 -3.16
N GLY A 130 -10.11 -1.01 -2.94
CA GLY A 130 -11.39 -0.66 -2.30
C GLY A 130 -12.45 -1.74 -2.09
N VAL A 131 -12.01 -2.96 -1.88
CA VAL A 131 -12.87 -4.03 -1.37
C VAL A 131 -13.70 -3.52 -0.18
N HIS A 132 -13.09 -2.65 0.62
CA HIS A 132 -13.79 -2.01 1.72
C HIS A 132 -14.52 -0.78 1.20
N THR A 133 -15.75 -0.98 0.76
CA THR A 133 -16.56 0.09 0.25
C THR A 133 -16.82 1.16 1.31
N SER A 134 -16.86 2.41 0.89
CA SER A 134 -17.08 3.51 1.81
C SER A 134 -18.56 3.87 1.85
N GLY A 1 26.05 2.06 3.65
CA GLY A 1 25.66 3.32 4.33
C GLY A 1 24.19 3.34 4.68
N SER A 2 23.54 4.45 4.41
CA SER A 2 22.12 4.59 4.67
C SER A 2 21.30 4.08 3.49
N PRO A 3 20.50 3.02 3.70
CA PRO A 3 19.64 2.48 2.65
C PRO A 3 18.44 3.38 2.39
N GLU A 4 18.39 3.94 1.17
CA GLU A 4 17.27 4.76 0.76
C GLU A 4 16.01 3.91 0.71
N PHE A 5 16.18 2.67 0.27
CA PHE A 5 15.10 1.69 0.29
C PHE A 5 15.11 0.97 1.64
N HIS A 6 14.81 1.71 2.70
CA HIS A 6 14.77 1.17 4.05
C HIS A 6 13.49 0.37 4.24
N HIS A 7 13.53 -0.90 3.81
CA HIS A 7 12.35 -1.76 3.73
C HIS A 7 11.40 -1.24 2.68
N PHE A 8 10.66 -0.20 3.03
CA PHE A 8 9.83 0.55 2.11
C PHE A 8 9.82 1.99 2.58
N THR A 9 9.97 2.93 1.66
CA THR A 9 10.07 4.34 2.00
C THR A 9 9.24 5.18 1.04
N LEU A 10 8.83 6.35 1.50
CA LEU A 10 7.99 7.24 0.71
C LEU A 10 8.77 7.89 -0.42
N GLU A 11 10.08 8.04 -0.26
CA GLU A 11 10.95 8.41 -1.37
C GLU A 11 10.87 7.32 -2.42
N SER A 12 10.95 6.05 -2.05
CA SER A 12 10.88 4.96 -3.02
C SER A 12 9.62 5.06 -3.90
N SER A 13 8.59 5.78 -3.44
CA SER A 13 7.35 5.90 -4.18
C SER A 13 7.22 7.18 -5.01
N LEU A 14 7.95 8.24 -4.63
CA LEU A 14 7.64 9.60 -5.08
C LEU A 14 7.54 9.84 -6.60
N ASP A 15 8.32 9.05 -7.31
CA ASP A 15 8.32 9.08 -8.78
C ASP A 15 7.52 7.93 -9.33
N THR A 16 6.97 7.11 -8.45
CA THR A 16 6.19 5.98 -8.87
C THR A 16 4.79 5.96 -8.24
N HIS A 17 4.65 5.22 -7.15
CA HIS A 17 3.37 5.06 -6.48
C HIS A 17 2.82 6.40 -6.00
N LEU A 18 3.68 7.25 -5.46
CA LEU A 18 3.22 8.47 -4.81
C LEU A 18 3.48 9.72 -5.66
N LYS A 19 3.59 9.47 -6.96
CA LYS A 19 3.92 10.50 -7.94
C LYS A 19 2.82 11.55 -8.05
N TRP A 20 1.61 11.17 -7.66
CA TRP A 20 0.45 12.03 -7.77
C TRP A 20 0.45 13.11 -6.69
N LEU A 21 1.40 13.02 -5.76
CA LEU A 21 1.55 14.05 -4.75
C LEU A 21 2.23 15.26 -5.38
N SER A 22 1.81 16.42 -4.92
CA SER A 22 2.42 17.66 -5.35
C SER A 22 3.67 17.91 -4.53
N GLN A 23 4.58 18.75 -5.02
CA GLN A 23 5.84 18.98 -4.33
C GLN A 23 5.61 19.38 -2.88
N GLU A 24 4.71 20.33 -2.66
CA GLU A 24 4.40 20.79 -1.33
C GLU A 24 3.91 19.64 -0.43
N GLN A 25 3.14 18.70 -0.99
CA GLN A 25 2.65 17.58 -0.21
C GLN A 25 3.77 16.56 0.04
N LYS A 26 4.56 16.24 -0.98
CA LYS A 26 5.60 15.23 -0.81
C LYS A 26 6.70 15.76 0.11
N ASP A 27 6.98 17.04 -0.01
CA ASP A 27 7.90 17.72 0.89
C ASP A 27 7.32 17.82 2.30
N GLU A 28 5.99 17.82 2.41
CA GLU A 28 5.36 17.67 3.70
C GLU A 28 5.71 16.31 4.32
N LEU A 29 5.45 15.23 3.60
CA LEU A 29 5.68 13.88 4.08
C LEU A 29 7.17 13.63 4.33
N LEU A 30 8.03 14.18 3.48
CA LEU A 30 9.48 14.04 3.65
C LEU A 30 9.92 14.68 4.95
N LYS A 31 9.38 15.86 5.22
CA LYS A 31 9.70 16.58 6.45
C LYS A 31 9.16 15.82 7.64
N MET A 32 7.97 15.26 7.49
CA MET A 32 7.38 14.43 8.55
C MET A 32 8.29 13.25 8.90
N LYS A 33 8.65 12.45 7.89
CA LYS A 33 9.52 11.30 8.09
C LYS A 33 10.87 11.73 8.68
N LYS A 34 11.38 12.85 8.18
CA LYS A 34 12.66 13.38 8.63
C LYS A 34 12.61 13.82 10.09
N ASP A 35 11.56 14.54 10.47
CA ASP A 35 11.49 15.12 11.81
C ASP A 35 11.09 14.07 12.85
N GLY A 36 10.76 12.88 12.38
CA GLY A 36 10.49 11.78 13.29
C GLY A 36 9.02 11.56 13.53
N LYS A 37 8.18 12.01 12.60
CA LYS A 37 6.78 11.68 12.66
C LYS A 37 6.62 10.20 12.38
N ALA A 38 5.65 9.59 13.01
CA ALA A 38 5.45 8.14 12.92
C ALA A 38 4.92 7.74 11.55
N LYS A 39 5.19 6.51 11.14
CA LYS A 39 4.71 6.00 9.86
C LYS A 39 3.19 6.10 9.78
N LYS A 40 2.52 5.81 10.90
CA LYS A 40 1.07 5.91 10.95
C LYS A 40 0.57 7.34 10.72
N GLU A 41 1.47 8.32 10.77
CA GLU A 41 1.12 9.70 10.51
C GLU A 41 1.30 10.04 9.02
N LEU A 42 2.19 9.26 8.43
CA LEU A 42 2.43 9.31 7.00
C LEU A 42 1.34 8.53 6.28
N GLU A 43 1.00 7.39 6.87
CA GLU A 43 -0.14 6.58 6.45
C GLU A 43 -1.42 7.41 6.51
N ALA A 44 -1.37 8.43 7.34
CA ALA A 44 -2.53 9.27 7.58
C ALA A 44 -2.63 10.48 6.66
N LYS A 45 -1.49 11.08 6.36
CA LYS A 45 -1.46 12.24 5.51
C LYS A 45 -1.78 11.83 4.07
N ILE A 46 -1.21 10.71 3.63
CA ILE A 46 -1.47 10.19 2.31
C ILE A 46 -2.93 9.79 2.15
N LEU A 47 -3.47 9.09 3.16
CA LEU A 47 -4.85 8.66 3.10
C LEU A 47 -5.81 9.85 3.10
N HIS A 48 -5.40 10.93 3.75
CA HIS A 48 -6.15 12.18 3.69
C HIS A 48 -6.11 12.73 2.27
N TYR A 49 -4.92 12.81 1.67
CA TYR A 49 -4.78 13.27 0.28
C TYR A 49 -5.61 12.39 -0.64
N TYR A 50 -5.48 11.10 -0.43
CA TYR A 50 -6.13 10.07 -1.21
C TYR A 50 -7.65 10.21 -1.18
N ASP A 51 -8.20 10.44 0.00
CA ASP A 51 -9.65 10.50 0.16
C ASP A 51 -10.20 11.82 -0.36
N GLU A 52 -9.34 12.82 -0.49
CA GLU A 52 -9.75 14.10 -1.05
C GLU A 52 -9.66 14.08 -2.57
N LEU A 53 -9.18 12.97 -3.12
CA LEU A 53 -9.08 12.81 -4.53
C LEU A 53 -10.40 12.39 -5.13
N GLU A 54 -10.58 12.77 -6.35
CA GLU A 54 -11.80 12.47 -7.09
C GLU A 54 -11.52 12.18 -8.56
N GLY A 55 -12.49 11.52 -9.20
CA GLY A 55 -12.40 11.24 -10.63
C GLY A 55 -11.18 10.44 -11.01
N ASP A 56 -10.57 10.82 -12.12
CA ASP A 56 -9.38 10.15 -12.64
C ASP A 56 -8.25 10.19 -11.63
N ALA A 57 -8.11 11.31 -10.92
CA ALA A 57 -7.00 11.45 -9.98
C ALA A 57 -7.09 10.35 -8.93
N LYS A 58 -8.28 10.20 -8.36
CA LYS A 58 -8.52 9.21 -7.33
C LYS A 58 -8.22 7.83 -7.86
N LYS A 59 -8.82 7.49 -9.00
CA LYS A 59 -8.59 6.21 -9.66
C LYS A 59 -7.10 5.98 -9.88
N GLU A 60 -6.41 7.00 -10.39
CA GLU A 60 -4.99 6.91 -10.70
C GLU A 60 -4.18 6.74 -9.44
N ALA A 61 -4.43 7.56 -8.44
CA ALA A 61 -3.70 7.41 -7.19
C ALA A 61 -3.96 6.02 -6.62
N THR A 62 -5.23 5.67 -6.55
CA THR A 62 -5.64 4.36 -6.07
C THR A 62 -4.85 3.20 -6.69
N GLU A 63 -4.78 3.24 -8.02
CA GLU A 63 -4.07 2.21 -8.78
C GLU A 63 -2.56 2.31 -8.58
N HIS A 64 -2.07 3.49 -8.20
CA HIS A 64 -0.66 3.66 -7.92
C HIS A 64 -0.34 3.08 -6.56
N LEU A 65 -1.15 3.44 -5.56
CA LEU A 65 -1.07 2.85 -4.25
C LEU A 65 -1.31 1.35 -4.30
N LYS A 66 -2.15 0.90 -5.24
CA LYS A 66 -2.38 -0.51 -5.44
C LYS A 66 -1.08 -1.20 -5.81
N GLY A 67 -0.43 -0.72 -6.88
CA GLY A 67 0.87 -1.23 -7.25
C GLY A 67 1.88 -1.10 -6.13
N GLY A 68 1.81 0.01 -5.40
CA GLY A 68 2.66 0.19 -4.24
C GLY A 68 2.47 -0.89 -3.20
N CYS A 69 1.23 -1.08 -2.77
CA CYS A 69 0.91 -2.11 -1.81
C CYS A 69 1.10 -3.49 -2.43
N ARG A 70 1.02 -3.55 -3.75
CA ARG A 70 1.32 -4.77 -4.47
C ARG A 70 2.77 -5.17 -4.22
N GLU A 71 3.67 -4.20 -4.25
CA GLU A 71 5.07 -4.47 -3.93
C GLU A 71 5.20 -4.85 -2.45
N ILE A 72 4.33 -4.29 -1.62
CA ILE A 72 4.25 -4.69 -0.21
C ILE A 72 3.88 -6.16 -0.12
N LEU A 73 2.78 -6.52 -0.76
CA LEU A 73 2.27 -7.88 -0.74
C LEU A 73 3.21 -8.84 -1.46
N LYS A 74 3.89 -8.30 -2.46
CA LYS A 74 4.93 -9.06 -3.15
C LYS A 74 6.09 -9.36 -2.22
N HIS A 75 6.12 -8.67 -1.10
CA HIS A 75 7.12 -8.87 -0.09
C HIS A 75 6.56 -9.72 1.04
N VAL A 76 5.50 -9.20 1.66
CA VAL A 76 4.95 -9.74 2.88
C VAL A 76 4.34 -11.13 2.68
N VAL A 77 3.53 -11.30 1.65
CA VAL A 77 2.94 -12.59 1.38
C VAL A 77 3.80 -13.36 0.39
N GLY A 78 4.62 -12.62 -0.36
CA GLY A 78 5.50 -13.22 -1.33
C GLY A 78 4.89 -13.21 -2.72
N GLU A 79 5.66 -13.64 -3.69
CA GLU A 79 5.20 -13.72 -5.06
C GLU A 79 4.09 -14.76 -5.18
N GLU A 80 4.25 -15.84 -4.43
CA GLU A 80 3.28 -16.94 -4.38
C GLU A 80 1.83 -16.46 -4.30
N LYS A 81 1.50 -15.86 -3.18
CA LYS A 81 0.11 -15.54 -2.88
C LYS A 81 -0.39 -14.39 -3.72
N ALA A 82 0.43 -13.38 -3.90
CA ALA A 82 0.06 -12.23 -4.70
C ALA A 82 -0.20 -12.64 -6.14
N ALA A 83 0.46 -13.73 -6.56
CA ALA A 83 0.25 -14.30 -7.87
C ALA A 83 -1.10 -15.00 -7.94
N GLU A 84 -1.46 -15.66 -6.83
CA GLU A 84 -2.73 -16.37 -6.75
C GLU A 84 -3.88 -15.39 -6.59
N LEU A 85 -3.59 -14.23 -6.01
CA LEU A 85 -4.56 -13.16 -5.85
C LEU A 85 -4.71 -12.37 -7.15
N LYS A 86 -3.59 -12.19 -7.85
CA LYS A 86 -3.61 -11.60 -9.18
C LYS A 86 -4.49 -12.44 -10.10
N ASN A 87 -4.20 -13.73 -10.15
CA ASN A 87 -4.96 -14.64 -11.00
C ASN A 87 -6.39 -14.75 -10.48
N LEU A 88 -6.57 -14.61 -9.17
CA LEU A 88 -7.90 -14.65 -8.61
C LEU A 88 -8.73 -13.50 -9.17
N LYS A 89 -8.12 -12.33 -9.21
CA LYS A 89 -8.78 -11.13 -9.72
C LYS A 89 -9.27 -11.33 -11.16
N ASP A 90 -8.35 -11.71 -12.04
CA ASP A 90 -8.69 -11.90 -13.45
C ASP A 90 -9.60 -13.11 -13.67
N SER A 91 -9.58 -14.06 -12.75
CA SER A 91 -10.42 -15.23 -12.86
C SER A 91 -11.83 -14.93 -12.39
N GLY A 92 -11.99 -13.76 -11.77
CA GLY A 92 -13.31 -13.33 -11.36
C GLY A 92 -13.53 -13.42 -9.87
N ALA A 93 -12.48 -13.20 -9.09
CA ALA A 93 -12.64 -13.06 -7.66
C ALA A 93 -13.24 -11.70 -7.39
N SER A 94 -14.36 -11.73 -6.70
CA SER A 94 -15.09 -10.55 -6.33
C SER A 94 -14.34 -9.80 -5.24
N LYS A 95 -14.84 -8.63 -4.87
CA LYS A 95 -14.16 -7.80 -3.87
C LYS A 95 -13.96 -8.57 -2.58
N GLU A 96 -14.95 -9.38 -2.21
CA GLU A 96 -14.90 -10.13 -0.95
C GLU A 96 -13.90 -11.28 -1.00
N GLU A 97 -13.84 -11.99 -2.12
CA GLU A 97 -12.86 -13.05 -2.34
C GLU A 97 -11.46 -12.54 -2.14
N LEU A 98 -11.20 -11.35 -2.66
CA LEU A 98 -9.91 -10.72 -2.40
C LEU A 98 -9.90 -10.24 -0.97
N LYS A 99 -10.99 -9.74 -0.43
CA LYS A 99 -10.95 -9.13 0.89
C LYS A 99 -10.71 -10.18 1.95
N ALA A 100 -11.32 -11.32 1.76
CA ALA A 100 -11.25 -12.38 2.74
C ALA A 100 -10.08 -13.31 2.49
N LYS A 101 -9.98 -13.83 1.26
CA LYS A 101 -8.91 -14.74 0.92
C LYS A 101 -7.52 -14.10 1.07
N VAL A 102 -7.48 -12.76 0.99
CA VAL A 102 -6.26 -12.02 1.26
C VAL A 102 -5.84 -12.21 2.70
N GLU A 103 -6.83 -12.26 3.59
CA GLU A 103 -6.57 -12.35 5.01
C GLU A 103 -6.11 -13.73 5.41
N GLU A 104 -6.49 -14.74 4.63
CA GLU A 104 -6.01 -16.09 4.88
C GLU A 104 -4.52 -16.16 4.58
N ALA A 105 -4.11 -15.44 3.56
CA ALA A 105 -2.71 -15.35 3.21
C ALA A 105 -1.96 -14.46 4.21
N LEU A 106 -2.55 -13.31 4.52
CA LEU A 106 -1.99 -12.35 5.47
C LEU A 106 -1.97 -12.90 6.91
N HIS A 107 -2.77 -13.92 7.18
CA HIS A 107 -2.68 -14.60 8.47
C HIS A 107 -1.57 -15.64 8.41
N ALA A 108 -1.55 -16.41 7.34
CA ALA A 108 -0.66 -17.57 7.21
C ALA A 108 0.82 -17.20 7.24
N VAL A 109 1.13 -15.90 7.20
CA VAL A 109 2.47 -15.43 7.23
C VAL A 109 2.95 -15.26 8.68
N THR A 110 4.23 -15.50 8.90
CA THR A 110 4.75 -15.50 10.26
C THR A 110 6.17 -14.95 10.35
N ASP A 111 6.68 -14.40 9.27
CA ASP A 111 7.96 -13.72 9.33
C ASP A 111 7.76 -12.29 9.82
N GLU A 112 8.42 -11.96 10.92
CA GLU A 112 8.12 -10.78 11.72
C GLU A 112 8.07 -9.50 10.90
N GLU A 113 9.12 -9.29 10.10
CA GLU A 113 9.23 -8.14 9.22
C GLU A 113 8.01 -8.02 8.31
N LYS A 114 7.58 -9.16 7.78
CA LYS A 114 6.44 -9.23 6.89
C LYS A 114 5.18 -8.73 7.60
N LYS A 115 4.98 -9.22 8.82
CA LYS A 115 3.77 -8.88 9.58
C LYS A 115 3.79 -7.44 10.09
N GLN A 116 4.96 -6.84 9.99
CA GLN A 116 5.10 -5.40 10.21
C GLN A 116 4.35 -4.63 9.14
N TYR A 117 4.43 -5.12 7.90
CA TYR A 117 3.75 -4.48 6.77
C TYR A 117 2.26 -4.74 6.88
N ILE A 118 1.91 -5.90 7.43
CA ILE A 118 0.52 -6.23 7.69
C ILE A 118 -0.12 -5.18 8.60
N ALA A 119 0.61 -4.79 9.63
CA ALA A 119 0.14 -3.77 10.57
C ALA A 119 0.21 -2.39 9.94
N ASP A 120 1.30 -2.12 9.23
CA ASP A 120 1.50 -0.81 8.62
C ASP A 120 0.51 -0.57 7.48
N PHE A 121 0.62 -1.38 6.45
CA PHE A 121 -0.13 -1.12 5.21
C PHE A 121 -1.43 -1.91 5.15
N GLY A 122 -1.51 -3.04 5.84
CA GLY A 122 -2.65 -3.95 5.71
C GLY A 122 -4.03 -3.27 5.67
N PRO A 123 -4.48 -2.67 6.79
CA PRO A 123 -5.83 -2.07 6.88
C PRO A 123 -6.05 -0.97 5.85
N ALA A 124 -4.98 -0.28 5.50
CA ALA A 124 -5.06 0.81 4.54
C ALA A 124 -5.03 0.28 3.12
N CYS A 125 -4.36 -0.84 2.91
CA CYS A 125 -4.43 -1.56 1.65
C CYS A 125 -5.87 -1.91 1.31
N LYS A 126 -6.68 -2.16 2.33
CA LYS A 126 -8.09 -2.47 2.14
C LYS A 126 -8.82 -1.39 1.33
N LYS A 127 -8.74 -0.12 1.76
CA LYS A 127 -9.33 0.96 0.97
C LYS A 127 -8.59 1.10 -0.36
N ILE A 128 -7.30 0.78 -0.38
CA ILE A 128 -6.50 0.94 -1.57
C ILE A 128 -6.92 -0.02 -2.68
N TYR A 129 -7.07 -1.27 -2.27
CA TYR A 129 -7.63 -2.36 -3.07
C TYR A 129 -9.15 -2.25 -3.14
N GLY A 130 -9.63 -1.02 -2.88
CA GLY A 130 -10.94 -0.64 -2.31
C GLY A 130 -12.08 -1.66 -2.31
N VAL A 131 -11.75 -2.92 -2.21
CA VAL A 131 -12.71 -4.02 -2.08
C VAL A 131 -13.82 -3.71 -1.05
N HIS A 132 -13.51 -2.89 -0.06
CA HIS A 132 -14.49 -2.49 0.95
C HIS A 132 -15.67 -1.78 0.27
N THR A 133 -15.35 -1.06 -0.80
CA THR A 133 -16.35 -0.36 -1.58
C THR A 133 -16.44 -0.95 -2.98
N SER A 134 -17.51 -1.68 -3.24
CA SER A 134 -17.69 -2.36 -4.52
C SER A 134 -18.45 -1.46 -5.49
N GLY A 1 24.50 -0.26 -3.02
CA GLY A 1 24.43 1.21 -2.94
C GLY A 1 23.40 1.78 -3.88
N SER A 2 22.19 1.25 -3.84
CA SER A 2 21.13 1.71 -4.71
C SER A 2 20.22 2.70 -3.98
N PRO A 3 20.31 4.00 -4.33
CA PRO A 3 19.45 5.03 -3.73
C PRO A 3 17.98 4.77 -3.98
N GLU A 4 17.14 5.16 -3.03
CA GLU A 4 15.68 4.95 -3.09
C GLU A 4 15.31 3.49 -2.86
N PHE A 5 16.05 2.57 -3.46
CA PHE A 5 15.79 1.16 -3.29
C PHE A 5 16.48 0.62 -2.04
N HIS A 6 15.86 0.85 -0.90
CA HIS A 6 16.33 0.32 0.37
C HIS A 6 15.22 -0.49 1.03
N HIS A 7 14.25 0.22 1.58
CA HIS A 7 13.03 -0.40 2.07
C HIS A 7 11.83 0.34 1.51
N PHE A 8 10.66 0.07 2.04
CA PHE A 8 9.46 0.77 1.60
C PHE A 8 9.41 2.15 2.22
N THR A 9 9.68 3.17 1.40
CA THR A 9 9.72 4.54 1.87
C THR A 9 9.01 5.44 0.86
N LEU A 10 8.65 6.63 1.29
CA LEU A 10 7.92 7.55 0.44
C LEU A 10 8.83 8.24 -0.56
N GLU A 11 10.14 8.25 -0.29
CA GLU A 11 11.10 8.61 -1.31
C GLU A 11 11.00 7.57 -2.42
N SER A 12 11.05 6.29 -2.10
CA SER A 12 10.94 5.23 -3.11
C SER A 12 9.73 5.42 -4.04
N SER A 13 8.69 6.10 -3.57
CA SER A 13 7.47 6.22 -4.34
C SER A 13 7.32 7.52 -5.14
N LEU A 14 8.10 8.55 -4.79
CA LEU A 14 7.86 9.91 -5.28
C LEU A 14 7.63 10.06 -6.79
N ASP A 15 8.37 9.29 -7.55
CA ASP A 15 8.25 9.33 -9.00
C ASP A 15 7.42 8.18 -9.51
N THR A 16 6.95 7.33 -8.62
CA THR A 16 6.17 6.19 -9.01
C THR A 16 4.79 6.18 -8.35
N HIS A 17 4.69 5.41 -7.26
CA HIS A 17 3.42 5.26 -6.57
C HIS A 17 2.88 6.59 -6.03
N LEU A 18 3.74 7.44 -5.48
CA LEU A 18 3.27 8.64 -4.80
C LEU A 18 3.51 9.92 -5.60
N LYS A 19 3.65 9.72 -6.91
CA LYS A 19 3.99 10.78 -7.84
C LYS A 19 2.84 11.78 -8.02
N TRP A 20 1.65 11.33 -7.66
CA TRP A 20 0.44 12.15 -7.78
C TRP A 20 0.38 13.20 -6.68
N LEU A 21 1.33 13.13 -5.75
CA LEU A 21 1.47 14.17 -4.74
C LEU A 21 2.12 15.39 -5.38
N SER A 22 1.68 16.55 -4.94
CA SER A 22 2.27 17.79 -5.42
C SER A 22 3.67 17.94 -4.81
N GLN A 23 4.53 18.76 -5.40
CA GLN A 23 5.88 18.93 -4.86
C GLN A 23 5.81 19.33 -3.40
N GLU A 24 4.97 20.31 -3.10
CA GLU A 24 4.78 20.77 -1.73
C GLU A 24 4.32 19.61 -0.84
N GLN A 25 3.53 18.71 -1.41
CA GLN A 25 3.07 17.54 -0.66
C GLN A 25 4.21 16.55 -0.49
N LYS A 26 4.94 16.26 -1.56
CA LYS A 26 6.09 15.37 -1.48
C LYS A 26 7.03 15.86 -0.39
N ASP A 27 7.32 17.16 -0.44
CA ASP A 27 8.17 17.83 0.53
C ASP A 27 7.52 17.83 1.92
N GLU A 28 6.21 17.99 1.99
CA GLU A 28 5.50 17.84 3.24
C GLU A 28 5.70 16.44 3.83
N LEU A 29 5.50 15.41 3.03
CA LEU A 29 5.66 14.03 3.47
C LEU A 29 7.12 13.76 3.84
N LEU A 30 8.04 14.35 3.07
CA LEU A 30 9.46 14.23 3.35
C LEU A 30 9.82 14.87 4.68
N LYS A 31 9.23 16.03 4.96
CA LYS A 31 9.46 16.73 6.21
C LYS A 31 8.90 15.92 7.37
N MET A 32 7.71 15.37 7.17
CA MET A 32 7.10 14.49 8.15
C MET A 32 8.00 13.31 8.49
N LYS A 33 8.39 12.56 7.46
CA LYS A 33 9.25 11.39 7.64
C LYS A 33 10.58 11.77 8.28
N LYS A 34 11.11 12.91 7.86
CA LYS A 34 12.39 13.41 8.37
C LYS A 34 12.29 13.78 9.85
N ASP A 35 11.23 14.48 10.23
CA ASP A 35 11.12 15.00 11.59
C ASP A 35 10.73 13.93 12.60
N GLY A 36 10.73 12.69 12.12
CA GLY A 36 10.59 11.56 13.00
C GLY A 36 9.15 11.21 13.26
N LYS A 37 8.27 11.64 12.34
CA LYS A 37 6.90 11.23 12.40
C LYS A 37 6.82 9.74 12.11
N ALA A 38 5.87 9.09 12.70
CA ALA A 38 5.68 7.66 12.51
C ALA A 38 5.13 7.38 11.13
N LYS A 39 5.48 6.24 10.57
CA LYS A 39 4.99 5.84 9.25
C LYS A 39 3.47 5.97 9.18
N LYS A 40 2.80 5.64 10.28
CA LYS A 40 1.34 5.73 10.36
C LYS A 40 0.85 7.17 10.21
N GLU A 41 1.73 8.14 10.41
CA GLU A 41 1.36 9.55 10.30
C GLU A 41 1.53 10.01 8.85
N LEU A 42 2.38 9.25 8.17
CA LEU A 42 2.53 9.39 6.74
C LEU A 42 1.37 8.70 6.03
N GLU A 43 1.00 7.53 6.53
CA GLU A 43 -0.14 6.78 6.01
C GLU A 43 -1.44 7.51 6.32
N ALA A 44 -1.37 8.46 7.22
CA ALA A 44 -2.52 9.27 7.57
C ALA A 44 -2.64 10.51 6.70
N LYS A 45 -1.49 11.14 6.46
CA LYS A 45 -1.38 12.26 5.55
C LYS A 45 -1.83 11.87 4.15
N ILE A 46 -1.29 10.76 3.65
CA ILE A 46 -1.61 10.29 2.31
C ILE A 46 -3.06 9.86 2.19
N LEU A 47 -3.58 9.14 3.18
CA LEU A 47 -4.97 8.71 3.15
C LEU A 47 -5.92 9.91 3.17
N HIS A 48 -5.51 10.94 3.89
CA HIS A 48 -6.26 12.20 3.91
C HIS A 48 -6.31 12.81 2.51
N TYR A 49 -5.15 12.87 1.84
CA TYR A 49 -5.10 13.34 0.46
C TYR A 49 -5.97 12.44 -0.42
N TYR A 50 -5.73 11.15 -0.27
CA TYR A 50 -6.39 10.11 -1.04
C TYR A 50 -7.91 10.27 -1.00
N ASP A 51 -8.47 10.44 0.18
CA ASP A 51 -9.92 10.49 0.33
C ASP A 51 -10.49 11.82 -0.14
N GLU A 52 -9.64 12.83 -0.28
CA GLU A 52 -10.09 14.14 -0.77
C GLU A 52 -9.88 14.26 -2.28
N LEU A 53 -9.33 13.21 -2.89
CA LEU A 53 -8.99 13.24 -4.29
C LEU A 53 -10.19 13.36 -5.20
N GLU A 54 -9.92 14.00 -6.31
CA GLU A 54 -10.88 14.18 -7.39
C GLU A 54 -11.17 12.84 -8.07
N GLY A 55 -12.08 12.86 -9.04
CA GLY A 55 -12.54 11.62 -9.66
C GLY A 55 -11.42 10.80 -10.29
N ASP A 56 -10.78 11.34 -11.31
CA ASP A 56 -9.76 10.61 -12.05
C ASP A 56 -8.46 10.58 -11.27
N ALA A 57 -8.22 11.61 -10.48
CA ALA A 57 -7.05 11.64 -9.60
C ALA A 57 -7.12 10.49 -8.61
N LYS A 58 -8.31 10.26 -8.08
CA LYS A 58 -8.58 9.16 -7.17
C LYS A 58 -8.18 7.85 -7.83
N LYS A 59 -8.77 7.61 -9.01
CA LYS A 59 -8.51 6.40 -9.77
C LYS A 59 -7.03 6.16 -9.96
N GLU A 60 -6.34 7.18 -10.43
CA GLU A 60 -4.92 7.11 -10.71
C GLU A 60 -4.14 6.89 -9.43
N ALA A 61 -4.40 7.67 -8.40
CA ALA A 61 -3.68 7.51 -7.16
C ALA A 61 -3.91 6.11 -6.61
N THR A 62 -5.18 5.73 -6.53
CA THR A 62 -5.56 4.42 -6.04
C THR A 62 -4.76 3.30 -6.70
N GLU A 63 -4.67 3.38 -8.02
CA GLU A 63 -3.94 2.41 -8.82
C GLU A 63 -2.43 2.52 -8.59
N HIS A 64 -1.96 3.68 -8.15
CA HIS A 64 -0.55 3.85 -7.84
C HIS A 64 -0.25 3.26 -6.47
N LEU A 65 -1.10 3.62 -5.50
CA LEU A 65 -1.06 3.04 -4.18
C LEU A 65 -1.25 1.52 -4.24
N LYS A 66 -2.04 1.06 -5.21
CA LYS A 66 -2.21 -0.37 -5.42
C LYS A 66 -0.87 -1.04 -5.71
N GLY A 67 -0.14 -0.51 -6.68
CA GLY A 67 1.19 -1.00 -6.98
C GLY A 67 2.11 -0.94 -5.77
N GLY A 68 1.99 0.13 -4.98
CA GLY A 68 2.74 0.24 -3.75
C GLY A 68 2.40 -0.89 -2.78
N CYS A 69 1.11 -1.12 -2.60
CA CYS A 69 0.64 -2.21 -1.78
C CYS A 69 1.10 -3.55 -2.35
N ARG A 70 1.09 -3.63 -3.68
CA ARG A 70 1.56 -4.81 -4.39
C ARG A 70 2.99 -5.15 -3.97
N GLU A 71 3.87 -4.16 -3.93
CA GLU A 71 5.26 -4.38 -3.54
C GLU A 71 5.36 -4.86 -2.10
N ILE A 72 4.55 -4.28 -1.22
CA ILE A 72 4.54 -4.70 0.18
C ILE A 72 3.96 -6.11 0.32
N LEU A 73 2.89 -6.37 -0.42
CA LEU A 73 2.26 -7.69 -0.44
C LEU A 73 3.20 -8.71 -1.07
N LYS A 74 4.11 -8.17 -1.88
CA LYS A 74 5.17 -8.99 -2.45
C LYS A 74 6.20 -9.36 -1.41
N HIS A 75 6.12 -8.70 -0.26
CA HIS A 75 7.02 -8.96 0.84
C HIS A 75 6.29 -9.84 1.84
N VAL A 76 5.17 -9.31 2.32
CA VAL A 76 4.43 -9.88 3.42
C VAL A 76 3.77 -11.22 3.07
N VAL A 77 3.12 -11.30 1.93
CA VAL A 77 2.52 -12.54 1.52
C VAL A 77 3.43 -13.25 0.52
N GLY A 78 4.43 -12.53 0.06
CA GLY A 78 5.42 -13.11 -0.83
C GLY A 78 5.01 -13.05 -2.28
N GLU A 79 5.98 -13.21 -3.17
CA GLU A 79 5.71 -13.17 -4.60
C GLU A 79 4.87 -14.36 -5.02
N GLU A 80 4.98 -15.44 -4.25
CA GLU A 80 4.11 -16.61 -4.36
C GLU A 80 2.64 -16.22 -4.31
N LYS A 81 2.22 -15.68 -3.17
CA LYS A 81 0.80 -15.47 -2.92
C LYS A 81 0.30 -14.21 -3.59
N ALA A 82 1.15 -13.20 -3.70
CA ALA A 82 0.79 -11.99 -4.41
C ALA A 82 0.54 -12.31 -5.88
N ALA A 83 1.19 -13.37 -6.36
CA ALA A 83 0.97 -13.88 -7.71
C ALA A 83 -0.38 -14.56 -7.78
N GLU A 84 -0.72 -15.27 -6.71
CA GLU A 84 -1.99 -15.99 -6.63
C GLU A 84 -3.15 -15.02 -6.46
N LEU A 85 -2.89 -13.90 -5.79
CA LEU A 85 -3.86 -12.85 -5.62
C LEU A 85 -3.98 -12.03 -6.90
N LYS A 86 -2.90 -12.00 -7.66
CA LYS A 86 -2.90 -11.32 -8.95
C LYS A 86 -3.71 -12.14 -9.96
N ASN A 87 -3.38 -13.42 -10.04
CA ASN A 87 -4.06 -14.33 -10.96
C ASN A 87 -5.52 -14.47 -10.56
N LEU A 88 -5.80 -14.51 -9.25
CA LEU A 88 -7.17 -14.52 -8.77
C LEU A 88 -7.94 -13.37 -9.41
N LYS A 89 -7.41 -12.16 -9.22
CA LYS A 89 -7.99 -10.94 -9.80
C LYS A 89 -8.40 -11.12 -11.26
N ASP A 90 -7.42 -11.37 -12.13
CA ASP A 90 -7.68 -11.42 -13.57
C ASP A 90 -8.48 -12.64 -14.00
N SER A 91 -8.53 -13.66 -13.16
CA SER A 91 -9.36 -14.83 -13.44
C SER A 91 -10.80 -14.59 -13.02
N GLY A 92 -11.02 -13.47 -12.36
CA GLY A 92 -12.37 -13.08 -12.00
C GLY A 92 -12.61 -13.14 -10.51
N ALA A 93 -11.64 -12.73 -9.73
CA ALA A 93 -11.86 -12.59 -8.31
C ALA A 93 -12.49 -11.24 -8.06
N SER A 94 -13.67 -11.29 -7.50
CA SER A 94 -14.40 -10.12 -7.13
C SER A 94 -13.78 -9.51 -5.86
N LYS A 95 -14.30 -8.37 -5.43
CA LYS A 95 -13.79 -7.70 -4.23
C LYS A 95 -13.67 -8.66 -3.07
N GLU A 96 -14.68 -9.50 -2.89
CA GLU A 96 -14.76 -10.38 -1.73
C GLU A 96 -13.84 -11.60 -1.86
N GLU A 97 -13.76 -12.20 -3.05
CA GLU A 97 -12.83 -13.29 -3.30
C GLU A 97 -11.42 -12.89 -2.95
N LEU A 98 -11.06 -11.67 -3.32
CA LEU A 98 -9.77 -11.12 -2.87
C LEU A 98 -9.85 -10.84 -1.39
N LYS A 99 -10.96 -10.38 -0.85
CA LYS A 99 -10.99 -10.04 0.55
C LYS A 99 -10.86 -11.30 1.39
N ALA A 100 -11.51 -12.35 0.94
CA ALA A 100 -11.54 -13.60 1.65
C ALA A 100 -10.37 -14.50 1.31
N LYS A 101 -9.74 -14.15 0.18
CA LYS A 101 -8.42 -14.72 -0.12
C LYS A 101 -7.38 -14.16 0.84
N VAL A 102 -7.23 -12.84 0.76
CA VAL A 102 -6.28 -12.08 1.57
C VAL A 102 -6.34 -12.43 3.05
N GLU A 103 -7.54 -12.55 3.61
CA GLU A 103 -7.68 -12.92 5.02
C GLU A 103 -6.95 -14.23 5.30
N GLU A 104 -7.17 -15.23 4.46
CA GLU A 104 -6.51 -16.52 4.61
C GLU A 104 -5.00 -16.37 4.46
N ALA A 105 -4.58 -15.57 3.49
CA ALA A 105 -3.17 -15.43 3.19
C ALA A 105 -2.43 -14.68 4.30
N LEU A 106 -3.03 -13.59 4.79
CA LEU A 106 -2.44 -12.81 5.85
C LEU A 106 -2.59 -13.48 7.21
N HIS A 107 -3.38 -14.53 7.28
CA HIS A 107 -3.41 -15.32 8.50
C HIS A 107 -2.29 -16.35 8.43
N ALA A 108 -2.22 -17.08 7.32
CA ALA A 108 -1.31 -18.21 7.18
C ALA A 108 0.17 -17.80 7.24
N VAL A 109 0.44 -16.50 7.33
CA VAL A 109 1.79 -16.01 7.40
C VAL A 109 2.28 -15.99 8.85
N THR A 110 3.58 -16.20 9.02
CA THR A 110 4.14 -16.20 10.37
C THR A 110 5.54 -15.60 10.42
N ASP A 111 5.99 -15.00 9.34
CA ASP A 111 7.25 -14.25 9.40
C ASP A 111 7.03 -12.85 9.95
N GLU A 112 7.73 -12.56 11.03
CA GLU A 112 7.46 -11.38 11.85
C GLU A 112 7.39 -10.09 11.06
N GLU A 113 8.43 -9.85 10.27
CA GLU A 113 8.50 -8.68 9.40
C GLU A 113 7.26 -8.59 8.51
N LYS A 114 6.89 -9.72 7.91
CA LYS A 114 5.71 -9.79 7.07
C LYS A 114 4.46 -9.37 7.87
N LYS A 115 4.29 -9.96 9.04
CA LYS A 115 3.11 -9.70 9.85
C LYS A 115 3.13 -8.29 10.46
N GLN A 116 4.32 -7.70 10.44
CA GLN A 116 4.47 -6.29 10.77
C GLN A 116 3.75 -5.44 9.73
N TYR A 117 3.85 -5.83 8.46
CA TYR A 117 3.18 -5.11 7.39
C TYR A 117 1.69 -5.31 7.47
N ILE A 118 1.28 -6.47 7.95
CA ILE A 118 -0.14 -6.75 8.14
C ILE A 118 -0.76 -5.83 9.20
N ALA A 119 -0.12 -5.75 10.36
CA ALA A 119 -0.60 -4.90 11.45
C ALA A 119 -0.40 -3.42 11.11
N ASP A 120 0.73 -3.11 10.53
CA ASP A 120 1.10 -1.71 10.30
C ASP A 120 0.42 -1.16 9.05
N PHE A 121 0.61 -1.86 7.95
CA PHE A 121 0.13 -1.36 6.65
C PHE A 121 -1.18 -2.03 6.20
N GLY A 122 -1.46 -3.20 6.77
CA GLY A 122 -2.59 -4.02 6.31
C GLY A 122 -3.92 -3.29 6.17
N PRO A 123 -4.45 -2.68 7.25
CA PRO A 123 -5.77 -2.03 7.23
C PRO A 123 -5.92 -0.96 6.15
N ALA A 124 -4.83 -0.28 5.84
CA ALA A 124 -4.85 0.79 4.86
C ALA A 124 -4.69 0.25 3.45
N CYS A 125 -3.87 -0.78 3.32
CA CYS A 125 -3.77 -1.54 2.07
C CYS A 125 -5.13 -2.09 1.68
N LYS A 126 -5.89 -2.47 2.69
CA LYS A 126 -7.21 -3.04 2.51
C LYS A 126 -8.11 -2.08 1.73
N LYS A 127 -8.26 -0.84 2.18
CA LYS A 127 -9.09 0.12 1.43
C LYS A 127 -8.50 0.35 0.05
N ILE A 128 -7.18 0.29 -0.03
CA ILE A 128 -6.47 0.73 -1.21
C ILE A 128 -6.82 -0.07 -2.46
N TYR A 129 -7.01 -1.36 -2.31
CA TYR A 129 -7.31 -2.17 -3.48
C TYR A 129 -8.79 -2.15 -3.81
N GLY A 130 -9.52 -2.91 -3.02
CA GLY A 130 -10.93 -3.10 -3.25
C GLY A 130 -11.81 -2.59 -2.15
N VAL A 131 -11.38 -2.91 -0.95
CA VAL A 131 -12.28 -3.16 0.15
C VAL A 131 -12.09 -2.17 1.30
N HIS A 132 -12.55 -2.57 2.48
CA HIS A 132 -12.38 -1.80 3.71
C HIS A 132 -13.08 -0.45 3.61
N THR A 133 -14.20 -0.45 2.91
CA THR A 133 -15.04 0.73 2.82
C THR A 133 -15.99 0.76 4.01
N SER A 134 -16.39 -0.43 4.43
CA SER A 134 -17.26 -0.61 5.58
C SER A 134 -16.70 -1.72 6.48
N GLY A 1 26.62 0.63 -5.73
CA GLY A 1 26.46 -0.72 -6.32
C GLY A 1 25.03 -1.22 -6.22
N SER A 2 24.78 -2.10 -5.26
CA SER A 2 23.45 -2.69 -5.11
C SER A 2 22.52 -1.73 -4.38
N PRO A 3 21.39 -1.37 -5.00
CA PRO A 3 20.39 -0.51 -4.38
C PRO A 3 19.63 -1.23 -3.28
N GLU A 4 20.08 -1.06 -2.05
CA GLU A 4 19.46 -1.70 -0.90
C GLU A 4 18.69 -0.67 -0.08
N PHE A 5 17.66 -1.15 0.60
CA PHE A 5 16.81 -0.30 1.42
C PHE A 5 16.44 -1.01 2.71
N HIS A 6 16.10 -0.22 3.73
CA HIS A 6 15.76 -0.77 5.04
C HIS A 6 14.58 -1.74 4.92
N HIS A 7 13.39 -1.19 4.71
CA HIS A 7 12.20 -1.99 4.44
C HIS A 7 11.41 -1.34 3.31
N PHE A 8 10.78 -0.23 3.64
CA PHE A 8 10.07 0.59 2.66
C PHE A 8 10.18 2.05 3.10
N THR A 9 10.28 2.96 2.15
CA THR A 9 10.38 4.38 2.46
C THR A 9 9.59 5.18 1.44
N LEU A 10 9.14 6.35 1.86
CA LEU A 10 8.27 7.19 1.04
C LEU A 10 8.98 7.81 -0.16
N GLU A 11 10.29 8.01 -0.07
CA GLU A 11 11.08 8.34 -1.26
C GLU A 11 10.88 7.25 -2.30
N SER A 12 10.97 5.97 -1.91
CA SER A 12 10.86 4.87 -2.85
C SER A 12 9.61 4.95 -3.74
N SER A 13 8.57 5.65 -3.29
CA SER A 13 7.33 5.70 -4.05
C SER A 13 7.16 6.97 -4.89
N LEU A 14 7.91 8.04 -4.58
CA LEU A 14 7.53 9.39 -5.01
C LEU A 14 7.40 9.61 -6.52
N ASP A 15 8.13 8.80 -7.27
CA ASP A 15 8.05 8.85 -8.73
C ASP A 15 7.23 7.69 -9.27
N THR A 16 6.70 6.89 -8.37
CA THR A 16 5.90 5.77 -8.77
C THR A 16 4.53 5.77 -8.09
N HIS A 17 4.43 5.03 -7.00
CA HIS A 17 3.18 4.89 -6.28
C HIS A 17 2.66 6.24 -5.76
N LEU A 18 3.55 7.08 -5.28
CA LEU A 18 3.12 8.30 -4.61
C LEU A 18 3.40 9.55 -5.45
N LYS A 19 3.50 9.34 -6.76
CA LYS A 19 3.84 10.41 -7.68
C LYS A 19 2.67 11.37 -7.91
N TRP A 20 1.48 10.95 -7.48
CA TRP A 20 0.28 11.77 -7.61
C TRP A 20 0.26 12.86 -6.55
N LEU A 21 1.20 12.81 -5.61
CA LEU A 21 1.36 13.88 -4.65
C LEU A 21 2.01 15.07 -5.35
N SER A 22 1.62 16.25 -4.89
CA SER A 22 2.19 17.49 -5.43
C SER A 22 3.63 17.63 -4.93
N GLN A 23 4.44 18.47 -5.57
CA GLN A 23 5.81 18.68 -5.10
C GLN A 23 5.76 19.17 -3.66
N GLU A 24 4.90 20.14 -3.41
CA GLU A 24 4.68 20.66 -2.08
C GLU A 24 4.31 19.53 -1.12
N GLN A 25 3.56 18.56 -1.62
CA GLN A 25 3.18 17.41 -0.81
C GLN A 25 4.39 16.49 -0.61
N LYS A 26 5.17 16.28 -1.66
CA LYS A 26 6.44 15.55 -1.57
C LYS A 26 7.28 16.14 -0.44
N ASP A 27 7.48 17.45 -0.54
CA ASP A 27 8.27 18.19 0.44
C ASP A 27 7.61 18.25 1.81
N GLU A 28 6.29 18.19 1.86
CA GLU A 28 5.57 18.02 3.10
C GLU A 28 5.90 16.66 3.73
N LEU A 29 5.64 15.59 2.99
CA LEU A 29 5.81 14.23 3.49
C LEU A 29 7.28 13.96 3.85
N LEU A 30 8.19 14.43 3.01
CA LEU A 30 9.62 14.31 3.26
C LEU A 30 10.01 15.03 4.54
N LYS A 31 9.43 16.21 4.75
CA LYS A 31 9.70 17.00 5.95
C LYS A 31 9.19 16.26 7.18
N MET A 32 8.01 15.67 7.04
CA MET A 32 7.43 14.86 8.10
C MET A 32 8.36 13.73 8.52
N LYS A 33 8.78 12.91 7.56
CA LYS A 33 9.67 11.79 7.81
C LYS A 33 11.02 12.29 8.36
N LYS A 34 11.46 13.42 7.83
CA LYS A 34 12.73 14.03 8.24
C LYS A 34 12.69 14.53 9.68
N ASP A 35 11.56 15.09 10.09
CA ASP A 35 11.45 15.68 11.42
C ASP A 35 11.08 14.67 12.49
N GLY A 36 11.01 13.42 12.06
CA GLY A 36 10.80 12.34 12.99
C GLY A 36 9.34 12.07 13.27
N LYS A 37 8.49 12.47 12.34
CA LYS A 37 7.10 12.10 12.39
C LYS A 37 7.01 10.60 12.19
N ALA A 38 6.07 9.98 12.85
CA ALA A 38 5.89 8.55 12.75
C ALA A 38 5.37 8.18 11.37
N LYS A 39 5.63 6.95 10.97
CA LYS A 39 5.11 6.46 9.71
C LYS A 39 3.59 6.57 9.69
N LYS A 40 2.98 6.33 10.85
CA LYS A 40 1.53 6.44 10.99
C LYS A 40 1.05 7.86 10.68
N GLU A 41 1.94 8.84 10.80
CA GLU A 41 1.58 10.23 10.55
C GLU A 41 1.64 10.54 9.05
N LEU A 42 2.43 9.71 8.39
CA LEU A 42 2.52 9.72 6.94
C LEU A 42 1.35 8.95 6.35
N GLU A 43 1.05 7.81 6.98
CA GLU A 43 -0.08 6.97 6.60
C GLU A 43 -1.39 7.73 6.77
N ALA A 44 -1.36 8.76 7.59
CA ALA A 44 -2.53 9.60 7.81
C ALA A 44 -2.58 10.80 6.88
N LYS A 45 -1.41 11.39 6.63
CA LYS A 45 -1.30 12.51 5.72
C LYS A 45 -1.70 12.10 4.31
N ILE A 46 -1.16 10.98 3.85
CA ILE A 46 -1.44 10.47 2.52
C ILE A 46 -2.91 10.07 2.37
N LEU A 47 -3.43 9.38 3.38
CA LEU A 47 -4.83 8.95 3.37
C LEU A 47 -5.78 10.14 3.37
N HIS A 48 -5.37 11.22 4.03
CA HIS A 48 -6.14 12.46 3.99
C HIS A 48 -6.12 13.07 2.59
N TYR A 49 -4.92 13.16 1.99
CA TYR A 49 -4.81 13.64 0.60
C TYR A 49 -5.62 12.77 -0.34
N TYR A 50 -5.45 11.47 -0.16
CA TYR A 50 -6.16 10.47 -0.94
C TYR A 50 -7.67 10.72 -0.91
N ASP A 51 -8.19 10.94 0.29
CA ASP A 51 -9.63 11.10 0.46
C ASP A 51 -10.12 12.44 -0.08
N GLU A 52 -9.23 13.41 -0.28
CA GLU A 52 -9.62 14.71 -0.80
C GLU A 52 -9.41 14.80 -2.32
N LEU A 53 -9.17 13.66 -2.96
CA LEU A 53 -8.89 13.61 -4.39
C LEU A 53 -10.12 13.93 -5.26
N GLU A 54 -10.01 13.58 -6.54
CA GLU A 54 -10.99 13.93 -7.55
C GLU A 54 -11.37 12.68 -8.34
N GLY A 55 -12.01 12.85 -9.50
CA GLY A 55 -12.49 11.71 -10.28
C GLY A 55 -11.40 10.72 -10.67
N ASP A 56 -10.65 11.06 -11.72
CA ASP A 56 -9.58 10.19 -12.20
C ASP A 56 -8.42 10.21 -11.22
N ALA A 57 -8.29 11.29 -10.47
CA ALA A 57 -7.21 11.41 -9.51
C ALA A 57 -7.33 10.33 -8.46
N LYS A 58 -8.55 10.18 -7.93
CA LYS A 58 -8.84 9.17 -6.92
C LYS A 58 -8.46 7.81 -7.45
N LYS A 59 -9.07 7.46 -8.58
CA LYS A 59 -8.82 6.18 -9.22
C LYS A 59 -7.32 5.97 -9.47
N GLU A 60 -6.64 7.00 -10.00
CA GLU A 60 -5.24 6.86 -10.35
C GLU A 60 -4.41 6.68 -9.08
N ALA A 61 -4.66 7.49 -8.07
CA ALA A 61 -3.94 7.34 -6.82
C ALA A 61 -4.22 5.97 -6.23
N THR A 62 -5.50 5.63 -6.12
CA THR A 62 -5.92 4.34 -5.59
C THR A 62 -5.18 3.19 -6.24
N GLU A 63 -5.10 3.26 -7.57
CA GLU A 63 -4.37 2.28 -8.38
C GLU A 63 -2.87 2.30 -8.06
N HIS A 64 -2.35 3.47 -7.70
CA HIS A 64 -0.93 3.60 -7.40
C HIS A 64 -0.64 3.02 -6.01
N LEU A 65 -1.46 3.41 -5.05
CA LEU A 65 -1.42 2.85 -3.72
C LEU A 65 -1.64 1.34 -3.75
N LYS A 66 -2.46 0.86 -4.68
CA LYS A 66 -2.65 -0.59 -4.85
C LYS A 66 -1.32 -1.24 -5.13
N GLY A 67 -0.65 -0.78 -6.19
CA GLY A 67 0.67 -1.28 -6.52
C GLY A 67 1.63 -1.15 -5.36
N GLY A 68 1.58 -0.02 -4.65
CA GLY A 68 2.39 0.15 -3.46
C GLY A 68 2.20 -0.96 -2.45
N CYS A 69 0.95 -1.24 -2.13
CA CYS A 69 0.63 -2.33 -1.21
C CYS A 69 0.98 -3.68 -1.83
N ARG A 70 0.85 -3.77 -3.14
CA ARG A 70 1.22 -4.97 -3.88
C ARG A 70 2.72 -5.24 -3.73
N GLU A 71 3.52 -4.18 -3.73
CA GLU A 71 4.96 -4.31 -3.52
C GLU A 71 5.25 -4.76 -2.10
N ILE A 72 4.44 -4.31 -1.16
CA ILE A 72 4.55 -4.75 0.22
C ILE A 72 4.14 -6.21 0.34
N LEU A 73 3.08 -6.58 -0.35
CA LEU A 73 2.62 -7.97 -0.37
C LEU A 73 3.66 -8.84 -1.05
N LYS A 74 4.33 -8.25 -2.03
CA LYS A 74 5.44 -8.91 -2.71
C LYS A 74 6.60 -9.14 -1.73
N HIS A 75 6.54 -8.44 -0.62
CA HIS A 75 7.57 -8.53 0.41
C HIS A 75 7.12 -9.47 1.52
N VAL A 76 5.94 -9.18 2.06
CA VAL A 76 5.41 -9.85 3.23
C VAL A 76 4.95 -11.28 2.93
N VAL A 77 4.17 -11.46 1.87
CA VAL A 77 3.63 -12.77 1.56
C VAL A 77 4.55 -13.52 0.59
N GLY A 78 5.39 -12.76 -0.11
CA GLY A 78 6.31 -13.34 -1.04
C GLY A 78 5.76 -13.38 -2.45
N GLU A 79 6.60 -13.78 -3.39
CA GLU A 79 6.19 -13.88 -4.79
C GLU A 79 5.07 -14.92 -4.94
N GLU A 80 5.17 -15.99 -4.15
CA GLU A 80 4.22 -17.10 -4.18
C GLU A 80 2.76 -16.66 -4.22
N LYS A 81 2.32 -16.00 -3.16
CA LYS A 81 0.90 -15.73 -3.00
C LYS A 81 0.47 -14.60 -3.92
N ALA A 82 1.34 -13.60 -4.09
CA ALA A 82 1.06 -12.48 -4.97
C ALA A 82 0.94 -12.96 -6.41
N ALA A 83 1.66 -14.04 -6.73
CA ALA A 83 1.60 -14.64 -8.05
C ALA A 83 0.27 -15.33 -8.29
N GLU A 84 -0.18 -16.08 -7.29
CA GLU A 84 -1.42 -16.84 -7.42
C GLU A 84 -2.63 -15.92 -7.32
N LEU A 85 -2.43 -14.75 -6.72
CA LEU A 85 -3.40 -13.67 -6.77
C LEU A 85 -3.51 -13.07 -8.16
N LYS A 86 -2.35 -12.85 -8.78
CA LYS A 86 -2.29 -12.24 -10.10
C LYS A 86 -3.02 -13.10 -11.13
N ASN A 87 -2.70 -14.38 -11.15
CA ASN A 87 -3.35 -15.31 -12.07
C ASN A 87 -4.82 -15.45 -11.68
N LEU A 88 -5.10 -15.43 -10.38
CA LEU A 88 -6.48 -15.57 -9.94
C LEU A 88 -7.36 -14.49 -10.57
N LYS A 89 -6.91 -13.23 -10.45
CA LYS A 89 -7.63 -12.10 -11.01
C LYS A 89 -7.94 -12.30 -12.49
N ASP A 90 -6.90 -12.64 -13.27
CA ASP A 90 -7.06 -12.82 -14.71
C ASP A 90 -7.86 -14.07 -15.06
N SER A 91 -7.88 -15.04 -14.17
CA SER A 91 -8.68 -16.24 -14.36
C SER A 91 -10.14 -15.99 -13.97
N GLY A 92 -10.39 -14.83 -13.39
CA GLY A 92 -11.75 -14.42 -13.10
C GLY A 92 -12.00 -14.28 -11.61
N ALA A 93 -11.07 -13.66 -10.92
CA ALA A 93 -11.30 -13.35 -9.52
C ALA A 93 -11.99 -12.00 -9.41
N SER A 94 -13.14 -12.00 -8.79
CA SER A 94 -13.87 -10.80 -8.52
C SER A 94 -13.19 -10.05 -7.38
N LYS A 95 -13.68 -8.87 -7.04
CA LYS A 95 -13.07 -8.09 -5.98
C LYS A 95 -13.06 -8.88 -4.67
N GLU A 96 -14.10 -9.68 -4.46
CA GLU A 96 -14.24 -10.43 -3.22
C GLU A 96 -13.32 -11.65 -3.20
N GLU A 97 -13.20 -12.36 -4.32
CA GLU A 97 -12.30 -13.47 -4.43
C GLU A 97 -10.88 -13.04 -4.13
N LEU A 98 -10.52 -11.84 -4.57
CA LEU A 98 -9.24 -11.25 -4.17
C LEU A 98 -9.33 -10.82 -2.72
N LYS A 99 -10.48 -10.41 -2.23
CA LYS A 99 -10.58 -9.98 -0.84
C LYS A 99 -10.43 -11.18 0.09
N ALA A 100 -11.08 -12.26 -0.27
CA ALA A 100 -11.10 -13.43 0.56
C ALA A 100 -9.91 -14.33 0.28
N LYS A 101 -9.29 -14.06 -0.87
CA LYS A 101 -7.97 -14.64 -1.12
C LYS A 101 -6.91 -13.91 -0.30
N VAL A 102 -6.87 -12.59 -0.50
CA VAL A 102 -5.89 -11.72 0.13
C VAL A 102 -5.83 -11.95 1.64
N GLU A 103 -6.96 -12.18 2.26
CA GLU A 103 -7.00 -12.37 3.69
C GLU A 103 -6.41 -13.72 4.09
N GLU A 104 -6.66 -14.76 3.28
CA GLU A 104 -6.00 -16.04 3.47
C GLU A 104 -4.49 -15.87 3.31
N ALA A 105 -4.09 -15.13 2.29
CA ALA A 105 -2.68 -14.88 2.03
C ALA A 105 -2.04 -14.09 3.17
N LEU A 106 -2.68 -12.98 3.53
CA LEU A 106 -2.23 -12.14 4.63
C LEU A 106 -2.20 -12.88 5.96
N HIS A 107 -2.89 -13.99 6.06
CA HIS A 107 -2.79 -14.80 7.26
C HIS A 107 -1.69 -15.84 7.10
N ALA A 108 -1.73 -16.60 6.00
CA ALA A 108 -0.85 -17.76 5.82
C ALA A 108 0.64 -17.39 5.77
N VAL A 109 0.96 -16.11 5.80
CA VAL A 109 2.34 -15.67 5.79
C VAL A 109 3.03 -16.07 7.09
N THR A 110 2.75 -15.29 8.14
CA THR A 110 3.28 -15.50 9.47
C THR A 110 4.76 -15.15 9.57
N ASP A 111 4.99 -14.33 10.58
CA ASP A 111 6.32 -13.87 11.00
C ASP A 111 6.15 -12.45 11.49
N GLU A 112 6.80 -12.12 12.59
CA GLU A 112 6.47 -10.93 13.34
C GLU A 112 6.58 -9.65 12.51
N GLU A 113 7.65 -9.53 11.74
CA GLU A 113 7.85 -8.36 10.89
C GLU A 113 6.93 -8.38 9.68
N LYS A 114 6.66 -9.56 9.13
CA LYS A 114 5.66 -9.71 8.08
C LYS A 114 4.31 -9.25 8.57
N LYS A 115 3.89 -9.82 9.68
CA LYS A 115 2.64 -9.46 10.34
C LYS A 115 2.63 -8.01 10.84
N GLN A 116 3.81 -7.41 10.84
CA GLN A 116 3.92 -5.97 11.11
C GLN A 116 3.28 -5.20 9.95
N TYR A 117 3.51 -5.67 8.73
CA TYR A 117 2.94 -5.04 7.53
C TYR A 117 1.45 -5.35 7.45
N ILE A 118 1.10 -6.54 7.92
CA ILE A 118 -0.29 -6.97 7.94
C ILE A 118 -1.12 -6.03 8.82
N ALA A 119 -0.59 -5.69 9.99
CA ALA A 119 -1.19 -4.72 10.89
C ALA A 119 -1.00 -3.30 10.36
N ASP A 120 0.12 -3.06 9.73
CA ASP A 120 0.51 -1.73 9.30
C ASP A 120 -0.30 -1.29 8.08
N PHE A 121 -0.18 -2.06 7.02
CA PHE A 121 -0.78 -1.69 5.76
C PHE A 121 -2.09 -2.41 5.54
N GLY A 122 -2.29 -3.54 6.20
CA GLY A 122 -3.49 -4.35 5.99
C GLY A 122 -4.80 -3.54 5.94
N PRO A 123 -5.19 -2.88 7.06
CA PRO A 123 -6.43 -2.10 7.13
C PRO A 123 -6.53 -1.01 6.06
N ALA A 124 -5.46 -0.24 5.91
CA ALA A 124 -5.44 0.86 4.95
C ALA A 124 -5.46 0.34 3.52
N CYS A 125 -4.79 -0.79 3.31
CA CYS A 125 -4.81 -1.49 2.04
C CYS A 125 -6.23 -1.91 1.67
N LYS A 126 -7.07 -2.16 2.68
CA LYS A 126 -8.45 -2.57 2.45
C LYS A 126 -9.27 -1.48 1.74
N LYS A 127 -9.08 -0.22 2.14
CA LYS A 127 -9.71 0.89 1.42
C LYS A 127 -9.01 1.07 0.07
N ILE A 128 -7.71 0.76 0.03
CA ILE A 128 -6.93 0.91 -1.18
C ILE A 128 -7.39 -0.03 -2.30
N TYR A 129 -7.56 -1.28 -1.89
CA TYR A 129 -8.14 -2.35 -2.69
C TYR A 129 -9.67 -2.27 -2.68
N GLY A 130 -10.16 -1.05 -2.38
CA GLY A 130 -11.42 -0.70 -1.69
C GLY A 130 -12.53 -1.75 -1.57
N VAL A 131 -12.16 -3.01 -1.54
CA VAL A 131 -13.06 -4.13 -1.26
C VAL A 131 -13.78 -3.97 0.09
N HIS A 132 -13.33 -3.02 0.89
CA HIS A 132 -13.90 -2.78 2.21
C HIS A 132 -14.92 -1.64 2.15
N THR A 133 -14.98 -0.96 1.01
CA THR A 133 -15.84 0.20 0.87
C THR A 133 -16.58 0.17 -0.47
N SER A 134 -17.86 -0.23 -0.42
CA SER A 134 -18.71 -0.25 -1.60
C SER A 134 -18.21 -1.27 -2.63
N GLY A 1 25.77 -6.96 3.01
CA GLY A 1 24.70 -6.10 3.54
C GLY A 1 24.93 -4.65 3.20
N SER A 2 23.85 -3.93 2.92
CA SER A 2 23.93 -2.52 2.54
C SER A 2 22.68 -1.78 3.00
N PRO A 3 22.85 -0.73 3.82
CA PRO A 3 21.73 0.09 4.31
C PRO A 3 21.24 1.07 3.25
N GLU A 4 21.85 1.04 2.08
CA GLU A 4 21.43 1.87 0.97
C GLU A 4 20.35 1.17 0.17
N PHE A 5 20.22 -0.14 0.37
CA PHE A 5 19.17 -0.92 -0.27
C PHE A 5 17.84 -0.56 0.37
N HIS A 6 17.07 0.25 -0.33
CA HIS A 6 15.82 0.78 0.19
C HIS A 6 14.68 -0.21 -0.05
N HIS A 7 14.13 -0.71 1.05
CA HIS A 7 13.04 -1.68 0.99
C HIS A 7 11.72 -0.96 0.76
N PHE A 8 11.32 -0.16 1.74
CA PHE A 8 10.05 0.55 1.67
C PHE A 8 10.17 1.93 2.31
N THR A 9 10.39 2.94 1.48
CA THR A 9 10.46 4.32 1.93
C THR A 9 9.59 5.18 1.05
N LEU A 10 9.16 6.32 1.57
CA LEU A 10 8.30 7.21 0.81
C LEU A 10 9.06 7.94 -0.29
N GLU A 11 10.38 8.05 -0.13
CA GLU A 11 11.26 8.40 -1.25
C GLU A 11 11.04 7.36 -2.35
N SER A 12 11.08 6.08 -2.03
CA SER A 12 10.95 5.02 -3.05
C SER A 12 9.75 5.21 -3.98
N SER A 13 8.70 5.90 -3.52
CA SER A 13 7.48 6.01 -4.29
C SER A 13 7.33 7.28 -5.11
N LEU A 14 8.03 8.36 -4.72
CA LEU A 14 7.71 9.72 -5.13
C LEU A 14 7.60 9.97 -6.64
N ASP A 15 8.39 9.22 -7.38
CA ASP A 15 8.38 9.32 -8.83
C ASP A 15 7.65 8.15 -9.45
N THR A 16 7.06 7.30 -8.62
CA THR A 16 6.27 6.19 -9.14
C THR A 16 4.90 6.08 -8.47
N HIS A 17 4.84 5.31 -7.38
CA HIS A 17 3.58 5.09 -6.68
C HIS A 17 2.99 6.41 -6.18
N LEU A 18 3.81 7.28 -5.62
CA LEU A 18 3.29 8.47 -4.95
C LEU A 18 3.54 9.74 -5.77
N LYS A 19 3.66 9.55 -7.08
CA LYS A 19 3.97 10.63 -8.01
C LYS A 19 2.81 11.61 -8.15
N TRP A 20 1.62 11.16 -7.79
CA TRP A 20 0.42 11.98 -7.92
C TRP A 20 0.36 13.03 -6.82
N LEU A 21 1.28 12.96 -5.88
CA LEU A 21 1.40 14.00 -4.87
C LEU A 21 2.08 15.21 -5.48
N SER A 22 1.77 16.36 -4.91
CA SER A 22 2.43 17.58 -5.32
C SER A 22 3.74 17.74 -4.56
N GLN A 23 4.64 18.61 -5.03
CA GLN A 23 5.92 18.79 -4.35
C GLN A 23 5.67 19.17 -2.89
N GLU A 24 4.74 20.10 -2.69
CA GLU A 24 4.38 20.54 -1.36
C GLU A 24 3.89 19.37 -0.50
N GLN A 25 3.08 18.47 -1.07
CA GLN A 25 2.59 17.31 -0.32
C GLN A 25 3.74 16.36 -0.05
N LYS A 26 4.56 16.10 -1.06
CA LYS A 26 5.71 15.22 -0.89
C LYS A 26 6.62 15.75 0.21
N ASP A 27 6.96 17.01 0.11
CA ASP A 27 7.84 17.66 1.06
C ASP A 27 7.22 17.68 2.46
N GLU A 28 5.91 17.62 2.58
CA GLU A 28 5.27 17.40 3.86
C GLU A 28 5.67 16.05 4.42
N LEU A 29 5.49 15.01 3.64
CA LEU A 29 5.80 13.65 4.04
C LEU A 29 7.29 13.49 4.37
N LEU A 30 8.17 13.95 3.48
CA LEU A 30 9.60 13.95 3.76
C LEU A 30 9.90 14.70 5.04
N LYS A 31 9.22 15.82 5.24
CA LYS A 31 9.40 16.66 6.41
C LYS A 31 9.08 15.88 7.67
N MET A 32 7.95 15.19 7.63
CA MET A 32 7.52 14.36 8.73
C MET A 32 8.44 13.17 8.97
N LYS A 33 8.79 12.43 7.92
CA LYS A 33 9.65 11.26 8.06
C LYS A 33 10.99 11.63 8.70
N LYS A 34 11.55 12.76 8.26
CA LYS A 34 12.84 13.22 8.80
C LYS A 34 12.70 13.76 10.21
N ASP A 35 11.52 14.29 10.53
CA ASP A 35 11.29 14.89 11.85
C ASP A 35 10.92 13.81 12.88
N GLY A 36 10.82 12.58 12.37
CA GLY A 36 10.65 11.44 13.25
C GLY A 36 9.20 11.10 13.47
N LYS A 37 8.35 11.51 12.55
CA LYS A 37 6.96 11.12 12.59
C LYS A 37 6.86 9.64 12.25
N ALA A 38 5.87 8.99 12.80
CA ALA A 38 5.68 7.57 12.60
C ALA A 38 5.18 7.29 11.19
N LYS A 39 5.37 6.06 10.72
CA LYS A 39 4.91 5.69 9.39
C LYS A 39 3.41 5.85 9.31
N LYS A 40 2.72 5.56 10.41
CA LYS A 40 1.28 5.71 10.48
C LYS A 40 0.84 7.16 10.29
N GLU A 41 1.75 8.11 10.46
CA GLU A 41 1.42 9.52 10.30
C GLU A 41 1.63 9.95 8.85
N LEU A 42 2.53 9.21 8.23
CA LEU A 42 2.77 9.33 6.80
C LEU A 42 1.66 8.64 6.02
N GLU A 43 1.25 7.48 6.53
CA GLU A 43 0.09 6.75 6.01
C GLU A 43 -1.16 7.60 6.12
N ALA A 44 -1.10 8.60 6.99
CA ALA A 44 -2.25 9.42 7.29
C ALA A 44 -2.38 10.64 6.40
N LYS A 45 -1.25 11.27 6.10
CA LYS A 45 -1.23 12.38 5.16
C LYS A 45 -1.71 11.92 3.80
N ILE A 46 -1.11 10.84 3.30
CA ILE A 46 -1.45 10.29 2.01
C ILE A 46 -2.93 9.96 1.93
N LEU A 47 -3.45 9.30 2.95
CA LEU A 47 -4.85 8.91 2.97
C LEU A 47 -5.77 10.13 3.02
N HIS A 48 -5.31 11.18 3.70
CA HIS A 48 -6.02 12.44 3.71
C HIS A 48 -6.01 13.08 2.32
N TYR A 49 -4.82 13.13 1.70
CA TYR A 49 -4.68 13.65 0.34
C TYR A 49 -5.52 12.83 -0.63
N TYR A 50 -5.59 11.55 -0.34
CA TYR A 50 -6.27 10.54 -1.15
C TYR A 50 -7.78 10.74 -1.15
N ASP A 51 -8.35 10.98 0.02
CA ASP A 51 -9.80 11.01 0.14
C ASP A 51 -10.37 12.33 -0.36
N GLU A 52 -9.53 13.33 -0.48
CA GLU A 52 -9.98 14.63 -0.98
C GLU A 52 -9.79 14.75 -2.50
N LEU A 53 -9.45 13.63 -3.15
CA LEU A 53 -9.18 13.61 -4.58
C LEU A 53 -10.43 13.84 -5.42
N GLU A 54 -10.33 13.48 -6.69
CA GLU A 54 -11.34 13.81 -7.69
C GLU A 54 -11.82 12.53 -8.36
N GLY A 55 -12.26 12.64 -9.62
CA GLY A 55 -12.73 11.47 -10.34
C GLY A 55 -11.60 10.55 -10.74
N ASP A 56 -10.98 10.82 -11.88
CA ASP A 56 -9.85 10.03 -12.35
C ASP A 56 -8.67 10.17 -11.41
N ALA A 57 -8.59 11.31 -10.72
CA ALA A 57 -7.49 11.54 -9.78
C ALA A 57 -7.48 10.44 -8.73
N LYS A 58 -8.66 10.17 -8.18
CA LYS A 58 -8.82 9.21 -7.10
C LYS A 58 -8.57 7.81 -7.64
N LYS A 59 -9.18 7.53 -8.79
CA LYS A 59 -8.96 6.26 -9.48
C LYS A 59 -7.48 6.03 -9.75
N GLU A 60 -6.81 7.06 -10.27
CA GLU A 60 -5.40 6.97 -10.62
C GLU A 60 -4.56 6.82 -9.36
N ALA A 61 -4.81 7.61 -8.35
CA ALA A 61 -4.07 7.48 -7.12
C ALA A 61 -4.26 6.10 -6.54
N THR A 62 -5.52 5.70 -6.42
CA THR A 62 -5.85 4.38 -5.91
C THR A 62 -5.09 3.26 -6.61
N GLU A 63 -5.01 3.38 -7.94
CA GLU A 63 -4.27 2.45 -8.78
C GLU A 63 -2.77 2.51 -8.49
N HIS A 64 -2.29 3.67 -8.07
CA HIS A 64 -0.88 3.83 -7.76
C HIS A 64 -0.59 3.24 -6.38
N LEU A 65 -1.40 3.62 -5.41
CA LEU A 65 -1.34 3.05 -4.08
C LEU A 65 -1.51 1.54 -4.12
N LYS A 66 -2.29 1.04 -5.06
CA LYS A 66 -2.43 -0.40 -5.23
C LYS A 66 -1.08 -1.02 -5.55
N GLY A 67 -0.41 -0.50 -6.56
CA GLY A 67 0.94 -0.96 -6.88
C GLY A 67 1.89 -0.83 -5.69
N GLY A 68 1.78 0.27 -4.96
CA GLY A 68 2.56 0.44 -3.75
C GLY A 68 2.27 -0.64 -2.74
N CYS A 69 0.98 -0.87 -2.51
CA CYS A 69 0.53 -1.94 -1.63
C CYS A 69 1.02 -3.29 -2.16
N ARG A 70 0.96 -3.45 -3.47
CA ARG A 70 1.44 -4.65 -4.14
C ARG A 70 2.87 -4.94 -3.74
N GLU A 71 3.72 -3.90 -3.77
CA GLU A 71 5.12 -4.05 -3.44
C GLU A 71 5.31 -4.52 -2.01
N ILE A 72 4.52 -3.98 -1.08
CA ILE A 72 4.56 -4.42 0.30
C ILE A 72 3.98 -5.83 0.42
N LEU A 73 2.90 -6.07 -0.30
CA LEU A 73 2.24 -7.37 -0.32
C LEU A 73 3.16 -8.40 -0.97
N LYS A 74 4.10 -7.89 -1.75
CA LYS A 74 5.12 -8.74 -2.35
C LYS A 74 6.17 -9.13 -1.33
N HIS A 75 6.14 -8.48 -0.18
CA HIS A 75 7.07 -8.80 0.88
C HIS A 75 6.34 -9.66 1.90
N VAL A 76 5.23 -9.12 2.39
CA VAL A 76 4.49 -9.68 3.49
C VAL A 76 3.86 -11.03 3.13
N VAL A 77 3.20 -11.12 1.98
CA VAL A 77 2.66 -12.40 1.57
C VAL A 77 3.59 -13.07 0.58
N GLY A 78 4.58 -12.30 0.13
CA GLY A 78 5.55 -12.81 -0.81
C GLY A 78 5.04 -12.79 -2.22
N GLU A 79 5.93 -12.93 -3.18
CA GLU A 79 5.56 -13.01 -4.57
C GLU A 79 4.73 -14.26 -4.82
N GLU A 80 4.98 -15.27 -3.97
CA GLU A 80 4.22 -16.51 -3.96
C GLU A 80 2.72 -16.28 -3.99
N LYS A 81 2.18 -15.68 -2.93
CA LYS A 81 0.75 -15.57 -2.78
C LYS A 81 0.19 -14.46 -3.65
N ALA A 82 0.98 -13.41 -3.84
CA ALA A 82 0.58 -12.31 -4.70
C ALA A 82 0.43 -12.80 -6.13
N ALA A 83 1.27 -13.75 -6.51
CA ALA A 83 1.20 -14.37 -7.83
C ALA A 83 -0.13 -15.08 -8.01
N GLU A 84 -0.61 -15.70 -6.94
CA GLU A 84 -1.84 -16.48 -7.00
C GLU A 84 -3.06 -15.56 -6.92
N LEU A 85 -2.90 -14.41 -6.26
CA LEU A 85 -3.95 -13.41 -6.20
C LEU A 85 -4.03 -12.65 -7.52
N LYS A 86 -2.89 -12.51 -8.18
CA LYS A 86 -2.83 -11.89 -9.49
C LYS A 86 -3.64 -12.72 -10.48
N ASN A 87 -3.31 -14.02 -10.55
CA ASN A 87 -3.99 -14.92 -11.46
C ASN A 87 -5.45 -15.07 -11.04
N LEU A 88 -5.71 -15.19 -9.74
CA LEU A 88 -7.07 -15.30 -9.26
C LEU A 88 -7.93 -14.17 -9.82
N LYS A 89 -7.41 -12.95 -9.77
CA LYS A 89 -8.14 -11.79 -10.24
C LYS A 89 -8.46 -11.92 -11.73
N ASP A 90 -7.43 -12.12 -12.54
CA ASP A 90 -7.59 -12.24 -14.00
C ASP A 90 -8.38 -13.48 -14.39
N SER A 91 -8.39 -14.48 -13.53
CA SER A 91 -9.16 -15.69 -13.79
C SER A 91 -10.63 -15.51 -13.39
N GLY A 92 -10.93 -14.38 -12.77
CA GLY A 92 -12.30 -14.02 -12.50
C GLY A 92 -12.70 -14.21 -11.07
N ALA A 93 -11.72 -14.31 -10.17
CA ALA A 93 -12.04 -14.25 -8.75
C ALA A 93 -12.65 -12.90 -8.47
N SER A 94 -13.85 -12.95 -7.91
CA SER A 94 -14.63 -11.77 -7.58
C SER A 94 -13.90 -10.91 -6.55
N LYS A 95 -14.41 -9.72 -6.29
CA LYS A 95 -13.79 -8.82 -5.33
C LYS A 95 -13.79 -9.46 -3.94
N GLU A 96 -14.81 -10.28 -3.68
CA GLU A 96 -14.90 -10.99 -2.42
C GLU A 96 -13.82 -12.07 -2.28
N GLU A 97 -13.60 -12.81 -3.37
CA GLU A 97 -12.58 -13.81 -3.46
C GLU A 97 -11.22 -13.22 -3.17
N LEU A 98 -10.98 -12.01 -3.65
CA LEU A 98 -9.75 -11.31 -3.31
C LEU A 98 -9.83 -10.89 -1.87
N LYS A 99 -10.98 -10.50 -1.38
CA LYS A 99 -11.08 -9.94 -0.05
C LYS A 99 -10.94 -11.02 1.00
N ALA A 100 -11.40 -12.20 0.65
CA ALA A 100 -11.35 -13.30 1.57
C ALA A 100 -10.07 -14.11 1.41
N LYS A 101 -9.80 -14.55 0.17
CA LYS A 101 -8.55 -15.29 -0.12
C LYS A 101 -7.33 -14.57 0.47
N VAL A 102 -7.29 -13.25 0.25
CA VAL A 102 -6.25 -12.38 0.79
C VAL A 102 -6.02 -12.61 2.28
N GLU A 103 -7.10 -12.80 3.02
CA GLU A 103 -7.02 -12.95 4.46
C GLU A 103 -6.39 -14.29 4.83
N GLU A 104 -6.63 -15.29 4.02
CA GLU A 104 -6.02 -16.61 4.24
C GLU A 104 -4.51 -16.48 4.09
N ALA A 105 -4.10 -15.75 3.07
CA ALA A 105 -2.69 -15.57 2.80
C ALA A 105 -2.05 -14.61 3.81
N LEU A 106 -2.74 -13.52 4.11
CA LEU A 106 -2.29 -12.53 5.09
C LEU A 106 -2.28 -13.11 6.51
N HIS A 107 -2.95 -14.23 6.71
CA HIS A 107 -2.84 -14.93 7.97
C HIS A 107 -1.70 -15.92 7.89
N ALA A 108 -1.64 -16.68 6.80
CA ALA A 108 -0.70 -17.80 6.67
C ALA A 108 0.78 -17.36 6.66
N VAL A 109 1.05 -16.06 6.68
CA VAL A 109 2.40 -15.57 6.61
C VAL A 109 3.15 -15.78 7.93
N THR A 110 2.79 -14.99 8.94
CA THR A 110 3.24 -15.18 10.32
C THR A 110 4.72 -14.85 10.54
N ASP A 111 5.38 -14.27 9.54
CA ASP A 111 6.73 -13.77 9.73
C ASP A 111 6.70 -12.35 10.28
N GLU A 112 7.59 -12.07 11.23
CA GLU A 112 7.49 -10.89 12.08
C GLU A 112 7.47 -9.57 11.30
N GLU A 113 8.50 -9.32 10.49
CA GLU A 113 8.61 -8.07 9.74
C GLU A 113 7.42 -7.92 8.81
N LYS A 114 6.97 -9.04 8.24
CA LYS A 114 5.83 -9.06 7.36
C LYS A 114 4.55 -8.64 8.10
N LYS A 115 4.36 -9.21 9.29
CA LYS A 115 3.20 -8.89 10.11
C LYS A 115 3.23 -7.46 10.64
N GLN A 116 4.41 -6.87 10.59
CA GLN A 116 4.54 -5.44 10.87
C GLN A 116 3.82 -4.64 9.79
N TYR A 117 3.92 -5.10 8.54
CA TYR A 117 3.22 -4.46 7.42
C TYR A 117 1.74 -4.73 7.52
N ILE A 118 1.38 -5.90 8.05
CA ILE A 118 -0.02 -6.24 8.24
C ILE A 118 -0.69 -5.28 9.24
N ALA A 119 0.01 -5.01 10.35
CA ALA A 119 -0.50 -4.12 11.39
C ALA A 119 -0.34 -2.65 10.99
N ASP A 120 0.80 -2.31 10.44
CA ASP A 120 1.11 -0.91 10.15
C ASP A 120 0.39 -0.43 8.89
N PHE A 121 0.60 -1.16 7.82
CA PHE A 121 0.11 -0.74 6.52
C PHE A 121 -1.19 -1.48 6.12
N GLY A 122 -1.42 -2.63 6.71
CA GLY A 122 -2.53 -3.50 6.32
C GLY A 122 -3.88 -2.80 6.26
N PRO A 123 -4.38 -2.26 7.39
CA PRO A 123 -5.71 -1.61 7.45
C PRO A 123 -5.93 -0.57 6.34
N ALA A 124 -4.90 0.21 6.06
CA ALA A 124 -5.00 1.26 5.04
C ALA A 124 -4.90 0.68 3.64
N CYS A 125 -4.13 -0.39 3.48
CA CYS A 125 -4.08 -1.13 2.24
C CYS A 125 -5.47 -1.65 1.86
N LYS A 126 -6.29 -1.92 2.87
CA LYS A 126 -7.64 -2.42 2.65
C LYS A 126 -8.48 -1.41 1.85
N LYS A 127 -8.50 -0.15 2.28
CA LYS A 127 -9.21 0.88 1.51
C LYS A 127 -8.53 1.06 0.15
N ILE A 128 -7.23 0.78 0.09
CA ILE A 128 -6.48 0.95 -1.15
C ILE A 128 -6.93 -0.03 -2.25
N TYR A 129 -7.03 -1.27 -1.82
CA TYR A 129 -7.61 -2.38 -2.59
C TYR A 129 -9.13 -2.35 -2.51
N GLY A 130 -9.65 -1.15 -2.20
CA GLY A 130 -10.89 -0.84 -1.47
C GLY A 130 -11.98 -1.90 -1.32
N VAL A 131 -11.57 -3.16 -1.26
CA VAL A 131 -12.45 -4.28 -0.91
C VAL A 131 -13.34 -3.95 0.30
N HIS A 132 -14.52 -3.40 0.01
CA HIS A 132 -15.44 -2.91 1.02
C HIS A 132 -16.60 -2.21 0.32
N THR A 133 -17.26 -2.95 -0.57
CA THR A 133 -18.32 -2.42 -1.41
C THR A 133 -17.75 -1.37 -2.37
N SER A 134 -17.04 -1.85 -3.39
CA SER A 134 -16.45 -0.96 -4.37
C SER A 134 -16.68 -1.49 -5.78
N GLY A 1 19.85 -5.27 -14.21
CA GLY A 1 18.63 -4.62 -13.70
C GLY A 1 18.96 -3.52 -12.70
N SER A 2 17.93 -2.97 -12.08
CA SER A 2 18.10 -1.93 -11.09
C SER A 2 17.31 -2.26 -9.82
N PRO A 3 17.89 -3.08 -8.94
CA PRO A 3 17.23 -3.47 -7.69
C PRO A 3 17.00 -2.28 -6.77
N GLU A 4 18.10 -1.69 -6.30
CA GLU A 4 18.06 -0.47 -5.50
C GLU A 4 17.02 -0.56 -4.39
N PHE A 5 17.17 -1.56 -3.54
CA PHE A 5 16.24 -1.77 -2.44
C PHE A 5 16.39 -0.67 -1.39
N HIS A 6 15.33 0.08 -1.19
CA HIS A 6 15.31 1.14 -0.19
C HIS A 6 14.58 0.64 1.05
N HIS A 7 14.13 -0.61 0.97
CA HIS A 7 13.39 -1.25 2.05
C HIS A 7 12.05 -0.54 2.26
N PHE A 8 11.47 -0.13 1.14
CA PHE A 8 10.17 0.54 1.11
C PHE A 8 10.17 1.84 1.91
N THR A 9 10.50 2.92 1.22
CA THR A 9 10.60 4.23 1.86
C THR A 9 9.75 5.27 1.13
N LEU A 10 9.35 6.30 1.83
CA LEU A 10 8.48 7.34 1.29
C LEU A 10 9.12 8.09 0.11
N GLU A 11 10.37 8.50 0.25
CA GLU A 11 11.14 9.04 -0.87
C GLU A 11 11.19 8.00 -1.99
N SER A 12 11.35 6.72 -1.70
CA SER A 12 11.45 5.70 -2.75
C SER A 12 10.24 5.72 -3.70
N SER A 13 9.12 6.32 -3.29
CA SER A 13 7.93 6.31 -4.13
C SER A 13 7.72 7.60 -4.93
N LEU A 14 8.37 8.70 -4.52
CA LEU A 14 7.99 10.04 -4.95
C LEU A 14 7.89 10.30 -6.45
N ASP A 15 8.74 9.61 -7.20
CA ASP A 15 8.71 9.69 -8.65
C ASP A 15 8.04 8.48 -9.26
N THR A 16 7.56 7.59 -8.41
CA THR A 16 6.91 6.40 -8.88
C THR A 16 5.49 6.28 -8.31
N HIS A 17 5.36 5.48 -7.27
CA HIS A 17 4.05 5.22 -6.66
C HIS A 17 3.42 6.51 -6.12
N LEU A 18 4.22 7.42 -5.57
CA LEU A 18 3.66 8.57 -4.89
C LEU A 18 3.86 9.88 -5.66
N LYS A 19 4.06 9.74 -6.96
CA LYS A 19 4.35 10.88 -7.83
C LYS A 19 3.11 11.74 -8.08
N TRP A 20 1.95 11.19 -7.73
CA TRP A 20 0.70 11.92 -7.86
C TRP A 20 0.56 12.94 -6.73
N LEU A 21 1.49 12.88 -5.77
CA LEU A 21 1.56 13.88 -4.72
C LEU A 21 2.17 15.16 -5.30
N SER A 22 1.72 16.27 -4.76
CA SER A 22 2.25 17.56 -5.15
C SER A 22 3.55 17.81 -4.41
N GLN A 23 4.41 18.70 -4.91
CA GLN A 23 5.69 18.96 -4.25
C GLN A 23 5.47 19.32 -2.79
N GLU A 24 4.53 20.23 -2.54
CA GLU A 24 4.22 20.66 -1.19
C GLU A 24 3.79 19.46 -0.35
N GLN A 25 3.09 18.51 -0.96
CA GLN A 25 2.67 17.31 -0.25
C GLN A 25 3.89 16.43 0.00
N LYS A 26 4.69 16.19 -1.02
CA LYS A 26 5.91 15.40 -0.88
C LYS A 26 6.77 15.96 0.24
N ASP A 27 7.03 17.25 0.16
CA ASP A 27 7.81 17.96 1.16
C ASP A 27 7.13 17.92 2.53
N GLU A 28 5.80 17.85 2.55
CA GLU A 28 5.07 17.61 3.78
C GLU A 28 5.38 16.22 4.35
N LEU A 29 5.27 15.19 3.52
CA LEU A 29 5.56 13.80 3.93
C LEU A 29 6.99 13.68 4.45
N LEU A 30 7.94 14.12 3.63
CA LEU A 30 9.35 14.21 4.01
C LEU A 30 9.54 14.90 5.35
N LYS A 31 8.81 15.98 5.55
CA LYS A 31 8.90 16.77 6.78
C LYS A 31 8.50 15.92 7.98
N MET A 32 7.40 15.20 7.83
CA MET A 32 6.93 14.30 8.87
C MET A 32 7.92 13.18 9.16
N LYS A 33 8.37 12.47 8.13
CA LYS A 33 9.32 11.37 8.30
C LYS A 33 10.60 11.84 9.00
N LYS A 34 11.10 13.00 8.60
CA LYS A 34 12.32 13.54 9.19
C LYS A 34 12.06 14.10 10.59
N ASP A 35 10.82 14.40 10.89
CA ASP A 35 10.47 14.96 12.20
C ASP A 35 10.16 13.85 13.20
N GLY A 36 10.17 12.63 12.68
CA GLY A 36 10.02 11.46 13.53
C GLY A 36 8.59 11.03 13.65
N LYS A 37 7.77 11.42 12.69
CA LYS A 37 6.41 10.94 12.60
C LYS A 37 6.43 9.47 12.23
N ALA A 38 5.50 8.72 12.78
CA ALA A 38 5.46 7.28 12.59
C ALA A 38 5.01 6.94 11.17
N LYS A 39 5.31 5.73 10.71
CA LYS A 39 4.89 5.31 9.37
C LYS A 39 3.38 5.39 9.28
N LYS A 40 2.71 5.02 10.36
CA LYS A 40 1.26 5.05 10.43
C LYS A 40 0.71 6.47 10.20
N GLU A 41 1.56 7.49 10.40
CA GLU A 41 1.15 8.88 10.25
C GLU A 41 1.40 9.37 8.82
N LEU A 42 2.39 8.72 8.22
CA LEU A 42 2.68 8.89 6.81
C LEU A 42 1.62 8.18 5.97
N GLU A 43 1.25 7.00 6.43
CA GLU A 43 0.18 6.21 5.82
C GLU A 43 -1.15 6.93 6.00
N ALA A 44 -1.16 7.89 6.91
CA ALA A 44 -2.37 8.65 7.21
C ALA A 44 -2.49 9.90 6.36
N LYS A 45 -1.37 10.60 6.22
CA LYS A 45 -1.28 11.78 5.38
C LYS A 45 -1.68 11.47 3.94
N ILE A 46 -1.10 10.41 3.38
CA ILE A 46 -1.39 10.01 2.02
C ILE A 46 -2.86 9.66 1.86
N LEU A 47 -3.39 8.89 2.80
CA LEU A 47 -4.79 8.48 2.75
C LEU A 47 -5.73 9.66 2.88
N HIS A 48 -5.28 10.69 3.59
CA HIS A 48 -6.03 11.93 3.71
C HIS A 48 -6.07 12.63 2.34
N TYR A 49 -4.91 12.77 1.70
CA TYR A 49 -4.82 13.30 0.35
C TYR A 49 -5.69 12.48 -0.59
N TYR A 50 -5.57 11.18 -0.44
CA TYR A 50 -6.24 10.20 -1.27
C TYR A 50 -7.76 10.35 -1.22
N ASP A 51 -8.30 10.51 -0.03
CA ASP A 51 -9.75 10.50 0.12
C ASP A 51 -10.38 11.81 -0.36
N GLU A 52 -9.59 12.89 -0.48
CA GLU A 52 -10.11 14.16 -0.95
C GLU A 52 -9.80 14.37 -2.44
N LEU A 53 -9.39 13.30 -3.13
CA LEU A 53 -9.01 13.35 -4.53
C LEU A 53 -10.20 13.66 -5.46
N GLU A 54 -9.98 13.40 -6.73
CA GLU A 54 -10.91 13.74 -7.80
C GLU A 54 -11.21 12.50 -8.63
N GLY A 55 -11.96 12.65 -9.71
CA GLY A 55 -12.35 11.50 -10.53
C GLY A 55 -11.17 10.65 -11.00
N ASP A 56 -10.45 11.12 -12.01
CA ASP A 56 -9.29 10.40 -12.54
C ASP A 56 -8.16 10.42 -11.52
N ALA A 57 -8.11 11.45 -10.69
CA ALA A 57 -7.06 11.55 -9.69
C ALA A 57 -7.14 10.38 -8.73
N LYS A 58 -8.37 10.08 -8.29
CA LYS A 58 -8.63 8.96 -7.40
C LYS A 58 -8.18 7.66 -8.03
N LYS A 59 -8.73 7.39 -9.22
CA LYS A 59 -8.40 6.17 -9.96
C LYS A 59 -6.90 6.03 -10.14
N GLU A 60 -6.25 7.11 -10.56
CA GLU A 60 -4.82 7.09 -10.81
C GLU A 60 -4.04 6.92 -9.52
N ALA A 61 -4.38 7.67 -8.49
CA ALA A 61 -3.70 7.51 -7.23
C ALA A 61 -3.88 6.08 -6.72
N THR A 62 -5.13 5.64 -6.69
CA THR A 62 -5.46 4.30 -6.24
C THR A 62 -4.64 3.22 -6.95
N GLU A 63 -4.55 3.38 -8.27
CA GLU A 63 -3.76 2.49 -9.12
C GLU A 63 -2.27 2.60 -8.80
N HIS A 64 -1.80 3.77 -8.39
CA HIS A 64 -0.41 3.96 -8.04
C HIS A 64 -0.12 3.27 -6.72
N LEU A 65 -0.93 3.57 -5.72
CA LEU A 65 -0.89 2.90 -4.44
C LEU A 65 -1.05 1.40 -4.59
N LYS A 66 -1.81 0.95 -5.60
CA LYS A 66 -1.96 -0.47 -5.86
C LYS A 66 -0.64 -1.07 -6.29
N GLY A 67 0.00 -0.47 -7.30
CA GLY A 67 1.32 -0.90 -7.71
C GLY A 67 2.31 -0.86 -6.55
N GLY A 68 2.17 0.14 -5.70
CA GLY A 68 2.97 0.20 -4.48
C GLY A 68 2.69 -1.00 -3.60
N CYS A 69 1.41 -1.30 -3.43
CA CYS A 69 0.97 -2.46 -2.68
C CYS A 69 1.45 -3.75 -3.35
N ARG A 70 1.59 -3.69 -4.67
CA ARG A 70 2.03 -4.82 -5.45
C ARG A 70 3.51 -5.11 -5.18
N GLU A 71 4.24 -4.12 -4.71
CA GLU A 71 5.62 -4.32 -4.33
C GLU A 71 5.71 -4.68 -2.85
N ILE A 72 4.89 -4.03 -2.03
CA ILE A 72 4.93 -4.28 -0.60
C ILE A 72 4.12 -5.51 -0.23
N LEU A 73 2.79 -5.38 -0.27
CA LEU A 73 1.91 -6.38 0.30
C LEU A 73 2.00 -7.68 -0.47
N LYS A 74 1.91 -7.57 -1.80
CA LYS A 74 2.01 -8.75 -2.63
C LYS A 74 3.21 -9.58 -2.18
N HIS A 75 4.41 -9.15 -2.53
CA HIS A 75 5.67 -9.68 -1.95
C HIS A 75 5.60 -10.00 -0.43
N VAL A 76 4.85 -9.22 0.33
CA VAL A 76 4.89 -9.33 1.78
C VAL A 76 4.20 -10.60 2.30
N VAL A 77 3.11 -11.01 1.69
CA VAL A 77 2.64 -12.39 1.83
C VAL A 77 3.44 -13.23 0.84
N GLY A 78 3.87 -12.66 -0.25
CA GLY A 78 4.67 -13.38 -1.21
C GLY A 78 3.99 -13.46 -2.56
N GLU A 79 4.76 -13.79 -3.57
CA GLU A 79 4.24 -13.86 -4.93
C GLU A 79 3.25 -15.01 -5.08
N GLU A 80 3.19 -15.87 -4.06
CA GLU A 80 2.20 -16.95 -4.06
C GLU A 80 0.79 -16.42 -3.83
N LYS A 81 0.55 -15.93 -2.63
CA LYS A 81 -0.78 -15.62 -2.17
C LYS A 81 -1.40 -14.49 -2.94
N ALA A 82 -0.69 -13.39 -3.05
CA ALA A 82 -1.21 -12.21 -3.70
C ALA A 82 -1.47 -12.47 -5.18
N ALA A 83 -0.79 -13.48 -5.72
CA ALA A 83 -1.02 -13.89 -7.09
C ALA A 83 -2.37 -14.58 -7.20
N GLU A 84 -2.68 -15.39 -6.18
CA GLU A 84 -3.93 -16.13 -6.14
C GLU A 84 -5.09 -15.20 -5.87
N LEU A 85 -4.81 -14.07 -5.21
CA LEU A 85 -5.84 -13.10 -4.90
C LEU A 85 -6.08 -12.19 -6.09
N LYS A 86 -5.01 -11.92 -6.84
CA LYS A 86 -5.12 -11.18 -8.08
C LYS A 86 -5.91 -12.02 -9.09
N ASN A 87 -5.51 -13.28 -9.22
CA ASN A 87 -6.17 -14.20 -10.12
C ASN A 87 -7.61 -14.46 -9.68
N LEU A 88 -7.83 -14.38 -8.38
CA LEU A 88 -9.17 -14.55 -7.85
C LEU A 88 -10.11 -13.50 -8.43
N LYS A 89 -9.66 -12.25 -8.46
CA LYS A 89 -10.48 -11.15 -8.94
C LYS A 89 -10.87 -11.37 -10.41
N ASP A 90 -9.88 -11.66 -11.25
CA ASP A 90 -10.11 -11.88 -12.67
C ASP A 90 -10.90 -13.16 -12.93
N SER A 91 -10.80 -14.12 -12.04
CA SER A 91 -11.54 -15.37 -12.18
C SER A 91 -12.99 -15.16 -11.77
N GLY A 92 -13.27 -14.05 -11.11
CA GLY A 92 -14.64 -13.70 -10.79
C GLY A 92 -14.95 -13.82 -9.33
N ALA A 93 -13.91 -13.88 -8.49
CA ALA A 93 -14.12 -13.86 -7.07
C ALA A 93 -14.76 -12.53 -6.69
N SER A 94 -15.73 -12.62 -5.81
CA SER A 94 -16.40 -11.48 -5.25
C SER A 94 -15.43 -10.70 -4.35
N LYS A 95 -15.75 -9.44 -4.05
CA LYS A 95 -14.90 -8.62 -3.20
C LYS A 95 -14.61 -9.32 -1.89
N GLU A 96 -15.60 -10.06 -1.40
CA GLU A 96 -15.49 -10.83 -0.17
C GLU A 96 -14.44 -11.94 -0.26
N GLU A 97 -14.31 -12.56 -1.42
CA GLU A 97 -13.35 -13.63 -1.63
C GLU A 97 -11.95 -13.07 -1.59
N LEU A 98 -11.80 -11.84 -2.04
CA LEU A 98 -10.56 -11.11 -1.77
C LEU A 98 -10.59 -10.76 -0.29
N LYS A 99 -11.68 -10.26 0.24
CA LYS A 99 -11.61 -9.63 1.56
C LYS A 99 -11.35 -10.64 2.64
N ALA A 100 -11.99 -11.78 2.51
CA ALA A 100 -11.86 -12.84 3.47
C ALA A 100 -10.60 -13.65 3.27
N LYS A 101 -10.39 -14.10 2.02
CA LYS A 101 -9.27 -14.98 1.72
C LYS A 101 -7.91 -14.28 1.89
N VAL A 102 -7.94 -12.94 1.89
CA VAL A 102 -6.75 -12.15 2.12
C VAL A 102 -6.31 -12.30 3.58
N GLU A 103 -7.29 -12.25 4.48
CA GLU A 103 -7.00 -12.36 5.91
C GLU A 103 -6.39 -13.72 6.22
N GLU A 104 -6.71 -14.69 5.39
CA GLU A 104 -6.19 -16.04 5.53
C GLU A 104 -4.76 -16.13 4.99
N ALA A 105 -4.52 -15.45 3.89
CA ALA A 105 -3.21 -15.45 3.26
C ALA A 105 -2.23 -14.61 4.07
N LEU A 106 -2.63 -13.39 4.38
CA LEU A 106 -1.82 -12.48 5.17
C LEU A 106 -1.79 -12.91 6.64
N HIS A 107 -2.53 -13.97 6.96
CA HIS A 107 -2.39 -14.61 8.24
C HIS A 107 -1.13 -15.45 8.22
N ALA A 108 -0.96 -16.17 7.12
CA ALA A 108 0.05 -17.22 6.97
C ALA A 108 1.49 -16.70 7.06
N VAL A 109 1.67 -15.38 7.10
CA VAL A 109 2.98 -14.80 7.10
C VAL A 109 3.54 -14.74 8.53
N THR A 110 4.85 -14.90 8.62
CA THR A 110 5.50 -14.97 9.93
C THR A 110 6.84 -14.24 9.98
N ASP A 111 7.25 -13.63 8.89
CA ASP A 111 8.45 -12.80 8.92
C ASP A 111 8.12 -11.41 9.46
N GLU A 112 8.86 -11.04 10.50
CA GLU A 112 8.53 -9.88 11.32
C GLU A 112 8.31 -8.61 10.52
N GLU A 113 9.29 -8.24 9.70
CA GLU A 113 9.21 -7.03 8.89
C GLU A 113 8.01 -7.08 7.96
N LYS A 114 7.77 -8.23 7.35
CA LYS A 114 6.63 -8.42 6.47
C LYS A 114 5.31 -8.19 7.20
N LYS A 115 5.26 -8.59 8.47
CA LYS A 115 4.05 -8.38 9.26
C LYS A 115 4.01 -6.97 9.86
N GLN A 116 5.15 -6.31 9.84
CA GLN A 116 5.22 -4.89 10.18
C GLN A 116 4.54 -4.06 9.08
N TYR A 117 4.77 -4.47 7.84
CA TYR A 117 4.11 -3.82 6.71
C TYR A 117 2.63 -4.07 6.76
N ILE A 118 2.25 -5.26 7.22
CA ILE A 118 0.86 -5.61 7.40
C ILE A 118 0.16 -4.74 8.45
N ALA A 119 0.88 -4.36 9.50
CA ALA A 119 0.31 -3.51 10.55
C ALA A 119 0.29 -2.05 10.12
N ASP A 120 1.38 -1.60 9.53
CA ASP A 120 1.48 -0.19 9.13
C ASP A 120 0.66 0.09 7.87
N PHE A 121 0.99 -0.64 6.83
CA PHE A 121 0.44 -0.37 5.51
C PHE A 121 -0.74 -1.29 5.16
N GLY A 122 -0.79 -2.44 5.81
CA GLY A 122 -1.80 -3.46 5.50
C GLY A 122 -3.25 -2.93 5.50
N PRO A 123 -3.76 -2.40 6.64
CA PRO A 123 -5.16 -1.96 6.75
C PRO A 123 -5.50 -0.84 5.76
N ALA A 124 -4.48 -0.13 5.34
CA ALA A 124 -4.63 0.97 4.40
C ALA A 124 -4.54 0.48 2.97
N CYS A 125 -3.73 -0.55 2.76
CA CYS A 125 -3.68 -1.24 1.49
C CYS A 125 -5.05 -1.84 1.15
N LYS A 126 -5.82 -2.16 2.18
CA LYS A 126 -7.16 -2.70 2.02
C LYS A 126 -8.07 -1.74 1.25
N LYS A 127 -8.15 -0.48 1.69
CA LYS A 127 -8.92 0.53 0.95
C LYS A 127 -8.24 0.79 -0.39
N ILE A 128 -6.93 0.57 -0.46
CA ILE A 128 -6.18 0.79 -1.69
C ILE A 128 -6.60 -0.18 -2.80
N TYR A 129 -6.66 -1.43 -2.39
CA TYR A 129 -7.20 -2.55 -3.15
C TYR A 129 -8.72 -2.61 -3.05
N GLY A 130 -9.30 -1.44 -2.78
CA GLY A 130 -10.58 -1.20 -2.05
C GLY A 130 -11.54 -2.35 -1.82
N VAL A 131 -11.01 -3.54 -1.63
CA VAL A 131 -11.76 -4.67 -1.08
C VAL A 131 -12.49 -4.24 0.20
N HIS A 132 -11.88 -3.30 0.92
CA HIS A 132 -12.48 -2.72 2.13
C HIS A 132 -13.43 -1.59 1.74
N THR A 133 -14.31 -1.89 0.81
CA THR A 133 -15.34 -0.97 0.37
C THR A 133 -16.52 -1.77 -0.18
N SER A 134 -16.94 -2.76 0.60
CA SER A 134 -17.99 -3.66 0.19
C SER A 134 -19.20 -3.49 1.11
N GLY A 1 20.55 -11.93 9.79
CA GLY A 1 21.25 -10.95 10.65
C GLY A 1 20.35 -9.80 11.05
N SER A 2 20.94 -8.63 11.25
CA SER A 2 20.17 -7.44 11.59
C SER A 2 19.43 -6.91 10.37
N PRO A 3 18.09 -6.87 10.44
CA PRO A 3 17.25 -6.43 9.31
C PRO A 3 17.34 -4.93 9.05
N GLU A 4 18.47 -4.51 8.50
CA GLU A 4 18.68 -3.12 8.16
C GLU A 4 18.51 -2.93 6.66
N PHE A 5 17.49 -2.17 6.26
CA PHE A 5 17.23 -1.91 4.86
C PHE A 5 16.59 -0.55 4.69
N HIS A 6 16.85 0.07 3.55
CA HIS A 6 16.33 1.40 3.25
C HIS A 6 15.45 1.32 1.99
N HIS A 7 14.67 0.26 1.91
CA HIS A 7 13.84 0.01 0.74
C HIS A 7 12.53 0.77 0.83
N PHE A 8 11.89 0.71 1.99
CA PHE A 8 10.62 1.40 2.20
C PHE A 8 10.85 2.78 2.78
N THR A 9 11.00 3.75 1.91
CA THR A 9 11.12 5.15 2.30
C THR A 9 10.24 6.00 1.40
N LEU A 10 9.70 7.07 1.96
CA LEU A 10 8.71 7.89 1.27
C LEU A 10 9.31 8.60 0.06
N GLU A 11 10.62 8.86 0.10
CA GLU A 11 11.35 9.30 -1.09
C GLU A 11 11.21 8.22 -2.18
N SER A 12 11.35 6.95 -1.85
CA SER A 12 11.35 5.88 -2.86
C SER A 12 10.14 5.89 -3.78
N SER A 13 9.03 6.49 -3.36
CA SER A 13 7.81 6.45 -4.14
C SER A 13 7.55 7.71 -4.99
N LEU A 14 8.27 8.79 -4.71
CA LEU A 14 7.85 10.13 -5.14
C LEU A 14 7.67 10.33 -6.64
N ASP A 15 8.41 9.54 -7.40
CA ASP A 15 8.29 9.57 -8.85
C ASP A 15 7.58 8.34 -9.37
N THR A 16 7.14 7.49 -8.45
CA THR A 16 6.45 6.28 -8.82
C THR A 16 5.08 6.19 -8.16
N HIS A 17 5.02 5.44 -7.05
CA HIS A 17 3.76 5.22 -6.35
C HIS A 17 3.15 6.54 -5.87
N LEU A 18 3.96 7.44 -5.34
CA LEU A 18 3.43 8.64 -4.69
C LEU A 18 3.64 9.89 -5.54
N LYS A 19 3.76 9.67 -6.84
CA LYS A 19 4.08 10.72 -7.81
C LYS A 19 2.93 11.72 -7.95
N TRP A 20 1.74 11.28 -7.58
CA TRP A 20 0.54 12.10 -7.71
C TRP A 20 0.47 13.17 -6.61
N LEU A 21 1.43 13.14 -5.70
CA LEU A 21 1.55 14.21 -4.71
C LEU A 21 2.19 15.43 -5.36
N SER A 22 1.77 16.59 -4.88
CA SER A 22 2.35 17.84 -5.34
C SER A 22 3.71 18.05 -4.68
N GLN A 23 4.55 18.91 -5.25
CA GLN A 23 5.87 19.17 -4.66
C GLN A 23 5.70 19.57 -3.20
N GLU A 24 4.80 20.51 -2.96
CA GLU A 24 4.53 20.98 -1.62
C GLU A 24 4.12 19.82 -0.71
N GLN A 25 3.36 18.86 -1.26
CA GLN A 25 2.94 17.70 -0.50
C GLN A 25 4.12 16.78 -0.26
N LYS A 26 4.87 16.48 -1.31
CA LYS A 26 6.04 15.61 -1.19
C LYS A 26 7.00 16.16 -0.14
N ASP A 27 7.24 17.45 -0.22
CA ASP A 27 8.09 18.16 0.74
C ASP A 27 7.45 18.18 2.12
N GLU A 28 6.12 18.21 2.19
CA GLU A 28 5.41 18.05 3.45
C GLU A 28 5.67 16.66 4.05
N LEU A 29 5.41 15.62 3.26
CA LEU A 29 5.55 14.24 3.71
C LEU A 29 7.00 13.94 4.12
N LEU A 30 7.95 14.44 3.32
CA LEU A 30 9.36 14.24 3.61
C LEU A 30 9.74 14.93 4.92
N LYS A 31 9.13 16.09 5.16
CA LYS A 31 9.36 16.83 6.38
C LYS A 31 8.94 16.02 7.59
N MET A 32 7.78 15.39 7.49
CA MET A 32 7.29 14.53 8.55
C MET A 32 8.19 13.33 8.78
N LYS A 33 8.49 12.57 7.72
CA LYS A 33 9.29 11.36 7.83
C LYS A 33 10.68 11.66 8.40
N LYS A 34 11.25 12.77 7.97
CA LYS A 34 12.59 13.15 8.43
C LYS A 34 12.59 13.80 9.81
N ASP A 35 11.45 14.31 10.24
CA ASP A 35 11.37 14.93 11.57
C ASP A 35 11.04 13.87 12.62
N GLY A 36 10.96 12.63 12.15
CA GLY A 36 10.80 11.51 13.04
C GLY A 36 9.36 11.18 13.30
N LYS A 37 8.49 11.59 12.39
CA LYS A 37 7.10 11.19 12.46
C LYS A 37 6.99 9.71 12.13
N ALA A 38 6.00 9.07 12.72
CA ALA A 38 5.79 7.65 12.54
C ALA A 38 5.19 7.38 11.17
N LYS A 39 5.47 6.21 10.61
CA LYS A 39 4.88 5.81 9.33
C LYS A 39 3.36 5.95 9.37
N LYS A 40 2.78 5.70 10.54
CA LYS A 40 1.35 5.86 10.76
C LYS A 40 0.88 7.29 10.41
N GLU A 41 1.79 8.26 10.53
CA GLU A 41 1.45 9.66 10.32
C GLU A 41 1.61 10.05 8.84
N LEU A 42 2.53 9.33 8.21
CA LEU A 42 2.70 9.40 6.79
C LEU A 42 1.52 8.74 6.08
N GLU A 43 1.12 7.59 6.62
CA GLU A 43 -0.06 6.87 6.13
C GLU A 43 -1.31 7.73 6.29
N ALA A 44 -1.23 8.71 7.16
CA ALA A 44 -2.38 9.52 7.52
C ALA A 44 -2.56 10.73 6.62
N LYS A 45 -1.45 11.39 6.35
CA LYS A 45 -1.43 12.55 5.49
C LYS A 45 -1.78 12.12 4.06
N ILE A 46 -1.20 11.00 3.63
CA ILE A 46 -1.46 10.46 2.31
C ILE A 46 -2.90 9.97 2.18
N LEU A 47 -3.39 9.27 3.19
CA LEU A 47 -4.77 8.76 3.15
C LEU A 47 -5.78 9.89 3.13
N HIS A 48 -5.45 10.97 3.82
CA HIS A 48 -6.26 12.19 3.76
C HIS A 48 -6.31 12.71 2.32
N TYR A 49 -5.14 12.88 1.70
CA TYR A 49 -5.07 13.32 0.31
C TYR A 49 -5.83 12.35 -0.59
N TYR A 50 -5.52 11.08 -0.39
CA TYR A 50 -6.07 10.00 -1.18
C TYR A 50 -7.60 9.99 -1.12
N ASP A 51 -8.15 10.13 0.07
CA ASP A 51 -9.59 10.01 0.24
C ASP A 51 -10.30 11.32 -0.14
N GLU A 52 -9.52 12.38 -0.33
CA GLU A 52 -10.06 13.63 -0.83
C GLU A 52 -9.99 13.66 -2.35
N LEU A 53 -9.31 12.68 -2.92
CA LEU A 53 -9.21 12.57 -4.35
C LEU A 53 -10.49 12.01 -4.92
N GLU A 54 -10.69 12.32 -6.17
CA GLU A 54 -11.85 11.84 -6.91
C GLU A 54 -11.54 11.73 -8.39
N GLY A 55 -12.45 11.09 -9.12
CA GLY A 55 -12.33 10.98 -10.56
C GLY A 55 -11.09 10.21 -11.00
N ASP A 56 -10.55 10.61 -12.15
CA ASP A 56 -9.36 9.96 -12.72
C ASP A 56 -8.18 10.09 -11.77
N ALA A 57 -8.08 11.22 -11.07
CA ALA A 57 -6.97 11.43 -10.15
C ALA A 57 -6.97 10.35 -9.08
N LYS A 58 -8.15 10.13 -8.51
CA LYS A 58 -8.31 9.16 -7.44
C LYS A 58 -8.02 7.79 -7.99
N LYS A 59 -8.64 7.49 -9.12
CA LYS A 59 -8.40 6.27 -9.86
C LYS A 59 -6.91 6.03 -10.05
N GLU A 60 -6.23 7.07 -10.54
CA GLU A 60 -4.80 7.00 -10.80
C GLU A 60 -4.02 6.82 -9.51
N ALA A 61 -4.32 7.62 -8.50
CA ALA A 61 -3.62 7.50 -7.24
C ALA A 61 -3.84 6.12 -6.66
N THR A 62 -5.11 5.73 -6.58
CA THR A 62 -5.50 4.41 -6.11
C THR A 62 -4.71 3.29 -6.78
N GLU A 63 -4.62 3.38 -8.11
CA GLU A 63 -3.87 2.45 -8.91
C GLU A 63 -2.38 2.47 -8.56
N HIS A 64 -1.87 3.63 -8.16
CA HIS A 64 -0.47 3.75 -7.80
C HIS A 64 -0.22 3.14 -6.43
N LEU A 65 -1.07 3.51 -5.48
CA LEU A 65 -1.05 2.92 -4.15
C LEU A 65 -1.32 1.41 -4.21
N LYS A 66 -2.15 0.98 -5.15
CA LYS A 66 -2.42 -0.44 -5.34
C LYS A 66 -1.15 -1.15 -5.73
N GLY A 67 -0.47 -0.66 -6.76
CA GLY A 67 0.80 -1.21 -7.17
C GLY A 67 1.81 -1.14 -6.04
N GLY A 68 1.82 -0.03 -5.32
CA GLY A 68 2.69 0.14 -4.17
C GLY A 68 2.44 -0.90 -3.09
N CYS A 69 1.18 -1.05 -2.72
CA CYS A 69 0.81 -2.04 -1.71
C CYS A 69 1.00 -3.45 -2.26
N ARG A 70 0.85 -3.60 -3.56
CA ARG A 70 1.08 -4.88 -4.22
C ARG A 70 2.56 -5.25 -4.11
N GLU A 71 3.43 -4.23 -4.16
CA GLU A 71 4.86 -4.44 -3.90
C GLU A 71 5.05 -4.98 -2.50
N ILE A 72 4.35 -4.38 -1.54
CA ILE A 72 4.35 -4.85 -0.17
C ILE A 72 3.87 -6.29 -0.10
N LEU A 73 2.78 -6.56 -0.82
CA LEU A 73 2.20 -7.89 -0.88
C LEU A 73 3.16 -8.88 -1.54
N LYS A 74 4.14 -8.32 -2.25
CA LYS A 74 5.06 -9.13 -3.04
C LYS A 74 6.17 -9.73 -2.19
N HIS A 75 6.39 -9.20 -0.99
CA HIS A 75 7.36 -9.79 -0.08
C HIS A 75 6.60 -10.56 0.97
N VAL A 76 5.59 -9.86 1.48
CA VAL A 76 4.87 -10.25 2.65
C VAL A 76 4.10 -11.55 2.45
N VAL A 77 3.45 -11.68 1.31
CA VAL A 77 2.81 -12.93 0.97
C VAL A 77 3.60 -13.64 -0.11
N GLY A 78 4.63 -12.95 -0.59
CA GLY A 78 5.45 -13.47 -1.67
C GLY A 78 4.75 -13.38 -3.00
N GLU A 79 5.50 -13.52 -4.08
CA GLU A 79 4.90 -13.56 -5.40
C GLU A 79 3.99 -14.77 -5.51
N GLU A 80 4.32 -15.80 -4.73
CA GLU A 80 3.51 -17.02 -4.63
C GLU A 80 2.02 -16.72 -4.51
N LYS A 81 1.62 -16.14 -3.39
CA LYS A 81 0.21 -15.96 -3.08
C LYS A 81 -0.36 -14.79 -3.86
N ALA A 82 0.43 -13.75 -4.05
CA ALA A 82 -0.01 -12.61 -4.84
C ALA A 82 -0.34 -13.04 -6.26
N ALA A 83 0.36 -14.06 -6.73
CA ALA A 83 0.12 -14.64 -8.04
C ALA A 83 -1.25 -15.31 -8.09
N GLU A 84 -1.63 -15.94 -6.98
CA GLU A 84 -2.89 -16.65 -6.91
C GLU A 84 -4.05 -15.68 -6.71
N LEU A 85 -3.76 -14.56 -6.07
CA LEU A 85 -4.75 -13.53 -5.84
C LEU A 85 -4.98 -12.70 -7.08
N LYS A 86 -3.90 -12.45 -7.82
CA LYS A 86 -3.99 -11.73 -9.07
C LYS A 86 -4.78 -12.55 -10.08
N ASN A 87 -4.45 -13.83 -10.19
CA ASN A 87 -5.17 -14.74 -11.07
C ASN A 87 -6.60 -14.90 -10.57
N LEU A 88 -6.77 -15.01 -9.26
CA LEU A 88 -8.10 -15.13 -8.69
C LEU A 88 -8.99 -13.98 -9.16
N LYS A 89 -8.43 -12.78 -9.10
CA LYS A 89 -9.16 -11.58 -9.51
C LYS A 89 -9.64 -11.69 -10.95
N ASP A 90 -8.72 -11.94 -11.87
CA ASP A 90 -9.06 -12.05 -13.30
C ASP A 90 -9.90 -13.29 -13.59
N SER A 91 -9.88 -14.26 -12.69
CA SER A 91 -10.73 -15.44 -12.84
C SER A 91 -12.15 -15.15 -12.36
N GLY A 92 -12.32 -14.00 -11.69
CA GLY A 92 -13.64 -13.57 -11.32
C GLY A 92 -13.80 -13.35 -9.83
N ALA A 93 -12.72 -13.49 -9.06
CA ALA A 93 -12.79 -13.29 -7.62
C ALA A 93 -13.37 -11.94 -7.31
N SER A 94 -14.42 -11.97 -6.52
CA SER A 94 -15.06 -10.76 -6.04
C SER A 94 -14.16 -10.06 -5.04
N LYS A 95 -14.45 -8.79 -4.75
CA LYS A 95 -13.68 -8.03 -3.77
C LYS A 95 -13.62 -8.75 -2.43
N GLU A 96 -14.63 -9.57 -2.16
CA GLU A 96 -14.70 -10.31 -0.91
C GLU A 96 -13.69 -11.46 -0.89
N GLU A 97 -13.50 -12.12 -2.02
CA GLU A 97 -12.58 -13.23 -2.12
C GLU A 97 -11.17 -12.71 -1.94
N LEU A 98 -10.97 -11.50 -2.40
CA LEU A 98 -9.73 -10.79 -2.11
C LEU A 98 -9.76 -10.41 -0.65
N LYS A 99 -10.87 -9.93 -0.13
CA LYS A 99 -10.90 -9.38 1.22
C LYS A 99 -10.65 -10.47 2.24
N ALA A 100 -11.23 -11.61 2.00
CA ALA A 100 -11.17 -12.70 2.93
C ALA A 100 -9.97 -13.60 2.68
N LYS A 101 -9.82 -14.08 1.45
CA LYS A 101 -8.74 -15.02 1.14
C LYS A 101 -7.37 -14.37 1.24
N VAL A 102 -7.34 -13.04 1.23
CA VAL A 102 -6.12 -12.31 1.48
C VAL A 102 -5.67 -12.54 2.93
N GLU A 103 -6.65 -12.68 3.82
CA GLU A 103 -6.41 -12.76 5.24
C GLU A 103 -5.91 -14.14 5.64
N GLU A 104 -6.20 -15.14 4.83
CA GLU A 104 -5.70 -16.49 5.09
C GLU A 104 -4.27 -16.62 4.62
N ALA A 105 -3.97 -15.91 3.54
CA ALA A 105 -2.60 -15.82 3.06
C ALA A 105 -1.76 -15.00 4.03
N LEU A 106 -2.25 -13.81 4.35
CA LEU A 106 -1.65 -12.96 5.36
C LEU A 106 -1.73 -13.55 6.76
N HIS A 107 -2.41 -14.69 6.92
CA HIS A 107 -2.37 -15.39 8.18
C HIS A 107 -1.20 -16.37 8.15
N ALA A 108 -1.14 -17.15 7.07
CA ALA A 108 -0.22 -18.28 6.96
C ALA A 108 1.25 -17.85 6.96
N VAL A 109 1.50 -16.57 6.79
CA VAL A 109 2.84 -16.08 6.66
C VAL A 109 3.63 -16.16 7.97
N THR A 110 3.23 -15.37 8.96
CA THR A 110 3.71 -15.47 10.34
C THR A 110 5.18 -15.07 10.50
N ASP A 111 5.76 -14.49 9.45
CA ASP A 111 7.07 -13.88 9.57
C ASP A 111 6.93 -12.47 10.12
N GLU A 112 7.71 -12.18 11.16
CA GLU A 112 7.49 -10.99 11.99
C GLU A 112 7.45 -9.70 11.19
N GLU A 113 8.50 -9.46 10.42
CA GLU A 113 8.62 -8.25 9.62
C GLU A 113 7.49 -8.20 8.59
N LYS A 114 7.12 -9.36 8.04
CA LYS A 114 6.02 -9.45 7.12
C LYS A 114 4.70 -9.09 7.82
N LYS A 115 4.47 -9.67 8.99
CA LYS A 115 3.25 -9.38 9.77
C LYS A 115 3.23 -7.93 10.25
N GLN A 116 4.38 -7.28 10.14
CA GLN A 116 4.44 -5.86 10.36
C GLN A 116 3.72 -5.10 9.26
N TYR A 117 3.84 -5.57 8.01
CA TYR A 117 3.14 -4.94 6.88
C TYR A 117 1.65 -5.23 6.97
N ILE A 118 1.33 -6.45 7.39
CA ILE A 118 -0.04 -6.86 7.53
C ILE A 118 -0.79 -5.98 8.56
N ALA A 119 -0.08 -5.61 9.64
CA ALA A 119 -0.62 -4.70 10.64
C ALA A 119 -0.48 -3.25 10.20
N ASP A 120 0.66 -2.93 9.58
CA ASP A 120 0.97 -1.55 9.22
C ASP A 120 0.10 -1.09 8.06
N PHE A 121 0.19 -1.81 6.96
CA PHE A 121 -0.46 -1.38 5.73
C PHE A 121 -1.78 -2.09 5.51
N GLY A 122 -1.96 -3.24 6.16
CA GLY A 122 -3.15 -4.07 5.94
C GLY A 122 -4.45 -3.28 5.92
N PRO A 123 -4.86 -2.67 7.06
CA PRO A 123 -6.12 -1.93 7.17
C PRO A 123 -6.31 -0.89 6.06
N ALA A 124 -5.33 -0.02 5.89
CA ALA A 124 -5.42 1.06 4.91
C ALA A 124 -5.33 0.55 3.47
N CYS A 125 -4.58 -0.52 3.29
CA CYS A 125 -4.50 -1.19 1.99
C CYS A 125 -5.88 -1.65 1.54
N LYS A 126 -6.73 -1.97 2.51
CA LYS A 126 -8.09 -2.43 2.19
C LYS A 126 -8.92 -1.35 1.50
N LYS A 127 -8.84 -0.10 1.94
CA LYS A 127 -9.51 0.99 1.23
C LYS A 127 -8.79 1.21 -0.12
N ILE A 128 -7.49 0.97 -0.14
CA ILE A 128 -6.69 1.19 -1.34
C ILE A 128 -7.08 0.23 -2.47
N TYR A 129 -7.15 -1.03 -2.08
CA TYR A 129 -7.64 -2.14 -2.89
C TYR A 129 -9.16 -2.17 -2.92
N GLY A 130 -9.77 -1.00 -2.68
CA GLY A 130 -11.05 -0.77 -1.99
C GLY A 130 -11.99 -1.95 -1.73
N VAL A 131 -11.42 -3.13 -1.55
CA VAL A 131 -12.13 -4.31 -1.06
C VAL A 131 -12.74 -4.08 0.32
N HIS A 132 -12.41 -2.94 0.93
CA HIS A 132 -12.92 -2.59 2.26
C HIS A 132 -14.43 -2.32 2.22
N THR A 133 -15.21 -3.38 2.18
CA THR A 133 -16.64 -3.28 2.15
C THR A 133 -17.24 -4.10 3.30
N SER A 134 -18.32 -3.59 3.88
CA SER A 134 -18.98 -4.27 4.98
C SER A 134 -19.99 -5.29 4.47
N GLY A 1 29.49 -0.91 7.52
CA GLY A 1 28.85 -0.85 6.19
C GLY A 1 27.50 -0.19 6.25
N SER A 2 26.99 0.23 5.10
CA SER A 2 25.69 0.87 5.01
C SER A 2 24.57 -0.17 5.13
N PRO A 3 23.39 0.22 5.62
CA PRO A 3 22.24 -0.68 5.73
C PRO A 3 21.95 -1.41 4.42
N GLU A 4 21.66 -0.65 3.37
CA GLU A 4 21.41 -1.19 2.04
C GLU A 4 20.27 -2.21 2.05
N PHE A 5 19.16 -1.82 2.67
CA PHE A 5 17.95 -2.63 2.66
C PHE A 5 16.86 -1.92 1.87
N HIS A 6 16.49 -0.73 2.33
CA HIS A 6 15.47 0.08 1.66
C HIS A 6 14.17 -0.70 1.51
N HIS A 7 13.66 -1.18 2.63
CA HIS A 7 12.43 -1.96 2.64
C HIS A 7 11.22 -1.02 2.67
N PHE A 8 10.90 -0.46 1.51
CA PHE A 8 9.77 0.45 1.34
C PHE A 8 9.97 1.75 2.12
N THR A 9 10.41 2.77 1.41
CA THR A 9 10.67 4.05 2.04
C THR A 9 9.94 5.16 1.29
N LEU A 10 9.63 6.25 1.97
CA LEU A 10 8.82 7.31 1.39
C LEU A 10 9.46 7.96 0.14
N GLU A 11 10.75 8.29 0.22
CA GLU A 11 11.48 8.72 -0.98
C GLU A 11 11.38 7.63 -2.04
N SER A 12 11.52 6.37 -1.69
CA SER A 12 11.50 5.29 -2.68
C SER A 12 10.19 5.28 -3.50
N SER A 13 9.15 5.95 -3.03
CA SER A 13 7.88 5.98 -3.75
C SER A 13 7.67 7.23 -4.58
N LEU A 14 8.34 8.33 -4.25
CA LEU A 14 7.93 9.66 -4.70
C LEU A 14 7.82 9.86 -6.21
N ASP A 15 8.62 9.09 -6.93
CA ASP A 15 8.59 9.10 -8.39
C ASP A 15 7.85 7.89 -8.93
N THR A 16 7.37 7.05 -8.03
CA THR A 16 6.67 5.84 -8.41
C THR A 16 5.29 5.74 -7.78
N HIS A 17 5.20 4.99 -6.67
CA HIS A 17 3.93 4.77 -6.00
C HIS A 17 3.30 6.08 -5.56
N LEU A 18 4.11 7.00 -5.04
CA LEU A 18 3.57 8.20 -4.42
C LEU A 18 3.78 9.45 -5.27
N LYS A 19 3.93 9.23 -6.56
CA LYS A 19 4.24 10.31 -7.50
C LYS A 19 3.06 11.25 -7.70
N TRP A 20 1.87 10.78 -7.34
CA TRP A 20 0.64 11.57 -7.49
C TRP A 20 0.54 12.65 -6.43
N LEU A 21 1.49 12.66 -5.50
CA LEU A 21 1.59 13.75 -4.54
C LEU A 21 2.19 14.97 -5.23
N SER A 22 1.73 16.13 -4.78
CA SER A 22 2.27 17.39 -5.28
C SER A 22 3.62 17.65 -4.62
N GLN A 23 4.45 18.50 -5.20
CA GLN A 23 5.78 18.76 -4.63
C GLN A 23 5.61 19.22 -3.18
N GLU A 24 4.71 20.17 -2.95
CA GLU A 24 4.44 20.66 -1.62
C GLU A 24 4.00 19.53 -0.70
N GLN A 25 3.26 18.57 -1.23
CA GLN A 25 2.83 17.42 -0.45
C GLN A 25 4.02 16.50 -0.18
N LYS A 26 4.80 16.22 -1.22
CA LYS A 26 5.98 15.38 -1.07
C LYS A 26 6.90 15.97 0.00
N ASP A 27 7.12 17.27 -0.09
CA ASP A 27 7.93 18.00 0.87
C ASP A 27 7.27 18.05 2.24
N GLU A 28 5.95 18.06 2.28
CA GLU A 28 5.23 17.94 3.53
C GLU A 28 5.44 16.57 4.14
N LEU A 29 5.23 15.51 3.36
CA LEU A 29 5.42 14.13 3.82
C LEU A 29 6.87 13.90 4.25
N LEU A 30 7.80 14.34 3.40
CA LEU A 30 9.23 14.23 3.70
C LEU A 30 9.57 14.94 4.99
N LYS A 31 8.92 16.06 5.21
CA LYS A 31 9.14 16.87 6.40
C LYS A 31 8.76 16.08 7.65
N MET A 32 7.63 15.40 7.57
CA MET A 32 7.18 14.55 8.68
C MET A 32 8.16 13.42 8.98
N LYS A 33 8.51 12.63 7.97
CA LYS A 33 9.42 11.51 8.16
C LYS A 33 10.78 12.01 8.66
N LYS A 34 11.20 13.16 8.13
CA LYS A 34 12.46 13.78 8.52
C LYS A 34 12.45 14.18 9.99
N ASP A 35 11.37 14.81 10.43
CA ASP A 35 11.29 15.31 11.80
C ASP A 35 10.86 14.24 12.79
N GLY A 36 10.90 13.00 12.33
CA GLY A 36 10.80 11.87 13.23
C GLY A 36 9.37 11.44 13.48
N LYS A 37 8.50 11.76 12.54
CA LYS A 37 7.14 11.28 12.62
C LYS A 37 7.09 9.79 12.30
N ALA A 38 6.06 9.16 12.81
CA ALA A 38 5.86 7.73 12.58
C ALA A 38 5.34 7.48 11.19
N LYS A 39 5.63 6.29 10.66
CA LYS A 39 5.13 5.89 9.34
C LYS A 39 3.61 6.01 9.31
N LYS A 40 2.99 5.73 10.45
CA LYS A 40 1.54 5.82 10.58
C LYS A 40 1.04 7.25 10.36
N GLU A 41 1.93 8.23 10.44
CA GLU A 41 1.57 9.62 10.22
C GLU A 41 1.68 9.97 8.74
N LEU A 42 2.56 9.22 8.09
CA LEU A 42 2.69 9.25 6.65
C LEU A 42 1.51 8.53 6.00
N GLU A 43 1.18 7.37 6.57
CA GLU A 43 0.05 6.57 6.12
C GLU A 43 -1.25 7.34 6.31
N ALA A 44 -1.20 8.35 7.17
CA ALA A 44 -2.37 9.13 7.50
C ALA A 44 -2.55 10.33 6.58
N LYS A 45 -1.45 10.99 6.28
CA LYS A 45 -1.45 12.14 5.39
C LYS A 45 -1.80 11.70 3.98
N ILE A 46 -1.18 10.60 3.54
CA ILE A 46 -1.43 10.05 2.22
C ILE A 46 -2.89 9.63 2.08
N LEU A 47 -3.41 8.93 3.09
CA LEU A 47 -4.80 8.48 3.06
C LEU A 47 -5.76 9.66 3.09
N HIS A 48 -5.37 10.74 3.76
CA HIS A 48 -6.17 11.95 3.77
C HIS A 48 -6.18 12.56 2.37
N TYR A 49 -5.00 12.73 1.76
CA TYR A 49 -4.91 13.21 0.39
C TYR A 49 -5.74 12.34 -0.54
N TYR A 50 -5.59 11.04 -0.33
CA TYR A 50 -6.24 10.01 -1.11
C TYR A 50 -7.76 10.16 -1.09
N ASP A 51 -8.33 10.27 0.10
CA ASP A 51 -9.78 10.33 0.24
C ASP A 51 -10.32 11.67 -0.25
N GLU A 52 -9.46 12.67 -0.33
CA GLU A 52 -9.86 13.99 -0.79
C GLU A 52 -9.69 14.10 -2.31
N LEU A 53 -9.52 12.96 -2.97
CA LEU A 53 -9.37 12.91 -4.40
C LEU A 53 -10.64 12.48 -5.06
N GLU A 54 -10.76 12.83 -6.31
CA GLU A 54 -11.87 12.42 -7.14
C GLU A 54 -11.46 12.29 -8.60
N GLY A 55 -12.37 11.79 -9.43
CA GLY A 55 -12.14 11.71 -10.85
C GLY A 55 -10.94 10.85 -11.21
N ASP A 56 -10.25 11.26 -12.27
CA ASP A 56 -9.09 10.53 -12.75
C ASP A 56 -7.98 10.53 -11.71
N ALA A 57 -7.89 11.60 -10.93
CA ALA A 57 -6.82 11.68 -9.94
C ALA A 57 -6.97 10.57 -8.93
N LYS A 58 -8.18 10.44 -8.40
CA LYS A 58 -8.51 9.43 -7.41
C LYS A 58 -8.20 8.05 -7.97
N LYS A 59 -8.77 7.76 -9.14
CA LYS A 59 -8.52 6.49 -9.81
C LYS A 59 -7.02 6.23 -9.95
N GLU A 60 -6.28 7.26 -10.36
CA GLU A 60 -4.85 7.14 -10.55
C GLU A 60 -4.16 6.92 -9.22
N ALA A 61 -4.48 7.73 -8.22
CA ALA A 61 -3.83 7.60 -6.93
C ALA A 61 -4.10 6.20 -6.38
N THR A 62 -5.37 5.82 -6.40
CA THR A 62 -5.78 4.52 -5.92
C THR A 62 -5.01 3.38 -6.59
N GLU A 63 -4.95 3.46 -7.92
CA GLU A 63 -4.23 2.48 -8.73
C GLU A 63 -2.74 2.46 -8.40
N HIS A 64 -2.16 3.64 -8.17
CA HIS A 64 -0.75 3.74 -7.80
C HIS A 64 -0.53 3.17 -6.41
N LEU A 65 -1.50 3.39 -5.53
CA LEU A 65 -1.44 2.84 -4.19
C LEU A 65 -1.66 1.34 -4.24
N LYS A 66 -2.46 0.87 -5.20
CA LYS A 66 -2.67 -0.55 -5.40
C LYS A 66 -1.37 -1.20 -5.79
N GLY A 67 -0.75 -0.71 -6.86
CA GLY A 67 0.54 -1.22 -7.29
C GLY A 67 1.58 -1.10 -6.19
N GLY A 68 1.56 0.03 -5.49
CA GLY A 68 2.44 0.22 -4.36
C GLY A 68 2.29 -0.84 -3.30
N CYS A 69 1.06 -1.06 -2.87
CA CYS A 69 0.79 -2.06 -1.85
C CYS A 69 0.91 -3.46 -2.44
N ARG A 70 0.73 -3.58 -3.76
CA ARG A 70 0.98 -4.84 -4.45
C ARG A 70 2.44 -5.24 -4.26
N GLU A 71 3.32 -4.25 -4.40
CA GLU A 71 4.73 -4.46 -4.17
C GLU A 71 5.00 -4.82 -2.71
N ILE A 72 4.20 -4.24 -1.81
CA ILE A 72 4.29 -4.59 -0.39
C ILE A 72 3.83 -6.02 -0.16
N LEU A 73 2.72 -6.40 -0.77
CA LEU A 73 2.20 -7.76 -0.67
C LEU A 73 3.18 -8.73 -1.32
N LYS A 74 3.94 -8.19 -2.26
CA LYS A 74 5.01 -8.94 -2.90
C LYS A 74 6.15 -9.19 -1.92
N HIS A 75 6.12 -8.49 -0.80
CA HIS A 75 7.11 -8.65 0.24
C HIS A 75 6.51 -9.48 1.36
N VAL A 76 5.42 -8.97 1.90
CA VAL A 76 4.81 -9.48 3.10
C VAL A 76 4.25 -10.89 2.92
N VAL A 77 3.47 -11.13 1.88
CA VAL A 77 3.01 -12.47 1.64
C VAL A 77 3.93 -13.19 0.67
N GLY A 78 4.37 -12.49 -0.37
CA GLY A 78 5.25 -13.09 -1.35
C GLY A 78 4.64 -13.15 -2.73
N GLU A 79 5.44 -13.53 -3.71
CA GLU A 79 4.99 -13.61 -5.10
C GLU A 79 3.91 -14.65 -5.29
N GLU A 80 4.11 -15.85 -4.72
CA GLU A 80 3.12 -16.93 -4.76
C GLU A 80 1.70 -16.42 -4.58
N LYS A 81 1.45 -15.84 -3.43
CA LYS A 81 0.11 -15.44 -3.03
C LYS A 81 -0.38 -14.27 -3.87
N ALA A 82 0.44 -13.24 -4.01
CA ALA A 82 0.06 -12.05 -4.76
C ALA A 82 -0.26 -12.41 -6.21
N ALA A 83 0.43 -13.44 -6.71
CA ALA A 83 0.22 -13.91 -8.07
C ALA A 83 -1.12 -14.63 -8.18
N GLU A 84 -1.42 -15.50 -7.22
CA GLU A 84 -2.65 -16.27 -7.23
C GLU A 84 -3.85 -15.35 -7.00
N LEU A 85 -3.61 -14.21 -6.37
CA LEU A 85 -4.64 -13.21 -6.15
C LEU A 85 -4.89 -12.40 -7.41
N LYS A 86 -3.83 -12.13 -8.16
CA LYS A 86 -3.94 -11.41 -9.40
C LYS A 86 -4.64 -12.27 -10.43
N ASN A 87 -4.30 -13.55 -10.46
CA ASN A 87 -4.95 -14.50 -11.35
C ASN A 87 -6.36 -14.78 -10.87
N LEU A 88 -6.58 -14.71 -9.57
CA LEU A 88 -7.90 -14.96 -9.01
C LEU A 88 -8.90 -14.00 -9.63
N LYS A 89 -8.58 -12.72 -9.56
CA LYS A 89 -9.42 -11.69 -10.17
C LYS A 89 -9.64 -11.98 -11.64
N ASP A 90 -8.58 -12.38 -12.31
CA ASP A 90 -8.61 -12.67 -13.75
C ASP A 90 -9.50 -13.88 -14.05
N SER A 91 -9.50 -14.85 -13.14
CA SER A 91 -10.33 -16.04 -13.29
C SER A 91 -11.77 -15.74 -12.89
N GLY A 92 -11.98 -14.60 -12.26
CA GLY A 92 -13.32 -14.19 -11.88
C GLY A 92 -13.52 -14.20 -10.38
N ALA A 93 -12.54 -13.74 -9.64
CA ALA A 93 -12.70 -13.56 -8.21
C ALA A 93 -13.38 -12.22 -7.97
N SER A 94 -14.44 -12.28 -7.20
CA SER A 94 -15.19 -11.13 -6.81
C SER A 94 -14.44 -10.36 -5.72
N LYS A 95 -15.04 -9.28 -5.26
CA LYS A 95 -14.43 -8.48 -4.20
C LYS A 95 -14.18 -9.32 -2.97
N GLU A 96 -15.03 -10.31 -2.74
CA GLU A 96 -15.01 -11.08 -1.50
C GLU A 96 -13.98 -12.20 -1.52
N GLU A 97 -13.88 -12.90 -2.64
CA GLU A 97 -12.87 -13.92 -2.84
C GLU A 97 -11.49 -13.33 -2.71
N LEU A 98 -11.32 -12.12 -3.20
CA LEU A 98 -10.11 -11.38 -2.92
C LEU A 98 -10.16 -10.96 -1.47
N LYS A 99 -11.24 -10.43 -0.95
CA LYS A 99 -11.18 -9.78 0.34
C LYS A 99 -10.91 -10.77 1.44
N ALA A 100 -11.55 -11.92 1.34
CA ALA A 100 -11.44 -12.93 2.37
C ALA A 100 -10.20 -13.77 2.19
N LYS A 101 -9.96 -14.24 0.97
CA LYS A 101 -8.81 -15.09 0.72
C LYS A 101 -7.48 -14.36 0.95
N VAL A 102 -7.52 -13.03 0.91
CA VAL A 102 -6.39 -12.19 1.24
C VAL A 102 -6.14 -12.22 2.76
N GLU A 103 -7.21 -12.38 3.53
CA GLU A 103 -7.11 -12.45 4.98
C GLU A 103 -6.26 -13.66 5.39
N GLU A 104 -6.38 -14.74 4.62
CA GLU A 104 -5.60 -15.94 4.87
C GLU A 104 -4.15 -15.69 4.49
N ALA A 105 -3.97 -14.95 3.41
CA ALA A 105 -2.65 -14.56 2.95
C ALA A 105 -1.94 -13.75 4.02
N LEU A 106 -2.56 -12.64 4.41
CA LEU A 106 -2.03 -11.77 5.44
C LEU A 106 -1.96 -12.46 6.80
N HIS A 107 -2.62 -13.60 6.93
CA HIS A 107 -2.56 -14.34 8.17
C HIS A 107 -1.37 -15.28 8.13
N ALA A 108 -1.28 -16.06 7.05
CA ALA A 108 -0.31 -17.15 6.92
C ALA A 108 1.15 -16.65 6.90
N VAL A 109 1.36 -15.36 6.98
CA VAL A 109 2.69 -14.80 7.01
C VAL A 109 3.19 -14.69 8.45
N THR A 110 4.49 -14.88 8.63
CA THR A 110 5.05 -14.92 9.97
C THR A 110 6.44 -14.28 10.06
N ASP A 111 6.95 -13.70 8.99
CA ASP A 111 8.20 -12.98 9.07
C ASP A 111 7.96 -11.55 9.57
N GLU A 112 8.72 -11.18 10.60
CA GLU A 112 8.44 -9.99 11.41
C GLU A 112 8.31 -8.71 10.59
N GLU A 113 9.30 -8.44 9.75
CA GLU A 113 9.27 -7.26 8.89
C GLU A 113 7.99 -7.25 8.05
N LYS A 114 7.62 -8.41 7.54
CA LYS A 114 6.41 -8.56 6.74
C LYS A 114 5.17 -8.18 7.57
N LYS A 115 5.10 -8.69 8.80
CA LYS A 115 3.93 -8.46 9.66
C LYS A 115 3.89 -7.03 10.19
N GLN A 116 5.02 -6.36 10.08
CA GLN A 116 5.07 -4.92 10.31
C GLN A 116 4.24 -4.19 9.25
N TYR A 117 4.33 -4.66 8.00
CA TYR A 117 3.59 -4.07 6.90
C TYR A 117 2.10 -4.37 7.06
N ILE A 118 1.81 -5.53 7.60
CA ILE A 118 0.43 -5.90 7.89
C ILE A 118 -0.22 -4.87 8.81
N ALA A 119 0.50 -4.49 9.86
CA ALA A 119 0.01 -3.52 10.82
C ALA A 119 0.01 -2.12 10.23
N ASP A 120 1.09 -1.77 9.54
CA ASP A 120 1.22 -0.43 8.97
C ASP A 120 0.24 -0.21 7.82
N PHE A 121 0.39 -1.02 6.79
CA PHE A 121 -0.32 -0.79 5.53
C PHE A 121 -1.58 -1.63 5.42
N GLY A 122 -1.63 -2.76 6.11
CA GLY A 122 -2.73 -3.73 5.93
C GLY A 122 -4.13 -3.11 5.88
N PRO A 123 -4.62 -2.52 6.99
CA PRO A 123 -5.97 -1.96 7.06
C PRO A 123 -6.21 -0.85 6.04
N ALA A 124 -5.14 -0.18 5.66
CA ALA A 124 -5.20 0.91 4.72
C ALA A 124 -5.18 0.40 3.28
N CYS A 125 -4.48 -0.69 3.07
CA CYS A 125 -4.52 -1.42 1.81
C CYS A 125 -5.96 -1.82 1.48
N LYS A 126 -6.76 -2.07 2.51
CA LYS A 126 -8.16 -2.44 2.31
C LYS A 126 -8.93 -1.38 1.51
N LYS A 127 -8.88 -0.11 1.95
CA LYS A 127 -9.51 0.96 1.17
C LYS A 127 -8.81 1.11 -0.19
N ILE A 128 -7.52 0.79 -0.22
CA ILE A 128 -6.74 0.93 -1.44
C ILE A 128 -7.18 -0.04 -2.53
N TYR A 129 -7.27 -1.30 -2.11
CA TYR A 129 -7.84 -2.42 -2.86
C TYR A 129 -9.36 -2.32 -2.89
N GLY A 130 -9.85 -1.08 -2.73
CA GLY A 130 -11.14 -0.68 -2.13
C GLY A 130 -12.22 -1.72 -1.87
N VAL A 131 -11.81 -2.93 -1.55
CA VAL A 131 -12.70 -3.95 -0.97
C VAL A 131 -13.23 -3.49 0.41
N HIS A 132 -13.66 -2.24 0.47
CA HIS A 132 -14.07 -1.61 1.72
C HIS A 132 -15.50 -2.00 2.06
N THR A 133 -15.78 -2.22 3.35
CA THR A 133 -17.10 -2.63 3.79
C THR A 133 -18.05 -1.43 3.90
N SER A 134 -17.97 -0.54 2.92
CA SER A 134 -18.76 0.68 2.90
C SER A 134 -18.43 1.44 1.64
N GLY A 1 24.44 6.14 4.25
CA GLY A 1 23.59 5.59 5.35
C GLY A 1 22.20 5.26 4.86
N SER A 2 21.22 5.35 5.74
CA SER A 2 19.85 5.02 5.37
C SER A 2 18.86 5.84 6.21
N PRO A 3 18.55 7.07 5.77
CA PRO A 3 17.64 7.96 6.49
C PRO A 3 16.23 7.37 6.64
N GLU A 4 15.96 6.82 7.82
CA GLU A 4 14.66 6.23 8.14
C GLU A 4 14.26 5.18 7.11
N PHE A 5 15.15 4.22 6.87
CA PHE A 5 14.91 3.20 5.86
C PHE A 5 14.29 1.95 6.48
N HIS A 6 13.08 1.63 6.05
CA HIS A 6 12.40 0.43 6.50
C HIS A 6 11.87 -0.35 5.29
N HIS A 7 12.34 0.05 4.10
CA HIS A 7 11.92 -0.54 2.83
C HIS A 7 10.49 -0.10 2.51
N PHE A 8 10.23 0.18 1.23
CA PHE A 8 8.97 0.80 0.79
C PHE A 8 8.81 2.15 1.47
N THR A 9 9.81 3.01 1.32
CA THR A 9 9.79 4.32 1.91
C THR A 9 9.01 5.29 1.03
N LEU A 10 8.69 6.45 1.57
CA LEU A 10 7.92 7.43 0.83
C LEU A 10 8.76 8.11 -0.25
N GLU A 11 10.06 8.22 -0.02
CA GLU A 11 10.99 8.58 -1.08
C GLU A 11 10.89 7.52 -2.16
N SER A 12 10.97 6.24 -1.81
CA SER A 12 10.91 5.17 -2.81
C SER A 12 9.66 5.27 -3.70
N SER A 13 8.63 5.98 -3.25
CA SER A 13 7.40 6.07 -4.01
C SER A 13 7.24 7.35 -4.83
N LEU A 14 7.99 8.41 -4.51
CA LEU A 14 7.66 9.77 -4.94
C LEU A 14 7.52 9.98 -6.45
N ASP A 15 8.26 9.19 -7.21
CA ASP A 15 8.17 9.22 -8.66
C ASP A 15 7.40 8.04 -9.19
N THR A 16 6.90 7.22 -8.28
CA THR A 16 6.15 6.05 -8.66
C THR A 16 4.77 6.03 -8.01
N HIS A 17 4.64 5.28 -6.93
CA HIS A 17 3.36 5.12 -6.23
C HIS A 17 2.79 6.46 -5.79
N LEU A 18 3.64 7.34 -5.28
CA LEU A 18 3.14 8.56 -4.66
C LEU A 18 3.43 9.81 -5.49
N LYS A 19 3.57 9.60 -6.79
CA LYS A 19 3.94 10.67 -7.71
C LYS A 19 2.77 11.62 -8.00
N TRP A 20 1.58 11.20 -7.59
CA TRP A 20 0.39 12.03 -7.73
C TRP A 20 0.37 13.10 -6.64
N LEU A 21 1.28 13.01 -5.69
CA LEU A 21 1.45 14.03 -4.68
C LEU A 21 2.14 15.24 -5.30
N SER A 22 1.82 16.40 -4.76
CA SER A 22 2.46 17.62 -5.20
C SER A 22 3.77 17.82 -4.44
N GLN A 23 4.67 18.63 -4.97
CA GLN A 23 5.99 18.81 -4.35
C GLN A 23 5.83 19.24 -2.90
N GLU A 24 4.95 20.21 -2.66
CA GLU A 24 4.67 20.69 -1.33
C GLU A 24 4.22 19.56 -0.41
N GLN A 25 3.45 18.61 -0.95
CA GLN A 25 2.99 17.47 -0.17
C GLN A 25 4.15 16.50 0.05
N LYS A 26 4.93 16.26 -0.98
CA LYS A 26 6.11 15.39 -0.86
C LYS A 26 7.04 15.95 0.20
N ASP A 27 7.34 17.23 0.09
CA ASP A 27 8.21 17.93 1.02
C ASP A 27 7.58 17.98 2.40
N GLU A 28 6.25 18.03 2.49
CA GLU A 28 5.57 17.88 3.76
C GLU A 28 5.84 16.50 4.37
N LEU A 29 5.56 15.46 3.61
CA LEU A 29 5.71 14.10 4.08
C LEU A 29 7.19 13.76 4.34
N LEU A 30 8.08 14.26 3.50
CA LEU A 30 9.51 14.07 3.71
C LEU A 30 9.94 14.75 5.01
N LYS A 31 9.35 15.91 5.26
CA LYS A 31 9.61 16.66 6.48
C LYS A 31 9.12 15.87 7.68
N MET A 32 7.91 15.35 7.54
CA MET A 32 7.30 14.51 8.56
C MET A 32 8.16 13.30 8.87
N LYS A 33 8.46 12.52 7.84
CA LYS A 33 9.23 11.30 7.97
C LYS A 33 10.62 11.58 8.58
N LYS A 34 11.23 12.69 8.15
CA LYS A 34 12.54 13.10 8.67
C LYS A 34 12.49 13.51 10.13
N ASP A 35 11.47 14.27 10.51
CA ASP A 35 11.38 14.80 11.88
C ASP A 35 10.87 13.75 12.86
N GLY A 36 10.71 12.53 12.37
CA GLY A 36 10.42 11.42 13.25
C GLY A 36 8.95 11.20 13.46
N LYS A 37 8.15 11.64 12.52
CA LYS A 37 6.74 11.31 12.52
C LYS A 37 6.60 9.81 12.25
N ALA A 38 5.68 9.18 12.93
CA ALA A 38 5.47 7.75 12.81
C ALA A 38 4.90 7.41 11.45
N LYS A 39 5.14 6.20 10.95
CA LYS A 39 4.64 5.82 9.64
C LYS A 39 3.13 6.08 9.56
N LYS A 40 2.42 5.83 10.66
CA LYS A 40 0.99 6.05 10.70
C LYS A 40 0.61 7.52 10.51
N GLU A 41 1.56 8.44 10.68
CA GLU A 41 1.28 9.86 10.53
C GLU A 41 1.47 10.29 9.07
N LEU A 42 2.34 9.52 8.43
CA LEU A 42 2.52 9.61 6.99
C LEU A 42 1.37 8.93 6.27
N GLU A 43 0.97 7.79 6.83
CA GLU A 43 -0.20 7.04 6.38
C GLU A 43 -1.44 7.92 6.40
N ALA A 44 -1.41 8.94 7.23
CA ALA A 44 -2.56 9.78 7.47
C ALA A 44 -2.65 10.96 6.53
N LYS A 45 -1.50 11.56 6.22
CA LYS A 45 -1.44 12.60 5.22
C LYS A 45 -1.91 12.07 3.88
N ILE A 46 -1.30 10.98 3.44
CA ILE A 46 -1.60 10.39 2.14
C ILE A 46 -3.06 10.00 2.02
N LEU A 47 -3.61 9.41 3.08
CA LEU A 47 -5.01 8.99 3.06
C LEU A 47 -5.96 10.18 3.03
N HIS A 48 -5.55 11.25 3.70
CA HIS A 48 -6.28 12.51 3.65
C HIS A 48 -6.21 13.11 2.23
N TYR A 49 -4.98 13.13 1.66
CA TYR A 49 -4.77 13.62 0.30
C TYR A 49 -5.54 12.76 -0.70
N TYR A 50 -5.64 11.50 -0.37
CA TYR A 50 -6.32 10.52 -1.20
C TYR A 50 -7.81 10.81 -1.32
N ASP A 51 -8.44 11.08 -0.18
CA ASP A 51 -9.89 11.24 -0.16
C ASP A 51 -10.33 12.56 -0.78
N GLU A 52 -9.43 13.54 -0.88
CA GLU A 52 -9.79 14.84 -1.44
C GLU A 52 -9.62 14.86 -2.96
N LEU A 53 -9.24 13.70 -3.54
CA LEU A 53 -9.00 13.59 -4.96
C LEU A 53 -10.29 13.70 -5.79
N GLU A 54 -10.22 13.18 -7.00
CA GLU A 54 -11.30 13.33 -7.97
C GLU A 54 -11.30 12.13 -8.92
N GLY A 55 -12.19 12.15 -9.91
CA GLY A 55 -12.40 11.00 -10.79
C GLY A 55 -11.14 10.27 -11.21
N ASP A 56 -10.41 10.83 -12.17
CA ASP A 56 -9.21 10.17 -12.69
C ASP A 56 -8.07 10.23 -11.68
N ALA A 57 -7.95 11.33 -10.96
CA ALA A 57 -6.85 11.48 -10.00
C ALA A 57 -6.88 10.38 -8.97
N LYS A 58 -8.07 10.12 -8.43
CA LYS A 58 -8.24 9.11 -7.42
C LYS A 58 -8.06 7.74 -8.03
N LYS A 59 -8.67 7.53 -9.19
CA LYS A 59 -8.50 6.28 -9.93
C LYS A 59 -7.01 5.99 -10.13
N GLU A 60 -6.26 7.00 -10.55
CA GLU A 60 -4.85 6.88 -10.78
C GLU A 60 -4.11 6.67 -9.46
N ALA A 61 -4.41 7.50 -8.46
CA ALA A 61 -3.73 7.37 -7.19
C ALA A 61 -3.99 6.00 -6.59
N THR A 62 -5.26 5.64 -6.49
CA THR A 62 -5.66 4.36 -5.95
C THR A 62 -4.89 3.20 -6.60
N GLU A 63 -4.79 3.27 -7.92
CA GLU A 63 -4.06 2.27 -8.69
C GLU A 63 -2.55 2.35 -8.47
N HIS A 64 -2.06 3.50 -8.04
CA HIS A 64 -0.64 3.65 -7.75
C HIS A 64 -0.34 3.08 -6.38
N LEU A 65 -1.16 3.45 -5.41
CA LEU A 65 -1.12 2.84 -4.10
C LEU A 65 -1.38 1.33 -4.18
N LYS A 66 -2.23 0.92 -5.12
CA LYS A 66 -2.48 -0.49 -5.37
C LYS A 66 -1.21 -1.19 -5.76
N GLY A 67 -0.55 -0.69 -6.81
CA GLY A 67 0.75 -1.21 -7.19
C GLY A 67 1.75 -1.18 -6.06
N GLY A 68 1.69 -0.12 -5.26
CA GLY A 68 2.50 -0.06 -4.05
C GLY A 68 2.27 -1.25 -3.15
N CYS A 69 1.02 -1.47 -2.79
CA CYS A 69 0.64 -2.62 -1.98
C CYS A 69 0.92 -3.93 -2.71
N ARG A 70 0.84 -3.90 -4.03
CA ARG A 70 1.16 -5.07 -4.85
C ARG A 70 2.58 -5.51 -4.61
N GLU A 71 3.49 -4.54 -4.64
CA GLU A 71 4.89 -4.81 -4.40
C GLU A 71 5.13 -5.15 -2.92
N ILE A 72 4.25 -4.66 -2.06
CA ILE A 72 4.31 -5.01 -0.64
C ILE A 72 3.86 -6.45 -0.42
N LEU A 73 2.73 -6.82 -1.03
CA LEU A 73 2.27 -8.21 -0.98
C LEU A 73 3.27 -9.11 -1.67
N LYS A 74 3.98 -8.54 -2.63
CA LYS A 74 5.05 -9.26 -3.30
C LYS A 74 6.19 -9.55 -2.32
N HIS A 75 6.17 -8.86 -1.19
CA HIS A 75 7.15 -9.05 -0.14
C HIS A 75 6.55 -9.93 0.95
N VAL A 76 5.44 -9.44 1.52
CA VAL A 76 4.83 -10.01 2.70
C VAL A 76 4.17 -11.36 2.42
N VAL A 77 3.44 -11.45 1.34
CA VAL A 77 2.79 -12.71 0.99
C VAL A 77 3.64 -13.45 -0.04
N GLY A 78 4.64 -12.75 -0.56
CA GLY A 78 5.52 -13.31 -1.55
C GLY A 78 4.92 -13.32 -2.93
N GLU A 79 5.76 -13.52 -3.93
CA GLU A 79 5.29 -13.62 -5.31
C GLU A 79 4.33 -14.80 -5.42
N GLU A 80 4.58 -15.82 -4.61
CA GLU A 80 3.73 -17.00 -4.50
C GLU A 80 2.25 -16.65 -4.40
N LYS A 81 1.86 -16.03 -3.30
CA LYS A 81 0.46 -15.84 -3.02
C LYS A 81 -0.13 -14.70 -3.83
N ALA A 82 0.66 -13.68 -4.08
CA ALA A 82 0.22 -12.56 -4.89
C ALA A 82 -0.10 -13.03 -6.31
N ALA A 83 0.63 -14.05 -6.75
CA ALA A 83 0.39 -14.67 -8.05
C ALA A 83 -0.98 -15.34 -8.07
N GLU A 84 -1.36 -15.92 -6.93
CA GLU A 84 -2.63 -16.62 -6.82
C GLU A 84 -3.76 -15.64 -6.63
N LEU A 85 -3.46 -14.50 -6.01
CA LEU A 85 -4.44 -13.45 -5.79
C LEU A 85 -4.68 -12.65 -7.06
N LYS A 86 -3.62 -12.48 -7.85
CA LYS A 86 -3.74 -11.88 -9.16
C LYS A 86 -4.63 -12.76 -10.05
N ASN A 87 -4.38 -14.06 -10.01
CA ASN A 87 -5.15 -14.99 -10.83
C ASN A 87 -6.56 -15.13 -10.28
N LEU A 88 -6.77 -14.77 -9.04
CA LEU A 88 -8.09 -14.77 -8.49
C LEU A 88 -8.93 -13.72 -9.19
N LYS A 89 -8.44 -12.48 -9.15
CA LYS A 89 -9.12 -11.37 -9.81
C LYS A 89 -9.36 -11.67 -11.29
N ASP A 90 -8.32 -12.15 -11.96
CA ASP A 90 -8.40 -12.49 -13.39
C ASP A 90 -9.40 -13.60 -13.67
N SER A 91 -9.48 -14.59 -12.81
CA SER A 91 -10.38 -15.71 -13.03
C SER A 91 -11.82 -15.37 -12.60
N GLY A 92 -11.98 -14.22 -11.96
CA GLY A 92 -13.32 -13.75 -11.64
C GLY A 92 -13.65 -13.85 -10.17
N ALA A 93 -12.63 -13.97 -9.33
CA ALA A 93 -12.86 -13.88 -7.89
C ALA A 93 -13.38 -12.50 -7.57
N SER A 94 -14.42 -12.48 -6.76
CA SER A 94 -15.02 -11.25 -6.29
C SER A 94 -14.15 -10.68 -5.18
N LYS A 95 -14.42 -9.42 -4.82
CA LYS A 95 -13.63 -8.73 -3.81
C LYS A 95 -13.71 -9.42 -2.45
N GLU A 96 -14.64 -10.35 -2.30
CA GLU A 96 -14.77 -11.09 -1.06
C GLU A 96 -13.77 -12.25 -1.01
N GLU A 97 -13.67 -12.97 -2.11
CA GLU A 97 -12.67 -14.01 -2.31
C GLU A 97 -11.29 -13.45 -2.12
N LEU A 98 -11.08 -12.25 -2.63
CA LEU A 98 -9.84 -11.52 -2.35
C LEU A 98 -9.86 -11.12 -0.89
N LYS A 99 -10.92 -10.58 -0.36
CA LYS A 99 -10.87 -10.00 0.97
C LYS A 99 -10.59 -11.05 2.02
N ALA A 100 -11.13 -12.23 1.80
CA ALA A 100 -10.99 -13.29 2.76
C ALA A 100 -9.77 -14.16 2.51
N LYS A 101 -9.61 -14.62 1.27
CA LYS A 101 -8.46 -15.46 0.92
C LYS A 101 -7.12 -14.80 1.24
N VAL A 102 -7.11 -13.46 1.22
CA VAL A 102 -5.94 -12.67 1.58
C VAL A 102 -5.66 -12.80 3.07
N GLU A 103 -6.74 -12.81 3.86
CA GLU A 103 -6.63 -13.00 5.30
C GLU A 103 -5.98 -14.34 5.59
N GLU A 104 -6.32 -15.35 4.81
CA GLU A 104 -5.74 -16.67 5.02
C GLU A 104 -4.25 -16.66 4.71
N ALA A 105 -3.82 -15.74 3.86
CA ALA A 105 -2.41 -15.55 3.59
C ALA A 105 -1.75 -14.74 4.71
N LEU A 106 -2.29 -13.55 4.97
CA LEU A 106 -1.81 -12.66 6.02
C LEU A 106 -1.96 -13.23 7.43
N HIS A 107 -2.69 -14.33 7.59
CA HIS A 107 -2.69 -15.02 8.87
C HIS A 107 -1.56 -16.04 8.86
N ALA A 108 -1.51 -16.83 7.80
CA ALA A 108 -0.55 -17.93 7.68
C ALA A 108 0.90 -17.45 7.63
N VAL A 109 1.11 -16.15 7.56
CA VAL A 109 2.44 -15.59 7.53
C VAL A 109 3.05 -15.59 8.93
N THR A 110 4.35 -15.81 8.98
CA THR A 110 5.03 -15.83 10.27
C THR A 110 6.39 -15.17 10.22
N ASP A 111 6.78 -14.61 9.08
CA ASP A 111 7.97 -13.77 9.02
C ASP A 111 7.65 -12.37 9.49
N GLU A 112 8.26 -12.00 10.61
CA GLU A 112 7.84 -10.84 11.38
C GLU A 112 7.90 -9.53 10.59
N GLU A 113 8.95 -9.36 9.80
CA GLU A 113 9.08 -8.18 8.95
C GLU A 113 7.92 -8.09 7.96
N LYS A 114 7.51 -9.24 7.41
CA LYS A 114 6.36 -9.31 6.53
C LYS A 114 5.09 -8.86 7.28
N LYS A 115 4.93 -9.36 8.49
CA LYS A 115 3.74 -9.08 9.29
C LYS A 115 3.74 -7.64 9.81
N GLN A 116 4.92 -7.03 9.75
CA GLN A 116 5.03 -5.60 10.02
C GLN A 116 4.29 -4.80 8.94
N TYR A 117 4.37 -5.27 7.71
CA TYR A 117 3.65 -4.63 6.61
C TYR A 117 2.17 -4.88 6.73
N ILE A 118 1.82 -6.05 7.25
CA ILE A 118 0.43 -6.38 7.51
C ILE A 118 -0.20 -5.40 8.52
N ALA A 119 0.54 -5.10 9.58
CA ALA A 119 0.08 -4.14 10.57
C ALA A 119 0.14 -2.72 10.03
N ASP A 120 1.23 -2.40 9.35
CA ASP A 120 1.46 -1.03 8.89
C ASP A 120 0.59 -0.69 7.68
N PHE A 121 0.73 -1.45 6.63
CA PHE A 121 0.08 -1.12 5.38
C PHE A 121 -1.24 -1.88 5.19
N GLY A 122 -1.36 -3.03 5.85
CA GLY A 122 -2.51 -3.93 5.63
C GLY A 122 -3.87 -3.24 5.58
N PRO A 123 -4.33 -2.64 6.70
CA PRO A 123 -5.65 -2.01 6.78
C PRO A 123 -5.84 -0.90 5.74
N ALA A 124 -4.79 -0.11 5.56
CA ALA A 124 -4.83 0.99 4.60
C ALA A 124 -4.83 0.47 3.17
N CYS A 125 -4.13 -0.64 2.94
CA CYS A 125 -4.18 -1.35 1.66
C CYS A 125 -5.59 -1.83 1.37
N LYS A 126 -6.38 -2.07 2.41
CA LYS A 126 -7.73 -2.57 2.23
C LYS A 126 -8.69 -1.50 1.68
N LYS A 127 -8.54 -0.24 2.10
CA LYS A 127 -9.27 0.83 1.42
C LYS A 127 -8.66 1.01 0.01
N ILE A 128 -7.37 0.75 -0.11
CA ILE A 128 -6.67 0.93 -1.38
C ILE A 128 -7.15 -0.04 -2.46
N TYR A 129 -7.24 -1.29 -2.02
CA TYR A 129 -7.82 -2.41 -2.75
C TYR A 129 -9.34 -2.42 -2.61
N GLY A 130 -9.88 -1.23 -2.34
CA GLY A 130 -11.08 -0.95 -1.52
C GLY A 130 -12.04 -2.09 -1.17
N VAL A 131 -11.51 -3.29 -1.04
CA VAL A 131 -12.23 -4.44 -0.50
C VAL A 131 -12.98 -4.08 0.80
N HIS A 132 -12.47 -3.07 1.51
CA HIS A 132 -13.07 -2.62 2.76
C HIS A 132 -14.47 -2.04 2.52
N THR A 133 -14.74 -1.61 1.30
CA THR A 133 -16.02 -0.99 0.96
C THR A 133 -16.21 0.29 1.78
N SER A 134 -15.38 1.28 1.50
CA SER A 134 -15.43 2.53 2.24
C SER A 134 -16.40 3.51 1.59
N GLY A 1 26.28 2.59 -9.57
CA GLY A 1 26.08 1.29 -8.91
C GLY A 1 24.62 1.05 -8.56
N SER A 2 24.27 -0.21 -8.35
CA SER A 2 22.90 -0.57 -8.03
C SER A 2 22.70 -0.64 -6.51
N PRO A 3 21.68 0.06 -5.99
CA PRO A 3 21.40 0.09 -4.56
C PRO A 3 20.65 -1.16 -4.08
N GLU A 4 20.68 -2.21 -4.89
CA GLU A 4 20.00 -3.47 -4.61
C GLU A 4 18.49 -3.30 -4.52
N PHE A 5 18.00 -2.94 -3.34
CA PHE A 5 16.57 -2.83 -3.11
C PHE A 5 16.29 -1.97 -1.88
N HIS A 6 15.70 -0.81 -2.10
CA HIS A 6 15.24 0.01 -0.99
C HIS A 6 13.95 -0.56 -0.44
N HIS A 7 13.96 -0.84 0.86
CA HIS A 7 12.88 -1.59 1.50
C HIS A 7 11.67 -0.69 1.79
N PHE A 8 11.05 -0.23 0.71
CA PHE A 8 9.81 0.56 0.79
C PHE A 8 9.98 1.81 1.63
N THR A 9 10.42 2.88 0.98
CA THR A 9 10.67 4.13 1.67
C THR A 9 9.88 5.25 1.01
N LEU A 10 9.57 6.29 1.76
CA LEU A 10 8.76 7.38 1.27
C LEU A 10 9.37 8.09 0.05
N GLU A 11 10.66 8.40 0.12
CA GLU A 11 11.40 8.89 -1.05
C GLU A 11 11.27 7.88 -2.20
N SER A 12 11.45 6.59 -1.97
CA SER A 12 11.56 5.65 -3.10
C SER A 12 10.27 5.55 -3.92
N SER A 13 9.18 6.16 -3.46
CA SER A 13 7.95 6.17 -4.24
C SER A 13 7.71 7.47 -5.02
N LEU A 14 8.37 8.56 -4.62
CA LEU A 14 7.94 9.90 -5.01
C LEU A 14 7.83 10.20 -6.51
N ASP A 15 8.66 9.50 -7.26
CA ASP A 15 8.67 9.60 -8.72
C ASP A 15 7.96 8.41 -9.33
N THR A 16 7.46 7.53 -8.49
CA THR A 16 6.76 6.36 -8.96
C THR A 16 5.35 6.26 -8.36
N HIS A 17 5.23 5.45 -7.32
CA HIS A 17 3.93 5.21 -6.69
C HIS A 17 3.30 6.50 -6.17
N LEU A 18 4.11 7.38 -5.60
CA LEU A 18 3.57 8.54 -4.90
C LEU A 18 3.78 9.84 -5.68
N LYS A 19 3.92 9.68 -7.00
CA LYS A 19 4.23 10.79 -7.89
C LYS A 19 3.04 11.74 -8.06
N TRP A 20 1.85 11.25 -7.73
CA TRP A 20 0.63 12.04 -7.86
C TRP A 20 0.52 13.09 -6.75
N LEU A 21 1.45 13.05 -5.82
CA LEU A 21 1.53 14.07 -4.79
C LEU A 21 2.21 15.31 -5.37
N SER A 22 1.86 16.45 -4.80
CA SER A 22 2.48 17.70 -5.17
C SER A 22 3.81 17.84 -4.46
N GLN A 23 4.70 18.69 -4.96
CA GLN A 23 5.99 18.88 -4.33
C GLN A 23 5.82 19.24 -2.86
N GLU A 24 4.88 20.14 -2.59
CA GLU A 24 4.61 20.61 -1.27
C GLU A 24 4.21 19.42 -0.37
N GLN A 25 3.43 18.49 -0.92
CA GLN A 25 3.01 17.31 -0.16
C GLN A 25 4.21 16.41 0.08
N LYS A 26 5.01 16.20 -0.95
CA LYS A 26 6.19 15.35 -0.84
C LYS A 26 7.17 15.92 0.20
N ASP A 27 7.40 17.22 0.08
CA ASP A 27 8.28 17.94 1.01
C ASP A 27 7.70 17.97 2.41
N GLU A 28 6.38 17.96 2.53
CA GLU A 28 5.75 17.87 3.82
C GLU A 28 5.87 16.45 4.39
N LEU A 29 5.60 15.43 3.58
CA LEU A 29 5.70 14.05 4.04
C LEU A 29 7.14 13.70 4.39
N LEU A 30 8.08 14.23 3.59
CA LEU A 30 9.49 14.04 3.87
C LEU A 30 9.86 14.69 5.20
N LYS A 31 9.24 15.82 5.48
CA LYS A 31 9.47 16.53 6.73
C LYS A 31 8.90 15.70 7.87
N MET A 32 7.74 15.11 7.64
CA MET A 32 7.14 14.21 8.62
C MET A 32 8.06 13.03 8.95
N LYS A 33 8.48 12.31 7.91
CA LYS A 33 9.34 11.14 8.07
C LYS A 33 10.65 11.51 8.78
N LYS A 34 11.21 12.66 8.43
CA LYS A 34 12.47 13.11 9.01
C LYS A 34 12.28 13.68 10.41
N ASP A 35 11.06 14.04 10.77
CA ASP A 35 10.80 14.59 12.09
C ASP A 35 10.37 13.49 13.06
N GLY A 36 10.26 12.28 12.51
CA GLY A 36 10.02 11.12 13.32
C GLY A 36 8.55 10.81 13.48
N LYS A 37 7.75 11.25 12.52
CA LYS A 37 6.36 10.86 12.47
C LYS A 37 6.30 9.37 12.14
N ALA A 38 5.37 8.68 12.76
CA ALA A 38 5.24 7.24 12.59
C ALA A 38 4.70 6.92 11.21
N LYS A 39 4.98 5.72 10.68
CA LYS A 39 4.49 5.34 9.36
C LYS A 39 2.98 5.50 9.32
N LYS A 40 2.34 5.18 10.43
CA LYS A 40 0.89 5.30 10.55
C LYS A 40 0.42 6.74 10.27
N GLU A 41 1.30 7.71 10.47
CA GLU A 41 0.94 9.12 10.33
C GLU A 41 1.18 9.62 8.90
N LEU A 42 2.17 8.99 8.29
CA LEU A 42 2.40 9.13 6.86
C LEU A 42 1.26 8.47 6.10
N GLU A 43 0.89 7.30 6.57
CA GLU A 43 -0.21 6.53 6.00
C GLU A 43 -1.53 7.24 6.26
N ALA A 44 -1.50 8.20 7.17
CA ALA A 44 -2.70 8.97 7.51
C ALA A 44 -2.83 10.23 6.69
N LYS A 45 -1.72 10.92 6.50
CA LYS A 45 -1.68 12.17 5.77
C LYS A 45 -1.99 11.94 4.30
N ILE A 46 -1.38 10.90 3.75
CA ILE A 46 -1.55 10.58 2.34
C ILE A 46 -2.94 10.02 2.07
N LEU A 47 -3.46 9.22 2.99
CA LEU A 47 -4.82 8.69 2.85
C LEU A 47 -5.85 9.81 2.85
N HIS A 48 -5.57 10.87 3.58
CA HIS A 48 -6.41 12.06 3.56
C HIS A 48 -6.37 12.69 2.18
N TYR A 49 -5.17 12.91 1.65
CA TYR A 49 -5.02 13.53 0.32
C TYR A 49 -5.67 12.66 -0.74
N TYR A 50 -5.50 11.36 -0.55
CA TYR A 50 -6.09 10.34 -1.39
C TYR A 50 -7.61 10.47 -1.41
N ASP A 51 -8.21 10.62 -0.24
CA ASP A 51 -9.66 10.68 -0.13
C ASP A 51 -10.22 12.02 -0.59
N GLU A 52 -9.37 13.04 -0.66
CA GLU A 52 -9.79 14.37 -1.08
C GLU A 52 -9.63 14.53 -2.59
N LEU A 53 -9.28 13.44 -3.28
CA LEU A 53 -9.00 13.48 -4.71
C LEU A 53 -10.25 13.68 -5.57
N GLU A 54 -10.08 13.43 -6.85
CA GLU A 54 -11.07 13.76 -7.87
C GLU A 54 -11.44 12.48 -8.64
N GLY A 55 -12.28 12.61 -9.65
CA GLY A 55 -12.76 11.45 -10.40
C GLY A 55 -11.64 10.54 -10.89
N ASP A 56 -10.87 11.02 -11.84
CA ASP A 56 -9.77 10.22 -12.41
C ASP A 56 -8.53 10.34 -11.54
N ALA A 57 -8.42 11.44 -10.82
CA ALA A 57 -7.29 11.65 -9.92
C ALA A 57 -7.24 10.53 -8.88
N LYS A 58 -8.41 10.26 -8.29
CA LYS A 58 -8.53 9.26 -7.24
C LYS A 58 -8.25 7.89 -7.83
N LYS A 59 -8.88 7.63 -8.98
CA LYS A 59 -8.65 6.38 -9.71
C LYS A 59 -7.15 6.19 -10.00
N GLU A 60 -6.51 7.25 -10.50
CA GLU A 60 -5.10 7.18 -10.85
C GLU A 60 -4.25 6.99 -9.61
N ALA A 61 -4.52 7.75 -8.57
CA ALA A 61 -3.78 7.58 -7.35
C ALA A 61 -3.98 6.17 -6.81
N THR A 62 -5.24 5.76 -6.72
CA THR A 62 -5.57 4.44 -6.22
C THR A 62 -4.80 3.33 -6.94
N GLU A 63 -4.73 3.49 -8.27
CA GLU A 63 -3.98 2.58 -9.12
C GLU A 63 -2.47 2.65 -8.81
N HIS A 64 -1.99 3.81 -8.39
CA HIS A 64 -0.57 3.97 -8.07
C HIS A 64 -0.29 3.33 -6.72
N LEU A 65 -1.10 3.68 -5.73
CA LEU A 65 -1.05 3.06 -4.42
C LEU A 65 -1.26 1.56 -4.53
N LYS A 66 -2.08 1.14 -5.48
CA LYS A 66 -2.38 -0.27 -5.67
C LYS A 66 -1.16 -0.99 -6.19
N GLY A 67 -0.53 -0.43 -7.23
CA GLY A 67 0.73 -0.96 -7.70
C GLY A 67 1.79 -0.91 -6.63
N GLY A 68 1.73 0.11 -5.77
CA GLY A 68 2.59 0.18 -4.60
C GLY A 68 2.32 -0.97 -3.65
N CYS A 69 1.05 -1.25 -3.42
CA CYS A 69 0.65 -2.38 -2.60
C CYS A 69 1.07 -3.69 -3.26
N ARG A 70 1.05 -3.68 -4.59
CA ARG A 70 1.52 -4.80 -5.39
C ARG A 70 3.01 -5.00 -5.19
N GLU A 71 3.70 -3.97 -4.72
CA GLU A 71 5.11 -4.06 -4.41
C GLU A 71 5.31 -4.50 -2.98
N ILE A 72 4.51 -3.93 -2.08
CA ILE A 72 4.65 -4.22 -0.67
C ILE A 72 3.91 -5.48 -0.28
N LEU A 73 2.59 -5.41 -0.27
CA LEU A 73 1.77 -6.47 0.30
C LEU A 73 1.90 -7.75 -0.48
N LYS A 74 1.77 -7.64 -1.80
CA LYS A 74 1.90 -8.81 -2.64
C LYS A 74 3.18 -9.57 -2.26
N HIS A 75 4.32 -9.09 -2.69
CA HIS A 75 5.64 -9.52 -2.18
C HIS A 75 5.69 -9.86 -0.66
N VAL A 76 4.97 -9.14 0.18
CA VAL A 76 5.07 -9.33 1.62
C VAL A 76 4.45 -10.67 2.06
N VAL A 77 3.34 -11.06 1.45
CA VAL A 77 2.87 -12.45 1.58
C VAL A 77 3.55 -13.30 0.51
N GLY A 78 4.29 -12.67 -0.38
CA GLY A 78 5.11 -13.39 -1.31
C GLY A 78 4.42 -13.62 -2.64
N GLU A 79 5.23 -13.93 -3.65
CA GLU A 79 4.72 -14.14 -5.00
C GLU A 79 3.86 -15.40 -5.09
N GLU A 80 3.94 -16.25 -4.07
CA GLU A 80 3.06 -17.42 -3.98
C GLU A 80 1.63 -16.98 -3.73
N LYS A 81 1.39 -16.47 -2.53
CA LYS A 81 0.04 -16.25 -2.05
C LYS A 81 -0.68 -15.19 -2.85
N ALA A 82 0.02 -14.11 -3.15
CA ALA A 82 -0.55 -13.01 -3.90
C ALA A 82 -0.88 -13.44 -5.32
N ALA A 83 -0.18 -14.44 -5.83
CA ALA A 83 -0.46 -14.98 -7.14
C ALA A 83 -1.77 -15.74 -7.11
N GLU A 84 -1.96 -16.50 -6.04
CA GLU A 84 -3.17 -17.28 -5.86
C GLU A 84 -4.37 -16.35 -5.68
N LEU A 85 -4.13 -15.22 -5.05
CA LEU A 85 -5.16 -14.21 -4.83
C LEU A 85 -5.47 -13.46 -6.13
N LYS A 86 -4.42 -13.12 -6.86
CA LYS A 86 -4.58 -12.46 -8.15
C LYS A 86 -5.33 -13.38 -9.11
N ASN A 87 -4.94 -14.65 -9.13
CA ASN A 87 -5.60 -15.63 -9.97
C ASN A 87 -7.02 -15.88 -9.44
N LEU A 88 -7.19 -15.88 -8.12
CA LEU A 88 -8.52 -15.96 -7.56
C LEU A 88 -9.41 -14.88 -8.16
N LYS A 89 -8.93 -13.65 -8.09
CA LYS A 89 -9.66 -12.50 -8.63
C LYS A 89 -10.02 -12.73 -10.10
N ASP A 90 -9.01 -12.99 -10.93
CA ASP A 90 -9.19 -13.16 -12.37
C ASP A 90 -10.07 -14.36 -12.71
N SER A 91 -10.08 -15.38 -11.88
CA SER A 91 -10.90 -16.54 -12.15
C SER A 91 -12.34 -16.31 -11.69
N GLY A 92 -12.56 -15.19 -11.01
CA GLY A 92 -13.90 -14.81 -10.62
C GLY A 92 -14.08 -14.79 -9.12
N ALA A 93 -13.15 -14.15 -8.42
CA ALA A 93 -13.32 -13.96 -6.99
C ALA A 93 -14.01 -12.62 -6.73
N SER A 94 -15.07 -12.69 -5.96
CA SER A 94 -15.80 -11.51 -5.55
C SER A 94 -14.96 -10.67 -4.58
N LYS A 95 -15.37 -9.44 -4.34
CA LYS A 95 -14.64 -8.55 -3.43
C LYS A 95 -14.36 -9.24 -2.09
N GLU A 96 -15.32 -10.02 -1.65
CA GLU A 96 -15.24 -10.73 -0.38
C GLU A 96 -14.15 -11.81 -0.37
N GLU A 97 -13.94 -12.46 -1.52
CA GLU A 97 -12.95 -13.51 -1.63
C GLU A 97 -11.58 -12.91 -1.59
N LEU A 98 -11.49 -11.70 -2.09
CA LEU A 98 -10.29 -10.89 -1.90
C LEU A 98 -10.26 -10.53 -0.43
N LYS A 99 -11.34 -10.06 0.15
CA LYS A 99 -11.23 -9.46 1.47
C LYS A 99 -10.93 -10.51 2.52
N ALA A 100 -11.47 -11.68 2.31
CA ALA A 100 -11.31 -12.76 3.25
C ALA A 100 -10.08 -13.63 2.95
N LYS A 101 -9.96 -14.11 1.70
CA LYS A 101 -8.88 -15.03 1.36
C LYS A 101 -7.52 -14.30 1.42
N VAL A 102 -7.58 -12.97 1.35
CA VAL A 102 -6.39 -12.15 1.51
C VAL A 102 -5.88 -12.25 2.94
N GLU A 103 -6.81 -12.34 3.87
CA GLU A 103 -6.47 -12.35 5.29
C GLU A 103 -6.04 -13.74 5.73
N GLU A 104 -6.36 -14.73 4.92
CA GLU A 104 -5.83 -16.07 5.10
C GLU A 104 -4.34 -16.04 4.79
N ALA A 105 -4.00 -15.36 3.71
CA ALA A 105 -2.63 -15.21 3.29
C ALA A 105 -1.87 -14.30 4.24
N LEU A 106 -2.47 -13.17 4.58
CA LEU A 106 -1.87 -12.19 5.50
C LEU A 106 -1.71 -12.78 6.90
N HIS A 107 -2.40 -13.87 7.19
CA HIS A 107 -2.16 -14.61 8.41
C HIS A 107 -1.01 -15.59 8.21
N ALA A 108 -1.04 -16.28 7.08
CA ALA A 108 -0.11 -17.39 6.83
C ALA A 108 1.35 -16.95 6.74
N VAL A 109 1.59 -15.65 6.59
CA VAL A 109 2.93 -15.15 6.35
C VAL A 109 3.84 -15.37 7.56
N THR A 110 3.57 -14.62 8.64
CA THR A 110 4.19 -14.83 9.96
C THR A 110 5.66 -14.43 9.99
N ASP A 111 6.17 -13.84 8.92
CA ASP A 111 7.50 -13.26 8.94
C ASP A 111 7.44 -11.84 9.50
N GLU A 112 8.35 -11.57 10.42
CA GLU A 112 8.26 -10.40 11.28
C GLU A 112 8.18 -9.08 10.51
N GLU A 113 9.18 -8.79 9.69
CA GLU A 113 9.22 -7.55 8.93
C GLU A 113 8.03 -7.47 7.97
N LYS A 114 7.64 -8.62 7.40
CA LYS A 114 6.48 -8.70 6.54
C LYS A 114 5.23 -8.22 7.28
N LYS A 115 5.04 -8.72 8.49
CA LYS A 115 3.85 -8.37 9.27
C LYS A 115 3.94 -6.97 9.87
N GLN A 116 5.12 -6.38 9.80
CA GLN A 116 5.29 -4.97 10.13
C GLN A 116 4.59 -4.13 9.05
N TYR A 117 4.74 -4.56 7.80
CA TYR A 117 4.06 -3.92 6.68
C TYR A 117 2.56 -4.19 6.76
N ILE A 118 2.19 -5.38 7.22
CA ILE A 118 0.79 -5.75 7.35
C ILE A 118 0.08 -4.89 8.42
N ALA A 119 0.78 -4.57 9.50
CA ALA A 119 0.23 -3.72 10.56
C ALA A 119 0.24 -2.25 10.13
N ASP A 120 1.34 -1.82 9.54
CA ASP A 120 1.47 -0.40 9.18
C ASP A 120 0.62 -0.07 7.96
N PHE A 121 0.89 -0.79 6.90
CA PHE A 121 0.34 -0.48 5.60
C PHE A 121 -0.87 -1.34 5.24
N GLY A 122 -0.96 -2.52 5.86
CA GLY A 122 -2.01 -3.48 5.52
C GLY A 122 -3.44 -2.95 5.53
N PRO A 123 -3.94 -2.44 6.68
CA PRO A 123 -5.33 -1.97 6.81
C PRO A 123 -5.67 -0.84 5.83
N ALA A 124 -4.64 -0.10 5.43
CA ALA A 124 -4.80 0.99 4.49
C ALA A 124 -4.72 0.50 3.06
N CYS A 125 -3.93 -0.54 2.86
CA CYS A 125 -3.89 -1.25 1.58
C CYS A 125 -5.27 -1.81 1.24
N LYS A 126 -6.06 -2.13 2.26
CA LYS A 126 -7.41 -2.64 2.06
C LYS A 126 -8.26 -1.65 1.24
N LYS A 127 -8.33 -0.39 1.69
CA LYS A 127 -9.04 0.64 0.93
C LYS A 127 -8.30 0.90 -0.40
N ILE A 128 -7.00 0.63 -0.43
CA ILE A 128 -6.23 0.84 -1.65
C ILE A 128 -6.68 -0.09 -2.79
N TYR A 129 -6.77 -1.36 -2.40
CA TYR A 129 -7.36 -2.43 -3.21
C TYR A 129 -8.89 -2.32 -3.23
N GLY A 130 -9.38 -1.10 -2.95
CA GLY A 130 -10.64 -0.77 -2.25
C GLY A 130 -11.69 -1.85 -2.06
N VAL A 131 -11.26 -3.09 -1.93
CA VAL A 131 -12.11 -4.18 -1.47
C VAL A 131 -12.81 -3.80 -0.15
N HIS A 132 -12.11 -3.06 0.69
CA HIS A 132 -12.70 -2.57 1.94
C HIS A 132 -13.48 -1.30 1.66
N THR A 133 -14.75 -1.45 1.33
CA THR A 133 -15.62 -0.31 1.09
C THR A 133 -15.71 0.54 2.34
N SER A 134 -14.93 1.61 2.37
CA SER A 134 -14.83 2.45 3.55
C SER A 134 -15.91 3.52 3.55
N GLY A 1 29.26 -5.40 -5.98
CA GLY A 1 27.86 -5.88 -5.89
C GLY A 1 27.08 -5.14 -4.83
N SER A 2 25.81 -5.51 -4.67
CA SER A 2 24.91 -4.88 -3.71
C SER A 2 24.67 -3.41 -4.06
N PRO A 3 23.68 -3.15 -4.92
CA PRO A 3 23.32 -1.78 -5.31
C PRO A 3 22.67 -1.03 -4.14
N GLU A 4 22.26 0.20 -4.39
CA GLU A 4 21.59 0.98 -3.36
C GLU A 4 20.17 0.46 -3.16
N PHE A 5 20.06 -0.52 -2.29
CA PHE A 5 18.79 -1.19 -2.04
C PHE A 5 17.91 -0.38 -1.11
N HIS A 6 16.62 -0.38 -1.40
CA HIS A 6 15.63 0.27 -0.57
C HIS A 6 14.29 -0.42 -0.78
N HIS A 7 14.00 -1.38 0.10
CA HIS A 7 12.82 -2.22 -0.03
C HIS A 7 11.56 -1.38 -0.01
N PHE A 8 11.23 -0.84 1.15
CA PHE A 8 10.04 -0.03 1.30
C PHE A 8 10.33 1.19 2.17
N THR A 9 10.88 2.21 1.54
CA THR A 9 11.15 3.47 2.22
C THR A 9 10.22 4.52 1.66
N LEU A 10 9.83 5.50 2.47
CA LEU A 10 8.87 6.51 2.02
C LEU A 10 9.21 7.10 0.65
N GLU A 11 10.45 7.59 0.49
CA GLU A 11 10.95 8.08 -0.81
C GLU A 11 10.63 7.07 -1.93
N SER A 12 10.67 5.78 -1.66
CA SER A 12 10.58 4.78 -2.74
C SER A 12 9.31 4.89 -3.59
N SER A 13 8.31 5.64 -3.14
CA SER A 13 7.06 5.76 -3.89
C SER A 13 6.95 7.02 -4.76
N LEU A 14 7.66 8.09 -4.37
CA LEU A 14 7.41 9.44 -4.85
C LEU A 14 7.32 9.66 -6.36
N ASP A 15 8.09 8.87 -7.09
CA ASP A 15 8.06 8.90 -8.55
C ASP A 15 7.26 7.74 -9.11
N THR A 16 6.72 6.93 -8.23
CA THR A 16 5.93 5.80 -8.66
C THR A 16 4.55 5.81 -8.01
N HIS A 17 4.43 5.07 -6.91
CA HIS A 17 3.16 4.93 -6.21
C HIS A 17 2.62 6.29 -5.75
N LEU A 18 3.51 7.17 -5.30
CA LEU A 18 3.06 8.43 -4.70
C LEU A 18 3.36 9.65 -5.57
N LYS A 19 3.49 9.39 -6.86
CA LYS A 19 3.85 10.43 -7.83
C LYS A 19 2.74 11.45 -8.03
N TRP A 20 1.52 11.06 -7.65
CA TRP A 20 0.36 11.93 -7.78
C TRP A 20 0.37 13.01 -6.70
N LEU A 21 1.30 12.91 -5.76
CA LEU A 21 1.47 13.94 -4.75
C LEU A 21 2.18 15.13 -5.37
N SER A 22 1.82 16.30 -4.88
CA SER A 22 2.46 17.53 -5.33
C SER A 22 3.76 17.73 -4.55
N GLN A 23 4.67 18.54 -5.07
CA GLN A 23 5.97 18.71 -4.42
C GLN A 23 5.80 19.15 -2.97
N GLU A 24 4.92 20.13 -2.75
CA GLU A 24 4.65 20.61 -1.42
C GLU A 24 4.22 19.48 -0.50
N GLN A 25 3.43 18.55 -1.03
CA GLN A 25 2.96 17.41 -0.23
C GLN A 25 4.12 16.46 0.01
N LYS A 26 4.93 16.23 -1.02
CA LYS A 26 6.10 15.39 -0.90
C LYS A 26 7.05 15.93 0.16
N ASP A 27 7.38 17.20 0.03
CA ASP A 27 8.28 17.88 0.96
C ASP A 27 7.65 17.97 2.35
N GLU A 28 6.32 18.07 2.40
CA GLU A 28 5.59 17.96 3.64
C GLU A 28 5.83 16.61 4.31
N LEU A 29 5.58 15.52 3.59
CA LEU A 29 5.76 14.18 4.11
C LEU A 29 7.23 13.87 4.40
N LEU A 30 8.11 14.31 3.52
CA LEU A 30 9.55 14.13 3.72
C LEU A 30 9.99 14.83 5.00
N LYS A 31 9.41 15.99 5.25
CA LYS A 31 9.70 16.76 6.45
C LYS A 31 9.23 16.01 7.69
N MET A 32 8.03 15.43 7.60
CA MET A 32 7.50 14.63 8.69
C MET A 32 8.39 13.44 9.03
N LYS A 33 8.73 12.64 8.02
CA LYS A 33 9.59 11.48 8.23
C LYS A 33 10.94 11.89 8.82
N LYS A 34 11.45 13.01 8.31
CA LYS A 34 12.73 13.55 8.75
C LYS A 34 12.68 14.04 10.21
N ASP A 35 11.53 14.59 10.60
CA ASP A 35 11.41 15.18 11.93
C ASP A 35 10.97 14.14 12.97
N GLY A 36 10.81 12.92 12.50
CA GLY A 36 10.54 11.83 13.41
C GLY A 36 9.08 11.59 13.64
N LYS A 37 8.26 12.04 12.70
CA LYS A 37 6.86 11.73 12.71
C LYS A 37 6.69 10.25 12.43
N ALA A 38 5.70 9.66 13.07
CA ALA A 38 5.46 8.23 12.94
C ALA A 38 4.91 7.91 11.55
N LYS A 39 5.21 6.72 11.04
CA LYS A 39 4.69 6.30 9.73
C LYS A 39 3.18 6.46 9.69
N LYS A 40 2.53 6.20 10.82
CA LYS A 40 1.08 6.34 10.92
C LYS A 40 0.61 7.77 10.63
N GLU A 41 1.54 8.73 10.68
CA GLU A 41 1.21 10.12 10.42
C GLU A 41 1.40 10.46 8.94
N LEU A 42 2.29 9.67 8.35
CA LEU A 42 2.47 9.66 6.91
C LEU A 42 1.28 8.98 6.25
N GLU A 43 0.89 7.85 6.82
CA GLU A 43 -0.27 7.09 6.37
C GLU A 43 -1.53 7.94 6.50
N ALA A 44 -1.45 8.96 7.33
CA ALA A 44 -2.59 9.80 7.62
C ALA A 44 -2.73 11.00 6.69
N LYS A 45 -1.60 11.61 6.36
CA LYS A 45 -1.58 12.68 5.39
C LYS A 45 -1.98 12.16 4.02
N ILE A 46 -1.33 11.08 3.60
CA ILE A 46 -1.58 10.48 2.30
C ILE A 46 -3.05 10.08 2.16
N LEU A 47 -3.60 9.48 3.19
CA LEU A 47 -5.00 9.05 3.15
C LEU A 47 -5.96 10.23 3.11
N HIS A 48 -5.56 11.33 3.75
CA HIS A 48 -6.31 12.57 3.64
C HIS A 48 -6.17 13.16 2.24
N TYR A 49 -4.94 13.17 1.71
CA TYR A 49 -4.69 13.70 0.37
C TYR A 49 -5.39 12.84 -0.68
N TYR A 50 -5.49 11.57 -0.36
CA TYR A 50 -6.21 10.60 -1.17
C TYR A 50 -7.70 10.95 -1.21
N ASP A 51 -8.27 11.25 -0.06
CA ASP A 51 -9.71 11.47 0.03
C ASP A 51 -10.12 12.82 -0.54
N GLU A 52 -9.20 13.77 -0.60
CA GLU A 52 -9.52 15.09 -1.13
C GLU A 52 -9.32 15.13 -2.65
N LEU A 53 -9.08 13.96 -3.25
CA LEU A 53 -8.86 13.85 -4.68
C LEU A 53 -10.15 14.04 -5.47
N GLU A 54 -10.12 13.62 -6.71
CA GLU A 54 -11.16 13.95 -7.67
C GLU A 54 -11.08 13.11 -8.94
N GLY A 55 -12.14 12.35 -9.20
CA GLY A 55 -12.28 11.63 -10.46
C GLY A 55 -11.07 10.81 -10.84
N ASP A 56 -10.43 11.20 -11.95
CA ASP A 56 -9.29 10.47 -12.47
C ASP A 56 -8.08 10.60 -11.56
N ALA A 57 -7.99 11.69 -10.81
CA ALA A 57 -6.93 11.85 -9.83
C ALA A 57 -7.06 10.75 -8.80
N LYS A 58 -8.29 10.56 -8.35
CA LYS A 58 -8.63 9.56 -7.35
C LYS A 58 -8.37 8.18 -7.90
N LYS A 59 -8.99 7.90 -9.03
CA LYS A 59 -8.82 6.64 -9.73
C LYS A 59 -7.35 6.30 -9.97
N GLU A 60 -6.56 7.30 -10.38
CA GLU A 60 -5.14 7.10 -10.56
C GLU A 60 -4.44 6.85 -9.25
N ALA A 61 -4.69 7.67 -8.25
CA ALA A 61 -4.02 7.49 -6.98
C ALA A 61 -4.35 6.11 -6.42
N THR A 62 -5.64 5.82 -6.33
CA THR A 62 -6.12 4.53 -5.88
C THR A 62 -5.38 3.36 -6.55
N GLU A 63 -5.25 3.48 -7.88
CA GLU A 63 -4.52 2.51 -8.68
C GLU A 63 -3.02 2.47 -8.32
N HIS A 64 -2.43 3.63 -8.02
CA HIS A 64 -1.00 3.71 -7.77
C HIS A 64 -0.70 3.17 -6.37
N LEU A 65 -1.51 3.55 -5.41
CA LEU A 65 -1.46 2.98 -4.09
C LEU A 65 -1.72 1.47 -4.12
N LYS A 66 -2.57 1.03 -5.05
CA LYS A 66 -2.81 -0.39 -5.25
C LYS A 66 -1.51 -1.08 -5.61
N GLY A 67 -0.88 -0.61 -6.69
CA GLY A 67 0.40 -1.13 -7.11
C GLY A 67 1.42 -1.04 -5.98
N GLY A 68 1.39 0.05 -5.22
CA GLY A 68 2.25 0.20 -4.07
C GLY A 68 2.14 -0.94 -3.08
N CYS A 69 0.94 -1.17 -2.57
CA CYS A 69 0.75 -2.23 -1.61
C CYS A 69 0.79 -3.60 -2.30
N ARG A 70 0.55 -3.62 -3.61
CA ARG A 70 0.78 -4.79 -4.43
C ARG A 70 2.23 -5.24 -4.30
N GLU A 71 3.15 -4.29 -4.45
CA GLU A 71 4.58 -4.56 -4.28
C GLU A 71 4.85 -5.04 -2.87
N ILE A 72 4.10 -4.50 -1.92
CA ILE A 72 4.20 -4.92 -0.53
C ILE A 72 3.68 -6.35 -0.36
N LEU A 73 2.56 -6.65 -0.98
CA LEU A 73 1.98 -8.00 -0.94
C LEU A 73 2.95 -8.99 -1.58
N LYS A 74 3.73 -8.47 -2.51
CA LYS A 74 4.81 -9.25 -3.13
C LYS A 74 5.88 -9.60 -2.10
N HIS A 75 5.84 -8.91 -0.96
CA HIS A 75 6.79 -9.14 0.11
C HIS A 75 6.14 -10.01 1.18
N VAL A 76 4.97 -9.55 1.65
CA VAL A 76 4.27 -10.17 2.76
C VAL A 76 3.91 -11.61 2.46
N VAL A 77 3.11 -11.82 1.42
CA VAL A 77 2.65 -13.16 1.10
C VAL A 77 3.61 -13.83 0.13
N GLY A 78 4.52 -13.02 -0.40
CA GLY A 78 5.50 -13.50 -1.33
C GLY A 78 4.97 -13.54 -2.74
N GLU A 79 5.86 -13.61 -3.72
CA GLU A 79 5.45 -13.69 -5.10
C GLU A 79 4.73 -15.01 -5.35
N GLU A 80 5.02 -15.99 -4.49
CA GLU A 80 4.28 -17.24 -4.42
C GLU A 80 2.79 -17.00 -4.33
N LYS A 81 2.37 -16.38 -3.23
CA LYS A 81 0.96 -16.21 -2.94
C LYS A 81 0.38 -15.10 -3.80
N ALA A 82 1.18 -14.06 -4.05
CA ALA A 82 0.75 -12.96 -4.89
C ALA A 82 0.46 -13.47 -6.30
N ALA A 83 1.12 -14.54 -6.68
CA ALA A 83 0.86 -15.20 -7.95
C ALA A 83 -0.48 -15.91 -7.91
N GLU A 84 -0.79 -16.50 -6.76
CA GLU A 84 -2.03 -17.23 -6.57
C GLU A 84 -3.21 -16.28 -6.49
N LEU A 85 -2.98 -15.14 -5.85
CA LEU A 85 -3.92 -14.05 -5.82
C LEU A 85 -4.06 -13.38 -7.18
N LYS A 86 -2.96 -13.28 -7.91
CA LYS A 86 -2.99 -12.70 -9.25
C LYS A 86 -3.81 -13.59 -10.17
N ASN A 87 -3.60 -14.90 -10.05
CA ASN A 87 -4.35 -15.85 -10.86
C ASN A 87 -5.77 -15.96 -10.35
N LEU A 88 -6.00 -15.56 -9.11
CA LEU A 88 -7.33 -15.47 -8.62
C LEU A 88 -8.03 -14.34 -9.35
N LYS A 89 -7.44 -13.15 -9.23
CA LYS A 89 -7.90 -11.95 -9.93
C LYS A 89 -8.19 -12.25 -11.41
N ASP A 90 -7.16 -12.71 -12.11
CA ASP A 90 -7.24 -12.99 -13.56
C ASP A 90 -8.24 -14.11 -13.89
N SER A 91 -8.36 -15.10 -13.02
CA SER A 91 -9.27 -16.20 -13.30
C SER A 91 -10.72 -15.82 -12.97
N GLY A 92 -10.90 -14.66 -12.36
CA GLY A 92 -12.24 -14.15 -12.14
C GLY A 92 -12.70 -14.34 -10.72
N ALA A 93 -11.75 -14.57 -9.82
CA ALA A 93 -12.05 -14.53 -8.40
C ALA A 93 -12.57 -13.13 -8.10
N SER A 94 -13.72 -13.09 -7.46
CA SER A 94 -14.36 -11.83 -7.12
C SER A 94 -13.63 -11.18 -5.95
N LYS A 95 -14.11 -10.02 -5.53
CA LYS A 95 -13.44 -9.24 -4.51
C LYS A 95 -13.28 -10.04 -3.22
N GLU A 96 -14.24 -10.90 -2.93
CA GLU A 96 -14.28 -11.65 -1.69
C GLU A 96 -13.27 -12.80 -1.68
N GLU A 97 -13.18 -13.52 -2.79
CA GLU A 97 -12.21 -14.59 -2.98
C GLU A 97 -10.81 -14.04 -2.82
N LEU A 98 -10.59 -12.85 -3.34
CA LEU A 98 -9.35 -12.15 -3.07
C LEU A 98 -9.37 -11.75 -1.61
N LYS A 99 -10.45 -11.20 -1.09
CA LYS A 99 -10.44 -10.65 0.25
C LYS A 99 -10.07 -11.70 1.26
N ALA A 100 -10.77 -12.81 1.19
CA ALA A 100 -10.64 -13.82 2.20
C ALA A 100 -9.39 -14.66 2.00
N LYS A 101 -9.17 -15.11 0.77
CA LYS A 101 -7.99 -15.92 0.47
C LYS A 101 -6.68 -15.20 0.84
N VAL A 102 -6.71 -13.87 0.74
CA VAL A 102 -5.61 -13.02 1.15
C VAL A 102 -5.44 -13.03 2.67
N GLU A 103 -6.57 -12.90 3.38
CA GLU A 103 -6.55 -12.92 4.85
C GLU A 103 -5.91 -14.21 5.35
N GLU A 104 -6.07 -15.28 4.59
CA GLU A 104 -5.46 -16.55 4.91
C GLU A 104 -3.95 -16.45 4.81
N ALA A 105 -3.48 -15.75 3.77
CA ALA A 105 -2.06 -15.56 3.57
C ALA A 105 -1.48 -14.59 4.59
N LEU A 106 -2.27 -13.59 4.95
CA LEU A 106 -1.86 -12.58 5.93
C LEU A 106 -1.93 -13.16 7.35
N HIS A 107 -2.63 -14.26 7.51
CA HIS A 107 -2.61 -14.97 8.79
C HIS A 107 -1.47 -15.97 8.76
N ALA A 108 -1.42 -16.78 7.71
CA ALA A 108 -0.44 -17.85 7.60
C ALA A 108 1.00 -17.35 7.50
N VAL A 109 1.20 -16.04 7.52
CA VAL A 109 2.51 -15.45 7.51
C VAL A 109 3.06 -15.33 8.93
N THR A 110 4.36 -15.52 9.07
CA THR A 110 4.96 -15.44 10.40
C THR A 110 6.36 -14.82 10.37
N ASP A 111 6.77 -14.28 9.23
CA ASP A 111 7.97 -13.46 9.21
C ASP A 111 7.63 -12.04 9.64
N GLU A 112 8.16 -11.66 10.79
CA GLU A 112 7.71 -10.47 11.52
C GLU A 112 7.68 -9.20 10.68
N GLU A 113 8.72 -9.00 9.87
CA GLU A 113 8.79 -7.83 9.00
C GLU A 113 7.61 -7.81 8.04
N LYS A 114 7.26 -8.97 7.49
CA LYS A 114 6.09 -9.10 6.63
C LYS A 114 4.83 -8.63 7.35
N LYS A 115 4.71 -9.06 8.60
CA LYS A 115 3.54 -8.75 9.42
C LYS A 115 3.55 -7.31 9.92
N GLN A 116 4.71 -6.69 9.79
CA GLN A 116 4.82 -5.26 10.00
C GLN A 116 4.08 -4.50 8.90
N TYR A 117 4.18 -5.01 7.67
CA TYR A 117 3.49 -4.44 6.53
C TYR A 117 1.99 -4.70 6.64
N ILE A 118 1.64 -5.84 7.23
CA ILE A 118 0.24 -6.14 7.50
C ILE A 118 -0.38 -5.09 8.41
N ALA A 119 0.35 -4.71 9.45
CA ALA A 119 -0.11 -3.69 10.37
C ALA A 119 -0.03 -2.31 9.72
N ASP A 120 1.05 -2.05 9.01
CA ASP A 120 1.26 -0.76 8.37
C ASP A 120 0.26 -0.53 7.24
N PHE A 121 0.36 -1.33 6.21
CA PHE A 121 -0.39 -1.07 4.99
C PHE A 121 -1.68 -1.88 4.92
N GLY A 122 -1.75 -2.99 5.64
CA GLY A 122 -2.92 -3.86 5.57
C GLY A 122 -4.27 -3.12 5.58
N PRO A 123 -4.64 -2.47 6.70
CA PRO A 123 -5.94 -1.79 6.83
C PRO A 123 -6.18 -0.75 5.74
N ALA A 124 -5.17 0.08 5.51
CA ALA A 124 -5.27 1.17 4.54
C ALA A 124 -5.27 0.66 3.11
N CYS A 125 -4.60 -0.46 2.86
CA CYS A 125 -4.62 -1.09 1.56
C CYS A 125 -6.02 -1.62 1.25
N LYS A 126 -6.77 -1.94 2.30
CA LYS A 126 -8.12 -2.45 2.13
C LYS A 126 -9.08 -1.39 1.57
N LYS A 127 -8.94 -0.13 1.97
CA LYS A 127 -9.68 0.96 1.30
C LYS A 127 -9.08 1.17 -0.09
N ILE A 128 -7.78 0.96 -0.21
CA ILE A 128 -7.08 1.20 -1.46
C ILE A 128 -7.52 0.23 -2.58
N TYR A 129 -7.55 -1.03 -2.18
CA TYR A 129 -8.11 -2.14 -2.95
C TYR A 129 -9.64 -2.15 -2.85
N GLY A 130 -10.19 -0.96 -2.56
CA GLY A 130 -11.42 -0.68 -1.77
C GLY A 130 -12.44 -1.78 -1.53
N VAL A 131 -11.98 -3.01 -1.49
CA VAL A 131 -12.77 -4.15 -1.07
C VAL A 131 -13.49 -3.87 0.26
N HIS A 132 -12.82 -3.13 1.15
CA HIS A 132 -13.42 -2.74 2.41
C HIS A 132 -14.24 -1.46 2.23
N THR A 133 -15.41 -1.61 1.66
CA THR A 133 -16.30 -0.48 1.46
C THR A 133 -17.25 -0.34 2.64
N SER A 134 -17.67 -1.47 3.17
CA SER A 134 -18.56 -1.50 4.32
C SER A 134 -18.23 -2.71 5.19
N GLY A 1 9.20 -12.26 -2.05
CA GLY A 1 10.06 -11.69 -3.11
C GLY A 1 10.33 -10.22 -2.90
N SER A 2 10.47 -9.49 -4.01
CA SER A 2 10.71 -8.05 -3.99
C SER A 2 12.12 -7.73 -3.48
N PRO A 3 13.08 -7.57 -4.40
CA PRO A 3 14.45 -7.13 -4.07
C PRO A 3 14.46 -5.64 -3.71
N GLU A 4 13.83 -5.31 -2.60
CA GLU A 4 13.67 -3.93 -2.18
C GLU A 4 14.92 -3.43 -1.46
N PHE A 5 15.55 -2.42 -2.05
CA PHE A 5 16.68 -1.76 -1.41
C PHE A 5 16.13 -0.67 -0.48
N HIS A 6 14.90 -0.28 -0.76
CA HIS A 6 14.15 0.61 0.10
C HIS A 6 12.85 -0.06 0.47
N HIS A 7 12.53 -0.09 1.76
CA HIS A 7 11.34 -0.78 2.24
C HIS A 7 10.08 0.04 1.99
N PHE A 8 9.79 0.25 0.70
CA PHE A 8 8.60 0.97 0.26
C PHE A 8 8.48 2.31 0.97
N THR A 9 9.50 3.15 0.85
CA THR A 9 9.53 4.43 1.53
C THR A 9 8.85 5.50 0.68
N LEU A 10 8.62 6.65 1.27
CA LEU A 10 7.94 7.72 0.58
C LEU A 10 8.79 8.36 -0.51
N GLU A 11 10.09 8.51 -0.27
CA GLU A 11 11.01 8.87 -1.35
C GLU A 11 10.98 7.77 -2.39
N SER A 12 11.09 6.51 -2.02
CA SER A 12 11.04 5.41 -2.98
C SER A 12 9.80 5.50 -3.89
N SER A 13 8.75 6.18 -3.43
CA SER A 13 7.53 6.26 -4.20
C SER A 13 7.34 7.56 -4.99
N LEU A 14 8.09 8.62 -4.66
CA LEU A 14 7.74 9.98 -5.11
C LEU A 14 7.60 10.17 -6.62
N ASP A 15 8.39 9.39 -7.36
CA ASP A 15 8.32 9.40 -8.81
C ASP A 15 7.51 8.21 -9.31
N THR A 16 7.05 7.39 -8.39
CA THR A 16 6.33 6.20 -8.75
C THR A 16 4.93 6.17 -8.12
N HIS A 17 4.79 5.41 -7.05
CA HIS A 17 3.48 5.23 -6.40
C HIS A 17 2.91 6.57 -5.93
N LEU A 18 3.75 7.44 -5.40
CA LEU A 18 3.26 8.66 -4.74
C LEU A 18 3.51 9.92 -5.56
N LYS A 19 3.67 9.71 -6.87
CA LYS A 19 4.00 10.78 -7.79
C LYS A 19 2.83 11.75 -7.99
N TRP A 20 1.65 11.31 -7.59
CA TRP A 20 0.44 12.12 -7.70
C TRP A 20 0.42 13.19 -6.62
N LEU A 21 1.36 13.10 -5.67
CA LEU A 21 1.51 14.14 -4.68
C LEU A 21 2.16 15.36 -5.35
N SER A 22 1.73 16.51 -4.90
CA SER A 22 2.32 17.74 -5.39
C SER A 22 3.62 18.02 -4.65
N GLN A 23 4.51 18.81 -5.23
CA GLN A 23 5.84 19.04 -4.63
C GLN A 23 5.69 19.49 -3.18
N GLU A 24 4.81 20.46 -2.95
CA GLU A 24 4.58 20.97 -1.61
C GLU A 24 4.16 19.84 -0.67
N GLN A 25 3.39 18.89 -1.18
CA GLN A 25 2.98 17.75 -0.38
C GLN A 25 4.17 16.82 -0.17
N LYS A 26 4.88 16.50 -1.23
CA LYS A 26 6.06 15.63 -1.13
C LYS A 26 7.03 16.15 -0.08
N ASP A 27 7.35 17.44 -0.19
CA ASP A 27 8.23 18.10 0.76
C ASP A 27 7.61 18.14 2.16
N GLU A 28 6.29 18.25 2.24
CA GLU A 28 5.62 18.13 3.50
C GLU A 28 5.86 16.75 4.11
N LEU A 29 5.61 15.69 3.34
CA LEU A 29 5.78 14.32 3.81
C LEU A 29 7.24 14.07 4.21
N LEU A 30 8.16 14.67 3.46
CA LEU A 30 9.58 14.54 3.72
C LEU A 30 9.96 15.23 5.04
N LYS A 31 9.36 16.39 5.28
CA LYS A 31 9.62 17.13 6.53
C LYS A 31 9.09 16.35 7.72
N MET A 32 7.91 15.77 7.56
CA MET A 32 7.31 14.96 8.61
C MET A 32 8.25 13.86 9.08
N LYS A 33 8.74 13.06 8.14
CA LYS A 33 9.67 11.98 8.47
C LYS A 33 10.93 12.51 9.17
N LYS A 34 11.44 13.65 8.70
CA LYS A 34 12.67 14.21 9.25
C LYS A 34 12.47 14.83 10.63
N ASP A 35 11.29 15.38 10.88
CA ASP A 35 11.01 15.97 12.18
C ASP A 35 10.58 14.92 13.20
N GLY A 36 10.53 13.68 12.73
CA GLY A 36 10.30 12.57 13.62
C GLY A 36 8.84 12.28 13.81
N LYS A 37 8.03 12.71 12.85
CA LYS A 37 6.64 12.32 12.82
C LYS A 37 6.56 10.84 12.52
N ALA A 38 5.64 10.18 13.19
CA ALA A 38 5.53 8.73 13.09
C ALA A 38 5.14 8.31 11.69
N LYS A 39 5.52 7.09 11.31
CA LYS A 39 5.16 6.56 10.00
C LYS A 39 3.63 6.55 9.86
N LYS A 40 2.95 6.24 10.96
CA LYS A 40 1.48 6.29 11.00
C LYS A 40 0.95 7.69 10.66
N GLU A 41 1.78 8.71 10.81
CA GLU A 41 1.36 10.08 10.52
C GLU A 41 1.46 10.37 9.03
N LEU A 42 2.33 9.58 8.41
CA LEU A 42 2.51 9.64 6.97
C LEU A 42 1.42 8.87 6.27
N GLU A 43 1.08 7.72 6.84
CA GLU A 43 -0.04 6.91 6.37
C GLU A 43 -1.35 7.65 6.60
N ALA A 44 -1.31 8.65 7.46
CA ALA A 44 -2.48 9.46 7.75
C ALA A 44 -2.59 10.68 6.85
N LYS A 45 -1.44 11.29 6.60
CA LYS A 45 -1.35 12.43 5.70
C LYS A 45 -1.76 12.03 4.28
N ILE A 46 -1.16 10.96 3.78
CA ILE A 46 -1.44 10.48 2.44
C ILE A 46 -2.89 10.03 2.30
N LEU A 47 -3.41 9.32 3.30
CA LEU A 47 -4.78 8.84 3.24
C LEU A 47 -5.77 9.99 3.23
N HIS A 48 -5.42 11.08 3.91
CA HIS A 48 -6.21 12.29 3.86
C HIS A 48 -6.21 12.85 2.44
N TYR A 49 -5.03 12.99 1.84
CA TYR A 49 -4.91 13.47 0.47
C TYR A 49 -5.67 12.56 -0.49
N TYR A 50 -5.50 11.27 -0.26
CA TYR A 50 -6.15 10.21 -1.03
C TYR A 50 -7.66 10.41 -1.08
N ASP A 51 -8.27 10.62 0.08
CA ASP A 51 -9.71 10.71 0.15
C ASP A 51 -10.21 12.05 -0.40
N GLU A 52 -9.32 13.04 -0.50
CA GLU A 52 -9.67 14.36 -0.98
C GLU A 52 -9.43 14.48 -2.49
N LEU A 53 -9.10 13.37 -3.14
CA LEU A 53 -8.75 13.38 -4.55
C LEU A 53 -9.95 13.63 -5.46
N GLU A 54 -9.74 13.36 -6.74
CA GLU A 54 -10.67 13.75 -7.78
C GLU A 54 -10.97 12.55 -8.67
N GLY A 55 -11.67 12.77 -9.78
CA GLY A 55 -12.08 11.66 -10.63
C GLY A 55 -10.95 10.72 -11.03
N ASP A 56 -10.16 11.13 -12.01
CA ASP A 56 -9.04 10.32 -12.49
C ASP A 56 -7.90 10.36 -11.48
N ALA A 57 -7.83 11.43 -10.69
CA ALA A 57 -6.78 11.56 -9.68
C ALA A 57 -6.87 10.42 -8.68
N LYS A 58 -8.09 10.19 -8.19
CA LYS A 58 -8.33 9.13 -7.21
C LYS A 58 -8.03 7.79 -7.84
N LYS A 59 -8.63 7.57 -9.01
CA LYS A 59 -8.43 6.34 -9.75
C LYS A 59 -6.94 6.05 -9.93
N GLU A 60 -6.18 7.06 -10.35
CA GLU A 60 -4.75 6.91 -10.56
C GLU A 60 -4.05 6.65 -9.24
N ALA A 61 -4.30 7.46 -8.23
CA ALA A 61 -3.62 7.27 -6.96
C ALA A 61 -3.93 5.89 -6.42
N THR A 62 -5.20 5.55 -6.40
CA THR A 62 -5.65 4.24 -5.98
C THR A 62 -4.87 3.11 -6.66
N GLU A 63 -4.74 3.24 -7.99
CA GLU A 63 -4.00 2.28 -8.80
C GLU A 63 -2.50 2.31 -8.49
N HIS A 64 -1.98 3.48 -8.11
CA HIS A 64 -0.55 3.63 -7.86
C HIS A 64 -0.20 3.03 -6.50
N LEU A 65 -0.98 3.40 -5.48
CA LEU A 65 -0.85 2.80 -4.19
C LEU A 65 -1.16 1.30 -4.25
N LYS A 66 -2.00 0.89 -5.21
CA LYS A 66 -2.27 -0.52 -5.44
C LYS A 66 -0.98 -1.24 -5.80
N GLY A 67 -0.30 -0.73 -6.82
CA GLY A 67 0.98 -1.28 -7.21
C GLY A 67 1.97 -1.30 -6.05
N GLY A 68 1.93 -0.24 -5.24
CA GLY A 68 2.74 -0.21 -4.05
C GLY A 68 2.44 -1.37 -3.11
N CYS A 69 1.16 -1.55 -2.81
CA CYS A 69 0.72 -2.65 -1.96
C CYS A 69 0.95 -3.99 -2.64
N ARG A 70 0.93 -4.01 -3.97
CA ARG A 70 1.20 -5.21 -4.73
C ARG A 70 2.62 -5.67 -4.49
N GLU A 71 3.55 -4.72 -4.49
CA GLU A 71 4.94 -5.00 -4.21
C GLU A 71 5.09 -5.44 -2.76
N ILE A 72 4.22 -4.91 -1.90
CA ILE A 72 4.20 -5.29 -0.49
C ILE A 72 3.71 -6.72 -0.33
N LEU A 73 2.60 -7.05 -0.99
CA LEU A 73 2.07 -8.41 -0.94
C LEU A 73 3.04 -9.37 -1.62
N LYS A 74 3.82 -8.80 -2.53
CA LYS A 74 4.91 -9.53 -3.17
C LYS A 74 6.02 -9.80 -2.16
N HIS A 75 5.95 -9.12 -1.03
CA HIS A 75 6.89 -9.27 0.06
C HIS A 75 6.28 -10.18 1.13
N VAL A 76 5.10 -9.77 1.62
CA VAL A 76 4.42 -10.45 2.72
C VAL A 76 4.11 -11.89 2.37
N VAL A 77 3.31 -12.08 1.33
CA VAL A 77 2.82 -13.39 0.99
C VAL A 77 3.71 -14.08 -0.02
N GLY A 78 4.58 -13.31 -0.65
CA GLY A 78 5.47 -13.83 -1.65
C GLY A 78 4.82 -13.88 -3.01
N GLU A 79 5.59 -14.23 -4.01
CA GLU A 79 5.07 -14.34 -5.38
C GLU A 79 4.24 -15.60 -5.53
N GLU A 80 4.23 -16.40 -4.49
CA GLU A 80 3.41 -17.61 -4.42
C GLU A 80 1.93 -17.27 -4.39
N LYS A 81 1.49 -16.67 -3.30
CA LYS A 81 0.07 -16.47 -3.06
C LYS A 81 -0.45 -15.28 -3.84
N ALA A 82 0.39 -14.26 -4.00
CA ALA A 82 0.02 -13.09 -4.79
C ALA A 82 -0.24 -13.51 -6.24
N ALA A 83 0.43 -14.58 -6.65
CA ALA A 83 0.21 -15.16 -7.98
C ALA A 83 -1.19 -15.76 -8.05
N GLU A 84 -1.57 -16.44 -6.98
CA GLU A 84 -2.86 -17.13 -6.92
C GLU A 84 -4.00 -16.12 -6.74
N LEU A 85 -3.70 -14.99 -6.12
CA LEU A 85 -4.69 -13.94 -5.94
C LEU A 85 -4.85 -13.12 -7.22
N LYS A 86 -3.79 -13.03 -8.01
CA LYS A 86 -3.86 -12.37 -9.30
C LYS A 86 -4.74 -13.20 -10.22
N ASN A 87 -4.39 -14.47 -10.35
CA ASN A 87 -5.14 -15.39 -11.20
C ASN A 87 -6.57 -15.53 -10.68
N LEU A 88 -6.72 -15.57 -9.36
CA LEU A 88 -8.05 -15.68 -8.76
C LEU A 88 -8.93 -14.53 -9.23
N LYS A 89 -8.37 -13.33 -9.23
CA LYS A 89 -9.11 -12.14 -9.59
C LYS A 89 -9.55 -12.20 -11.06
N ASP A 90 -8.60 -12.47 -11.95
CA ASP A 90 -8.89 -12.55 -13.38
C ASP A 90 -9.73 -13.78 -13.71
N SER A 91 -9.75 -14.76 -12.82
CA SER A 91 -10.58 -15.94 -13.00
C SER A 91 -12.01 -15.65 -12.56
N GLY A 92 -12.20 -14.51 -11.92
CA GLY A 92 -13.52 -14.08 -11.52
C GLY A 92 -13.72 -14.13 -10.03
N ALA A 93 -12.70 -13.72 -9.28
CA ALA A 93 -12.84 -13.58 -7.85
C ALA A 93 -13.43 -12.22 -7.56
N SER A 94 -14.51 -12.24 -6.79
CA SER A 94 -15.17 -11.06 -6.35
C SER A 94 -14.34 -10.35 -5.28
N LYS A 95 -14.68 -9.11 -4.96
CA LYS A 95 -13.92 -8.33 -3.99
C LYS A 95 -13.79 -9.09 -2.67
N GLU A 96 -14.82 -9.86 -2.34
CA GLU A 96 -14.85 -10.59 -1.09
C GLU A 96 -13.89 -11.79 -1.09
N GLU A 97 -13.73 -12.46 -2.22
CA GLU A 97 -12.82 -13.58 -2.35
C GLU A 97 -11.42 -13.09 -2.12
N LEU A 98 -11.16 -11.89 -2.57
CA LEU A 98 -9.91 -11.21 -2.26
C LEU A 98 -9.96 -10.81 -0.80
N LYS A 99 -11.09 -10.35 -0.31
CA LYS A 99 -11.18 -9.81 1.03
C LYS A 99 -10.89 -10.86 2.08
N ALA A 100 -11.46 -12.02 1.86
CA ALA A 100 -11.36 -13.09 2.81
C ALA A 100 -10.16 -13.99 2.55
N LYS A 101 -10.02 -14.46 1.31
CA LYS A 101 -8.92 -15.35 0.97
C LYS A 101 -7.54 -14.68 1.13
N VAL A 102 -7.54 -13.35 1.11
CA VAL A 102 -6.33 -12.57 1.40
C VAL A 102 -5.88 -12.84 2.82
N GLU A 103 -6.85 -13.01 3.72
CA GLU A 103 -6.57 -13.17 5.13
C GLU A 103 -6.07 -14.57 5.42
N GLU A 104 -6.49 -15.53 4.62
CA GLU A 104 -5.97 -16.88 4.75
C GLU A 104 -4.46 -16.85 4.56
N ALA A 105 -4.04 -16.03 3.61
CA ALA A 105 -2.63 -15.88 3.29
C ALA A 105 -1.92 -14.98 4.31
N LEU A 106 -2.55 -13.87 4.66
CA LEU A 106 -1.97 -12.91 5.61
C LEU A 106 -2.05 -13.42 7.04
N HIS A 107 -2.82 -14.46 7.28
CA HIS A 107 -2.77 -15.15 8.56
C HIS A 107 -1.63 -16.16 8.51
N ALA A 108 -1.58 -16.93 7.43
CA ALA A 108 -0.62 -18.03 7.30
C ALA A 108 0.84 -17.54 7.28
N VAL A 109 1.04 -16.24 7.31
CA VAL A 109 2.38 -15.69 7.35
C VAL A 109 2.86 -15.56 8.79
N THR A 110 4.15 -15.73 8.98
CA THR A 110 4.69 -15.66 10.33
C THR A 110 6.09 -15.04 10.37
N ASP A 111 6.52 -14.46 9.26
CA ASP A 111 7.74 -13.67 9.27
C ASP A 111 7.46 -12.25 9.75
N GLU A 112 8.14 -11.88 10.82
CA GLU A 112 7.82 -10.68 11.60
C GLU A 112 7.68 -9.42 10.76
N GLU A 113 8.68 -9.18 9.92
CA GLU A 113 8.69 -8.01 9.05
C GLU A 113 7.52 -8.05 8.08
N LYS A 114 7.22 -9.23 7.53
CA LYS A 114 6.08 -9.39 6.65
C LYS A 114 4.78 -8.99 7.36
N LYS A 115 4.64 -9.42 8.60
CA LYS A 115 3.44 -9.13 9.39
C LYS A 115 3.46 -7.70 9.93
N GLN A 116 4.64 -7.10 9.87
CA GLN A 116 4.78 -5.68 10.16
C GLN A 116 4.11 -4.88 9.06
N TYR A 117 4.24 -5.35 7.84
CA TYR A 117 3.58 -4.73 6.69
C TYR A 117 2.07 -4.93 6.80
N ILE A 118 1.67 -6.09 7.30
CA ILE A 118 0.25 -6.38 7.52
C ILE A 118 -0.37 -5.35 8.48
N ALA A 119 0.29 -5.10 9.60
CA ALA A 119 -0.21 -4.15 10.58
C ALA A 119 -0.14 -2.72 10.03
N ASP A 120 0.95 -2.40 9.35
CA ASP A 120 1.15 -1.05 8.85
C ASP A 120 0.26 -0.76 7.64
N PHE A 121 0.44 -1.52 6.59
CA PHE A 121 -0.20 -1.20 5.32
C PHE A 121 -1.48 -2.00 5.12
N GLY A 122 -1.60 -3.14 5.79
CA GLY A 122 -2.74 -4.04 5.57
C GLY A 122 -4.11 -3.34 5.49
N PRO A 123 -4.60 -2.75 6.60
CA PRO A 123 -5.93 -2.12 6.64
C PRO A 123 -6.05 -0.92 5.71
N ALA A 124 -4.93 -0.30 5.38
CA ALA A 124 -4.93 0.85 4.49
C ALA A 124 -4.94 0.39 3.03
N CYS A 125 -4.27 -0.71 2.76
CA CYS A 125 -4.36 -1.38 1.47
C CYS A 125 -5.79 -1.83 1.21
N LYS A 126 -6.54 -2.06 2.27
CA LYS A 126 -7.96 -2.41 2.17
C LYS A 126 -8.74 -1.36 1.36
N LYS A 127 -8.69 -0.10 1.80
CA LYS A 127 -9.34 0.99 1.06
C LYS A 127 -8.65 1.17 -0.30
N ILE A 128 -7.36 0.89 -0.37
CA ILE A 128 -6.61 1.08 -1.60
C ILE A 128 -7.04 0.12 -2.70
N TYR A 129 -7.24 -1.12 -2.27
CA TYR A 129 -7.82 -2.20 -3.06
C TYR A 129 -9.33 -2.14 -3.04
N GLY A 130 -9.84 -0.93 -2.74
CA GLY A 130 -11.11 -0.63 -2.03
C GLY A 130 -12.17 -1.71 -1.87
N VAL A 131 -11.74 -2.96 -1.79
CA VAL A 131 -12.59 -4.09 -1.42
C VAL A 131 -13.07 -4.00 0.04
N HIS A 132 -13.41 -2.80 0.47
CA HIS A 132 -13.76 -2.54 1.86
C HIS A 132 -15.26 -2.78 2.08
N THR A 133 -16.02 -2.80 1.00
CA THR A 133 -17.45 -3.03 1.07
C THR A 133 -17.77 -4.52 1.17
N SER A 134 -19.05 -4.84 1.29
CA SER A 134 -19.49 -6.22 1.42
C SER A 134 -20.69 -6.48 0.52
N GLY A 1 25.50 -1.41 10.80
CA GLY A 1 24.46 -1.97 9.91
C GLY A 1 24.50 -1.31 8.53
N SER A 2 23.36 -1.32 7.86
CA SER A 2 23.24 -0.74 6.54
C SER A 2 22.37 0.51 6.57
N PRO A 3 22.98 1.71 6.63
CA PRO A 3 22.25 2.98 6.71
C PRO A 3 21.58 3.36 5.40
N GLU A 4 22.09 2.82 4.29
CA GLU A 4 21.56 3.11 2.97
C GLU A 4 20.87 1.88 2.39
N PHE A 5 20.16 1.16 3.25
CA PHE A 5 19.49 -0.06 2.83
C PHE A 5 18.29 0.28 1.93
N HIS A 6 17.61 1.39 2.24
CA HIS A 6 16.51 1.90 1.40
C HIS A 6 15.51 0.78 1.12
N HIS A 7 15.00 0.17 2.18
CA HIS A 7 14.12 -0.98 2.05
C HIS A 7 12.68 -0.54 2.26
N PHE A 8 12.00 -0.25 1.16
CA PHE A 8 10.62 0.23 1.18
C PHE A 8 10.50 1.53 1.96
N THR A 9 11.47 2.41 1.79
CA THR A 9 11.43 3.72 2.42
C THR A 9 10.42 4.60 1.71
N LEU A 10 9.83 5.53 2.41
CA LEU A 10 8.73 6.34 1.87
C LEU A 10 9.07 6.95 0.50
N GLU A 11 10.29 7.46 0.35
CA GLU A 11 10.82 7.96 -0.95
C GLU A 11 10.46 6.98 -2.08
N SER A 12 10.51 5.69 -1.84
CA SER A 12 10.43 4.69 -2.92
C SER A 12 9.19 4.83 -3.82
N SER A 13 8.16 5.55 -3.37
CA SER A 13 6.93 5.66 -4.14
C SER A 13 6.82 6.95 -4.97
N LEU A 14 7.51 8.01 -4.53
CA LEU A 14 7.24 9.39 -4.93
C LEU A 14 7.16 9.70 -6.44
N ASP A 15 7.89 8.93 -7.22
CA ASP A 15 7.84 9.07 -8.68
C ASP A 15 7.06 7.94 -9.30
N THR A 16 6.46 7.11 -8.48
CA THR A 16 5.66 6.02 -8.97
C THR A 16 4.30 5.97 -8.29
N HIS A 17 4.23 5.21 -7.21
CA HIS A 17 3.00 5.03 -6.47
C HIS A 17 2.49 6.37 -5.91
N LEU A 18 3.39 7.23 -5.45
CA LEU A 18 2.96 8.45 -4.79
C LEU A 18 3.23 9.70 -5.64
N LYS A 19 3.38 9.46 -6.93
CA LYS A 19 3.73 10.48 -7.90
C LYS A 19 2.64 11.54 -8.02
N TRP A 20 1.41 11.16 -7.69
CA TRP A 20 0.26 12.04 -7.79
C TRP A 20 0.26 13.10 -6.68
N LEU A 21 1.19 12.97 -5.74
CA LEU A 21 1.36 13.98 -4.70
C LEU A 21 2.05 15.19 -5.30
N SER A 22 1.71 16.34 -4.78
CA SER A 22 2.35 17.58 -5.21
C SER A 22 3.70 17.72 -4.53
N GLN A 23 4.55 18.61 -5.00
CA GLN A 23 5.86 18.79 -4.38
C GLN A 23 5.68 19.14 -2.91
N GLU A 24 4.79 20.10 -2.66
CA GLU A 24 4.51 20.54 -1.31
C GLU A 24 4.01 19.38 -0.44
N GLN A 25 3.26 18.45 -1.01
CA GLN A 25 2.80 17.28 -0.28
C GLN A 25 3.96 16.33 -0.04
N LYS A 26 4.76 16.08 -1.08
CA LYS A 26 5.92 15.22 -0.96
C LYS A 26 6.83 15.74 0.16
N ASP A 27 7.11 17.03 0.08
CA ASP A 27 7.93 17.72 1.07
C ASP A 27 7.27 17.74 2.45
N GLU A 28 5.95 17.82 2.50
CA GLU A 28 5.24 17.65 3.75
C GLU A 28 5.53 16.28 4.37
N LEU A 29 5.32 15.21 3.61
CA LEU A 29 5.56 13.87 4.09
C LEU A 29 7.03 13.66 4.46
N LEU A 30 7.93 14.15 3.61
CA LEU A 30 9.36 14.06 3.87
C LEU A 30 9.70 14.76 5.18
N LYS A 31 9.07 15.90 5.41
CA LYS A 31 9.28 16.68 6.63
C LYS A 31 8.86 15.89 7.85
N MET A 32 7.70 15.26 7.75
CA MET A 32 7.21 14.41 8.84
C MET A 32 8.17 13.26 9.15
N LYS A 33 8.52 12.50 8.14
CA LYS A 33 9.40 11.34 8.33
C LYS A 33 10.78 11.78 8.82
N LYS A 34 11.25 12.91 8.32
CA LYS A 34 12.57 13.43 8.70
C LYS A 34 12.57 13.94 10.14
N ASP A 35 11.44 14.45 10.61
CA ASP A 35 11.37 15.03 11.95
C ASP A 35 10.97 13.97 12.98
N GLY A 36 10.77 12.75 12.50
CA GLY A 36 10.55 11.64 13.38
C GLY A 36 9.09 11.35 13.63
N LYS A 37 8.24 11.79 12.71
CA LYS A 37 6.85 11.41 12.77
C LYS A 37 6.73 9.93 12.43
N ALA A 38 5.76 9.29 13.02
CA ALA A 38 5.57 7.85 12.86
C ALA A 38 5.16 7.52 11.44
N LYS A 39 5.54 6.34 10.97
CA LYS A 39 5.13 5.86 9.66
C LYS A 39 3.61 5.93 9.54
N LYS A 40 2.93 5.62 10.64
CA LYS A 40 1.47 5.69 10.70
C LYS A 40 0.95 7.10 10.38
N GLU A 41 1.83 8.10 10.43
CA GLU A 41 1.43 9.48 10.15
C GLU A 41 1.59 9.82 8.67
N LEU A 42 2.48 9.05 8.04
CA LEU A 42 2.66 9.10 6.62
C LEU A 42 1.44 8.53 5.90
N GLU A 43 0.97 7.38 6.38
CA GLU A 43 -0.25 6.77 5.85
C GLU A 43 -1.46 7.66 6.11
N ALA A 44 -1.30 8.61 7.01
CA ALA A 44 -2.41 9.44 7.42
C ALA A 44 -2.57 10.66 6.55
N LYS A 45 -1.44 11.29 6.22
CA LYS A 45 -1.43 12.43 5.33
C LYS A 45 -1.83 11.99 3.94
N ILE A 46 -1.27 10.85 3.50
CA ILE A 46 -1.56 10.29 2.20
C ILE A 46 -3.03 9.91 2.07
N LEU A 47 -3.55 9.19 3.06
CA LEU A 47 -4.95 8.77 3.03
C LEU A 47 -5.88 9.97 3.06
N HIS A 48 -5.45 11.02 3.75
CA HIS A 48 -6.17 12.28 3.75
C HIS A 48 -6.14 12.90 2.35
N TYR A 49 -4.94 12.99 1.75
CA TYR A 49 -4.80 13.45 0.36
C TYR A 49 -5.70 12.65 -0.57
N TYR A 50 -5.58 11.34 -0.43
CA TYR A 50 -6.29 10.37 -1.24
C TYR A 50 -7.80 10.63 -1.25
N ASP A 51 -8.37 10.84 -0.08
CA ASP A 51 -9.81 11.01 0.03
C ASP A 51 -10.25 12.36 -0.55
N GLU A 52 -9.35 13.33 -0.59
CA GLU A 52 -9.70 14.66 -1.07
C GLU A 52 -9.49 14.77 -2.59
N LEU A 53 -9.15 13.65 -3.22
CA LEU A 53 -8.82 13.63 -4.64
C LEU A 53 -10.04 13.88 -5.53
N GLU A 54 -9.86 13.61 -6.81
CA GLU A 54 -10.78 14.04 -7.86
C GLU A 54 -10.68 13.10 -9.06
N GLY A 55 -11.82 12.76 -9.66
CA GLY A 55 -11.88 12.04 -10.94
C GLY A 55 -10.70 11.14 -11.25
N ASP A 56 -9.87 11.56 -12.20
CA ASP A 56 -8.74 10.75 -12.66
C ASP A 56 -7.62 10.75 -11.63
N ALA A 57 -7.52 11.79 -10.82
CA ALA A 57 -6.50 11.84 -9.78
C ALA A 57 -6.73 10.70 -8.81
N LYS A 58 -7.99 10.54 -8.44
CA LYS A 58 -8.42 9.49 -7.53
C LYS A 58 -8.15 8.12 -8.15
N LYS A 59 -8.72 7.90 -9.33
CA LYS A 59 -8.54 6.66 -10.06
C LYS A 59 -7.05 6.32 -10.24
N GLU A 60 -6.26 7.32 -10.63
CA GLU A 60 -4.84 7.11 -10.82
C GLU A 60 -4.17 6.82 -9.50
N ALA A 61 -4.44 7.62 -8.49
CA ALA A 61 -3.79 7.43 -7.21
C ALA A 61 -4.10 6.05 -6.68
N THR A 62 -5.38 5.71 -6.64
CA THR A 62 -5.81 4.41 -6.17
C THR A 62 -5.06 3.27 -6.86
N GLU A 63 -4.97 3.37 -8.18
CA GLU A 63 -4.27 2.39 -9.00
C GLU A 63 -2.75 2.46 -8.78
N HIS A 64 -2.26 3.60 -8.34
CA HIS A 64 -0.82 3.74 -8.07
C HIS A 64 -0.50 3.13 -6.72
N LEU A 65 -1.29 3.49 -5.71
CA LEU A 65 -1.22 2.88 -4.40
C LEU A 65 -1.47 1.37 -4.47
N LYS A 66 -2.32 0.93 -5.40
CA LYS A 66 -2.57 -0.50 -5.58
C LYS A 66 -1.30 -1.21 -5.95
N GLY A 67 -0.62 -0.74 -7.00
CA GLY A 67 0.65 -1.31 -7.39
C GLY A 67 1.64 -1.29 -6.25
N GLY A 68 1.64 -0.19 -5.50
CA GLY A 68 2.50 -0.07 -4.33
C GLY A 68 2.24 -1.15 -3.31
N CYS A 69 0.99 -1.27 -2.90
CA CYS A 69 0.61 -2.27 -1.91
C CYS A 69 0.68 -3.67 -2.50
N ARG A 70 0.57 -3.76 -3.82
CA ARG A 70 0.77 -5.03 -4.51
C ARG A 70 2.20 -5.52 -4.28
N GLU A 71 3.16 -4.61 -4.40
CA GLU A 71 4.56 -4.92 -4.13
C GLU A 71 4.74 -5.24 -2.65
N ILE A 72 3.88 -4.68 -1.82
CA ILE A 72 3.89 -5.00 -0.40
C ILE A 72 3.41 -6.43 -0.15
N LEU A 73 2.26 -6.80 -0.71
CA LEU A 73 1.77 -8.18 -0.62
C LEU A 73 2.77 -9.12 -1.30
N LYS A 74 3.43 -8.56 -2.29
CA LYS A 74 4.50 -9.25 -3.00
C LYS A 74 5.68 -9.49 -2.06
N HIS A 75 5.65 -8.77 -0.95
CA HIS A 75 6.70 -8.86 0.06
C HIS A 75 6.23 -9.72 1.22
N VAL A 76 5.12 -9.28 1.82
CA VAL A 76 4.57 -9.86 3.02
C VAL A 76 4.35 -11.35 2.85
N VAL A 77 3.52 -11.73 1.89
CA VAL A 77 3.23 -13.12 1.69
C VAL A 77 4.29 -13.77 0.79
N GLY A 78 4.70 -13.06 -0.26
CA GLY A 78 5.70 -13.60 -1.15
C GLY A 78 5.22 -13.69 -2.59
N GLU A 79 6.10 -14.13 -3.47
CA GLU A 79 5.80 -14.24 -4.90
C GLU A 79 4.63 -15.21 -5.14
N GLU A 80 4.72 -16.37 -4.51
CA GLU A 80 3.71 -17.42 -4.63
C GLU A 80 2.29 -16.89 -4.52
N LYS A 81 1.96 -16.33 -3.37
CA LYS A 81 0.58 -15.99 -3.09
C LYS A 81 0.14 -14.76 -3.85
N ALA A 82 1.01 -13.75 -3.94
CA ALA A 82 0.70 -12.54 -4.69
C ALA A 82 0.42 -12.88 -6.15
N ALA A 83 1.04 -13.95 -6.63
CA ALA A 83 0.80 -14.45 -7.96
C ALA A 83 -0.58 -15.09 -8.04
N GLU A 84 -0.92 -15.88 -7.02
CA GLU A 84 -2.20 -16.58 -6.98
C GLU A 84 -3.35 -15.60 -6.79
N LEU A 85 -3.08 -14.46 -6.16
CA LEU A 85 -4.08 -13.44 -5.96
C LEU A 85 -4.32 -12.65 -7.23
N LYS A 86 -3.25 -12.44 -8.00
CA LYS A 86 -3.36 -11.75 -9.27
C LYS A 86 -4.17 -12.61 -10.23
N ASN A 87 -3.84 -13.90 -10.29
CA ASN A 87 -4.57 -14.84 -11.13
C ASN A 87 -5.98 -15.03 -10.57
N LEU A 88 -6.12 -14.95 -9.26
CA LEU A 88 -7.43 -15.08 -8.64
C LEU A 88 -8.35 -13.97 -9.14
N LYS A 89 -7.81 -12.77 -9.21
CA LYS A 89 -8.56 -11.62 -9.68
C LYS A 89 -8.97 -11.82 -11.14
N ASP A 90 -8.01 -12.22 -11.97
CA ASP A 90 -8.25 -12.45 -13.39
C ASP A 90 -9.19 -13.63 -13.64
N SER A 91 -9.18 -14.62 -12.77
CA SER A 91 -10.01 -15.79 -12.97
C SER A 91 -11.44 -15.51 -12.48
N GLY A 92 -11.62 -14.38 -11.83
CA GLY A 92 -12.95 -13.95 -11.44
C GLY A 92 -13.13 -13.94 -9.94
N ALA A 93 -12.12 -13.49 -9.21
CA ALA A 93 -12.29 -13.30 -7.79
C ALA A 93 -12.92 -11.94 -7.55
N SER A 94 -14.02 -11.97 -6.83
CA SER A 94 -14.71 -10.78 -6.42
C SER A 94 -13.94 -10.09 -5.30
N LYS A 95 -14.47 -8.99 -4.80
CA LYS A 95 -13.84 -8.28 -3.70
C LYS A 95 -13.65 -9.21 -2.51
N GLU A 96 -14.57 -10.15 -2.36
CA GLU A 96 -14.62 -10.96 -1.16
C GLU A 96 -13.61 -12.11 -1.18
N GLU A 97 -13.51 -12.79 -2.31
CA GLU A 97 -12.55 -13.86 -2.52
C GLU A 97 -11.14 -13.33 -2.38
N LEU A 98 -10.92 -12.12 -2.88
CA LEU A 98 -9.65 -11.45 -2.61
C LEU A 98 -9.65 -11.07 -1.16
N LYS A 99 -10.71 -10.52 -0.61
CA LYS A 99 -10.63 -9.97 0.74
C LYS A 99 -10.31 -11.06 1.73
N ALA A 100 -10.95 -12.19 1.55
CA ALA A 100 -10.83 -13.27 2.48
C ALA A 100 -9.60 -14.12 2.22
N LYS A 101 -9.41 -14.52 0.96
CA LYS A 101 -8.25 -15.34 0.61
C LYS A 101 -6.93 -14.64 0.93
N VAL A 102 -6.96 -13.31 0.89
CA VAL A 102 -5.81 -12.49 1.25
C VAL A 102 -5.55 -12.58 2.75
N GLU A 103 -6.61 -12.53 3.55
CA GLU A 103 -6.47 -12.64 5.00
C GLU A 103 -5.85 -13.98 5.36
N GLU A 104 -6.14 -15.00 4.58
CA GLU A 104 -5.54 -16.31 4.80
C GLU A 104 -4.04 -16.25 4.59
N ALA A 105 -3.62 -15.45 3.62
CA ALA A 105 -2.21 -15.23 3.37
C ALA A 105 -1.59 -14.35 4.46
N LEU A 106 -2.29 -13.25 4.76
CA LEU A 106 -1.85 -12.29 5.77
C LEU A 106 -1.85 -12.90 7.17
N HIS A 107 -2.54 -14.02 7.35
CA HIS A 107 -2.46 -14.74 8.61
C HIS A 107 -1.30 -15.73 8.53
N ALA A 108 -1.24 -16.49 7.44
CA ALA A 108 -0.28 -17.58 7.29
C ALA A 108 1.17 -17.08 7.24
N VAL A 109 1.37 -15.77 7.21
CA VAL A 109 2.68 -15.21 7.22
C VAL A 109 3.18 -15.08 8.66
N THR A 110 4.46 -15.30 8.85
CA THR A 110 5.02 -15.26 10.19
C THR A 110 6.42 -14.68 10.23
N ASP A 111 6.88 -14.11 9.13
CA ASP A 111 8.13 -13.37 9.15
C ASP A 111 7.88 -11.96 9.65
N GLU A 112 8.51 -11.64 10.78
CA GLU A 112 8.19 -10.48 11.60
C GLU A 112 8.08 -9.18 10.81
N GLU A 113 9.10 -8.92 10.00
CA GLU A 113 9.14 -7.74 9.15
C GLU A 113 7.87 -7.62 8.32
N LYS A 114 7.46 -8.74 7.74
CA LYS A 114 6.31 -8.81 6.87
C LYS A 114 5.03 -8.45 7.63
N LYS A 115 4.91 -8.95 8.86
CA LYS A 115 3.73 -8.70 9.66
C LYS A 115 3.69 -7.27 10.21
N GLN A 116 4.84 -6.62 10.13
CA GLN A 116 4.90 -5.19 10.39
C GLN A 116 4.21 -4.40 9.30
N TYR A 117 4.34 -4.88 8.06
CA TYR A 117 3.65 -4.27 6.92
C TYR A 117 2.15 -4.56 7.02
N ILE A 118 1.83 -5.71 7.62
CA ILE A 118 0.43 -6.05 7.88
C ILE A 118 -0.23 -5.01 8.77
N ALA A 119 0.39 -4.76 9.93
CA ALA A 119 -0.13 -3.78 10.87
C ALA A 119 -0.03 -2.37 10.28
N ASP A 120 1.07 -2.09 9.62
CA ASP A 120 1.34 -0.76 9.08
C ASP A 120 0.40 -0.45 7.93
N PHE A 121 0.52 -1.22 6.87
CA PHE A 121 -0.15 -0.91 5.62
C PHE A 121 -1.47 -1.67 5.45
N GLY A 122 -1.60 -2.81 6.11
CA GLY A 122 -2.76 -3.69 5.93
C GLY A 122 -4.12 -2.97 5.92
N PRO A 123 -4.57 -2.41 7.06
CA PRO A 123 -5.91 -1.79 7.17
C PRO A 123 -6.12 -0.62 6.21
N ALA A 124 -5.04 0.02 5.82
CA ALA A 124 -5.10 1.16 4.90
C ALA A 124 -5.09 0.68 3.45
N CYS A 125 -4.39 -0.42 3.21
CA CYS A 125 -4.44 -1.12 1.94
C CYS A 125 -5.88 -1.52 1.61
N LYS A 126 -6.65 -1.80 2.65
CA LYS A 126 -8.06 -2.16 2.53
C LYS A 126 -8.84 -1.11 1.72
N LYS A 127 -8.80 0.15 2.16
CA LYS A 127 -9.48 1.23 1.43
C LYS A 127 -8.80 1.44 0.08
N ILE A 128 -7.50 1.16 0.00
CA ILE A 128 -6.76 1.38 -1.24
C ILE A 128 -7.22 0.45 -2.36
N TYR A 129 -7.36 -0.80 -1.97
CA TYR A 129 -7.96 -1.88 -2.76
C TYR A 129 -9.48 -1.75 -2.77
N GLY A 130 -9.96 -0.53 -2.53
CA GLY A 130 -11.24 -0.16 -1.87
C GLY A 130 -12.31 -1.22 -1.69
N VAL A 131 -11.89 -2.45 -1.47
CA VAL A 131 -12.77 -3.55 -1.06
C VAL A 131 -13.92 -3.05 -0.19
N HIS A 132 -13.57 -2.40 0.91
CA HIS A 132 -14.55 -1.82 1.82
C HIS A 132 -15.49 -2.91 2.35
N THR A 133 -14.88 -3.93 2.94
CA THR A 133 -15.61 -5.02 3.55
C THR A 133 -15.06 -5.28 4.94
N SER A 134 -15.68 -4.66 5.93
CA SER A 134 -15.25 -4.78 7.31
C SER A 134 -16.15 -5.75 8.06
#